data_8FCG
#
_entry.id   8FCG
#
_cell.length_a   1.00
_cell.length_b   1.00
_cell.length_c   1.00
_cell.angle_alpha   90.00
_cell.angle_beta   90.00
_cell.angle_gamma   90.00
#
_symmetry.space_group_name_H-M   'P 1'
#
loop_
_entity.id
_entity.type
_entity.pdbx_description
1 polymer 'E1 glycoprotein'
2 polymer 'E2 glycoprotein'
3 polymer 'Capsid protein'
4 non-polymer 1,2-DIOLEOYL-SN-GLYCERO-3-PHOSPHOCHOLINE
#
loop_
_entity_poly.entity_id
_entity_poly.type
_entity_poly.pdbx_seq_one_letter_code
_entity_poly.pdbx_strand_id
1 'polypeptide(L)'
;YEHVTVIPNTVGVPYKTLVNRPGYSPMVLEMELLSVTLEPTLSLDYITCEYKTVIPSPYVKCCGTAECKDKSLPDYSCKV
FTGVYPFMWGGAYCFCDTENTQLSEAHVEKSESCKTEFASAYRAHTASASAKLRVLYQGNNVTVSAYANGDHAVTVKDAK
FIVGPMSSAWTPFDNKIVVYKGDVYNMDYPPFGAGRPGQFGDIQSRTPESEDVYANTQLVLQRPSAGTVHVPYSQAPSGF
KYWLKERGASLQHTAPFGCQIATNPVRAMNCAVGNMPISIDIPDAAFTRVVDAPSLTDMSCEVPACTHSSDFGGVAIIKY
AASKKGKCAVHSMTNAVTIREAEIEVEGNSQLQISFSTALASAEFRVQVCSTQVHCAAECHPPKDHIVNYPASHTTLGVQ
DISVTAMSWVQKITGGVGLVVAVAALILIVVLCVSFSRH
;
A,B,C,D
2 'polypeptide(L)'
;NFNVYKAIRPYLAHCPDCGEGHSCHSPVALERIRNEATDGTLKIQVSLQIGIKTDDSHDWTKLRYMDNHMPADAERARLF
VRTSAPCTITGTMGHFILARCPKGETLTVGFTDGRKISHSCTHPFHHDPPVIGREKFHSRPQHGRELPCSTYAQSTAATA
EEIEVHMPPDTPDRTLMSQQSGNVKITVNSQTVRYKCNCGDSNEGLTTTDKVINNCKVDQCHAAVTNHKKWQYNSPLVPR
NAELGDRKGKVHIPFPLANVTCRVPKARNPTVTYGKNQVIMLLYPDHPTLLSYRNMGEEPNYQEEWVTHKKEIRLTVPTE
GLEVTWGNNEPYKYWPQLSTNGTAHGHPHEIILYYYELYPTMTVVVVSVASFVLLSMVGVAVGMCMCARRRCITPYELTP
GATVPFLLSLICCIRTAKA
;
E,F,G,H
3 'polypeptide(L)'
;NDCIFEVKHEGKVTGYACLVGDKVMKPAHVKGTIDNADLAKLAFKRSSKYDLECAQIPVHMKSDASKFTHEKPEGYYNWH
HGAVQYSGGRFTIPTGAGKPGDSGRPIFDNKGRVVAIVLGGANEGARTALSVVTWNKDIVTKITPEGAEEW
;
I,J,K,L
#
# COMPACT_ATOMS: atom_id res chain seq x y z
N TYR A 1 37.05 -57.56 52.16
CA TYR A 1 36.74 -57.74 50.75
C TYR A 1 36.44 -56.40 50.11
N GLU A 2 36.98 -56.17 48.93
CA GLU A 2 36.80 -54.91 48.22
C GLU A 2 35.98 -55.14 46.96
N HIS A 3 34.90 -54.39 46.82
CA HIS A 3 34.00 -54.49 45.68
C HIS A 3 33.84 -53.11 45.09
N VAL A 4 34.02 -53.00 43.77
CA VAL A 4 33.92 -51.73 43.08
C VAL A 4 32.89 -51.84 41.96
N THR A 5 31.98 -50.88 41.90
CA THR A 5 30.87 -50.94 40.95
C THR A 5 30.53 -49.53 40.49
N VAL A 6 29.62 -49.45 39.52
CA VAL A 6 29.21 -48.20 38.90
C VAL A 6 27.70 -48.18 38.84
N ILE A 7 27.08 -47.10 39.31
CA ILE A 7 25.63 -46.96 39.19
C ILE A 7 25.33 -45.67 38.42
N PRO A 8 24.22 -45.59 37.71
CA PRO A 8 23.90 -44.36 36.98
C PRO A 8 23.61 -43.21 37.94
N ASN A 9 23.72 -42.01 37.41
CA ASN A 9 23.52 -40.81 38.23
C ASN A 9 22.05 -40.45 38.36
N THR A 10 21.15 -41.37 38.09
CA THR A 10 19.72 -41.10 38.21
C THR A 10 19.30 -41.15 39.67
N VAL A 11 18.55 -40.14 40.08
CA VAL A 11 18.11 -39.99 41.47
C VAL A 11 16.74 -40.61 41.63
N GLY A 12 16.58 -41.47 42.63
CA GLY A 12 15.30 -42.05 42.95
C GLY A 12 15.09 -43.46 42.47
N VAL A 13 15.99 -43.99 41.64
CA VAL A 13 15.92 -45.35 41.13
C VAL A 13 16.94 -46.18 41.90
N PRO A 14 16.52 -47.21 42.62
CA PRO A 14 17.49 -48.06 43.32
C PRO A 14 18.16 -49.05 42.39
N TYR A 15 19.44 -49.30 42.63
CA TYR A 15 20.21 -50.24 41.83
C TYR A 15 20.80 -51.30 42.74
N LYS A 16 20.76 -52.55 42.30
CA LYS A 16 21.27 -53.68 43.07
C LYS A 16 22.63 -54.09 42.56
N THR A 17 23.47 -54.58 43.47
CA THR A 17 24.79 -55.07 43.12
C THR A 17 25.03 -56.39 43.85
N LEU A 18 25.88 -57.22 43.27
CA LEU A 18 26.13 -58.56 43.79
C LEU A 18 27.54 -58.63 44.32
N VAL A 19 27.68 -58.68 45.64
CA VAL A 19 28.99 -58.86 46.27
C VAL A 19 29.19 -60.37 46.37
N ASN A 20 29.70 -60.95 45.31
CA ASN A 20 29.89 -62.39 45.23
C ASN A 20 31.33 -62.71 45.59
N ARG A 21 31.53 -63.18 46.82
CA ARG A 21 32.85 -63.64 47.25
C ARG A 21 32.81 -65.16 47.30
N PRO A 22 33.40 -65.85 46.34
CA PRO A 22 33.21 -67.29 46.24
C PRO A 22 33.66 -68.00 47.51
N GLY A 23 32.88 -69.01 47.89
CA GLY A 23 33.07 -69.68 49.15
C GLY A 23 32.17 -69.19 50.26
N TYR A 24 31.51 -68.05 50.07
CA TYR A 24 30.61 -67.48 51.04
C TYR A 24 29.30 -67.16 50.37
N SER A 25 28.24 -67.08 51.16
CA SER A 25 26.92 -66.84 50.60
C SER A 25 26.90 -65.48 49.92
N PRO A 26 26.36 -65.37 48.72
CA PRO A 26 26.36 -64.07 48.03
C PRO A 26 25.55 -63.04 48.80
N MET A 27 25.98 -61.79 48.66
CA MET A 27 25.39 -60.66 49.36
C MET A 27 25.01 -59.61 48.34
N VAL A 28 23.76 -59.15 48.39
CA VAL A 28 23.25 -58.18 47.44
C VAL A 28 22.93 -56.89 48.19
N LEU A 29 23.45 -55.78 47.69
CA LEU A 29 23.26 -54.48 48.28
C LEU A 29 22.46 -53.62 47.33
N GLU A 30 21.36 -53.05 47.82
CA GLU A 30 20.55 -52.13 47.05
C GLU A 30 20.85 -50.71 47.51
N MET A 31 21.33 -49.87 46.60
CA MET A 31 21.66 -48.50 46.94
C MET A 31 20.88 -47.56 46.03
N GLU A 32 20.42 -46.46 46.61
CA GLU A 32 19.65 -45.46 45.90
C GLU A 32 20.24 -44.09 46.20
N LEU A 33 20.25 -43.22 45.21
CA LEU A 33 20.74 -41.87 45.37
C LEU A 33 19.58 -40.97 45.80
N LEU A 34 19.63 -40.46 47.02
CA LEU A 34 18.59 -39.53 47.43
C LEU A 34 18.81 -38.14 46.83
N SER A 35 20.05 -37.69 46.72
CA SER A 35 20.31 -36.39 46.10
C SER A 35 21.78 -36.29 45.72
N VAL A 36 22.05 -35.60 44.61
CA VAL A 36 23.40 -35.33 44.16
C VAL A 36 23.53 -33.83 43.94
N THR A 37 24.60 -33.24 44.47
CA THR A 37 24.79 -31.80 44.48
C THR A 37 26.06 -31.43 43.75
N LEU A 38 26.03 -30.36 42.97
CA LEU A 38 27.23 -29.79 42.37
C LEU A 38 27.36 -28.36 42.86
N GLU A 39 28.46 -28.05 43.53
CA GLU A 39 28.66 -26.74 44.14
C GLU A 39 29.86 -26.06 43.51
N PRO A 40 29.65 -25.17 42.54
CA PRO A 40 30.77 -24.53 41.86
C PRO A 40 31.53 -23.60 42.79
N THR A 41 32.82 -23.45 42.53
CA THR A 41 33.62 -22.50 43.28
C THR A 41 33.51 -21.13 42.63
N LEU A 42 33.14 -20.14 43.43
CA LEU A 42 32.74 -18.83 42.95
C LEU A 42 33.76 -17.78 43.38
N SER A 43 34.12 -16.91 42.45
CA SER A 43 34.95 -15.74 42.75
C SER A 43 34.18 -14.50 42.35
N LEU A 44 33.85 -13.66 43.31
CA LEU A 44 33.00 -12.50 43.06
C LEU A 44 33.69 -11.51 42.15
N ASP A 45 32.95 -10.99 41.17
CA ASP A 45 33.49 -10.01 40.23
C ASP A 45 33.10 -8.59 40.61
N TYR A 46 31.80 -8.31 40.71
CA TYR A 46 31.35 -6.98 41.10
C TYR A 46 29.85 -7.03 41.39
N ILE A 47 29.41 -6.23 42.36
CA ILE A 47 28.00 -6.12 42.67
C ILE A 47 27.37 -5.04 41.80
N THR A 48 26.13 -5.29 41.38
CA THR A 48 25.37 -4.33 40.60
C THR A 48 24.08 -4.02 41.35
N CYS A 49 23.63 -2.77 41.24
CA CYS A 49 22.53 -2.26 42.05
C CYS A 49 21.85 -1.16 41.26
N GLU A 50 21.03 -0.37 41.96
CA GLU A 50 20.37 0.78 41.37
C GLU A 50 21.06 2.05 41.80
N TYR A 51 21.47 2.87 40.84
CA TYR A 51 22.17 4.10 41.18
C TYR A 51 21.20 5.11 41.77
N LYS A 52 21.77 6.09 42.47
CA LYS A 52 21.02 7.18 43.06
C LYS A 52 21.73 8.47 42.67
N THR A 53 21.04 9.30 41.88
CA THR A 53 21.62 10.55 41.43
C THR A 53 21.42 11.61 42.51
N VAL A 54 22.52 12.26 42.90
CA VAL A 54 22.50 13.23 43.98
C VAL A 54 22.62 14.62 43.39
N ILE A 55 21.55 15.41 43.50
CA ILE A 55 21.52 16.77 42.99
C ILE A 55 21.46 17.72 44.18
N PRO A 56 22.55 18.40 44.49
CA PRO A 56 22.49 19.43 45.53
C PRO A 56 21.68 20.61 45.05
N SER A 57 21.31 21.46 45.99
CA SER A 57 20.51 22.64 45.66
C SER A 57 21.27 23.52 44.70
N PRO A 58 20.64 24.00 43.62
CA PRO A 58 21.36 24.79 42.64
C PRO A 58 21.83 26.11 43.23
N TYR A 59 22.95 26.59 42.74
CA TYR A 59 23.50 27.87 43.14
C TYR A 59 23.26 28.88 42.02
N VAL A 60 22.48 29.92 42.31
CA VAL A 60 22.24 31.00 41.37
C VAL A 60 23.17 32.15 41.74
N LYS A 61 23.71 32.80 40.72
CA LYS A 61 24.58 33.94 40.94
C LYS A 61 23.79 35.21 40.64
N CYS A 62 23.59 36.04 41.66
CA CYS A 62 22.86 37.28 41.51
C CYS A 62 23.82 38.37 41.03
N CYS A 63 23.50 38.98 39.89
CA CYS A 63 24.30 40.07 39.34
C CYS A 63 25.73 39.63 39.07
N GLY A 64 25.88 38.48 38.41
CA GLY A 64 27.21 37.98 38.12
C GLY A 64 27.11 36.67 37.38
N THR A 65 28.29 36.09 37.12
CA THR A 65 28.40 34.79 36.46
C THR A 65 29.22 33.86 37.33
N ALA A 66 28.70 32.65 37.55
CA ALA A 66 29.41 31.63 38.30
C ALA A 66 30.32 30.82 37.38
N GLU A 67 31.26 30.11 37.98
CA GLU A 67 32.24 29.32 37.26
C GLU A 67 32.02 27.85 37.57
N CYS A 68 32.36 27.00 36.61
CA CYS A 68 32.12 25.56 36.75
C CYS A 68 33.25 24.94 37.55
N LYS A 69 33.01 24.73 38.84
CA LYS A 69 33.97 24.01 39.67
C LYS A 69 34.06 22.55 39.20
N ASP A 70 35.27 22.00 39.26
CA ASP A 70 35.51 20.63 38.82
C ASP A 70 36.05 19.81 39.98
N LYS A 71 35.50 18.60 40.13
CA LYS A 71 35.96 17.68 41.14
C LYS A 71 35.70 16.26 40.66
N SER A 72 36.40 15.31 41.29
CA SER A 72 36.35 13.91 40.88
C SER A 72 35.26 13.20 41.65
N LEU A 73 34.31 12.63 40.93
CA LEU A 73 33.19 11.91 41.51
C LEU A 73 32.73 10.86 40.50
N PRO A 74 31.89 9.90 40.93
CA PRO A 74 31.47 8.82 40.02
C PRO A 74 31.07 9.29 38.63
N ASP A 75 30.07 10.15 38.51
CA ASP A 75 29.62 10.59 37.20
C ASP A 75 29.42 12.09 37.19
N TYR A 76 30.35 12.82 37.81
CA TYR A 76 30.16 14.24 38.05
C TYR A 76 29.94 15.01 36.75
N SER A 77 28.95 15.89 36.77
CA SER A 77 28.65 16.75 35.64
C SER A 77 28.17 18.08 36.18
N CYS A 78 28.76 19.16 35.69
CA CYS A 78 28.43 20.50 36.16
C CYS A 78 28.24 21.42 34.96
N LYS A 79 27.26 22.31 35.05
CA LYS A 79 26.93 23.19 33.93
C LYS A 79 26.49 24.53 34.49
N VAL A 80 26.67 25.58 33.68
CA VAL A 80 26.30 26.94 34.05
C VAL A 80 25.39 27.49 32.97
N PHE A 81 24.19 27.90 33.34
CA PHE A 81 23.22 28.45 32.41
C PHE A 81 23.06 29.93 32.68
N THR A 82 23.23 30.75 31.64
CA THR A 82 23.19 32.19 31.76
C THR A 82 21.83 32.72 31.36
N GLY A 83 21.47 33.87 31.93
CA GLY A 83 20.24 34.53 31.59
C GLY A 83 19.01 34.05 32.32
N VAL A 84 19.18 33.35 33.43
CA VAL A 84 18.05 32.82 34.18
C VAL A 84 17.45 33.92 35.04
N TYR A 85 16.15 33.82 35.29
CA TYR A 85 15.43 34.75 36.15
C TYR A 85 14.58 33.96 37.14
N PRO A 86 15.21 33.36 38.15
CA PRO A 86 14.46 32.50 39.07
C PRO A 86 13.36 33.25 39.79
N PHE A 87 12.24 32.56 40.01
CA PHE A 87 11.08 33.11 40.69
C PHE A 87 10.77 32.23 41.88
N MET A 88 10.80 32.79 43.07
CA MET A 88 10.31 32.08 44.24
C MET A 88 8.88 32.52 44.53
N TRP A 89 8.34 32.05 45.66
CA TRP A 89 6.94 32.28 45.95
C TRP A 89 6.64 33.76 46.17
N GLY A 90 7.53 34.47 46.85
CA GLY A 90 7.29 35.86 47.17
C GLY A 90 7.74 36.86 46.14
N GLY A 91 8.21 36.42 44.99
CA GLY A 91 8.69 37.30 43.95
C GLY A 91 9.97 36.75 43.37
N ALA A 92 10.59 37.55 42.50
CA ALA A 92 11.83 37.12 41.87
C ALA A 92 12.94 36.99 42.92
N TYR A 93 13.86 36.07 42.67
CA TYR A 93 14.96 35.84 43.59
C TYR A 93 16.14 36.75 43.31
N CYS A 94 16.52 36.87 42.05
CA CYS A 94 17.63 37.75 41.69
C CYS A 94 17.15 39.20 41.63
N PHE A 95 18.13 40.11 41.59
CA PHE A 95 17.81 41.53 41.52
C PHE A 95 17.56 41.96 40.08
N CYS A 96 18.54 41.76 39.22
CA CYS A 96 18.39 42.16 37.82
C CYS A 96 17.63 41.10 37.03
N ASP A 97 17.12 41.51 35.87
CA ASP A 97 16.37 40.62 35.01
C ASP A 97 17.25 39.73 34.13
N THR A 98 18.54 40.06 34.00
CA THR A 98 19.49 39.24 33.25
C THR A 98 20.78 39.18 34.05
N GLU A 99 21.87 38.82 33.37
CA GLU A 99 23.19 38.54 33.93
C GLU A 99 23.12 37.71 35.21
N ASN A 100 22.11 36.86 35.35
CA ASN A 100 22.06 35.88 36.41
C ASN A 100 22.36 34.52 35.84
N THR A 101 23.16 33.74 36.56
CA THR A 101 23.57 32.42 36.12
C THR A 101 23.24 31.41 37.20
N GLN A 102 22.87 30.21 36.78
CA GLN A 102 22.56 29.11 37.69
C GLN A 102 23.64 28.05 37.55
N LEU A 103 24.21 27.63 38.67
CA LEU A 103 25.21 26.58 38.71
C LEU A 103 24.52 25.27 39.07
N SER A 104 24.57 24.30 38.15
CA SER A 104 23.96 23.00 38.36
C SER A 104 25.05 21.94 38.44
N GLU A 105 24.86 20.97 39.32
CA GLU A 105 25.81 19.88 39.46
C GLU A 105 25.09 18.65 39.96
N ALA A 106 25.59 17.48 39.55
CA ALA A 106 24.97 16.22 39.93
C ALA A 106 25.97 15.10 39.71
N HIS A 107 25.83 14.04 40.50
CA HIS A 107 26.63 12.83 40.38
C HIS A 107 25.77 11.65 40.78
N VAL A 108 26.35 10.46 40.80
CA VAL A 108 25.61 9.25 41.13
C VAL A 108 26.29 8.52 42.28
N GLU A 109 25.48 7.81 43.05
CA GLU A 109 25.98 6.99 44.14
C GLU A 109 25.20 5.69 44.18
N LYS A 110 25.73 4.72 44.92
CA LYS A 110 24.96 3.53 45.22
C LYS A 110 23.81 3.89 46.15
N SER A 111 22.63 3.38 45.83
CA SER A 111 21.46 3.65 46.66
C SER A 111 21.61 3.00 48.03
N GLU A 112 20.78 3.45 48.96
CA GLU A 112 20.74 2.80 50.26
C GLU A 112 20.16 1.39 50.16
N SER A 113 19.47 1.07 49.07
CA SER A 113 18.95 -0.26 48.87
C SER A 113 20.01 -1.22 48.36
N CYS A 114 21.26 -0.79 48.24
CA CYS A 114 22.33 -1.66 47.83
C CYS A 114 22.49 -2.88 48.72
N LYS A 115 22.36 -2.70 50.03
CA LYS A 115 22.60 -3.79 50.96
C LYS A 115 21.51 -4.86 50.88
N THR A 116 20.41 -4.57 50.20
CA THR A 116 19.30 -5.51 50.09
C THR A 116 19.00 -5.91 48.65
N GLU A 117 18.82 -4.96 47.75
CA GLU A 117 18.43 -5.25 46.38
C GLU A 117 19.66 -5.08 45.49
N PHE A 118 20.36 -6.19 45.26
CA PHE A 118 21.54 -6.15 44.41
C PHE A 118 21.67 -7.49 43.69
N ALA A 119 22.36 -7.48 42.57
CA ALA A 119 22.65 -8.69 41.83
C ALA A 119 24.16 -8.87 41.79
N SER A 120 24.61 -10.08 42.04
CA SER A 120 26.03 -10.37 42.19
C SER A 120 26.51 -11.10 40.96
N ALA A 121 27.59 -10.62 40.35
CA ALA A 121 28.16 -11.22 39.15
C ALA A 121 29.41 -11.99 39.54
N TYR A 122 29.41 -13.29 39.23
CA TYR A 122 30.43 -14.22 39.69
C TYR A 122 31.18 -14.81 38.52
N ARG A 123 32.15 -15.66 38.85
CA ARG A 123 32.76 -16.59 37.91
C ARG A 123 32.75 -17.97 38.55
N ALA A 124 32.24 -18.96 37.84
CA ALA A 124 32.15 -20.33 38.33
C ALA A 124 33.05 -21.20 37.47
N HIS A 125 34.00 -21.89 38.10
CA HIS A 125 34.99 -22.61 37.31
C HIS A 125 35.31 -24.03 37.76
N THR A 126 34.85 -24.48 38.92
CA THR A 126 35.05 -25.89 39.25
C THR A 126 34.01 -26.29 40.28
N ALA A 127 33.61 -27.55 40.25
CA ALA A 127 32.48 -28.04 41.03
C ALA A 127 32.90 -29.21 41.92
N SER A 128 32.55 -29.14 43.19
CA SER A 128 32.85 -30.19 44.15
C SER A 128 31.55 -30.91 44.47
N ALA A 129 31.38 -32.11 43.93
CA ALA A 129 30.11 -32.82 44.09
C ALA A 129 29.97 -33.41 45.48
N SER A 130 28.72 -33.51 45.92
CA SER A 130 28.32 -34.18 47.15
C SER A 130 27.25 -35.20 46.78
N ALA A 131 26.80 -35.98 47.75
CA ALA A 131 25.80 -37.00 47.46
C ALA A 131 25.25 -37.56 48.75
N LYS A 132 23.93 -37.77 48.77
CA LYS A 132 23.27 -38.44 49.89
C LYS A 132 22.72 -39.75 49.37
N LEU A 133 23.12 -40.84 50.00
CA LEU A 133 22.91 -42.19 49.47
C LEU A 133 22.15 -43.04 50.47
N ARG A 134 21.21 -43.84 49.97
CA ARG A 134 20.49 -44.79 50.79
C ARG A 134 20.92 -46.18 50.37
N VAL A 135 21.52 -46.93 51.30
CA VAL A 135 22.07 -48.23 51.02
C VAL A 135 21.41 -49.26 51.92
N LEU A 136 20.94 -50.35 51.32
CA LEU A 136 20.25 -51.41 52.04
C LEU A 136 21.26 -52.53 52.29
N TYR A 137 21.97 -52.41 53.41
CA TYR A 137 23.07 -53.31 53.74
C TYR A 137 22.62 -54.25 54.84
N GLN A 138 22.69 -55.56 54.59
CA GLN A 138 22.32 -56.59 55.54
C GLN A 138 20.89 -56.42 56.03
N GLY A 139 19.98 -56.13 55.10
CA GLY A 139 18.58 -55.98 55.46
C GLY A 139 18.26 -54.83 56.37
N ASN A 140 18.99 -53.72 56.27
CA ASN A 140 18.71 -52.51 57.01
C ASN A 140 18.90 -51.31 56.10
N ASN A 141 18.00 -50.35 56.19
CA ASN A 141 18.13 -49.11 55.45
C ASN A 141 19.04 -48.19 56.25
N VAL A 142 20.18 -47.82 55.68
CA VAL A 142 21.08 -46.87 56.29
C VAL A 142 21.40 -45.79 55.27
N THR A 143 21.27 -44.53 55.69
CA THR A 143 21.48 -43.39 54.81
C THR A 143 22.82 -42.74 55.12
N VAL A 144 23.60 -42.50 54.07
CA VAL A 144 24.93 -41.90 54.21
C VAL A 144 24.97 -40.62 53.40
N SER A 145 25.79 -39.68 53.84
CA SER A 145 26.03 -38.45 53.12
C SER A 145 27.53 -38.25 53.00
N ALA A 146 28.01 -38.05 51.79
CA ALA A 146 29.45 -38.05 51.56
C ALA A 146 29.77 -37.19 50.35
N TYR A 147 31.04 -36.82 50.24
CA TYR A 147 31.51 -36.09 49.09
C TYR A 147 31.80 -37.05 47.95
N ALA A 148 31.40 -36.66 46.75
CA ALA A 148 31.55 -37.52 45.58
C ALA A 148 32.77 -37.16 44.75
N ASN A 149 33.84 -36.72 45.41
CA ASN A 149 35.10 -36.50 44.73
C ASN A 149 36.01 -37.71 44.77
N GLY A 150 35.55 -38.82 45.33
CA GLY A 150 36.36 -40.00 45.48
C GLY A 150 37.30 -39.98 46.67
N ASP A 151 37.11 -39.05 47.60
CA ASP A 151 38.02 -38.89 48.73
C ASP A 151 37.38 -39.18 50.07
N HIS A 152 36.10 -38.88 50.26
CA HIS A 152 35.44 -39.14 51.52
C HIS A 152 34.86 -40.55 51.49
N ALA A 153 35.24 -41.36 52.47
CA ALA A 153 34.71 -42.71 52.63
C ALA A 153 33.95 -42.79 53.95
N VAL A 154 32.70 -43.23 53.90
CA VAL A 154 31.80 -43.21 55.03
C VAL A 154 31.60 -44.64 55.53
N THR A 155 31.91 -44.87 56.80
CA THR A 155 31.77 -46.19 57.38
C THR A 155 30.39 -46.36 58.00
N VAL A 156 29.63 -47.31 57.49
CA VAL A 156 28.30 -47.60 58.02
C VAL A 156 28.15 -49.11 58.20
N LYS A 157 27.83 -49.53 59.43
CA LYS A 157 27.74 -50.93 59.77
C LYS A 157 29.03 -51.67 59.43
N ASP A 158 30.16 -51.02 59.68
CA ASP A 158 31.52 -51.52 59.60
C ASP A 158 32.02 -51.68 58.16
N ALA A 159 31.19 -51.47 57.14
CA ALA A 159 31.62 -51.47 55.76
C ALA A 159 31.59 -50.03 55.27
N LYS A 160 32.67 -49.59 54.61
CA LYS A 160 32.84 -48.21 54.23
C LYS A 160 32.67 -48.02 52.73
N PHE A 161 31.90 -47.00 52.36
CA PHE A 161 31.64 -46.66 50.96
C PHE A 161 32.44 -45.43 50.57
N ILE A 162 33.07 -45.49 49.41
CA ILE A 162 33.77 -44.32 48.89
C ILE A 162 33.24 -44.03 47.50
N VAL A 163 32.46 -42.98 47.37
CA VAL A 163 31.65 -42.73 46.20
C VAL A 163 32.25 -41.60 45.38
N GLY A 164 32.18 -41.74 44.06
CA GLY A 164 32.75 -40.77 43.16
C GLY A 164 34.10 -41.20 42.66
N PRO A 165 34.73 -40.38 41.81
CA PRO A 165 34.24 -39.11 41.25
C PRO A 165 33.26 -39.34 40.12
N MET A 166 32.36 -38.40 39.86
CA MET A 166 31.37 -38.59 38.82
C MET A 166 32.04 -38.72 37.46
N SER A 167 31.44 -39.52 36.58
CA SER A 167 32.08 -39.77 35.30
C SER A 167 32.08 -38.55 34.40
N SER A 168 31.17 -37.61 34.61
CA SER A 168 31.01 -36.48 33.71
C SER A 168 31.34 -35.18 34.42
N ALA A 169 32.03 -34.29 33.72
CA ALA A 169 32.37 -32.98 34.23
C ALA A 169 31.33 -31.93 33.91
N TRP A 170 30.21 -32.32 33.29
CA TRP A 170 29.19 -31.37 32.90
C TRP A 170 28.60 -30.66 34.11
N THR A 171 28.29 -29.38 33.94
CA THR A 171 27.68 -28.57 34.99
C THR A 171 26.82 -27.52 34.32
N PRO A 172 25.67 -27.17 34.90
CA PRO A 172 24.79 -26.21 34.23
C PRO A 172 25.34 -24.80 34.15
N PHE A 173 26.33 -24.45 34.95
CA PHE A 173 26.81 -23.08 35.02
C PHE A 173 27.89 -22.81 33.98
N ASP A 174 27.79 -21.66 33.33
CA ASP A 174 28.84 -21.22 32.41
C ASP A 174 29.99 -20.62 33.21
N ASN A 175 30.91 -19.96 32.52
CA ASN A 175 32.05 -19.37 33.20
C ASN A 175 31.65 -18.10 33.96
N LYS A 176 30.58 -17.44 33.54
CA LYS A 176 30.13 -16.20 34.15
C LYS A 176 28.69 -16.37 34.60
N ILE A 177 28.45 -16.14 35.89
CA ILE A 177 27.17 -16.37 36.52
C ILE A 177 26.74 -15.08 37.20
N VAL A 178 25.46 -14.74 37.13
CA VAL A 178 24.92 -13.68 37.96
C VAL A 178 23.74 -14.24 38.75
N VAL A 179 23.73 -13.99 40.06
CA VAL A 179 22.64 -14.40 40.93
C VAL A 179 21.95 -13.14 41.41
N TYR A 180 20.65 -13.21 41.65
CA TYR A 180 19.94 -12.06 42.19
C TYR A 180 19.43 -12.32 43.60
N LYS A 181 18.47 -13.22 43.77
CA LYS A 181 18.08 -13.57 45.13
C LYS A 181 18.17 -15.07 45.35
N GLY A 182 17.47 -15.83 44.51
CA GLY A 182 17.48 -17.26 44.57
C GLY A 182 17.53 -17.81 43.16
N ASP A 183 17.64 -16.89 42.21
CA ASP A 183 17.75 -17.20 40.80
C ASP A 183 19.16 -16.92 40.32
N VAL A 184 19.69 -17.81 39.50
CA VAL A 184 21.02 -17.64 38.93
C VAL A 184 20.89 -17.75 37.41
N TYR A 185 21.51 -16.80 36.70
CA TYR A 185 21.35 -16.69 35.26
C TYR A 185 22.69 -16.86 34.57
N ASN A 186 22.70 -17.62 33.48
CA ASN A 186 23.87 -17.79 32.64
C ASN A 186 23.97 -16.58 31.73
N MET A 187 24.72 -15.56 32.13
CA MET A 187 24.86 -14.40 31.26
C MET A 187 26.31 -13.93 31.27
N ASP A 188 26.69 -13.29 30.16
CA ASP A 188 28.05 -12.78 29.98
C ASP A 188 28.02 -11.28 30.24
N TYR A 189 28.13 -10.92 31.52
CA TYR A 189 28.07 -9.53 31.91
C TYR A 189 29.27 -8.78 31.37
N PRO A 190 29.16 -7.46 31.17
CA PRO A 190 30.32 -6.69 30.74
C PRO A 190 31.37 -6.66 31.83
N PRO A 191 32.65 -6.60 31.47
CA PRO A 191 33.71 -6.60 32.48
C PRO A 191 33.62 -5.35 33.34
N PHE A 192 34.34 -5.37 34.46
CA PHE A 192 34.32 -4.21 35.33
C PHE A 192 34.91 -3.01 34.60
N GLY A 193 34.25 -1.87 34.73
CA GLY A 193 34.70 -0.68 34.07
C GLY A 193 34.29 -0.55 32.61
N ALA A 194 33.37 -1.38 32.15
CA ALA A 194 32.95 -1.31 30.75
C ALA A 194 31.44 -1.44 30.61
N GLY A 195 30.69 -1.01 31.62
CA GLY A 195 29.25 -1.07 31.53
C GLY A 195 28.69 -0.05 30.56
N ARG A 196 27.53 -0.34 30.05
CA ARG A 196 26.86 0.58 29.13
C ARG A 196 25.64 1.17 29.78
N PRO A 197 25.25 2.38 29.40
CA PRO A 197 24.06 2.99 30.01
C PRO A 197 22.81 2.19 29.68
N GLY A 198 21.88 2.18 30.64
CA GLY A 198 20.60 1.53 30.42
C GLY A 198 20.67 0.03 30.22
N GLN A 199 21.78 -0.59 30.58
CA GLN A 199 21.93 -2.03 30.47
C GLN A 199 22.49 -2.56 31.78
N PHE A 200 22.43 -3.88 31.95
CA PHE A 200 22.92 -4.47 33.19
C PHE A 200 24.39 -4.13 33.37
N GLY A 201 24.72 -3.46 34.47
CA GLY A 201 26.10 -3.18 34.75
C GLY A 201 26.50 -1.75 34.45
N ASP A 202 25.54 -0.85 34.32
CA ASP A 202 25.89 0.55 34.11
C ASP A 202 26.56 1.12 35.35
N ILE A 203 26.14 0.71 36.54
CA ILE A 203 26.80 1.04 37.79
C ILE A 203 27.34 -0.23 38.41
N GLN A 204 28.65 -0.27 38.64
CA GLN A 204 29.31 -1.46 39.13
C GLN A 204 30.16 -1.12 40.34
N SER A 205 30.06 -1.94 41.37
CA SER A 205 30.88 -1.82 42.56
C SER A 205 31.57 -3.13 42.82
N ARG A 206 32.83 -3.07 43.24
CA ARG A 206 33.60 -4.30 43.42
C ARG A 206 33.02 -5.19 44.50
N THR A 207 32.72 -4.63 45.66
CA THR A 207 32.09 -5.35 46.75
C THR A 207 31.01 -4.47 47.33
N PRO A 208 30.01 -5.06 48.00
CA PRO A 208 28.93 -4.24 48.57
C PRO A 208 29.38 -3.32 49.70
N GLU A 209 30.68 -3.30 50.02
CA GLU A 209 31.22 -2.34 50.98
C GLU A 209 32.28 -1.44 50.38
N SER A 210 32.67 -1.65 49.13
CA SER A 210 33.65 -0.79 48.48
C SER A 210 33.07 0.60 48.26
N GLU A 211 33.93 1.52 47.82
CA GLU A 211 33.53 2.88 47.56
C GLU A 211 33.81 3.35 46.15
N ASP A 212 34.81 2.79 45.47
CA ASP A 212 35.17 3.21 44.11
C ASP A 212 34.14 2.67 43.13
N VAL A 213 32.93 3.22 43.21
CA VAL A 213 31.86 2.84 42.30
C VAL A 213 32.19 3.30 40.88
N TYR A 214 32.02 2.41 39.92
CA TYR A 214 32.11 2.76 38.52
C TYR A 214 30.70 2.91 37.97
N ALA A 215 30.39 4.08 37.44
CA ALA A 215 29.07 4.36 36.92
C ALA A 215 29.16 5.10 35.61
N ASN A 216 28.33 4.70 34.65
CA ASN A 216 28.34 5.23 33.29
C ASN A 216 26.89 5.29 32.83
N THR A 217 26.23 6.41 33.11
CA THR A 217 24.80 6.55 32.87
C THR A 217 24.45 7.74 32.00
N GLN A 218 25.44 8.35 31.36
CA GLN A 218 25.27 9.56 30.54
C GLN A 218 24.33 10.57 31.18
N LEU A 219 24.73 11.02 32.37
CA LEU A 219 24.00 12.08 33.05
C LEU A 219 24.26 13.41 32.36
N VAL A 220 23.21 14.02 31.83
CA VAL A 220 23.29 15.27 31.08
C VAL A 220 22.37 16.28 31.73
N LEU A 221 22.92 17.44 32.09
CA LEU A 221 22.16 18.51 32.73
C LEU A 221 21.50 19.39 31.67
N GLN A 222 20.27 19.82 31.95
CA GLN A 222 19.50 20.59 31.01
C GLN A 222 19.09 21.94 31.62
N ARG A 223 18.79 22.88 30.75
CA ARG A 223 18.59 24.27 31.18
C ARG A 223 17.27 24.42 31.92
N PRO A 224 17.27 25.07 33.08
CA PRO A 224 16.01 25.28 33.81
C PRO A 224 15.06 26.15 33.00
N SER A 225 13.77 25.92 33.19
CA SER A 225 12.75 26.41 32.28
C SER A 225 11.95 27.54 32.91
N ALA A 226 12.05 28.73 32.31
CA ALA A 226 11.11 29.83 32.51
C ALA A 226 10.98 30.22 33.98
N GLY A 227 12.10 30.68 34.54
CA GLY A 227 12.03 31.26 35.87
C GLY A 227 11.81 30.28 36.98
N THR A 228 11.76 28.99 36.69
CA THR A 228 11.74 27.96 37.70
C THR A 228 13.17 27.73 38.20
N VAL A 229 13.29 27.26 39.43
CA VAL A 229 14.59 27.14 40.07
C VAL A 229 14.91 25.66 40.31
N HIS A 230 14.48 24.80 39.40
CA HIS A 230 14.75 23.37 39.49
C HIS A 230 15.99 23.01 38.68
N VAL A 231 16.36 21.74 38.74
CA VAL A 231 17.56 21.23 38.07
C VAL A 231 17.18 20.04 37.18
N PRO A 232 16.68 20.27 35.97
CA PRO A 232 16.34 19.15 35.11
C PRO A 232 17.59 18.49 34.55
N TYR A 233 17.44 17.22 34.16
CA TYR A 233 18.53 16.45 33.60
C TYR A 233 17.97 15.31 32.78
N SER A 234 18.83 14.70 31.97
CA SER A 234 18.46 13.58 31.13
C SER A 234 19.43 12.44 31.39
N GLN A 235 18.96 11.40 32.05
CA GLN A 235 19.78 10.27 32.45
C GLN A 235 19.15 9.00 31.92
N ALA A 236 20.00 8.08 31.46
CA ALA A 236 19.51 6.76 31.10
C ALA A 236 19.04 6.05 32.37
N PRO A 237 17.85 5.45 32.37
CA PRO A 237 17.34 4.83 33.60
C PRO A 237 18.27 3.73 34.09
N SER A 238 17.99 3.27 35.29
CA SER A 238 18.84 2.25 35.90
C SER A 238 18.84 1.00 35.03
N GLY A 239 20.04 0.53 34.69
CA GLY A 239 20.12 -0.71 33.92
C GLY A 239 19.65 -1.90 34.70
N PHE A 240 19.90 -1.92 36.01
CA PHE A 240 19.52 -3.02 36.87
C PHE A 240 18.02 -3.14 37.04
N LYS A 241 17.32 -2.02 37.23
CA LYS A 241 15.86 -2.07 37.32
C LYS A 241 15.25 -2.49 36.00
N TYR A 242 15.89 -2.14 34.89
CA TYR A 242 15.43 -2.62 33.59
C TYR A 242 15.65 -4.12 33.46
N TRP A 243 16.78 -4.62 34.00
CA TRP A 243 17.03 -6.05 33.96
C TRP A 243 15.99 -6.81 34.76
N LEU A 244 15.65 -6.32 35.96
CA LEU A 244 14.65 -7.00 36.78
C LEU A 244 13.35 -7.20 36.04
N LYS A 245 12.99 -6.28 35.14
CA LYS A 245 11.75 -6.45 34.38
C LYS A 245 11.92 -7.46 33.26
N GLU A 246 13.12 -7.58 32.71
CA GLU A 246 13.35 -8.38 31.52
C GLU A 246 14.37 -9.47 31.77
N ARG A 247 14.31 -10.11 32.95
CA ARG A 247 15.29 -11.13 33.29
C ARG A 247 15.19 -12.31 32.34
N GLY A 248 13.98 -12.76 32.06
CA GLY A 248 13.80 -14.03 31.38
C GLY A 248 13.52 -15.11 32.39
N ALA A 249 13.98 -16.32 32.14
CA ALA A 249 13.74 -17.44 33.05
C ALA A 249 15.06 -17.88 33.65
N SER A 250 15.05 -18.14 34.95
CA SER A 250 16.26 -18.50 35.69
C SER A 250 16.86 -19.80 35.19
N LEU A 251 18.02 -20.18 35.71
CA LEU A 251 18.55 -21.49 35.37
C LEU A 251 17.68 -22.60 35.92
N GLN A 252 16.95 -22.34 36.99
CA GLN A 252 16.13 -23.38 37.61
C GLN A 252 15.09 -23.91 36.65
N HIS A 253 14.64 -23.10 35.70
CA HIS A 253 13.59 -23.49 34.78
C HIS A 253 14.09 -23.81 33.38
N THR A 254 15.35 -23.54 33.06
CA THR A 254 15.87 -23.81 31.73
C THR A 254 17.09 -24.71 31.68
N ALA A 255 17.65 -25.10 32.82
CA ALA A 255 18.84 -25.93 32.79
C ALA A 255 18.51 -27.33 32.27
N PRO A 256 19.42 -27.97 31.54
CA PRO A 256 19.13 -29.29 31.00
C PRO A 256 19.14 -30.38 32.05
N PHE A 257 18.87 -31.62 31.63
CA PHE A 257 19.01 -32.80 32.49
C PHE A 257 18.18 -32.69 33.76
N GLY A 258 17.07 -31.97 33.70
CA GLY A 258 16.21 -31.85 34.86
C GLY A 258 16.88 -31.25 36.06
N CYS A 259 17.88 -30.41 35.85
CA CYS A 259 18.69 -29.88 36.94
C CYS A 259 17.87 -28.96 37.82
N GLN A 260 18.08 -29.08 39.12
CA GLN A 260 17.50 -28.19 40.11
C GLN A 260 18.60 -27.27 40.64
N ILE A 261 18.27 -25.98 40.78
CA ILE A 261 19.25 -25.00 41.22
C ILE A 261 18.77 -24.33 42.50
N ALA A 262 19.72 -23.91 43.32
CA ALA A 262 19.43 -23.24 44.58
C ALA A 262 20.52 -22.22 44.84
N THR A 263 20.45 -21.55 45.99
CA THR A 263 21.44 -20.54 46.36
C THR A 263 21.77 -20.67 47.83
N ASN A 264 22.80 -19.94 48.25
CA ASN A 264 23.33 -19.96 49.61
C ASN A 264 23.76 -21.35 50.02
N PRO A 265 24.80 -21.92 49.40
CA PRO A 265 25.60 -21.43 48.28
C PRO A 265 24.92 -21.79 46.98
N VAL A 266 25.41 -21.42 45.80
CA VAL A 266 24.73 -21.84 44.58
C VAL A 266 25.11 -23.29 44.30
N ARG A 267 24.11 -24.14 44.12
CA ARG A 267 24.31 -25.55 43.81
C ARG A 267 23.40 -25.94 42.67
N ALA A 268 23.80 -27.00 41.99
CA ALA A 268 22.96 -27.69 41.03
C ALA A 268 22.69 -29.08 41.57
N MET A 269 21.42 -29.46 41.66
CA MET A 269 21.05 -30.69 42.34
C MET A 269 20.33 -31.63 41.40
N ASN A 270 20.67 -32.91 41.49
CA ASN A 270 19.94 -33.98 40.83
C ASN A 270 20.03 -33.89 39.32
N CYS A 271 21.22 -33.64 38.80
CA CYS A 271 21.45 -33.80 37.38
C CYS A 271 21.27 -35.26 37.01
N ALA A 272 20.98 -35.52 35.75
CA ALA A 272 20.81 -36.88 35.25
C ALA A 272 21.83 -37.22 34.17
N VAL A 273 23.09 -36.91 34.43
CA VAL A 273 24.15 -37.06 33.44
C VAL A 273 25.19 -38.04 33.97
N GLY A 274 25.58 -39.00 33.13
CA GLY A 274 26.70 -39.86 33.44
C GLY A 274 26.38 -40.85 34.55
N ASN A 275 27.43 -41.51 35.03
CA ASN A 275 27.29 -42.49 36.08
C ASN A 275 28.35 -42.27 37.15
N MET A 276 28.14 -42.93 38.28
CA MET A 276 28.80 -42.62 39.53
C MET A 276 29.56 -43.82 40.04
N PRO A 277 30.89 -43.88 39.91
CA PRO A 277 31.63 -45.00 40.51
C PRO A 277 31.45 -44.99 42.01
N ILE A 278 31.27 -46.19 42.57
CA ILE A 278 31.12 -46.34 44.01
C ILE A 278 31.80 -47.62 44.43
N SER A 279 32.60 -47.53 45.49
CA SER A 279 33.43 -48.63 45.95
C SER A 279 33.05 -49.01 47.37
N ILE A 280 32.71 -50.27 47.58
CA ILE A 280 32.42 -50.79 48.90
C ILE A 280 33.69 -51.46 49.42
N ASP A 281 33.69 -51.75 50.72
CA ASP A 281 34.81 -52.44 51.34
C ASP A 281 34.27 -53.14 52.58
N ILE A 282 34.00 -54.43 52.46
CA ILE A 282 33.24 -55.15 53.48
C ILE A 282 34.22 -55.93 54.36
N PRO A 283 34.03 -55.95 55.68
CA PRO A 283 34.91 -56.74 56.52
C PRO A 283 34.78 -58.22 56.17
N ASP A 284 35.87 -58.95 56.37
CA ASP A 284 35.79 -60.38 56.10
C ASP A 284 34.92 -61.11 57.10
N ALA A 285 34.53 -60.46 58.19
CA ALA A 285 33.67 -61.07 59.19
C ALA A 285 32.19 -60.89 58.90
N ALA A 286 31.83 -60.08 57.90
CA ALA A 286 30.43 -59.91 57.56
C ALA A 286 29.89 -61.09 56.77
N PHE A 287 30.74 -61.77 56.01
CA PHE A 287 30.28 -62.84 55.16
C PHE A 287 29.93 -64.08 55.98
N THR A 288 29.18 -64.97 55.35
CA THR A 288 28.77 -66.23 55.94
C THR A 288 29.23 -67.38 55.05
N ARG A 289 29.80 -68.40 55.65
CA ARG A 289 30.31 -69.53 54.87
C ARG A 289 29.18 -70.21 54.13
N VAL A 290 29.48 -70.76 52.96
CA VAL A 290 28.43 -71.33 52.13
C VAL A 290 27.82 -72.55 52.78
N VAL A 291 28.54 -73.18 53.72
CA VAL A 291 28.01 -74.36 54.40
C VAL A 291 27.12 -74.02 55.57
N ASP A 292 26.90 -72.74 55.85
CA ASP A 292 26.00 -72.30 56.91
C ASP A 292 24.74 -71.62 56.39
N ALA A 293 24.80 -71.01 55.22
CA ALA A 293 23.64 -70.40 54.61
C ALA A 293 22.73 -71.47 54.01
N PRO A 294 21.45 -71.16 53.86
CA PRO A 294 20.56 -72.12 53.19
C PRO A 294 21.02 -72.38 51.76
N SER A 295 20.84 -73.61 51.32
CA SER A 295 21.24 -74.00 49.97
C SER A 295 20.00 -74.48 49.23
N LEU A 296 19.68 -73.82 48.13
CA LEU A 296 18.48 -74.11 47.36
C LEU A 296 18.79 -75.02 46.20
N THR A 297 17.99 -76.07 46.05
CA THR A 297 18.17 -77.04 44.99
C THR A 297 16.81 -77.44 44.46
N ASP A 298 16.81 -78.12 43.31
CA ASP A 298 15.58 -78.53 42.62
C ASP A 298 14.71 -77.32 42.27
N MET A 299 15.32 -76.31 41.67
CA MET A 299 14.64 -75.06 41.44
C MET A 299 14.07 -74.99 40.03
N SER A 300 12.94 -74.29 39.91
CA SER A 300 12.20 -74.19 38.67
C SER A 300 11.40 -72.90 38.69
N CYS A 301 11.20 -72.31 37.52
CA CYS A 301 10.55 -71.01 37.43
C CYS A 301 9.33 -71.06 36.52
N GLU A 302 8.28 -70.33 36.93
CA GLU A 302 7.11 -70.08 36.11
C GLU A 302 6.79 -68.61 36.18
N VAL A 303 6.40 -68.02 35.05
CA VAL A 303 6.13 -66.59 35.00
C VAL A 303 4.68 -66.37 34.59
N PRO A 304 3.74 -66.30 35.52
CA PRO A 304 2.33 -66.19 35.15
C PRO A 304 2.00 -64.90 34.41
N ALA A 305 2.29 -63.76 35.02
CA ALA A 305 1.94 -62.46 34.46
C ALA A 305 3.21 -61.71 34.12
N CYS A 306 3.18 -60.96 33.02
CA CYS A 306 4.36 -60.22 32.61
C CYS A 306 3.93 -59.06 31.72
N THR A 307 4.06 -57.84 32.23
CA THR A 307 3.80 -56.62 31.49
C THR A 307 5.03 -55.74 31.57
N HIS A 308 5.50 -55.25 30.43
CA HIS A 308 6.71 -54.43 30.45
C HIS A 308 6.33 -52.97 30.65
N SER A 309 5.97 -52.65 31.90
CA SER A 309 5.62 -51.31 32.31
C SER A 309 6.86 -50.58 32.81
N SER A 310 6.67 -49.34 33.24
CA SER A 310 7.75 -48.64 33.91
C SER A 310 7.95 -49.18 35.32
N ASP A 311 6.86 -49.39 36.06
CA ASP A 311 7.01 -50.00 37.37
C ASP A 311 7.14 -51.49 37.23
N PHE A 312 6.96 -52.23 38.31
CA PHE A 312 7.20 -53.68 38.32
C PHE A 312 5.97 -54.41 37.85
N GLY A 313 5.87 -54.58 36.54
CA GLY A 313 4.76 -55.26 35.92
C GLY A 313 4.91 -56.73 35.70
N GLY A 314 5.97 -57.35 36.21
CA GLY A 314 6.16 -58.77 36.03
C GLY A 314 6.10 -59.52 37.34
N VAL A 315 5.73 -60.79 37.29
CA VAL A 315 5.71 -61.66 38.47
C VAL A 315 6.26 -63.02 38.06
N ALA A 316 7.22 -63.52 38.82
CA ALA A 316 7.78 -64.84 38.59
C ALA A 316 7.70 -65.62 39.89
N ILE A 317 7.35 -66.90 39.78
CA ILE A 317 7.14 -67.76 40.93
C ILE A 317 8.05 -68.95 40.80
N ILE A 318 8.91 -69.16 41.80
CA ILE A 318 10.04 -70.08 41.70
C ILE A 318 9.85 -71.17 42.73
N LYS A 319 9.80 -72.42 42.28
CA LYS A 319 9.74 -73.56 43.17
C LYS A 319 11.14 -73.94 43.61
N TYR A 320 11.28 -74.36 44.86
CA TYR A 320 12.60 -74.67 45.39
C TYR A 320 12.48 -75.72 46.48
N ALA A 321 13.61 -76.34 46.79
CA ALA A 321 13.76 -77.16 47.98
C ALA A 321 14.93 -76.63 48.77
N ALA A 322 14.69 -76.25 50.02
CA ALA A 322 15.66 -75.54 50.84
C ALA A 322 16.21 -76.47 51.91
N SER A 323 17.53 -76.44 52.08
CA SER A 323 18.15 -77.30 53.09
C SER A 323 17.74 -76.90 54.50
N LYS A 324 17.60 -75.59 54.74
CA LYS A 324 17.25 -75.11 56.07
C LYS A 324 16.61 -73.73 55.96
N LYS A 325 15.93 -73.34 57.02
CA LYS A 325 15.27 -72.04 57.04
C LYS A 325 16.28 -70.91 57.17
N GLY A 326 16.11 -69.89 56.34
CA GLY A 326 17.00 -68.74 56.37
C GLY A 326 16.68 -67.79 55.24
N LYS A 327 17.51 -66.75 55.15
CA LYS A 327 17.38 -65.75 54.10
C LYS A 327 18.24 -66.12 52.90
N CYS A 328 17.83 -65.65 51.73
CA CYS A 328 18.61 -65.82 50.51
C CYS A 328 18.58 -64.52 49.74
N ALA A 329 19.65 -64.25 49.01
CA ALA A 329 19.80 -63.01 48.26
C ALA A 329 19.48 -63.26 46.80
N VAL A 330 18.40 -62.67 46.31
CA VAL A 330 17.94 -62.89 44.95
C VAL A 330 18.50 -61.79 44.07
N HIS A 331 19.12 -62.17 42.97
CA HIS A 331 19.78 -61.26 42.05
C HIS A 331 19.54 -61.69 40.63
N SER A 332 19.25 -60.73 39.76
CA SER A 332 19.03 -61.00 38.35
C SER A 332 20.37 -61.02 37.62
N MET A 333 20.62 -62.08 36.85
CA MET A 333 21.87 -62.19 36.12
C MET A 333 21.83 -61.50 34.78
N THR A 334 20.71 -60.90 34.40
CA THR A 334 20.54 -60.23 33.12
C THR A 334 20.33 -58.75 33.35
N ASN A 335 21.06 -57.92 32.61
CA ASN A 335 20.94 -56.48 32.79
C ASN A 335 19.57 -55.98 32.36
N ALA A 336 18.94 -56.67 31.41
CA ALA A 336 17.68 -56.18 30.85
C ALA A 336 16.53 -56.28 31.82
N VAL A 337 16.67 -57.07 32.89
CA VAL A 337 15.58 -57.33 33.82
C VAL A 337 16.01 -56.94 35.22
N THR A 338 15.16 -56.18 35.90
CA THR A 338 15.42 -55.65 37.22
C THR A 338 14.48 -56.27 38.23
N ILE A 339 15.02 -56.84 39.30
CA ILE A 339 14.24 -57.54 40.31
C ILE A 339 14.09 -56.63 41.52
N ARG A 340 12.86 -56.51 42.01
CA ARG A 340 12.63 -55.59 43.13
C ARG A 340 13.15 -56.13 44.44
N GLU A 341 12.95 -57.42 44.71
CA GLU A 341 13.40 -57.99 45.96
C GLU A 341 14.92 -58.05 46.01
N ALA A 342 15.48 -57.79 47.19
CA ALA A 342 16.91 -58.00 47.41
C ALA A 342 17.20 -59.24 48.23
N GLU A 343 16.28 -59.67 49.08
CA GLU A 343 16.42 -60.93 49.79
C GLU A 343 15.04 -61.40 50.23
N ILE A 344 14.89 -62.71 50.34
CA ILE A 344 13.62 -63.33 50.71
C ILE A 344 13.87 -64.49 51.65
N GLU A 345 12.91 -64.70 52.55
CA GLU A 345 12.97 -65.81 53.48
C GLU A 345 12.58 -67.11 52.79
N VAL A 346 13.21 -68.20 53.22
CA VAL A 346 13.16 -69.48 52.51
C VAL A 346 13.12 -70.60 53.54
N GLU A 347 12.28 -71.61 53.29
CA GLU A 347 12.32 -72.82 54.09
C GLU A 347 11.53 -73.94 53.41
N GLY A 348 12.00 -75.17 53.58
CA GLY A 348 11.31 -76.36 53.14
C GLY A 348 11.14 -76.43 51.63
N ASN A 349 10.21 -77.29 51.21
CA ASN A 349 9.80 -77.37 49.82
C ASN A 349 8.61 -76.44 49.62
N SER A 350 8.83 -75.34 48.93
CA SER A 350 7.79 -74.32 48.80
C SER A 350 8.07 -73.52 47.54
N GLN A 351 7.49 -72.33 47.44
CA GLN A 351 7.73 -71.44 46.32
C GLN A 351 7.85 -70.02 46.82
N LEU A 352 8.58 -69.20 46.07
CA LEU A 352 8.77 -67.79 46.40
C LEU A 352 8.39 -66.97 45.20
N GLN A 353 7.88 -65.77 45.45
CA GLN A 353 7.43 -64.86 44.41
C GLN A 353 8.30 -63.62 44.40
N ILE A 354 8.90 -63.32 43.24
CA ILE A 354 9.70 -62.12 43.05
C ILE A 354 9.01 -61.26 42.01
N SER A 355 9.11 -59.94 42.16
CA SER A 355 8.58 -59.00 41.19
C SER A 355 9.72 -58.40 40.40
N PHE A 356 9.62 -58.43 39.09
CA PHE A 356 10.65 -57.88 38.23
C PHE A 356 10.06 -56.85 37.31
N SER A 357 10.93 -56.06 36.70
CA SER A 357 10.53 -55.09 35.70
C SER A 357 11.46 -55.18 34.51
N THR A 358 10.88 -55.17 33.32
CA THR A 358 11.67 -55.31 32.10
C THR A 358 11.10 -54.42 31.02
N ALA A 359 11.93 -54.07 30.05
CA ALA A 359 11.47 -53.45 28.83
C ALA A 359 11.39 -54.42 27.67
N LEU A 360 11.91 -55.63 27.85
CA LEU A 360 11.86 -56.64 26.81
C LEU A 360 10.42 -57.05 26.57
N ALA A 361 10.12 -57.40 25.33
CA ALA A 361 8.82 -57.99 25.05
C ALA A 361 8.85 -59.50 25.00
N SER A 362 10.02 -60.11 25.20
CA SER A 362 10.14 -61.55 25.39
C SER A 362 11.15 -61.75 26.53
N ALA A 363 10.65 -61.84 27.75
CA ALA A 363 11.51 -61.89 28.92
C ALA A 363 12.21 -63.23 29.00
N GLU A 364 13.53 -63.23 28.88
CA GLU A 364 14.35 -64.42 29.10
C GLU A 364 15.53 -64.01 29.95
N PHE A 365 15.58 -64.49 31.19
CA PHE A 365 16.59 -64.05 32.13
C PHE A 365 16.88 -65.16 33.11
N ARG A 366 18.03 -65.06 33.75
CA ARG A 366 18.46 -66.01 34.77
C ARG A 366 18.41 -65.31 36.12
N VAL A 367 17.79 -65.94 37.09
CA VAL A 367 17.71 -65.42 38.45
C VAL A 367 18.55 -66.32 39.34
N GLN A 368 19.44 -65.72 40.12
CA GLN A 368 20.25 -66.44 41.08
C GLN A 368 19.70 -66.21 42.47
N VAL A 369 19.39 -67.29 43.17
CA VAL A 369 18.88 -67.22 44.53
C VAL A 369 19.82 -68.04 45.40
N CYS A 370 20.80 -67.38 46.01
CA CYS A 370 21.71 -68.00 46.97
C CYS A 370 22.49 -69.15 46.34
N SER A 371 23.34 -68.78 45.39
CA SER A 371 24.32 -69.61 44.71
C SER A 371 23.70 -70.52 43.66
N THR A 372 22.38 -70.61 43.57
CA THR A 372 21.73 -71.44 42.58
C THR A 372 21.08 -70.56 41.53
N GLN A 373 21.15 -70.97 40.28
CA GLN A 373 20.58 -70.22 39.18
C GLN A 373 19.44 -70.98 38.54
N VAL A 374 18.49 -70.24 37.98
CA VAL A 374 17.35 -70.81 37.28
C VAL A 374 17.05 -69.94 36.07
N HIS A 375 16.51 -70.53 35.03
CA HIS A 375 16.18 -69.82 33.81
C HIS A 375 14.70 -69.46 33.78
N CYS A 376 14.39 -68.26 33.33
CA CYS A 376 13.04 -67.72 33.34
C CYS A 376 12.62 -67.43 31.91
N ALA A 377 11.32 -67.48 31.63
CA ALA A 377 10.87 -67.17 30.28
C ALA A 377 9.40 -66.80 30.27
N ALA A 378 9.06 -65.76 29.53
CA ALA A 378 7.68 -65.31 29.38
C ALA A 378 7.58 -64.43 28.15
N GLU A 379 6.34 -64.16 27.73
CA GLU A 379 6.05 -63.23 26.65
C GLU A 379 5.33 -62.04 27.26
N CYS A 380 5.95 -60.87 27.23
CA CYS A 380 5.42 -59.68 27.85
C CYS A 380 4.36 -59.04 26.96
N HIS A 381 3.55 -58.18 27.57
CA HIS A 381 2.51 -57.47 26.85
C HIS A 381 2.55 -56.00 27.22
N PRO A 382 2.29 -55.11 26.27
CA PRO A 382 2.46 -53.69 26.54
C PRO A 382 1.40 -53.18 27.49
N PRO A 383 1.68 -52.14 28.25
CA PRO A 383 0.65 -51.56 29.11
C PRO A 383 -0.26 -50.63 28.32
N LYS A 384 -1.36 -50.25 28.97
CA LYS A 384 -2.34 -49.37 28.32
C LYS A 384 -2.09 -47.91 28.64
N ASP A 385 -1.69 -47.59 29.87
CA ASP A 385 -1.51 -46.20 30.26
C ASP A 385 -0.33 -45.60 29.52
N HIS A 386 -0.56 -44.49 28.84
CA HIS A 386 0.46 -43.92 27.98
C HIS A 386 1.50 -43.11 28.75
N ILE A 387 1.16 -42.63 29.94
CA ILE A 387 2.00 -41.69 30.67
C ILE A 387 1.98 -42.05 32.14
N VAL A 388 3.12 -41.88 32.81
CA VAL A 388 3.25 -42.12 34.23
C VAL A 388 4.05 -40.98 34.85
N ASN A 389 4.02 -40.89 36.17
CA ASN A 389 4.72 -39.83 36.90
C ASN A 389 6.03 -40.29 37.51
N TYR A 390 6.53 -41.45 37.15
CA TYR A 390 7.76 -41.98 37.72
C TYR A 390 8.66 -42.51 36.62
N PRO A 391 9.97 -42.42 36.79
CA PRO A 391 10.89 -42.89 35.75
C PRO A 391 10.93 -44.40 35.68
N ALA A 392 11.34 -44.91 34.53
CA ALA A 392 11.40 -46.34 34.32
C ALA A 392 12.38 -46.99 35.28
N SER A 393 11.99 -48.13 35.84
CA SER A 393 12.84 -48.86 36.76
C SER A 393 13.75 -49.86 36.06
N HIS A 394 13.60 -50.03 34.76
CA HIS A 394 14.36 -51.02 34.02
C HIS A 394 15.35 -50.35 33.09
N THR A 395 16.33 -51.12 32.65
CA THR A 395 17.31 -50.62 31.71
C THR A 395 16.67 -50.43 30.34
N THR A 396 17.18 -49.45 29.60
CA THR A 396 16.69 -49.22 28.25
C THR A 396 17.01 -50.41 27.36
N LEU A 397 16.40 -50.42 26.18
CA LEU A 397 16.40 -51.58 25.29
C LEU A 397 17.52 -51.46 24.27
N GLY A 398 18.28 -52.54 24.11
CA GLY A 398 19.33 -52.60 23.12
C GLY A 398 18.87 -53.26 21.84
N VAL A 399 19.71 -53.18 20.81
CA VAL A 399 19.37 -53.79 19.52
C VAL A 399 19.76 -55.27 19.52
N GLN A 400 20.33 -55.75 20.62
CA GLN A 400 20.58 -57.18 20.75
C GLN A 400 19.52 -57.84 21.62
N ASP A 401 19.34 -57.35 22.84
CA ASP A 401 18.24 -57.78 23.71
C ASP A 401 16.97 -57.18 23.11
N ILE A 402 16.59 -57.71 21.96
CA ILE A 402 15.61 -57.13 21.07
C ILE A 402 14.80 -58.27 20.47
N SER A 403 13.87 -57.95 19.57
CA SER A 403 13.35 -58.96 18.65
C SER A 403 12.86 -60.20 19.35
N VAL A 404 11.68 -60.11 19.94
CA VAL A 404 11.07 -61.17 20.69
C VAL A 404 11.11 -62.47 19.91
N THR A 405 11.11 -63.59 20.63
CA THR A 405 10.79 -64.84 19.99
C THR A 405 9.48 -64.68 19.24
N ALA A 406 9.46 -65.18 18.01
CA ALA A 406 8.66 -64.70 16.87
C ALA A 406 9.42 -63.58 16.17
N MET A 407 10.70 -63.38 16.51
CA MET A 407 11.67 -62.87 15.55
C MET A 407 12.22 -63.96 14.66
N SER A 408 11.83 -65.22 14.90
CA SER A 408 12.21 -66.31 14.02
C SER A 408 11.86 -66.01 12.58
N TRP A 409 11.00 -65.04 12.32
CA TRP A 409 10.77 -64.56 10.97
C TRP A 409 12.05 -64.01 10.35
N VAL A 410 12.83 -63.27 11.14
CA VAL A 410 14.10 -62.75 10.65
C VAL A 410 15.01 -63.90 10.27
N GLN A 411 15.13 -64.89 11.16
CA GLN A 411 15.98 -66.04 10.87
C GLN A 411 15.50 -66.77 9.63
N LYS A 412 14.19 -66.96 9.49
CA LYS A 412 13.68 -67.70 8.33
C LYS A 412 13.95 -66.96 7.03
N ILE A 413 13.68 -65.65 6.98
CA ILE A 413 13.87 -64.96 5.71
C ILE A 413 15.35 -64.82 5.38
N THR A 414 16.19 -64.52 6.37
CA THR A 414 17.62 -64.44 6.08
C THR A 414 18.19 -65.81 5.75
N GLY A 415 17.63 -66.89 6.32
CA GLY A 415 18.07 -68.22 5.94
C GLY A 415 17.67 -68.58 4.53
N GLY A 416 16.46 -68.19 4.12
CA GLY A 416 16.06 -68.41 2.74
C GLY A 416 16.95 -67.65 1.77
N VAL A 417 17.26 -66.39 2.08
CA VAL A 417 18.15 -65.62 1.23
C VAL A 417 19.53 -66.25 1.19
N GLY A 418 20.04 -66.70 2.35
CA GLY A 418 21.33 -67.35 2.37
C GLY A 418 21.34 -68.65 1.59
N LEU A 419 20.24 -69.40 1.62
CA LEU A 419 20.16 -70.63 0.84
C LEU A 419 20.16 -70.33 -0.65
N VAL A 420 19.44 -69.30 -1.07
CA VAL A 420 19.45 -68.93 -2.49
C VAL A 420 20.85 -68.50 -2.90
N VAL A 421 21.50 -67.69 -2.07
CA VAL A 421 22.86 -67.24 -2.38
C VAL A 421 23.82 -68.42 -2.43
N ALA A 422 23.68 -69.36 -1.49
CA ALA A 422 24.55 -70.52 -1.47
C ALA A 422 24.34 -71.42 -2.69
N VAL A 423 23.09 -71.60 -3.10
CA VAL A 423 22.81 -72.39 -4.29
C VAL A 423 23.39 -71.71 -5.52
N ALA A 424 23.22 -70.39 -5.63
CA ALA A 424 23.78 -69.67 -6.77
C ALA A 424 25.30 -69.77 -6.79
N ALA A 425 25.94 -69.62 -5.63
CA ALA A 425 27.40 -69.73 -5.57
C ALA A 425 27.85 -71.15 -5.90
N LEU A 426 27.12 -72.16 -5.45
CA LEU A 426 27.46 -73.53 -5.76
C LEU A 426 27.39 -73.78 -7.25
N ILE A 427 26.31 -73.35 -7.89
CA ILE A 427 26.18 -73.54 -9.33
C ILE A 427 27.29 -72.80 -10.06
N LEU A 428 27.58 -71.57 -9.64
CA LEU A 428 28.63 -70.80 -10.29
C LEU A 428 29.97 -71.49 -10.17
N ILE A 429 30.30 -72.00 -8.99
CA ILE A 429 31.61 -72.63 -8.83
C ILE A 429 31.66 -73.96 -9.55
N VAL A 430 30.55 -74.69 -9.64
CA VAL A 430 30.53 -75.93 -10.40
C VAL A 430 30.80 -75.63 -11.87
N VAL A 431 30.13 -74.62 -12.42
CA VAL A 431 30.33 -74.27 -13.83
C VAL A 431 31.76 -73.78 -14.05
N LEU A 432 32.28 -72.98 -13.12
CA LEU A 432 33.65 -72.48 -13.25
C LEU A 432 34.65 -73.63 -13.23
N CYS A 433 34.45 -74.60 -12.35
CA CYS A 433 35.34 -75.75 -12.32
C CYS A 433 35.24 -76.58 -13.60
N VAL A 434 34.02 -76.80 -14.10
CA VAL A 434 33.87 -77.63 -15.29
C VAL A 434 34.50 -76.95 -16.50
N SER A 435 34.42 -75.61 -16.57
CA SER A 435 35.04 -74.91 -17.68
C SER A 435 36.52 -74.66 -17.46
N PHE A 436 37.01 -74.82 -16.23
CA PHE A 436 38.45 -74.70 -16.01
C PHE A 436 39.17 -76.02 -16.28
N SER A 437 38.53 -77.14 -15.94
CA SER A 437 39.10 -78.43 -16.32
C SER A 437 39.03 -78.62 -17.83
N ARG A 438 37.89 -78.31 -18.43
CA ARG A 438 37.73 -78.40 -19.87
C ARG A 438 38.65 -77.41 -20.56
N HIS A 439 39.33 -77.87 -21.61
CA HIS A 439 40.26 -77.02 -22.35
C HIS A 439 40.47 -77.52 -23.77
N TYR B 1 -65.61 -28.01 -6.90
CA TYR B 1 -64.43 -28.29 -7.70
C TYR B 1 -63.17 -28.16 -6.86
N GLU B 2 -62.29 -29.15 -6.96
CA GLU B 2 -61.05 -29.20 -6.20
C GLU B 2 -59.88 -28.97 -7.14
N HIS B 3 -58.90 -28.21 -6.68
CA HIS B 3 -57.73 -27.87 -7.47
C HIS B 3 -56.48 -28.06 -6.62
N VAL B 4 -55.42 -28.56 -7.24
CA VAL B 4 -54.15 -28.82 -6.56
C VAL B 4 -53.07 -28.02 -7.25
N THR B 5 -52.10 -27.54 -6.47
CA THR B 5 -50.97 -26.80 -7.03
C THR B 5 -49.82 -26.81 -6.04
N VAL B 6 -48.64 -26.44 -6.52
CA VAL B 6 -47.42 -26.46 -5.74
C VAL B 6 -46.74 -25.11 -5.87
N ILE B 7 -46.42 -24.49 -4.74
CA ILE B 7 -45.79 -23.18 -4.73
C ILE B 7 -44.45 -23.28 -4.03
N PRO B 8 -43.44 -22.50 -4.44
CA PRO B 8 -42.17 -22.51 -3.72
C PRO B 8 -42.35 -22.03 -2.29
N ASN B 9 -41.53 -22.57 -1.40
CA ASN B 9 -41.64 -22.32 0.02
C ASN B 9 -41.16 -20.94 0.43
N THR B 10 -40.80 -20.09 -0.52
CA THR B 10 -40.29 -18.77 -0.18
C THR B 10 -41.41 -17.91 0.40
N VAL B 11 -41.16 -17.32 1.56
CA VAL B 11 -42.15 -16.53 2.28
C VAL B 11 -42.10 -15.10 1.79
N GLY B 12 -43.28 -14.51 1.59
CA GLY B 12 -43.37 -13.12 1.20
C GLY B 12 -43.36 -12.86 -0.28
N VAL B 13 -43.45 -13.89 -1.11
CA VAL B 13 -43.46 -13.71 -2.56
C VAL B 13 -44.76 -14.31 -3.12
N PRO B 14 -45.67 -13.48 -3.63
CA PRO B 14 -46.95 -14.02 -4.10
C PRO B 14 -46.79 -14.85 -5.37
N TYR B 15 -47.70 -15.81 -5.53
CA TYR B 15 -47.73 -16.68 -6.69
C TYR B 15 -49.14 -16.76 -7.24
N LYS B 16 -49.24 -16.91 -8.55
CA LYS B 16 -50.52 -16.94 -9.25
C LYS B 16 -50.77 -18.35 -9.79
N THR B 17 -51.99 -18.84 -9.61
CA THR B 17 -52.38 -20.13 -10.15
C THR B 17 -53.64 -19.97 -10.99
N LEU B 18 -53.80 -20.85 -11.96
CA LEU B 18 -54.87 -20.77 -12.95
C LEU B 18 -55.83 -21.94 -12.78
N VAL B 19 -57.10 -21.63 -12.53
CA VAL B 19 -58.12 -22.65 -12.34
C VAL B 19 -58.98 -22.67 -13.60
N ASN B 20 -58.62 -23.53 -14.54
CA ASN B 20 -59.34 -23.62 -15.81
C ASN B 20 -60.29 -24.83 -15.82
N ARG B 21 -61.44 -24.60 -15.21
CA ARG B 21 -62.48 -25.60 -15.18
C ARG B 21 -63.18 -25.62 -16.53
N PRO B 22 -63.24 -26.77 -17.21
CA PRO B 22 -63.84 -26.81 -18.56
C PRO B 22 -65.29 -26.37 -18.52
N GLY B 23 -65.68 -25.63 -19.56
CA GLY B 23 -67.02 -25.09 -19.65
C GLY B 23 -67.25 -23.84 -18.83
N TYR B 24 -66.23 -23.32 -18.15
CA TYR B 24 -66.35 -22.12 -17.35
C TYR B 24 -65.23 -21.15 -17.69
N SER B 25 -65.46 -19.89 -17.37
CA SER B 25 -64.41 -18.90 -17.53
C SER B 25 -63.27 -19.20 -16.57
N PRO B 26 -62.02 -19.15 -17.03
CA PRO B 26 -60.90 -19.46 -16.13
C PRO B 26 -60.82 -18.48 -14.98
N MET B 27 -60.43 -19.00 -13.82
CA MET B 27 -60.24 -18.21 -12.62
C MET B 27 -58.77 -18.22 -12.24
N VAL B 28 -58.27 -17.10 -11.72
CA VAL B 28 -56.89 -16.98 -11.28
C VAL B 28 -56.88 -16.71 -9.78
N LEU B 29 -56.16 -17.53 -9.05
CA LEU B 29 -56.00 -17.38 -7.61
C LEU B 29 -54.56 -17.01 -7.29
N GLU B 30 -54.40 -16.05 -6.39
CA GLU B 30 -53.09 -15.66 -5.89
C GLU B 30 -52.95 -16.08 -4.44
N MET B 31 -51.91 -16.84 -4.15
CA MET B 31 -51.62 -17.28 -2.79
C MET B 31 -50.21 -16.86 -2.41
N GLU B 32 -50.06 -16.38 -1.19
CA GLU B 32 -48.78 -15.94 -0.65
C GLU B 32 -48.62 -16.49 0.76
N LEU B 33 -47.45 -17.05 1.05
CA LEU B 33 -47.19 -17.62 2.36
C LEU B 33 -46.80 -16.51 3.33
N LEU B 34 -47.61 -16.30 4.36
CA LEU B 34 -47.27 -15.30 5.36
C LEU B 34 -46.17 -15.79 6.29
N SER B 35 -46.25 -17.03 6.75
CA SER B 35 -45.26 -17.56 7.67
C SER B 35 -45.32 -19.08 7.65
N VAL B 36 -44.16 -19.69 7.80
CA VAL B 36 -44.02 -21.14 7.88
C VAL B 36 -43.23 -21.47 9.14
N THR B 37 -43.76 -22.35 9.97
CA THR B 37 -43.21 -22.65 11.28
C THR B 37 -42.94 -24.13 11.42
N LEU B 38 -41.73 -24.48 11.85
CA LEU B 38 -41.39 -25.84 12.25
C LEU B 38 -41.19 -25.87 13.75
N GLU B 39 -41.91 -26.74 14.44
CA GLU B 39 -41.84 -26.84 15.89
C GLU B 39 -41.49 -28.26 16.28
N PRO B 40 -40.21 -28.56 16.50
CA PRO B 40 -39.82 -29.95 16.81
C PRO B 40 -40.35 -30.39 18.16
N THR B 41 -40.57 -31.69 18.29
CA THR B 41 -40.91 -32.28 19.58
C THR B 41 -39.66 -32.39 20.42
N LEU B 42 -39.74 -31.95 21.66
CA LEU B 42 -38.59 -31.88 22.55
C LEU B 42 -38.78 -32.81 23.74
N SER B 43 -37.72 -33.51 24.12
CA SER B 43 -37.67 -34.29 25.34
C SER B 43 -36.51 -33.79 26.18
N LEU B 44 -36.78 -33.46 27.44
CA LEU B 44 -35.77 -32.82 28.28
C LEU B 44 -34.83 -33.86 28.85
N ASP B 45 -33.54 -33.75 28.51
CA ASP B 45 -32.55 -34.64 29.09
C ASP B 45 -32.18 -34.22 30.50
N TYR B 46 -31.66 -33.00 30.65
CA TYR B 46 -31.32 -32.51 31.97
C TYR B 46 -31.18 -31.01 31.92
N ILE B 47 -30.72 -30.45 33.04
CA ILE B 47 -30.56 -29.02 33.22
C ILE B 47 -29.16 -28.76 33.73
N THR B 48 -28.63 -27.57 33.43
CA THR B 48 -27.36 -27.15 34.00
C THR B 48 -27.53 -25.80 34.64
N CYS B 49 -26.64 -25.50 35.58
CA CYS B 49 -26.74 -24.30 36.39
C CYS B 49 -25.39 -24.10 37.07
N GLU B 50 -25.29 -23.01 37.82
CA GLU B 50 -24.10 -22.78 38.61
C GLU B 50 -24.21 -23.52 39.93
N TYR B 51 -23.16 -24.25 40.27
CA TYR B 51 -23.18 -24.98 41.53
C TYR B 51 -22.74 -24.08 42.68
N LYS B 52 -23.03 -24.53 43.89
CA LYS B 52 -22.54 -23.90 45.10
C LYS B 52 -21.83 -24.95 45.92
N THR B 53 -20.71 -24.58 46.53
CA THR B 53 -19.97 -25.49 47.38
C THR B 53 -20.34 -25.23 48.83
N VAL B 54 -20.95 -26.21 49.46
CA VAL B 54 -21.42 -26.06 50.84
C VAL B 54 -20.32 -26.55 51.77
N ILE B 55 -19.81 -25.66 52.60
CA ILE B 55 -18.74 -26.00 53.53
C ILE B 55 -19.21 -25.81 54.97
N PRO B 56 -19.41 -26.88 55.73
CA PRO B 56 -19.68 -26.71 57.15
C PRO B 56 -18.45 -26.16 57.86
N SER B 57 -18.68 -25.51 58.99
CA SER B 57 -17.58 -24.97 59.76
C SER B 57 -16.64 -26.10 60.17
N PRO B 58 -15.34 -25.94 60.01
CA PRO B 58 -14.41 -27.04 60.29
C PRO B 58 -14.50 -27.48 61.74
N TYR B 59 -14.34 -28.78 61.96
CA TYR B 59 -14.26 -29.34 63.29
C TYR B 59 -12.79 -29.49 63.64
N VAL B 60 -12.31 -28.67 64.54
CA VAL B 60 -10.94 -28.74 65.00
C VAL B 60 -10.95 -29.44 66.35
N LYS B 61 -10.31 -30.61 66.41
CA LYS B 61 -10.30 -31.45 67.59
C LYS B 61 -9.06 -31.14 68.41
N CYS B 62 -9.26 -30.69 69.64
CA CYS B 62 -8.15 -30.35 70.53
C CYS B 62 -7.70 -31.59 71.28
N CYS B 63 -6.38 -31.81 71.31
CA CYS B 63 -5.75 -32.92 72.02
C CYS B 63 -6.16 -34.28 71.50
N GLY B 64 -6.66 -34.35 70.27
CA GLY B 64 -7.08 -35.62 69.70
C GLY B 64 -7.13 -35.54 68.20
N THR B 65 -7.34 -36.70 67.58
CA THR B 65 -7.43 -36.79 66.13
C THR B 65 -8.86 -37.18 65.73
N ALA B 66 -9.49 -36.35 64.92
CA ALA B 66 -10.81 -36.68 64.40
C ALA B 66 -10.69 -37.77 63.35
N GLU B 67 -11.85 -38.30 62.94
CA GLU B 67 -11.90 -39.37 61.95
C GLU B 67 -12.86 -38.97 60.84
N CYS B 68 -12.51 -39.34 59.62
CA CYS B 68 -13.33 -39.00 58.47
C CYS B 68 -14.62 -39.80 58.48
N LYS B 69 -15.74 -39.12 58.30
CA LYS B 69 -17.02 -39.80 58.17
C LYS B 69 -17.27 -40.06 56.69
N ASP B 70 -18.48 -40.50 56.35
CA ASP B 70 -18.81 -40.72 54.95
C ASP B 70 -20.31 -40.51 54.75
N LYS B 71 -20.66 -40.04 53.57
CA LYS B 71 -22.06 -39.87 53.18
C LYS B 71 -22.12 -39.77 51.66
N SER B 72 -23.34 -39.70 51.16
CA SER B 72 -23.61 -39.80 49.72
C SER B 72 -24.06 -38.47 49.13
N LEU B 73 -23.49 -37.37 49.59
CA LEU B 73 -23.78 -36.07 49.02
C LEU B 73 -23.11 -35.94 47.66
N PRO B 74 -23.61 -35.03 46.80
CA PRO B 74 -23.19 -35.00 45.39
C PRO B 74 -21.70 -35.11 45.11
N ASP B 75 -20.86 -34.30 45.74
CA ASP B 75 -19.43 -34.39 45.52
C ASP B 75 -18.69 -34.36 46.83
N TYR B 76 -19.18 -35.12 47.81
CA TYR B 76 -18.66 -35.03 49.16
C TYR B 76 -17.17 -35.37 49.21
N SER B 77 -16.41 -34.54 49.90
CA SER B 77 -14.99 -34.75 50.11
C SER B 77 -14.69 -34.48 51.57
N CYS B 78 -13.82 -35.29 52.16
CA CYS B 78 -13.47 -35.15 53.56
C CYS B 78 -12.00 -35.51 53.74
N LYS B 79 -11.32 -34.74 54.58
CA LYS B 79 -9.91 -34.96 54.81
C LYS B 79 -9.54 -34.40 56.17
N VAL B 80 -8.75 -35.16 56.92
CA VAL B 80 -8.32 -34.78 58.26
C VAL B 80 -6.87 -34.35 58.19
N PHE B 81 -6.61 -33.09 58.52
CA PHE B 81 -5.27 -32.55 58.55
C PHE B 81 -4.78 -32.49 59.99
N THR B 82 -3.56 -32.94 60.22
CA THR B 82 -3.02 -33.08 61.56
C THR B 82 -1.88 -32.10 61.77
N GLY B 83 -1.71 -31.67 63.02
CA GLY B 83 -0.66 -30.74 63.35
C GLY B 83 -1.03 -29.29 63.27
N VAL B 84 -2.33 -28.96 63.27
CA VAL B 84 -2.73 -27.58 63.13
C VAL B 84 -2.71 -26.89 64.49
N TYR B 85 -2.49 -25.57 64.45
CA TYR B 85 -2.52 -24.75 65.66
C TYR B 85 -3.36 -23.50 65.38
N PRO B 86 -4.66 -23.67 65.21
CA PRO B 86 -5.50 -22.55 64.78
C PRO B 86 -5.52 -21.44 65.82
N PHE B 87 -5.68 -20.21 65.33
CA PHE B 87 -5.77 -19.04 66.18
C PHE B 87 -7.10 -18.33 65.93
N MET B 88 -7.77 -17.98 67.00
CA MET B 88 -8.93 -17.10 66.93
C MET B 88 -8.49 -15.69 67.32
N TRP B 89 -9.44 -14.77 67.44
CA TRP B 89 -9.07 -13.38 67.69
C TRP B 89 -8.46 -13.21 69.07
N GLY B 90 -8.97 -13.93 70.07
CA GLY B 90 -8.49 -13.77 71.43
C GLY B 90 -7.27 -14.57 71.80
N GLY B 91 -6.77 -15.39 70.91
CA GLY B 91 -5.62 -16.23 71.18
C GLY B 91 -5.82 -17.58 70.54
N ALA B 92 -4.94 -18.51 70.89
CA ALA B 92 -5.00 -19.85 70.30
C ALA B 92 -6.31 -20.54 70.67
N TYR B 93 -6.81 -21.36 69.76
CA TYR B 93 -8.03 -22.10 70.01
C TYR B 93 -7.77 -23.42 70.70
N CYS B 94 -6.62 -24.03 70.46
CA CYS B 94 -6.30 -25.35 70.99
C CYS B 94 -5.39 -25.20 72.20
N PHE B 95 -5.64 -26.04 73.21
CA PHE B 95 -4.84 -25.97 74.43
C PHE B 95 -3.39 -26.33 74.17
N CYS B 96 -3.15 -27.40 73.42
CA CYS B 96 -1.80 -27.91 73.20
C CYS B 96 -1.23 -27.38 71.89
N ASP B 97 0.09 -27.17 71.88
CA ASP B 97 0.76 -26.63 70.71
C ASP B 97 0.66 -27.53 69.49
N THR B 98 0.43 -28.82 69.69
CA THR B 98 0.29 -29.76 68.59
C THR B 98 -0.67 -30.86 69.01
N GLU B 99 -0.66 -31.98 68.29
CA GLU B 99 -1.66 -33.03 68.44
C GLU B 99 -3.07 -32.52 68.25
N ASN B 100 -3.28 -31.62 67.29
CA ASN B 100 -4.60 -31.17 66.90
C ASN B 100 -4.89 -31.56 65.47
N THR B 101 -6.17 -31.77 65.17
CA THR B 101 -6.58 -32.11 63.82
C THR B 101 -7.77 -31.25 63.43
N GLN B 102 -7.92 -31.04 62.13
CA GLN B 102 -9.06 -30.35 61.55
C GLN B 102 -9.76 -31.31 60.61
N LEU B 103 -11.08 -31.41 60.75
CA LEU B 103 -11.88 -32.27 59.90
C LEU B 103 -12.56 -31.38 58.86
N SER B 104 -11.89 -31.18 57.74
CA SER B 104 -12.47 -30.39 56.66
C SER B 104 -13.34 -31.27 55.78
N GLU B 105 -14.51 -30.75 55.41
CA GLU B 105 -15.42 -31.50 54.56
C GLU B 105 -16.30 -30.54 53.79
N ALA B 106 -16.64 -30.92 52.56
CA ALA B 106 -17.52 -30.10 51.74
C ALA B 106 -18.13 -30.96 50.65
N HIS B 107 -19.23 -30.48 50.11
CA HIS B 107 -19.88 -31.08 48.95
C HIS B 107 -20.39 -29.95 48.07
N VAL B 108 -21.14 -30.29 47.04
CA VAL B 108 -21.71 -29.28 46.15
C VAL B 108 -23.20 -29.52 45.98
N GLU B 109 -23.90 -28.47 45.58
CA GLU B 109 -25.35 -28.53 45.43
C GLU B 109 -25.78 -27.59 44.32
N LYS B 110 -27.01 -27.77 43.87
CA LYS B 110 -27.62 -26.79 42.99
C LYS B 110 -27.74 -25.46 43.72
N SER B 111 -27.48 -24.37 43.01
CA SER B 111 -27.62 -23.06 43.61
C SER B 111 -29.09 -22.73 43.81
N GLU B 112 -29.35 -21.53 44.30
CA GLU B 112 -30.73 -21.06 44.33
C GLU B 112 -31.10 -20.35 43.03
N SER B 113 -30.13 -20.12 42.16
CA SER B 113 -30.37 -19.49 40.87
C SER B 113 -30.81 -20.47 39.81
N CYS B 114 -30.83 -21.77 40.11
CA CYS B 114 -31.22 -22.76 39.12
C CYS B 114 -32.71 -22.71 38.79
N LYS B 115 -33.49 -21.97 39.57
CA LYS B 115 -34.88 -21.76 39.21
C LYS B 115 -35.01 -20.81 38.03
N THR B 116 -34.07 -19.87 37.90
CA THR B 116 -34.09 -18.85 36.87
C THR B 116 -32.99 -19.02 35.85
N GLU B 117 -31.75 -19.13 36.31
CA GLU B 117 -30.58 -19.21 35.43
C GLU B 117 -30.24 -20.68 35.21
N PHE B 118 -30.69 -21.22 34.08
CA PHE B 118 -30.33 -22.58 33.72
C PHE B 118 -30.35 -22.69 32.20
N ALA B 119 -29.69 -23.74 31.70
CA ALA B 119 -29.73 -24.10 30.29
C ALA B 119 -30.31 -25.49 30.18
N SER B 120 -31.33 -25.64 29.34
CA SER B 120 -32.01 -26.92 29.18
C SER B 120 -31.41 -27.65 27.99
N ALA B 121 -31.08 -28.92 28.19
CA ALA B 121 -30.47 -29.74 27.14
C ALA B 121 -31.52 -30.69 26.60
N TYR B 122 -32.02 -30.40 25.40
CA TYR B 122 -33.16 -31.10 24.85
C TYR B 122 -32.73 -32.16 23.85
N ARG B 123 -33.72 -32.85 23.29
CA ARG B 123 -33.53 -33.86 22.27
C ARG B 123 -34.66 -33.70 21.25
N ALA B 124 -34.35 -33.11 20.11
CA ALA B 124 -35.36 -32.69 19.15
C ALA B 124 -35.65 -33.84 18.18
N HIS B 125 -36.85 -34.41 18.28
CA HIS B 125 -37.16 -35.59 17.48
C HIS B 125 -37.55 -35.23 16.05
N THR B 126 -38.68 -34.55 15.88
CA THR B 126 -39.24 -34.35 14.55
C THR B 126 -40.11 -33.11 14.55
N ALA B 127 -40.18 -32.46 13.40
CA ALA B 127 -40.83 -31.17 13.26
C ALA B 127 -42.28 -31.34 12.83
N SER B 128 -43.13 -30.44 13.30
CA SER B 128 -44.56 -30.42 12.99
C SER B 128 -44.87 -29.09 12.32
N ALA B 129 -44.71 -29.04 11.00
CA ALA B 129 -44.84 -27.78 10.27
C ALA B 129 -46.25 -27.23 10.39
N SER B 130 -46.35 -25.91 10.41
CA SER B 130 -47.65 -25.24 10.39
C SER B 130 -47.48 -23.91 9.67
N ALA B 131 -48.31 -23.66 8.67
CA ALA B 131 -48.17 -22.51 7.81
C ALA B 131 -49.39 -21.60 7.91
N LYS B 132 -49.17 -20.31 7.71
CA LYS B 132 -50.23 -19.33 7.65
C LYS B 132 -50.21 -18.68 6.28
N LEU B 133 -51.30 -18.80 5.56
CA LEU B 133 -51.35 -18.49 4.14
C LEU B 133 -52.35 -17.40 3.86
N ARG B 134 -52.06 -16.55 2.88
CA ARG B 134 -52.98 -15.53 2.42
C ARG B 134 -53.29 -15.77 0.94
N VAL B 135 -54.57 -15.96 0.64
CA VAL B 135 -55.01 -16.28 -0.70
C VAL B 135 -56.00 -15.23 -1.17
N LEU B 136 -55.76 -14.69 -2.37
CA LEU B 136 -56.66 -13.71 -2.98
C LEU B 136 -57.76 -14.47 -3.70
N TYR B 137 -58.94 -14.51 -3.09
CA TYR B 137 -60.04 -15.33 -3.55
C TYR B 137 -61.24 -14.44 -3.84
N GLN B 138 -61.78 -14.55 -5.05
CA GLN B 138 -62.91 -13.73 -5.49
C GLN B 138 -62.61 -12.24 -5.31
N GLY B 139 -61.39 -11.84 -5.66
CA GLY B 139 -61.01 -10.46 -5.49
C GLY B 139 -60.94 -10.00 -4.06
N ASN B 140 -60.72 -10.91 -3.11
CA ASN B 140 -60.64 -10.59 -1.70
C ASN B 140 -59.46 -11.31 -1.07
N ASN B 141 -58.74 -10.60 -0.20
CA ASN B 141 -57.67 -11.20 0.59
C ASN B 141 -58.31 -11.88 1.80
N VAL B 142 -58.17 -13.19 1.89
CA VAL B 142 -58.61 -13.95 3.05
C VAL B 142 -57.42 -14.70 3.61
N THR B 143 -57.20 -14.59 4.92
CA THR B 143 -56.05 -15.19 5.58
C THR B 143 -56.43 -16.54 6.15
N VAL B 144 -55.71 -17.57 5.74
CA VAL B 144 -55.99 -18.94 6.13
C VAL B 144 -54.79 -19.51 6.85
N SER B 145 -55.01 -20.07 8.04
CA SER B 145 -53.96 -20.67 8.85
C SER B 145 -54.31 -22.13 9.12
N ALA B 146 -53.37 -23.02 8.87
CA ALA B 146 -53.62 -24.44 9.05
C ALA B 146 -52.30 -25.18 9.18
N TYR B 147 -52.37 -26.39 9.71
CA TYR B 147 -51.20 -27.25 9.77
C TYR B 147 -50.76 -27.64 8.37
N ALA B 148 -49.48 -27.94 8.23
CA ALA B 148 -48.90 -28.25 6.93
C ALA B 148 -48.58 -29.73 6.78
N ASN B 149 -49.36 -30.59 7.40
CA ASN B 149 -49.09 -32.03 7.36
C ASN B 149 -49.77 -32.74 6.19
N GLY B 150 -50.46 -32.00 5.33
CA GLY B 150 -51.26 -32.60 4.29
C GLY B 150 -52.65 -33.02 4.72
N ASP B 151 -52.97 -32.84 5.99
CA ASP B 151 -54.26 -33.19 6.57
C ASP B 151 -54.76 -31.94 7.31
N HIS B 152 -55.82 -32.09 8.08
CA HIS B 152 -56.43 -30.99 8.83
C HIS B 152 -56.85 -29.88 7.88
N ALA B 153 -57.81 -30.22 7.01
CA ALA B 153 -58.37 -29.24 6.09
C ALA B 153 -59.13 -28.18 6.87
N VAL B 154 -58.97 -26.93 6.46
CA VAL B 154 -59.65 -25.80 7.09
C VAL B 154 -60.51 -25.12 6.04
N THR B 155 -61.63 -24.55 6.48
CA THR B 155 -62.63 -23.99 5.60
C THR B 155 -62.86 -22.53 5.95
N VAL B 156 -62.77 -21.67 4.93
CA VAL B 156 -63.11 -20.25 5.09
C VAL B 156 -63.79 -19.79 3.81
N LYS B 157 -64.87 -19.01 3.96
CA LYS B 157 -65.65 -18.51 2.83
C LYS B 157 -66.10 -19.63 1.91
N ASP B 158 -66.52 -20.74 2.51
CA ASP B 158 -67.07 -21.93 1.85
C ASP B 158 -66.02 -22.68 1.04
N ALA B 159 -64.79 -22.18 0.96
CA ALA B 159 -63.71 -22.90 0.32
C ALA B 159 -63.01 -23.78 1.34
N LYS B 160 -62.47 -24.90 0.88
CA LYS B 160 -61.78 -25.85 1.74
C LYS B 160 -60.32 -25.89 1.35
N PHE B 161 -59.44 -25.55 2.28
CA PHE B 161 -58.02 -25.50 2.06
C PHE B 161 -57.34 -26.64 2.80
N ILE B 162 -56.56 -27.45 2.09
CA ILE B 162 -55.64 -28.39 2.71
C ILE B 162 -54.25 -28.05 2.18
N VAL B 163 -53.28 -27.96 3.08
CA VAL B 163 -51.95 -27.48 2.75
C VAL B 163 -50.92 -28.43 3.32
N GLY B 164 -49.86 -28.67 2.54
CA GLY B 164 -48.86 -29.63 2.92
C GLY B 164 -49.05 -30.93 2.18
N PRO B 165 -48.22 -31.93 2.49
CA PRO B 165 -47.11 -31.92 3.45
C PRO B 165 -45.87 -31.25 2.88
N MET B 166 -44.90 -30.93 3.73
CA MET B 166 -43.68 -30.29 3.28
C MET B 166 -42.96 -31.15 2.25
N SER B 167 -42.43 -30.51 1.22
CA SER B 167 -41.67 -31.25 0.24
C SER B 167 -40.29 -31.65 0.73
N SER B 168 -39.81 -31.06 1.82
CA SER B 168 -38.50 -31.37 2.36
C SER B 168 -38.61 -31.52 3.87
N ALA B 169 -37.91 -32.51 4.41
CA ALA B 169 -37.89 -32.74 5.85
C ALA B 169 -36.77 -32.00 6.55
N TRP B 170 -36.02 -31.18 5.82
CA TRP B 170 -34.90 -30.45 6.39
C TRP B 170 -35.36 -29.55 7.54
N THR B 171 -34.59 -29.57 8.61
CA THR B 171 -34.84 -28.76 9.79
C THR B 171 -33.51 -28.26 10.32
N PRO B 172 -33.47 -27.05 10.90
CA PRO B 172 -32.19 -26.49 11.34
C PRO B 172 -31.70 -27.00 12.68
N PHE B 173 -32.46 -27.86 13.36
CA PHE B 173 -32.06 -28.39 14.66
C PHE B 173 -31.50 -29.79 14.49
N ASP B 174 -30.40 -30.07 15.19
CA ASP B 174 -29.86 -31.42 15.23
C ASP B 174 -30.70 -32.26 16.16
N ASN B 175 -30.20 -33.45 16.52
CA ASN B 175 -30.89 -34.25 17.52
C ASN B 175 -30.70 -33.70 18.91
N LYS B 176 -29.52 -33.14 19.17
CA LYS B 176 -29.20 -32.56 20.46
C LYS B 176 -29.16 -31.04 20.33
N ILE B 177 -30.01 -30.37 21.09
CA ILE B 177 -30.02 -28.91 21.15
C ILE B 177 -30.04 -28.50 22.61
N VAL B 178 -29.57 -27.29 22.90
CA VAL B 178 -29.67 -26.67 24.22
C VAL B 178 -30.24 -25.28 24.03
N VAL B 179 -31.10 -24.86 24.96
CA VAL B 179 -31.71 -23.53 24.91
C VAL B 179 -31.34 -22.81 26.18
N TYR B 180 -30.84 -21.58 26.07
CA TYR B 180 -30.52 -20.85 27.29
C TYR B 180 -31.76 -20.16 27.85
N LYS B 181 -32.20 -19.09 27.21
CA LYS B 181 -33.52 -18.57 27.49
C LYS B 181 -34.23 -18.19 26.20
N GLY B 182 -33.49 -17.59 25.27
CA GLY B 182 -34.04 -17.21 24.00
C GLY B 182 -33.27 -17.80 22.85
N ASP B 183 -32.01 -18.15 23.11
CA ASP B 183 -31.14 -18.73 22.09
C ASP B 183 -31.18 -20.24 22.17
N VAL B 184 -31.00 -20.88 21.02
CA VAL B 184 -30.85 -22.32 20.94
C VAL B 184 -29.55 -22.62 20.22
N TYR B 185 -28.85 -23.66 20.66
CA TYR B 185 -27.58 -24.04 20.08
C TYR B 185 -27.61 -25.51 19.70
N ASN B 186 -26.94 -25.84 18.61
CA ASN B 186 -26.78 -27.24 18.19
C ASN B 186 -25.47 -27.74 18.77
N MET B 187 -25.52 -28.24 20.00
CA MET B 187 -24.33 -28.78 20.62
C MET B 187 -24.60 -30.17 21.19
N ASP B 188 -23.55 -30.99 21.19
CA ASP B 188 -23.62 -32.38 21.63
C ASP B 188 -23.15 -32.46 23.08
N TYR B 189 -24.10 -32.22 23.99
CA TYR B 189 -23.80 -32.17 25.41
C TYR B 189 -23.45 -33.55 25.94
N PRO B 190 -22.71 -33.62 27.05
CA PRO B 190 -22.29 -34.91 27.59
C PRO B 190 -23.47 -35.68 28.15
N PRO B 191 -23.37 -37.01 28.22
CA PRO B 191 -24.46 -37.81 28.75
C PRO B 191 -24.75 -37.47 30.21
N PHE B 192 -26.00 -37.62 30.60
CA PHE B 192 -26.36 -37.35 31.98
C PHE B 192 -25.60 -38.28 32.89
N GLY B 193 -24.99 -37.72 33.93
CA GLY B 193 -24.19 -38.52 34.83
C GLY B 193 -22.80 -38.85 34.32
N ALA B 194 -22.39 -38.29 33.20
CA ALA B 194 -21.04 -38.49 32.68
C ALA B 194 -20.42 -37.18 32.24
N GLY B 195 -20.70 -36.09 32.96
CA GLY B 195 -20.21 -34.78 32.57
C GLY B 195 -18.83 -34.52 33.13
N ARG B 196 -18.00 -33.87 32.31
CA ARG B 196 -16.64 -33.57 32.69
C ARG B 196 -16.58 -32.31 33.55
N PRO B 197 -15.54 -32.15 34.36
CA PRO B 197 -15.42 -30.97 35.19
C PRO B 197 -14.89 -29.77 34.42
N GLY B 198 -15.41 -28.60 34.77
CA GLY B 198 -14.96 -27.38 34.14
C GLY B 198 -15.49 -27.16 32.74
N GLN B 199 -16.43 -27.96 32.28
CA GLN B 199 -17.04 -27.82 30.96
C GLN B 199 -18.55 -27.85 31.10
N PHE B 200 -19.25 -27.50 30.03
CA PHE B 200 -20.70 -27.47 30.07
C PHE B 200 -21.26 -28.84 30.45
N GLY B 201 -21.90 -28.93 31.60
CA GLY B 201 -22.47 -30.19 32.01
C GLY B 201 -21.77 -30.77 33.22
N ASP B 202 -20.95 -29.95 33.88
CA ASP B 202 -20.25 -30.44 35.06
C ASP B 202 -21.21 -30.73 36.21
N ILE B 203 -22.36 -30.08 36.21
CA ILE B 203 -23.42 -30.36 37.18
C ILE B 203 -24.73 -30.47 36.41
N GLN B 204 -25.46 -31.54 36.63
CA GLN B 204 -26.67 -31.84 35.87
C GLN B 204 -27.81 -32.17 36.80
N SER B 205 -29.03 -31.98 36.32
CA SER B 205 -30.22 -32.30 37.08
C SER B 205 -31.36 -32.52 36.10
N ARG B 206 -32.25 -33.46 36.43
CA ARG B 206 -33.31 -33.83 35.49
C ARG B 206 -34.27 -32.67 35.25
N THR B 207 -34.63 -31.96 36.31
CA THR B 207 -35.54 -30.82 36.23
C THR B 207 -35.05 -29.76 37.18
N PRO B 208 -35.34 -28.48 36.91
CA PRO B 208 -34.91 -27.43 37.84
C PRO B 208 -35.48 -27.59 39.23
N GLU B 209 -36.62 -28.25 39.38
CA GLU B 209 -37.21 -28.50 40.68
C GLU B 209 -36.76 -29.84 41.28
N SER B 210 -35.94 -30.60 40.58
CA SER B 210 -35.51 -31.89 41.08
C SER B 210 -34.60 -31.72 42.29
N GLU B 211 -34.42 -32.82 43.02
CA GLU B 211 -33.53 -32.83 44.18
C GLU B 211 -32.25 -33.63 43.95
N ASP B 212 -32.30 -34.67 43.12
CA ASP B 212 -31.11 -35.47 42.86
C ASP B 212 -30.23 -34.76 41.85
N VAL B 213 -28.96 -34.58 42.19
CA VAL B 213 -28.03 -33.81 41.39
C VAL B 213 -26.77 -34.64 41.18
N TYR B 214 -26.27 -34.66 39.95
CA TYR B 214 -24.96 -35.22 39.65
C TYR B 214 -24.00 -34.06 39.47
N ALA B 215 -22.85 -34.13 40.13
CA ALA B 215 -21.87 -33.06 40.04
C ALA B 215 -20.47 -33.64 40.09
N ASN B 216 -19.69 -33.35 39.05
CA ASN B 216 -18.30 -33.80 38.94
C ASN B 216 -17.46 -32.55 38.69
N THR B 217 -16.99 -31.93 39.77
CA THR B 217 -16.22 -30.70 39.67
C THR B 217 -14.80 -30.84 40.21
N GLN B 218 -14.35 -32.07 40.43
CA GLN B 218 -13.07 -32.40 41.07
C GLN B 218 -12.75 -31.44 42.22
N LEU B 219 -13.65 -31.41 43.19
CA LEU B 219 -13.40 -30.69 44.42
C LEU B 219 -12.35 -31.43 45.23
N VAL B 220 -11.22 -30.79 45.46
CA VAL B 220 -10.12 -31.34 46.25
C VAL B 220 -9.88 -30.43 47.43
N LEU B 221 -9.88 -30.99 48.63
CA LEU B 221 -9.61 -30.19 49.81
C LEU B 221 -8.12 -30.00 49.99
N GLN B 222 -7.75 -28.92 50.66
CA GLN B 222 -6.36 -28.52 50.79
C GLN B 222 -6.05 -28.19 52.24
N ARG B 223 -4.77 -28.29 52.58
CA ARG B 223 -4.35 -28.11 53.95
C ARG B 223 -4.51 -26.65 54.38
N PRO B 224 -5.16 -26.37 55.49
CA PRO B 224 -5.35 -24.99 55.90
C PRO B 224 -4.01 -24.33 56.22
N SER B 225 -3.95 -23.02 55.97
CA SER B 225 -2.73 -22.28 56.22
C SER B 225 -2.42 -22.28 57.71
N ALA B 226 -1.14 -22.09 58.03
CA ALA B 226 -0.71 -22.13 59.42
C ALA B 226 -1.40 -21.04 60.23
N GLY B 227 -1.96 -21.42 61.36
CA GLY B 227 -2.62 -20.47 62.23
C GLY B 227 -3.85 -19.81 61.63
N THR B 228 -4.68 -20.59 60.95
CA THR B 228 -5.91 -20.07 60.38
C THR B 228 -6.99 -21.14 60.52
N VAL B 229 -8.24 -20.71 60.50
CA VAL B 229 -9.34 -21.63 60.77
C VAL B 229 -10.23 -21.67 59.53
N HIS B 230 -9.64 -21.56 58.36
CA HIS B 230 -10.43 -21.59 57.14
C HIS B 230 -10.43 -23.00 56.55
N VAL B 231 -11.17 -23.16 55.46
CA VAL B 231 -11.23 -24.44 54.73
C VAL B 231 -10.89 -24.16 53.27
N PRO B 232 -9.62 -24.19 52.89
CA PRO B 232 -9.27 -23.97 51.50
C PRO B 232 -9.54 -25.21 50.67
N TYR B 233 -9.79 -25.01 49.39
CA TYR B 233 -10.10 -26.10 48.50
C TYR B 233 -9.75 -25.70 47.08
N SER B 234 -9.62 -26.70 46.21
CA SER B 234 -9.32 -26.49 44.81
C SER B 234 -10.42 -27.15 43.99
N GLN B 235 -11.07 -26.36 43.14
CA GLN B 235 -12.21 -26.86 42.40
C GLN B 235 -12.22 -26.24 41.01
N ALA B 236 -12.66 -27.01 40.05
CA ALA B 236 -12.83 -26.47 38.71
C ALA B 236 -13.96 -25.44 38.72
N PRO B 237 -13.77 -24.26 38.15
CA PRO B 237 -14.84 -23.26 38.18
C PRO B 237 -16.04 -23.73 37.39
N SER B 238 -17.20 -23.15 37.69
CA SER B 238 -18.44 -23.61 37.09
C SER B 238 -18.35 -23.60 35.58
N GLY B 239 -18.66 -24.74 34.97
CA GLY B 239 -18.62 -24.83 33.53
C GLY B 239 -19.76 -24.13 32.84
N PHE B 240 -20.88 -23.96 33.50
CA PHE B 240 -21.98 -23.20 32.93
C PHE B 240 -21.64 -21.73 32.78
N LYS B 241 -20.97 -21.14 33.77
CA LYS B 241 -20.51 -19.77 33.63
C LYS B 241 -19.48 -19.63 32.53
N TYR B 242 -18.57 -20.61 32.39
CA TYR B 242 -17.63 -20.58 31.29
C TYR B 242 -18.36 -20.65 29.95
N TRP B 243 -19.38 -21.49 29.86
CA TRP B 243 -20.16 -21.59 28.63
C TRP B 243 -20.81 -20.26 28.31
N LEU B 244 -21.39 -19.61 29.32
CA LEU B 244 -22.06 -18.33 29.07
C LEU B 244 -21.14 -17.34 28.37
N LYS B 245 -19.86 -17.31 28.75
CA LYS B 245 -18.93 -16.43 28.06
C LYS B 245 -18.55 -16.96 26.69
N GLU B 246 -18.32 -18.27 26.58
CA GLU B 246 -17.83 -18.86 25.34
C GLU B 246 -18.94 -19.51 24.51
N ARG B 247 -20.15 -18.97 24.56
CA ARG B 247 -21.27 -19.60 23.85
C ARG B 247 -21.02 -19.65 22.36
N GLY B 248 -20.60 -18.54 21.78
CA GLY B 248 -20.61 -18.41 20.34
C GLY B 248 -21.95 -17.88 19.87
N ALA B 249 -22.14 -17.97 18.55
CA ALA B 249 -23.34 -17.44 17.93
C ALA B 249 -24.45 -18.47 17.96
N SER B 250 -25.65 -18.01 18.32
CA SER B 250 -26.79 -18.91 18.45
C SER B 250 -27.23 -19.46 17.11
N LEU B 251 -28.26 -20.30 17.10
CA LEU B 251 -28.81 -20.77 15.85
C LEU B 251 -29.56 -19.67 15.11
N GLN B 252 -29.98 -18.62 15.81
CA GLN B 252 -30.70 -17.55 15.14
C GLN B 252 -29.82 -16.78 14.19
N HIS B 253 -28.50 -16.80 14.40
CA HIS B 253 -27.58 -16.04 13.59
C HIS B 253 -26.77 -16.89 12.64
N THR B 254 -26.77 -18.21 12.78
CA THR B 254 -25.99 -19.08 11.92
C THR B 254 -26.81 -20.06 11.10
N ALA B 255 -28.10 -20.18 11.33
CA ALA B 255 -28.89 -21.16 10.59
C ALA B 255 -28.91 -20.79 9.10
N PRO B 256 -28.88 -21.78 8.23
CA PRO B 256 -28.95 -21.51 6.79
C PRO B 256 -30.38 -21.23 6.37
N PHE B 257 -30.55 -20.94 5.08
CA PHE B 257 -31.86 -20.67 4.49
C PHE B 257 -32.56 -19.49 5.15
N GLY B 258 -31.79 -18.60 5.78
CA GLY B 258 -32.39 -17.44 6.41
C GLY B 258 -33.41 -17.78 7.46
N CYS B 259 -33.16 -18.82 8.24
CA CYS B 259 -34.12 -19.26 9.24
C CYS B 259 -34.20 -18.25 10.38
N GLN B 260 -35.32 -18.25 11.07
CA GLN B 260 -35.50 -17.50 12.29
C GLN B 260 -35.85 -18.47 13.41
N ILE B 261 -35.31 -18.20 14.59
CA ILE B 261 -35.47 -19.10 15.72
C ILE B 261 -36.15 -18.36 16.86
N ALA B 262 -37.13 -19.00 17.48
CA ALA B 262 -37.79 -18.45 18.65
C ALA B 262 -37.72 -19.45 19.80
N THR B 263 -38.43 -19.19 20.89
CA THR B 263 -38.38 -20.07 22.03
C THR B 263 -39.73 -20.06 22.73
N ASN B 264 -39.96 -21.10 23.55
CA ASN B 264 -41.20 -21.39 24.28
C ASN B 264 -42.42 -21.18 23.40
N PRO B 265 -42.70 -22.10 22.48
CA PRO B 265 -41.95 -23.33 22.17
C PRO B 265 -40.78 -23.02 21.26
N VAL B 266 -39.82 -23.90 21.03
CA VAL B 266 -38.79 -23.60 20.05
C VAL B 266 -39.37 -23.79 18.67
N ARG B 267 -39.13 -22.82 17.79
CA ARG B 267 -39.67 -22.85 16.44
C ARG B 267 -38.58 -22.47 15.45
N ALA B 268 -38.77 -22.90 14.21
CA ALA B 268 -37.99 -22.43 13.08
C ALA B 268 -38.95 -21.77 12.11
N MET B 269 -38.76 -20.48 11.87
CA MET B 269 -39.71 -19.70 11.09
C MET B 269 -39.10 -19.30 9.76
N ASN B 270 -39.88 -19.44 8.69
CA ASN B 270 -39.52 -18.95 7.36
C ASN B 270 -38.28 -19.65 6.82
N CYS B 271 -38.28 -20.98 6.87
CA CYS B 271 -37.25 -21.78 6.23
C CYS B 271 -37.46 -21.70 4.72
N ALA B 272 -36.49 -21.19 3.99
CA ALA B 272 -36.64 -21.00 2.56
C ALA B 272 -36.14 -22.22 1.77
N VAL B 273 -36.73 -23.36 2.07
CA VAL B 273 -36.30 -24.64 1.50
C VAL B 273 -37.52 -25.40 1.00
N GLY B 274 -37.40 -26.03 -0.16
CA GLY B 274 -38.44 -26.89 -0.66
C GLY B 274 -39.62 -26.12 -1.25
N ASN B 275 -40.76 -26.81 -1.31
CA ASN B 275 -41.98 -26.23 -1.82
C ASN B 275 -43.17 -26.77 -1.04
N MET B 276 -44.30 -26.09 -1.18
CA MET B 276 -45.51 -26.36 -0.40
C MET B 276 -46.62 -26.84 -1.32
N PRO B 277 -46.95 -28.12 -1.31
CA PRO B 277 -48.16 -28.57 -2.00
C PRO B 277 -49.40 -28.03 -1.31
N ILE B 278 -50.23 -27.33 -2.07
CA ILE B 278 -51.45 -26.71 -1.56
C ILE B 278 -52.61 -27.12 -2.45
N SER B 279 -53.70 -27.56 -1.85
CA SER B 279 -54.87 -28.02 -2.58
C SER B 279 -56.09 -27.21 -2.15
N ILE B 280 -56.84 -26.71 -3.13
CA ILE B 280 -57.97 -25.82 -2.88
C ILE B 280 -59.22 -26.48 -3.44
N ASP B 281 -60.30 -26.45 -2.67
CA ASP B 281 -61.61 -26.93 -3.09
C ASP B 281 -62.55 -25.73 -3.11
N ILE B 282 -63.16 -25.47 -4.26
CA ILE B 282 -63.98 -24.27 -4.43
C ILE B 282 -65.40 -24.64 -4.79
N PRO B 283 -66.39 -23.91 -4.29
CA PRO B 283 -67.78 -24.20 -4.64
C PRO B 283 -68.04 -23.90 -6.10
N ASP B 284 -69.01 -24.64 -6.67
CA ASP B 284 -69.42 -24.34 -8.04
C ASP B 284 -70.08 -22.99 -8.14
N ALA B 285 -70.61 -22.47 -7.03
CA ALA B 285 -71.24 -21.16 -7.03
C ALA B 285 -70.23 -20.03 -7.24
N ALA B 286 -68.94 -20.32 -7.11
CA ALA B 286 -67.93 -19.29 -7.33
C ALA B 286 -67.67 -19.04 -8.82
N PHE B 287 -67.82 -20.07 -9.64
CA PHE B 287 -67.46 -19.98 -11.04
C PHE B 287 -68.54 -19.25 -11.83
N THR B 288 -68.27 -19.03 -13.12
CA THR B 288 -69.25 -18.45 -14.03
C THR B 288 -69.23 -19.24 -15.34
N ARG B 289 -70.40 -19.34 -15.96
CA ARG B 289 -70.47 -19.98 -17.27
C ARG B 289 -69.66 -19.18 -18.29
N VAL B 290 -69.00 -19.90 -19.20
CA VAL B 290 -68.14 -19.24 -20.18
C VAL B 290 -68.96 -18.35 -21.09
N VAL B 291 -70.19 -18.76 -21.42
CA VAL B 291 -71.05 -17.96 -22.28
C VAL B 291 -71.43 -16.65 -21.58
N ASP B 292 -71.77 -16.72 -20.30
CA ASP B 292 -72.14 -15.51 -19.56
C ASP B 292 -70.94 -14.62 -19.30
N ALA B 293 -69.72 -15.16 -19.35
CA ALA B 293 -68.54 -14.33 -19.17
C ALA B 293 -68.31 -13.47 -20.41
N PRO B 294 -67.78 -12.27 -20.22
CA PRO B 294 -67.48 -11.43 -21.38
C PRO B 294 -66.48 -12.10 -22.30
N SER B 295 -66.65 -11.90 -23.60
CA SER B 295 -65.76 -12.45 -24.60
C SER B 295 -64.99 -11.31 -25.26
N LEU B 296 -63.73 -11.54 -25.56
CA LEU B 296 -62.83 -10.50 -26.04
C LEU B 296 -62.27 -10.89 -27.40
N THR B 297 -62.27 -9.92 -28.31
CA THR B 297 -61.71 -10.12 -29.64
C THR B 297 -60.94 -8.86 -30.02
N ASP B 298 -60.11 -8.99 -31.06
CA ASP B 298 -59.33 -7.88 -31.60
C ASP B 298 -58.46 -7.31 -30.47
N MET B 299 -57.49 -8.13 -30.06
CA MET B 299 -56.58 -7.78 -28.98
C MET B 299 -55.19 -7.54 -29.55
N SER B 300 -54.63 -6.38 -29.22
CA SER B 300 -53.27 -6.01 -29.59
C SER B 300 -52.54 -5.53 -28.34
N CYS B 301 -51.29 -5.93 -28.20
CA CYS B 301 -50.51 -5.64 -27.00
C CYS B 301 -49.19 -4.99 -27.39
N GLU B 302 -48.82 -3.96 -26.64
CA GLU B 302 -47.54 -3.28 -26.84
C GLU B 302 -46.95 -2.94 -25.49
N VAL B 303 -45.62 -2.85 -25.46
CA VAL B 303 -44.87 -2.57 -24.25
C VAL B 303 -44.19 -1.22 -24.40
N PRO B 304 -44.76 -0.17 -23.83
CA PRO B 304 -44.13 1.16 -23.96
C PRO B 304 -42.72 1.21 -23.42
N ALA B 305 -42.45 0.53 -22.31
CA ALA B 305 -41.10 0.49 -21.76
C ALA B 305 -41.02 -0.63 -20.74
N CYS B 306 -39.85 -1.26 -20.66
CA CYS B 306 -39.72 -2.39 -19.76
C CYS B 306 -38.31 -2.43 -19.20
N THR B 307 -38.18 -3.02 -18.01
CA THR B 307 -36.90 -3.14 -17.31
C THR B 307 -36.98 -4.37 -16.43
N HIS B 308 -35.96 -5.22 -16.48
CA HIS B 308 -35.96 -6.42 -15.64
C HIS B 308 -35.30 -6.05 -14.31
N SER B 309 -36.10 -5.46 -13.43
CA SER B 309 -35.60 -4.87 -12.20
C SER B 309 -36.18 -5.51 -10.95
N SER B 310 -36.69 -6.72 -11.03
CA SER B 310 -37.14 -7.53 -9.90
C SER B 310 -38.34 -6.95 -9.16
N ASP B 311 -38.91 -5.85 -9.63
CA ASP B 311 -39.97 -5.18 -8.90
C ASP B 311 -41.07 -4.71 -9.85
N PHE B 312 -41.44 -5.56 -10.80
CA PHE B 312 -42.41 -5.21 -11.83
C PHE B 312 -41.95 -3.97 -12.60
N GLY B 313 -40.79 -4.12 -13.24
CA GLY B 313 -40.19 -3.06 -14.01
C GLY B 313 -40.69 -2.94 -15.42
N GLY B 314 -41.80 -3.60 -15.75
CA GLY B 314 -42.36 -3.52 -17.09
C GLY B 314 -43.84 -3.25 -17.04
N VAL B 315 -44.33 -2.63 -18.11
CA VAL B 315 -45.75 -2.32 -18.27
C VAL B 315 -46.16 -2.69 -19.69
N ALA B 316 -47.34 -3.31 -19.81
CA ALA B 316 -47.89 -3.67 -21.10
C ALA B 316 -49.28 -3.06 -21.23
N ILE B 317 -49.57 -2.54 -22.41
CA ILE B 317 -50.88 -1.96 -22.72
C ILE B 317 -51.54 -2.87 -23.75
N ILE B 318 -52.78 -3.26 -23.49
CA ILE B 318 -53.51 -4.19 -24.34
C ILE B 318 -54.81 -3.52 -24.78
N LYS B 319 -55.00 -3.42 -26.09
CA LYS B 319 -56.28 -2.98 -26.62
C LYS B 319 -57.19 -4.18 -26.82
N TYR B 320 -58.49 -3.95 -26.71
CA TYR B 320 -59.42 -5.07 -26.79
C TYR B 320 -60.79 -4.58 -27.22
N ALA B 321 -61.62 -5.53 -27.67
CA ALA B 321 -63.02 -5.31 -27.94
C ALA B 321 -63.83 -6.34 -27.19
N ALA B 322 -64.77 -5.88 -26.36
CA ALA B 322 -65.49 -6.73 -25.44
C ALA B 322 -66.95 -6.87 -25.84
N SER B 323 -67.51 -8.05 -25.58
CA SER B 323 -68.92 -8.28 -25.87
C SER B 323 -69.81 -7.59 -24.84
N LYS B 324 -69.41 -7.61 -23.57
CA LYS B 324 -70.24 -7.03 -22.52
C LYS B 324 -69.36 -6.71 -21.32
N LYS B 325 -69.90 -5.89 -20.42
CA LYS B 325 -69.15 -5.50 -19.24
C LYS B 325 -69.07 -6.66 -18.23
N GLY B 326 -67.90 -6.82 -17.62
CA GLY B 326 -67.70 -7.85 -16.62
C GLY B 326 -66.24 -8.09 -16.29
N LYS B 327 -65.99 -8.73 -15.15
CA LYS B 327 -64.62 -9.00 -14.72
C LYS B 327 -63.99 -10.11 -15.55
N CYS B 328 -62.67 -10.06 -15.70
CA CYS B 328 -61.96 -10.98 -16.55
C CYS B 328 -60.63 -11.37 -15.90
N ALA B 329 -60.24 -12.62 -16.08
CA ALA B 329 -59.00 -13.11 -15.49
C ALA B 329 -57.81 -12.83 -16.41
N VAL B 330 -56.71 -12.38 -15.82
CA VAL B 330 -55.47 -12.13 -16.55
C VAL B 330 -54.43 -13.10 -16.04
N HIS B 331 -53.83 -13.87 -16.96
CA HIS B 331 -52.86 -14.87 -16.59
C HIS B 331 -51.76 -14.92 -17.64
N SER B 332 -50.52 -14.96 -17.17
CA SER B 332 -49.36 -15.00 -18.06
C SER B 332 -49.00 -16.45 -18.32
N MET B 333 -49.13 -16.89 -19.57
CA MET B 333 -48.76 -18.25 -19.93
C MET B 333 -47.28 -18.34 -20.29
N THR B 334 -46.43 -17.87 -19.38
CA THR B 334 -44.98 -17.95 -19.55
C THR B 334 -44.36 -17.79 -18.17
N ASN B 335 -43.67 -18.83 -17.70
CA ASN B 335 -43.10 -18.77 -16.36
C ASN B 335 -42.06 -17.68 -16.24
N ALA B 336 -41.39 -17.33 -17.34
CA ALA B 336 -40.33 -16.34 -17.27
C ALA B 336 -40.86 -14.94 -16.96
N VAL B 337 -42.17 -14.73 -17.05
CA VAL B 337 -42.76 -13.41 -16.86
C VAL B 337 -43.91 -13.53 -15.87
N THR B 338 -43.89 -12.71 -14.82
CA THR B 338 -44.91 -12.72 -13.79
C THR B 338 -45.71 -11.43 -13.86
N ILE B 339 -47.03 -11.55 -13.82
CA ILE B 339 -47.94 -10.42 -13.96
C ILE B 339 -48.57 -10.11 -12.62
N ARG B 340 -48.49 -8.85 -12.19
CA ARG B 340 -49.03 -8.48 -10.90
C ARG B 340 -50.55 -8.63 -10.86
N GLU B 341 -51.24 -8.12 -11.88
CA GLU B 341 -52.69 -8.12 -11.87
C GLU B 341 -53.22 -9.55 -11.93
N ALA B 342 -54.39 -9.76 -11.33
CA ALA B 342 -55.05 -11.06 -11.36
C ALA B 342 -56.36 -11.01 -12.15
N GLU B 343 -57.27 -10.12 -11.77
CA GLU B 343 -58.50 -9.91 -12.50
C GLU B 343 -58.62 -8.44 -12.86
N ILE B 344 -59.33 -8.15 -13.93
CA ILE B 344 -59.44 -6.80 -14.46
C ILE B 344 -60.87 -6.56 -14.91
N GLU B 345 -61.28 -5.29 -14.90
CA GLU B 345 -62.60 -4.92 -15.37
C GLU B 345 -62.58 -4.64 -16.87
N VAL B 346 -63.54 -5.23 -17.59
CA VAL B 346 -63.56 -5.20 -19.04
C VAL B 346 -64.94 -4.75 -19.51
N GLU B 347 -64.96 -3.75 -20.40
CA GLU B 347 -66.22 -3.21 -20.90
C GLU B 347 -66.00 -2.58 -22.27
N GLY B 348 -66.96 -2.75 -23.16
CA GLY B 348 -66.97 -2.04 -24.43
C GLY B 348 -65.75 -2.30 -25.28
N ASN B 349 -65.30 -1.26 -25.96
CA ASN B 349 -64.10 -1.29 -26.77
C ASN B 349 -63.12 -0.28 -26.19
N SER B 350 -62.09 -0.76 -25.51
CA SER B 350 -61.17 0.11 -24.81
C SER B 350 -59.84 -0.64 -24.65
N GLN B 351 -58.99 -0.15 -23.76
CA GLN B 351 -57.69 -0.76 -23.50
C GLN B 351 -57.47 -0.88 -22.00
N LEU B 352 -56.65 -1.87 -21.63
CA LEU B 352 -56.29 -2.10 -20.23
C LEU B 352 -54.78 -2.22 -20.11
N GLN B 353 -54.27 -1.89 -18.93
CA GLN B 353 -52.85 -1.85 -18.67
C GLN B 353 -52.49 -2.83 -17.57
N ILE B 354 -51.40 -3.57 -17.77
CA ILE B 354 -50.92 -4.54 -16.78
C ILE B 354 -49.43 -4.32 -16.57
N SER B 355 -48.96 -4.68 -15.38
CA SER B 355 -47.55 -4.60 -15.03
C SER B 355 -47.01 -6.00 -14.81
N PHE B 356 -45.81 -6.24 -15.32
CA PHE B 356 -45.20 -7.57 -15.22
C PHE B 356 -43.74 -7.44 -14.84
N SER B 357 -43.21 -8.47 -14.21
CA SER B 357 -41.82 -8.57 -13.85
C SER B 357 -41.19 -9.73 -14.58
N THR B 358 -39.96 -9.54 -15.03
CA THR B 358 -39.28 -10.54 -15.83
C THR B 358 -37.78 -10.44 -15.62
N ALA B 359 -37.08 -11.47 -16.05
CA ALA B 359 -35.62 -11.45 -16.06
C ALA B 359 -35.05 -11.52 -17.47
N LEU B 360 -35.86 -11.84 -18.47
CA LEU B 360 -35.40 -11.85 -19.85
C LEU B 360 -35.04 -10.45 -20.28
N ALA B 361 -33.89 -10.31 -20.95
CA ALA B 361 -33.54 -9.00 -21.51
C ALA B 361 -34.39 -8.68 -22.73
N SER B 362 -34.90 -9.70 -23.41
CA SER B 362 -35.92 -9.55 -24.44
C SER B 362 -37.15 -10.32 -24.00
N ALA B 363 -38.25 -9.61 -23.76
CA ALA B 363 -39.47 -10.22 -23.26
C ALA B 363 -40.31 -10.71 -24.43
N GLU B 364 -40.76 -11.96 -24.33
CA GLU B 364 -41.65 -12.56 -25.33
C GLU B 364 -42.60 -13.50 -24.59
N PHE B 365 -43.89 -13.16 -24.54
CA PHE B 365 -44.81 -13.91 -23.72
C PHE B 365 -46.23 -13.73 -24.23
N ARG B 366 -47.11 -14.62 -23.78
CA ARG B 366 -48.51 -14.63 -24.19
C ARG B 366 -49.39 -14.37 -22.97
N VAL B 367 -49.97 -13.18 -22.90
CA VAL B 367 -50.92 -12.83 -21.85
C VAL B 367 -52.27 -13.36 -22.25
N GLN B 368 -52.96 -14.00 -21.30
CA GLN B 368 -54.25 -14.62 -21.59
C GLN B 368 -55.31 -13.95 -20.74
N VAL B 369 -55.89 -12.86 -21.26
CA VAL B 369 -57.14 -12.37 -20.70
C VAL B 369 -58.19 -13.44 -20.95
N CYS B 370 -59.31 -13.31 -20.25
CA CYS B 370 -60.28 -14.40 -20.16
C CYS B 370 -60.61 -15.00 -21.53
N SER B 371 -60.25 -16.27 -21.70
CA SER B 371 -60.62 -17.10 -22.84
C SER B 371 -59.98 -16.64 -24.15
N THR B 372 -59.05 -15.69 -24.11
CA THR B 372 -58.42 -15.23 -25.33
C THR B 372 -57.02 -14.72 -25.02
N GLN B 373 -56.05 -15.17 -25.79
CA GLN B 373 -54.65 -14.85 -25.52
C GLN B 373 -54.07 -14.00 -26.64
N VAL B 374 -53.05 -13.22 -26.28
CA VAL B 374 -52.39 -12.30 -27.21
C VAL B 374 -50.89 -12.38 -27.01
N HIS B 375 -50.16 -12.38 -28.12
CA HIS B 375 -48.70 -12.38 -28.08
C HIS B 375 -48.19 -11.00 -27.76
N CYS B 376 -47.13 -10.93 -26.97
CA CYS B 376 -46.53 -9.68 -26.54
C CYS B 376 -45.01 -9.80 -26.53
N ALA B 377 -44.32 -8.73 -26.89
CA ALA B 377 -42.86 -8.78 -26.94
C ALA B 377 -42.28 -7.38 -27.02
N ALA B 378 -41.12 -7.20 -26.39
CA ALA B 378 -40.32 -5.97 -26.45
C ALA B 378 -38.99 -6.23 -25.76
N GLU B 379 -38.08 -5.27 -25.88
CA GLU B 379 -36.78 -5.37 -25.24
C GLU B 379 -36.82 -4.83 -23.83
N CYS B 380 -36.04 -5.46 -22.94
CA CYS B 380 -35.97 -5.07 -21.54
C CYS B 380 -34.60 -4.46 -21.29
N HIS B 381 -34.57 -3.28 -20.70
CA HIS B 381 -33.29 -2.71 -20.32
C HIS B 381 -32.86 -3.22 -18.96
N PRO B 382 -31.56 -3.21 -18.67
CA PRO B 382 -31.09 -3.60 -17.35
C PRO B 382 -31.23 -2.44 -16.37
N PRO B 383 -31.48 -2.73 -15.10
CA PRO B 383 -31.62 -1.65 -14.12
C PRO B 383 -30.27 -1.12 -13.69
N LYS B 384 -30.31 0.07 -13.06
CA LYS B 384 -29.09 0.74 -12.63
C LYS B 384 -28.71 0.39 -11.19
N ASP B 385 -29.67 0.05 -10.34
CA ASP B 385 -29.38 -0.27 -8.95
C ASP B 385 -28.79 -1.66 -8.84
N HIS B 386 -27.67 -1.78 -8.12
CA HIS B 386 -27.01 -3.06 -7.98
C HIS B 386 -27.69 -3.95 -6.94
N ILE B 387 -28.11 -3.38 -5.83
CA ILE B 387 -28.58 -4.13 -4.67
C ILE B 387 -29.95 -3.60 -4.28
N VAL B 388 -30.83 -4.50 -3.83
CA VAL B 388 -32.14 -4.13 -3.35
C VAL B 388 -32.45 -4.89 -2.07
N ASN B 389 -33.46 -4.42 -1.35
CA ASN B 389 -33.79 -4.95 -0.03
C ASN B 389 -34.95 -5.95 -0.07
N TYR B 390 -35.35 -6.41 -1.24
CA TYR B 390 -36.45 -7.35 -1.39
C TYR B 390 -36.06 -8.40 -2.41
N PRO B 391 -36.64 -9.59 -2.32
CA PRO B 391 -36.31 -10.64 -3.29
C PRO B 391 -36.93 -10.38 -4.65
N ALA B 392 -36.41 -11.09 -5.64
CA ALA B 392 -36.93 -10.99 -7.00
C ALA B 392 -38.35 -11.51 -7.05
N SER B 393 -39.24 -10.75 -7.71
CA SER B 393 -40.63 -11.17 -7.83
C SER B 393 -40.82 -12.27 -8.87
N HIS B 394 -40.07 -12.20 -9.97
CA HIS B 394 -40.19 -13.18 -11.03
C HIS B 394 -39.48 -14.47 -10.62
N THR B 395 -39.41 -15.42 -11.53
CA THR B 395 -38.62 -16.63 -11.33
C THR B 395 -37.22 -16.40 -11.85
N THR B 396 -36.44 -17.49 -11.85
CA THR B 396 -35.10 -17.44 -12.41
C THR B 396 -35.17 -17.10 -13.89
N LEU B 397 -34.05 -16.66 -14.48
CA LEU B 397 -34.02 -16.24 -15.87
C LEU B 397 -34.60 -17.32 -16.78
N GLY B 398 -34.07 -18.54 -16.65
CA GLY B 398 -34.55 -19.67 -17.42
C GLY B 398 -33.53 -20.77 -17.38
N VAL B 399 -34.00 -22.00 -17.23
CA VAL B 399 -33.13 -23.15 -17.04
C VAL B 399 -32.41 -23.50 -18.34
N GLN B 400 -32.89 -22.97 -19.47
CA GLN B 400 -32.35 -23.38 -20.76
C GLN B 400 -32.63 -22.40 -21.89
N ASP B 401 -31.57 -22.00 -22.59
CA ASP B 401 -31.59 -21.37 -23.92
C ASP B 401 -32.63 -20.28 -24.10
N ILE B 402 -32.70 -19.36 -23.15
CA ILE B 402 -33.62 -18.22 -23.21
C ILE B 402 -32.84 -16.96 -23.53
N SER B 403 -31.75 -17.11 -24.28
CA SER B 403 -31.00 -15.96 -24.75
C SER B 403 -31.90 -15.04 -25.58
N VAL B 404 -31.50 -13.77 -25.64
CA VAL B 404 -32.38 -12.74 -26.16
C VAL B 404 -32.39 -12.76 -27.68
N THR B 405 -33.42 -12.12 -28.24
CA THR B 405 -33.39 -11.75 -29.64
C THR B 405 -32.18 -10.83 -29.86
N ALA B 406 -31.63 -10.90 -31.07
CA ALA B 406 -30.26 -10.56 -31.44
C ALA B 406 -29.36 -11.73 -31.08
N MET B 407 -29.95 -12.89 -30.75
CA MET B 407 -29.30 -14.16 -31.05
C MET B 407 -29.34 -14.47 -32.53
N SER B 408 -29.93 -13.58 -33.32
CA SER B 408 -29.83 -13.67 -34.77
C SER B 408 -28.38 -13.69 -35.21
N TRP B 409 -27.48 -13.11 -34.43
CA TRP B 409 -26.06 -13.27 -34.72
C TRP B 409 -25.64 -14.74 -34.64
N VAL B 410 -26.10 -15.44 -33.60
CA VAL B 410 -25.82 -16.86 -33.48
C VAL B 410 -26.41 -17.61 -34.67
N GLN B 411 -27.66 -17.28 -35.02
CA GLN B 411 -28.30 -17.94 -36.15
C GLN B 411 -27.52 -17.70 -37.44
N LYS B 412 -27.06 -16.47 -37.66
CA LYS B 412 -26.33 -16.15 -38.88
C LYS B 412 -25.02 -16.90 -38.95
N ILE B 413 -24.24 -16.91 -37.87
CA ILE B 413 -22.94 -17.58 -37.94
C ILE B 413 -23.12 -19.09 -38.09
N THR B 414 -24.06 -19.67 -37.34
CA THR B 414 -24.30 -21.10 -37.48
C THR B 414 -24.79 -21.44 -38.88
N GLY B 415 -25.67 -20.61 -39.44
CA GLY B 415 -26.16 -20.87 -40.79
C GLY B 415 -25.07 -20.76 -41.84
N GLY B 416 -24.17 -19.78 -41.70
CA GLY B 416 -23.07 -19.67 -42.64
C GLY B 416 -22.14 -20.87 -42.57
N VAL B 417 -21.78 -21.27 -41.34
CA VAL B 417 -20.92 -22.44 -41.19
C VAL B 417 -21.61 -23.68 -41.73
N GLY B 418 -22.91 -23.82 -41.48
CA GLY B 418 -23.64 -24.95 -42.02
C GLY B 418 -23.70 -24.94 -43.53
N LEU B 419 -23.86 -23.76 -44.14
CA LEU B 419 -23.84 -23.68 -45.59
C LEU B 419 -22.49 -24.10 -46.15
N VAL B 420 -21.41 -23.64 -45.52
CA VAL B 420 -20.08 -24.03 -46.00
C VAL B 420 -19.89 -25.54 -45.87
N VAL B 421 -20.30 -26.11 -44.74
CA VAL B 421 -20.15 -27.54 -44.55
C VAL B 421 -21.01 -28.31 -45.55
N ALA B 422 -22.23 -27.84 -45.79
CA ALA B 422 -23.10 -28.52 -46.75
C ALA B 422 -22.52 -28.45 -48.16
N VAL B 423 -21.97 -27.31 -48.55
CA VAL B 423 -21.36 -27.20 -49.87
C VAL B 423 -20.17 -28.15 -49.99
N ALA B 424 -19.32 -28.19 -48.95
CA ALA B 424 -18.17 -29.09 -48.98
C ALA B 424 -18.61 -30.54 -49.07
N ALA B 425 -19.64 -30.92 -48.30
CA ALA B 425 -20.12 -32.30 -48.34
C ALA B 425 -20.72 -32.63 -49.69
N LEU B 426 -21.45 -31.68 -50.29
CA LEU B 426 -22.00 -31.93 -51.62
C LEU B 426 -20.91 -32.12 -52.65
N ILE B 427 -19.86 -31.30 -52.59
CA ILE B 427 -18.74 -31.46 -53.51
C ILE B 427 -18.09 -32.82 -53.30
N LEU B 428 -17.89 -33.21 -52.05
CA LEU B 428 -17.28 -34.50 -51.77
C LEU B 428 -18.12 -35.63 -52.33
N ILE B 429 -19.44 -35.58 -52.13
CA ILE B 429 -20.26 -36.70 -52.57
C ILE B 429 -20.37 -36.72 -54.09
N VAL B 430 -20.38 -35.55 -54.75
CA VAL B 430 -20.49 -35.57 -56.21
C VAL B 430 -19.20 -36.10 -56.82
N VAL B 431 -18.03 -35.71 -56.27
CA VAL B 431 -16.79 -36.25 -56.83
C VAL B 431 -16.67 -37.73 -56.47
N LEU B 432 -17.20 -38.15 -55.32
CA LEU B 432 -17.18 -39.58 -55.00
C LEU B 432 -18.07 -40.36 -55.95
N CYS B 433 -19.24 -39.83 -56.30
CA CYS B 433 -20.09 -40.49 -57.27
C CYS B 433 -19.42 -40.56 -58.64
N VAL B 434 -18.77 -39.48 -59.05
CA VAL B 434 -18.07 -39.49 -60.33
C VAL B 434 -16.94 -40.51 -60.34
N SER B 435 -16.14 -40.58 -59.26
CA SER B 435 -15.05 -41.53 -59.20
C SER B 435 -15.53 -42.96 -59.05
N PHE B 436 -16.68 -43.18 -58.41
CA PHE B 436 -17.22 -44.53 -58.29
C PHE B 436 -17.84 -45.00 -59.59
N SER B 437 -18.42 -44.09 -60.38
CA SER B 437 -18.88 -44.46 -61.71
C SER B 437 -17.71 -44.88 -62.59
N ARG B 438 -16.60 -44.16 -62.50
CA ARG B 438 -15.41 -44.51 -63.27
C ARG B 438 -14.87 -45.86 -62.80
N HIS B 439 -14.46 -46.68 -63.76
CA HIS B 439 -14.03 -48.04 -63.47
C HIS B 439 -13.01 -48.54 -64.49
N TYR C 1 31.24 45.76 -11.61
CA TYR C 1 31.54 44.55 -12.36
C TYR C 1 30.52 43.46 -12.08
N GLU C 2 29.68 43.16 -13.08
CA GLU C 2 28.62 42.18 -12.91
C GLU C 2 29.20 40.77 -12.97
N HIS C 3 28.97 40.00 -11.93
CA HIS C 3 29.43 38.62 -11.84
C HIS C 3 28.23 37.69 -11.67
N VAL C 4 28.28 36.53 -12.33
CA VAL C 4 27.21 35.56 -12.29
C VAL C 4 27.78 34.21 -11.88
N THR C 5 27.21 33.61 -10.85
CA THR C 5 27.63 32.29 -10.39
C THR C 5 26.41 31.47 -10.00
N VAL C 6 26.61 30.17 -9.89
CA VAL C 6 25.57 29.23 -9.48
C VAL C 6 26.13 28.40 -8.34
N ILE C 7 25.39 28.33 -7.23
CA ILE C 7 25.77 27.47 -6.12
C ILE C 7 24.60 26.55 -5.81
N PRO C 8 24.86 25.34 -5.32
CA PRO C 8 23.76 24.43 -4.98
C PRO C 8 22.86 24.99 -3.89
N ASN C 9 21.57 24.70 -4.01
CA ASN C 9 20.58 25.14 -3.05
C ASN C 9 20.65 24.26 -1.79
N THR C 10 21.70 24.50 -1.01
CA THR C 10 21.93 23.77 0.22
C THR C 10 22.17 24.76 1.35
N VAL C 11 21.44 24.61 2.43
CA VAL C 11 21.43 25.58 3.52
C VAL C 11 22.55 25.26 4.50
N GLY C 12 23.30 26.28 4.87
CA GLY C 12 24.28 26.17 5.93
C GLY C 12 25.66 25.71 5.53
N VAL C 13 25.89 25.40 4.26
CA VAL C 13 27.21 25.00 3.79
C VAL C 13 27.89 26.22 3.17
N PRO C 14 29.04 26.66 3.67
CA PRO C 14 29.69 27.85 3.12
C PRO C 14 30.42 27.53 1.83
N TYR C 15 29.88 28.03 0.73
CA TYR C 15 30.46 27.82 -0.59
C TYR C 15 31.55 28.86 -0.85
N LYS C 16 32.19 28.76 -2.00
CA LYS C 16 33.24 29.70 -2.40
C LYS C 16 33.06 30.06 -3.87
N THR C 17 33.33 31.32 -4.19
CA THR C 17 33.24 31.82 -5.55
C THR C 17 34.49 32.63 -5.85
N LEU C 18 34.91 32.58 -7.12
CA LEU C 18 36.07 33.35 -7.58
C LEU C 18 35.61 34.38 -8.60
N VAL C 19 35.99 35.64 -8.37
CA VAL C 19 35.70 36.71 -9.30
C VAL C 19 37.02 37.27 -9.83
N ASN C 20 37.50 36.74 -10.95
CA ASN C 20 38.82 37.08 -11.48
C ASN C 20 38.67 38.16 -12.54
N ARG C 21 38.44 39.38 -12.09
CA ARG C 21 38.41 40.52 -13.00
C ARG C 21 39.82 40.88 -13.42
N PRO C 22 40.11 40.95 -14.71
CA PRO C 22 41.50 41.19 -15.15
C PRO C 22 41.97 42.57 -14.75
N GLY C 23 43.26 42.67 -14.43
CA GLY C 23 43.84 43.89 -13.92
C GLY C 23 43.61 44.12 -12.45
N TYR C 24 42.89 43.24 -11.77
CA TYR C 24 42.62 43.36 -10.34
C TYR C 24 42.94 42.04 -9.66
N SER C 25 43.31 42.12 -8.40
CA SER C 25 43.59 40.92 -7.63
C SER C 25 42.32 40.07 -7.54
N PRO C 26 42.44 38.75 -7.60
CA PRO C 26 41.25 37.90 -7.62
C PRO C 26 40.42 38.09 -6.35
N MET C 27 39.11 38.02 -6.52
CA MET C 27 38.16 38.19 -5.43
C MET C 27 37.54 36.85 -5.07
N VAL C 28 37.48 36.55 -3.78
CA VAL C 28 36.89 35.31 -3.28
C VAL C 28 35.69 35.66 -2.41
N LEU C 29 34.53 35.13 -2.77
CA LEU C 29 33.29 35.39 -2.06
C LEU C 29 32.83 34.12 -1.37
N GLU C 30 32.64 34.19 -0.06
CA GLU C 30 32.15 33.07 0.73
C GLU C 30 30.67 33.30 1.04
N MET C 31 29.80 32.64 0.29
CA MET C 31 28.37 32.81 0.43
C MET C 31 27.75 31.56 1.06
N GLU C 32 26.79 31.78 1.95
CA GLU C 32 26.18 30.70 2.72
C GLU C 32 24.69 30.95 2.82
N LEU C 33 23.89 30.10 2.18
CA LEU C 33 22.44 30.24 2.23
C LEU C 33 21.93 29.96 3.63
N LEU C 34 21.52 31.00 4.35
CA LEU C 34 20.97 30.80 5.68
C LEU C 34 19.57 30.23 5.65
N SER C 35 18.74 30.64 4.69
CA SER C 35 17.39 30.12 4.58
C SER C 35 16.83 30.46 3.20
N VAL C 36 16.17 29.50 2.59
CA VAL C 36 15.39 29.72 1.38
C VAL C 36 13.96 29.29 1.67
N THR C 37 13.00 30.03 1.14
CA THR C 37 11.59 29.81 1.48
C THR C 37 10.74 29.79 0.22
N LEU C 38 9.85 28.81 0.15
CA LEU C 38 8.87 28.72 -0.94
C LEU C 38 7.49 28.92 -0.33
N GLU C 39 6.69 29.80 -0.94
CA GLU C 39 5.38 30.13 -0.41
C GLU C 39 4.33 30.06 -1.51
N PRO C 40 3.49 29.02 -1.52
CA PRO C 40 2.46 28.93 -2.56
C PRO C 40 1.40 30.00 -2.39
N THR C 41 0.72 30.29 -3.50
CA THR C 41 -0.40 31.21 -3.49
C THR C 41 -1.66 30.42 -3.17
N LEU C 42 -2.19 30.63 -1.97
CA LEU C 42 -3.36 29.91 -1.51
C LEU C 42 -4.63 30.49 -2.11
N SER C 43 -5.67 29.67 -2.16
CA SER C 43 -7.00 30.06 -2.62
C SER C 43 -8.00 29.23 -1.85
N LEU C 44 -8.56 29.79 -0.78
CA LEU C 44 -9.39 29.04 0.15
C LEU C 44 -10.61 28.47 -0.56
N ASP C 45 -10.85 27.17 -0.35
CA ASP C 45 -12.02 26.52 -0.92
C ASP C 45 -13.19 26.51 0.06
N TYR C 46 -13.00 25.92 1.23
CA TYR C 46 -14.01 25.99 2.27
C TYR C 46 -13.37 25.71 3.62
N ILE C 47 -14.12 26.02 4.67
CA ILE C 47 -13.70 25.82 6.05
C ILE C 47 -14.56 24.73 6.65
N THR C 48 -13.93 23.67 7.14
CA THR C 48 -14.62 22.57 7.77
C THR C 48 -14.41 22.62 9.27
N CYS C 49 -15.41 22.15 10.01
CA CYS C 49 -15.41 22.27 11.46
C CYS C 49 -16.52 21.40 12.01
N GLU C 50 -16.44 21.04 13.28
CA GLU C 50 -17.43 20.16 13.86
C GLU C 50 -18.78 20.84 13.93
N TYR C 51 -19.82 20.14 13.51
CA TYR C 51 -21.15 20.72 13.43
C TYR C 51 -21.83 20.67 14.80
N LYS C 52 -23.12 20.97 14.80
CA LYS C 52 -23.96 20.74 15.97
C LYS C 52 -25.39 20.58 15.50
N THR C 53 -26.11 19.66 16.13
CA THR C 53 -27.51 19.46 15.81
C THR C 53 -28.38 20.29 16.74
N VAL C 54 -29.30 21.06 16.16
CA VAL C 54 -30.15 21.97 16.92
C VAL C 54 -31.52 21.31 17.04
N ILE C 55 -31.87 20.90 18.25
CA ILE C 55 -33.12 20.21 18.51
C ILE C 55 -33.97 21.08 19.42
N PRO C 56 -34.97 21.76 18.88
CA PRO C 56 -35.90 22.49 19.74
C PRO C 56 -36.78 21.53 20.51
N SER C 57 -37.47 22.07 21.51
CA SER C 57 -38.31 21.25 22.34
C SER C 57 -39.37 20.55 21.48
N PRO C 58 -39.62 19.26 21.70
CA PRO C 58 -40.65 18.57 20.93
C PRO C 58 -42.01 19.15 21.23
N TYR C 59 -42.85 19.21 20.20
CA TYR C 59 -44.23 19.63 20.37
C TYR C 59 -45.10 18.39 20.41
N VAL C 60 -45.78 18.18 21.54
CA VAL C 60 -46.66 17.04 21.73
C VAL C 60 -48.08 17.57 21.85
N LYS C 61 -48.96 17.09 20.98
CA LYS C 61 -50.33 17.57 20.92
C LYS C 61 -51.21 16.67 21.79
N CYS C 62 -51.94 17.28 22.72
CA CYS C 62 -52.74 16.51 23.66
C CYS C 62 -53.85 15.75 22.96
N CYS C 63 -54.36 16.26 21.84
CA CYS C 63 -55.35 15.55 21.05
C CYS C 63 -55.11 15.85 19.58
N GLY C 64 -55.30 14.85 18.75
CA GLY C 64 -55.19 15.02 17.31
C GLY C 64 -53.76 14.93 16.83
N THR C 65 -53.61 15.07 15.53
CA THR C 65 -52.32 14.88 14.86
C THR C 65 -51.70 16.24 14.52
N ALA C 66 -50.48 16.45 14.97
CA ALA C 66 -49.75 17.65 14.62
C ALA C 66 -49.34 17.61 13.16
N GLU C 67 -49.09 18.79 12.59
CA GLU C 67 -48.79 18.93 11.19
C GLU C 67 -47.31 19.19 10.99
N CYS C 68 -46.69 18.42 10.10
CA CYS C 68 -45.29 18.63 9.79
C CYS C 68 -45.10 19.86 8.92
N LYS C 69 -44.15 20.70 9.29
CA LYS C 69 -43.83 21.91 8.57
C LYS C 69 -42.72 21.64 7.55
N ASP C 70 -42.15 22.71 6.99
CA ASP C 70 -41.01 22.59 6.11
C ASP C 70 -40.15 23.84 6.25
N LYS C 71 -38.84 23.64 6.19
CA LYS C 71 -37.89 24.74 6.30
C LYS C 71 -36.76 24.50 5.30
N SER C 72 -35.89 25.50 5.17
CA SER C 72 -34.75 25.43 4.27
C SER C 72 -33.43 25.28 5.01
N LEU C 73 -33.47 24.83 6.26
CA LEU C 73 -32.28 24.74 7.07
C LEU C 73 -31.34 23.66 6.53
N PRO C 74 -30.03 23.77 6.82
CA PRO C 74 -29.03 23.00 6.05
C PRO C 74 -29.26 21.49 6.04
N ASP C 75 -29.75 20.91 7.12
CA ASP C 75 -30.08 19.49 7.12
C ASP C 75 -31.39 19.27 7.85
N TYR C 76 -32.37 20.12 7.60
CA TYR C 76 -33.62 20.06 8.33
C TYR C 76 -34.31 18.73 8.09
N SER C 77 -34.93 18.20 9.15
CA SER C 77 -35.61 16.92 9.07
C SER C 77 -36.70 16.90 10.13
N CYS C 78 -37.94 16.74 9.70
CA CYS C 78 -39.08 16.72 10.61
C CYS C 78 -39.79 15.39 10.50
N LYS C 79 -40.40 14.97 11.61
CA LYS C 79 -41.13 13.72 11.63
C LYS C 79 -42.22 13.81 12.69
N VAL C 80 -43.33 13.12 12.43
CA VAL C 80 -44.47 13.10 13.34
C VAL C 80 -44.64 11.67 13.82
N PHE C 81 -44.63 11.48 15.13
CA PHE C 81 -44.80 10.17 15.74
C PHE C 81 -46.10 10.15 16.51
N THR C 82 -46.93 9.14 16.24
CA THR C 82 -48.28 9.09 16.78
C THR C 82 -48.41 8.01 17.85
N GLY C 83 -49.43 8.17 18.67
CA GLY C 83 -49.68 7.22 19.75
C GLY C 83 -48.81 7.39 20.97
N VAL C 84 -48.11 8.51 21.11
CA VAL C 84 -47.22 8.72 22.25
C VAL C 84 -48.06 8.94 23.49
N TYR C 85 -47.42 8.83 24.65
CA TYR C 85 -48.09 9.08 25.92
C TYR C 85 -47.07 9.55 26.94
N PRO C 86 -46.54 10.76 26.79
CA PRO C 86 -45.41 11.18 27.62
C PRO C 86 -45.80 11.33 29.07
N PHE C 87 -44.82 11.12 29.95
CA PHE C 87 -44.97 11.30 31.38
C PHE C 87 -44.04 12.40 31.85
N MET C 88 -44.58 13.34 32.62
CA MET C 88 -43.77 14.33 33.29
C MET C 88 -43.53 13.89 34.73
N TRP C 89 -42.88 14.75 35.51
CA TRP C 89 -42.54 14.34 36.87
C TRP C 89 -43.76 14.21 37.75
N GLY C 90 -44.80 15.01 37.49
CA GLY C 90 -45.98 15.00 38.33
C GLY C 90 -47.02 13.98 37.90
N GLY C 91 -47.24 13.89 36.60
CA GLY C 91 -48.23 12.96 36.09
C GLY C 91 -48.15 12.92 34.58
N ALA C 92 -49.14 12.28 33.97
CA ALA C 92 -49.18 12.22 32.53
C ALA C 92 -49.36 13.62 31.95
N TYR C 93 -48.56 13.95 30.94
CA TYR C 93 -48.67 15.26 30.32
C TYR C 93 -49.97 15.39 29.54
N CYS C 94 -50.27 14.38 28.73
CA CYS C 94 -51.43 14.41 27.86
C CYS C 94 -52.66 13.93 28.59
N PHE C 95 -53.81 14.51 28.22
CA PHE C 95 -55.05 14.20 28.93
C PHE C 95 -55.54 12.79 28.61
N CYS C 96 -55.61 12.44 27.33
CA CYS C 96 -56.16 11.16 26.90
C CYS C 96 -55.06 10.14 26.70
N ASP C 97 -55.40 8.87 26.95
CA ASP C 97 -54.41 7.79 26.95
C ASP C 97 -53.85 7.50 25.57
N THR C 98 -54.43 8.05 24.51
CA THR C 98 -53.94 7.80 23.16
C THR C 98 -54.22 9.04 22.32
N GLU C 99 -54.13 8.88 21.00
CA GLU C 99 -54.35 9.92 20.00
C GLU C 99 -53.34 11.06 20.10
N ASN C 100 -52.33 10.95 20.95
CA ASN C 100 -51.36 12.03 21.09
C ASN C 100 -50.21 11.83 20.11
N THR C 101 -49.88 12.89 19.39
CA THR C 101 -48.80 12.85 18.42
C THR C 101 -47.73 13.87 18.81
N GLN C 102 -46.48 13.44 18.75
CA GLN C 102 -45.34 14.28 19.07
C GLN C 102 -44.68 14.76 17.78
N LEU C 103 -44.41 16.04 17.71
CA LEU C 103 -43.77 16.64 16.55
C LEU C 103 -42.29 16.85 16.88
N SER C 104 -41.44 16.00 16.33
CA SER C 104 -40.00 16.08 16.55
C SER C 104 -39.33 16.65 15.32
N GLU C 105 -38.50 17.66 15.51
CA GLU C 105 -37.80 18.31 14.41
C GLU C 105 -36.39 18.66 14.83
N ALA C 106 -35.49 18.68 13.85
CA ALA C 106 -34.09 19.00 14.15
C ALA C 106 -33.38 19.38 12.87
N HIS C 107 -32.28 20.10 13.03
CA HIS C 107 -31.43 20.51 11.93
C HIS C 107 -30.05 20.78 12.49
N VAL C 108 -29.09 20.91 11.59
CA VAL C 108 -27.70 21.12 11.98
C VAL C 108 -27.30 22.56 11.69
N GLU C 109 -26.12 22.93 12.18
CA GLU C 109 -25.59 24.28 12.10
C GLU C 109 -24.15 24.23 12.59
N LYS C 110 -23.36 25.19 12.16
CA LYS C 110 -21.98 25.26 12.63
C LYS C 110 -21.94 25.47 14.13
N SER C 111 -20.95 24.87 14.78
CA SER C 111 -20.81 24.99 16.22
C SER C 111 -20.14 26.32 16.56
N GLU C 112 -20.02 26.61 17.85
CA GLU C 112 -19.37 27.83 18.28
C GLU C 112 -17.85 27.73 18.16
N SER C 113 -17.31 26.52 18.26
CA SER C 113 -15.88 26.32 18.14
C SER C 113 -15.37 26.53 16.73
N CYS C 114 -16.25 26.68 15.76
CA CYS C 114 -15.81 26.82 14.38
C CYS C 114 -14.96 28.07 14.18
N LYS C 115 -15.08 29.04 15.08
CA LYS C 115 -14.24 30.23 14.99
C LYS C 115 -12.78 29.88 15.21
N THR C 116 -12.50 29.00 16.17
CA THR C 116 -11.14 28.65 16.56
C THR C 116 -10.71 27.28 16.04
N GLU C 117 -11.52 26.26 16.26
CA GLU C 117 -11.19 24.90 15.85
C GLU C 117 -11.76 24.65 14.46
N PHE C 118 -10.92 24.71 13.45
CA PHE C 118 -11.36 24.47 12.08
C PHE C 118 -10.15 24.07 11.24
N ALA C 119 -10.43 23.52 10.07
CA ALA C 119 -9.42 23.12 9.12
C ALA C 119 -9.69 23.78 7.79
N SER C 120 -8.64 24.35 7.19
CA SER C 120 -8.77 25.13 5.96
C SER C 120 -8.30 24.30 4.79
N ALA C 121 -9.13 24.18 3.77
CA ALA C 121 -8.79 23.49 2.54
C ALA C 121 -8.42 24.50 1.48
N TYR C 122 -7.20 24.42 0.97
CA TYR C 122 -6.68 25.39 0.03
C TYR C 122 -6.31 24.72 -1.29
N ARG C 123 -5.73 25.51 -2.17
CA ARG C 123 -5.13 25.05 -3.42
C ARG C 123 -3.80 25.77 -3.58
N ALA C 124 -2.76 25.04 -3.93
CA ALA C 124 -1.42 25.61 -4.05
C ALA C 124 -1.12 25.84 -5.52
N HIS C 125 -1.15 27.11 -5.94
CA HIS C 125 -0.94 27.43 -7.34
C HIS C 125 0.53 27.44 -7.71
N THR C 126 1.30 28.35 -7.12
CA THR C 126 2.71 28.44 -7.45
C THR C 126 3.41 29.25 -6.36
N ALA C 127 4.59 28.78 -5.99
CA ALA C 127 5.33 29.31 -4.86
C ALA C 127 6.21 30.46 -5.30
N SER C 128 6.13 31.57 -4.58
CA SER C 128 7.01 32.72 -4.79
C SER C 128 8.21 32.54 -3.89
N ALA C 129 9.31 32.07 -4.48
CA ALA C 129 10.49 31.76 -3.68
C ALA C 129 11.11 33.02 -3.10
N SER C 130 11.58 32.91 -1.87
CA SER C 130 12.33 33.97 -1.20
C SER C 130 13.53 33.35 -0.52
N ALA C 131 14.57 34.14 -0.32
CA ALA C 131 15.80 33.61 0.24
C ALA C 131 16.47 34.64 1.13
N LYS C 132 17.32 34.15 2.04
CA LYS C 132 18.17 34.98 2.87
C LYS C 132 19.56 34.39 2.82
N LEU C 133 20.57 35.24 2.68
CA LEU C 133 21.92 34.77 2.41
C LEU C 133 22.94 35.55 3.23
N ARG C 134 24.03 34.87 3.58
CA ARG C 134 25.16 35.48 4.25
C ARG C 134 26.38 35.40 3.34
N VAL C 135 27.01 36.54 3.11
CA VAL C 135 28.16 36.63 2.22
C VAL C 135 29.28 37.38 2.91
N LEU C 136 30.49 36.84 2.84
CA LEU C 136 31.65 37.48 3.43
C LEU C 136 32.17 38.57 2.50
N TYR C 137 31.33 39.58 2.24
CA TYR C 137 31.73 40.67 1.37
C TYR C 137 32.78 41.54 2.04
N GLN C 138 33.91 41.73 1.34
CA GLN C 138 35.03 42.52 1.85
C GLN C 138 35.56 41.97 3.19
N GLY C 139 35.46 40.66 3.38
CA GLY C 139 35.99 40.06 4.59
C GLY C 139 35.17 40.29 5.84
N ASN C 140 33.93 40.75 5.70
CA ASN C 140 33.06 40.96 6.85
C ASN C 140 31.70 40.32 6.56
N ASN C 141 31.15 39.63 7.56
CA ASN C 141 29.85 38.99 7.37
C ASN C 141 28.77 40.04 7.17
N VAL C 142 28.07 39.94 6.05
CA VAL C 142 26.89 40.76 5.82
C VAL C 142 25.78 39.84 5.32
N THR C 143 24.54 40.23 5.59
CA THR C 143 23.38 39.42 5.27
C THR C 143 22.56 40.10 4.18
N VAL C 144 22.01 39.27 3.29
CA VAL C 144 21.22 39.74 2.17
C VAL C 144 19.90 38.98 2.15
N SER C 145 18.79 39.71 2.14
CA SER C 145 17.47 39.10 2.06
C SER C 145 16.79 39.59 0.80
N ALA C 146 16.35 38.65 -0.03
CA ALA C 146 15.77 39.00 -1.32
C ALA C 146 14.83 37.90 -1.77
N TYR C 147 14.06 38.20 -2.79
CA TYR C 147 13.24 37.18 -3.43
C TYR C 147 14.11 36.36 -4.37
N ALA C 148 13.59 35.20 -4.75
CA ALA C 148 14.34 34.24 -5.57
C ALA C 148 13.61 33.90 -6.87
N ASN C 149 12.91 34.87 -7.45
CA ASN C 149 12.19 34.66 -8.69
C ASN C 149 12.87 35.32 -9.87
N GLY C 150 14.16 35.66 -9.75
CA GLY C 150 14.86 36.37 -10.80
C GLY C 150 14.63 37.87 -10.79
N ASP C 151 13.85 38.39 -9.86
CA ASP C 151 13.59 39.80 -9.71
C ASP C 151 14.07 40.27 -8.34
N HIS C 152 13.72 41.50 -7.99
CA HIS C 152 14.04 42.10 -6.70
C HIS C 152 15.55 42.11 -6.44
N ALA C 153 16.26 42.89 -7.25
CA ALA C 153 17.67 43.12 -6.98
C ALA C 153 17.81 43.95 -5.70
N VAL C 154 18.67 43.49 -4.80
CA VAL C 154 18.84 44.14 -3.50
C VAL C 154 20.27 44.64 -3.40
N THR C 155 20.47 45.75 -2.69
CA THR C 155 21.80 46.33 -2.58
C THR C 155 22.19 46.39 -1.11
N VAL C 156 23.48 46.22 -0.87
CA VAL C 156 24.06 46.46 0.45
C VAL C 156 25.54 46.72 0.27
N LYS C 157 26.05 47.70 1.02
CA LYS C 157 27.44 48.16 0.90
C LYS C 157 27.78 48.51 -0.54
N ASP C 158 26.81 49.08 -1.25
CA ASP C 158 26.86 49.54 -2.64
C ASP C 158 26.91 48.35 -3.61
N ALA C 159 26.93 47.12 -3.13
CA ALA C 159 27.03 45.95 -4.00
C ALA C 159 25.64 45.38 -4.23
N LYS C 160 25.24 45.26 -5.49
CA LYS C 160 23.96 44.67 -5.81
C LYS C 160 24.02 43.15 -5.70
N PHE C 161 22.88 42.54 -5.41
CA PHE C 161 22.73 41.10 -5.42
C PHE C 161 21.36 40.79 -5.98
N ILE C 162 21.29 39.96 -7.01
CA ILE C 162 20.03 39.41 -7.49
C ILE C 162 20.20 37.91 -7.67
N VAL C 163 19.31 37.14 -7.06
CA VAL C 163 19.45 35.69 -6.97
C VAL C 163 18.25 35.03 -7.64
N GLY C 164 18.44 33.77 -8.01
CA GLY C 164 17.39 33.01 -8.64
C GLY C 164 17.32 33.26 -10.12
N PRO C 165 16.31 32.71 -10.79
CA PRO C 165 15.23 31.87 -10.24
C PRO C 165 15.72 30.48 -9.90
N MET C 166 15.04 29.76 -9.01
CA MET C 166 15.46 28.42 -8.67
C MET C 166 15.44 27.51 -9.89
N SER C 167 16.49 26.73 -10.06
CA SER C 167 16.55 25.80 -11.17
C SER C 167 15.53 24.69 -11.06
N SER C 168 14.92 24.49 -9.90
CA SER C 168 13.94 23.44 -9.67
C SER C 168 12.59 24.07 -9.34
N ALA C 169 11.58 23.70 -10.11
CA ALA C 169 10.22 24.15 -9.85
C ALA C 169 9.50 23.25 -8.86
N TRP C 170 10.20 22.27 -8.28
CA TRP C 170 9.56 21.32 -7.39
C TRP C 170 9.13 21.99 -6.09
N THR C 171 7.92 21.68 -5.66
CA THR C 171 7.38 22.17 -4.40
C THR C 171 6.78 21.02 -3.61
N PRO C 172 6.93 21.03 -2.29
CA PRO C 172 6.38 19.94 -1.48
C PRO C 172 4.89 19.78 -1.60
N PHE C 173 4.17 20.88 -1.78
CA PHE C 173 2.72 20.86 -1.77
C PHE C 173 2.16 20.38 -3.11
N ASP C 174 0.94 19.87 -3.08
CA ASP C 174 0.23 19.49 -4.28
C ASP C 174 -0.82 20.54 -4.61
N ASN C 175 -1.61 20.27 -5.65
CA ASN C 175 -2.61 21.23 -6.07
C ASN C 175 -3.68 21.45 -5.01
N LYS C 176 -3.79 20.54 -4.05
CA LYS C 176 -4.75 20.67 -2.95
C LYS C 176 -4.05 20.33 -1.64
N ILE C 177 -4.28 21.17 -0.63
CA ILE C 177 -3.72 20.97 0.70
C ILE C 177 -4.80 21.29 1.72
N VAL C 178 -4.59 20.85 2.96
CA VAL C 178 -5.36 21.35 4.09
C VAL C 178 -4.37 21.71 5.20
N VAL C 179 -4.76 22.68 6.03
CA VAL C 179 -3.98 23.06 7.20
C VAL C 179 -4.91 22.96 8.41
N TYR C 180 -4.41 22.40 9.51
CA TYR C 180 -5.23 22.36 10.73
C TYR C 180 -4.87 23.52 11.64
N LYS C 181 -3.68 23.51 12.21
CA LYS C 181 -3.16 24.70 12.88
C LYS C 181 -1.77 25.04 12.40
N GLY C 182 -0.87 24.07 12.42
CA GLY C 182 0.50 24.25 12.00
C GLY C 182 0.93 23.12 11.10
N ASP C 183 0.07 22.11 11.00
CA ASP C 183 0.31 20.96 10.16
C ASP C 183 -0.42 21.15 8.84
N VAL C 184 0.25 20.83 7.74
CA VAL C 184 -0.34 20.89 6.42
C VAL C 184 -0.31 19.49 5.81
N TYR C 185 -1.43 19.08 5.21
CA TYR C 185 -1.56 17.76 4.62
C TYR C 185 -1.98 17.88 3.17
N ASN C 186 -1.38 17.07 2.31
CA ASN C 186 -1.80 16.96 0.92
C ASN C 186 -2.93 15.95 0.83
N MET C 187 -4.16 16.41 0.66
CA MET C 187 -5.26 15.47 0.50
C MET C 187 -6.29 16.02 -0.47
N ASP C 188 -6.95 15.10 -1.15
CA ASP C 188 -7.93 15.43 -2.18
C ASP C 188 -9.31 15.49 -1.53
N TYR C 189 -9.59 16.63 -0.93
CA TYR C 189 -10.83 16.79 -0.17
C TYR C 189 -12.03 16.76 -1.11
N PRO C 190 -13.21 16.43 -0.59
CA PRO C 190 -14.37 16.28 -1.48
C PRO C 190 -14.77 17.61 -2.08
N PRO C 191 -15.39 17.59 -3.26
CA PRO C 191 -15.87 18.84 -3.85
C PRO C 191 -16.90 19.51 -2.96
N PHE C 192 -16.89 20.83 -2.96
CA PHE C 192 -17.85 21.57 -2.14
C PHE C 192 -19.26 21.18 -2.52
N GLY C 193 -20.12 21.04 -1.52
CA GLY C 193 -21.49 20.65 -1.77
C GLY C 193 -21.70 19.19 -2.00
N ALA C 194 -20.67 18.36 -1.87
CA ALA C 194 -20.79 16.93 -2.05
C ALA C 194 -20.01 16.16 -0.98
N GLY C 195 -20.09 16.62 0.26
CA GLY C 195 -19.40 15.94 1.34
C GLY C 195 -20.06 14.66 1.78
N ARG C 196 -19.29 13.60 1.92
CA ARG C 196 -19.87 12.35 2.36
C ARG C 196 -19.97 12.33 3.89
N PRO C 197 -20.98 11.67 4.45
CA PRO C 197 -21.10 11.61 5.90
C PRO C 197 -19.93 10.87 6.53
N GLY C 198 -19.56 11.29 7.73
CA GLY C 198 -18.54 10.57 8.47
C GLY C 198 -17.13 10.87 8.06
N GLN C 199 -16.88 10.95 6.75
CA GLN C 199 -15.54 11.27 6.29
C GLN C 199 -15.28 12.76 6.42
N PHE C 200 -14.09 13.17 6.02
CA PHE C 200 -13.69 14.56 6.15
C PHE C 200 -14.52 15.45 5.23
N GLY C 201 -15.16 16.46 5.80
CA GLY C 201 -15.94 17.39 5.03
C GLY C 201 -17.42 17.13 4.98
N ASP C 202 -18.00 16.49 6.01
CA ASP C 202 -19.44 16.29 6.02
C ASP C 202 -20.16 17.63 6.10
N ILE C 203 -19.56 18.61 6.75
CA ILE C 203 -20.09 19.96 6.84
C ILE C 203 -19.03 20.92 6.31
N GLN C 204 -19.43 21.77 5.36
CA GLN C 204 -18.52 22.67 4.68
C GLN C 204 -19.07 24.09 4.74
N SER C 205 -18.16 25.06 4.71
CA SER C 205 -18.51 26.46 4.81
C SER C 205 -17.43 27.29 4.13
N ARG C 206 -17.83 28.33 3.42
CA ARG C 206 -16.88 29.09 2.61
C ARG C 206 -15.88 29.85 3.47
N THR C 207 -16.35 30.53 4.50
CA THR C 207 -15.52 31.26 5.44
C THR C 207 -16.01 30.93 6.84
N PRO C 208 -15.17 31.11 7.85
CA PRO C 208 -15.63 30.85 9.23
C PRO C 208 -16.80 31.72 9.65
N GLU C 209 -16.93 32.92 9.08
CA GLU C 209 -18.03 33.81 9.40
C GLU C 209 -19.18 33.73 8.40
N SER C 210 -19.09 32.85 7.40
CA SER C 210 -20.18 32.70 6.44
C SER C 210 -21.40 32.11 7.14
N GLU C 211 -22.57 32.35 6.56
CA GLU C 211 -23.82 31.82 7.09
C GLU C 211 -24.33 30.62 6.31
N ASP C 212 -24.01 30.51 5.03
CA ASP C 212 -24.40 29.34 4.26
C ASP C 212 -23.62 28.12 4.76
N VAL C 213 -24.34 27.05 5.06
CA VAL C 213 -23.74 25.82 5.54
C VAL C 213 -24.30 24.67 4.72
N TYR C 214 -23.42 23.82 4.21
CA TYR C 214 -23.82 22.58 3.57
C TYR C 214 -23.39 21.44 4.47
N ALA C 215 -24.36 20.64 4.92
CA ALA C 215 -24.08 19.55 5.84
C ALA C 215 -24.80 18.30 5.41
N ASN C 216 -24.06 17.20 5.28
CA ASN C 216 -24.58 15.91 4.84
C ASN C 216 -24.19 14.90 5.92
N THR C 217 -25.01 14.79 6.95
CA THR C 217 -24.75 13.87 8.06
C THR C 217 -25.88 12.87 8.27
N GLN C 218 -26.75 12.72 7.28
CA GLN C 218 -27.88 11.77 7.30
C GLN C 218 -28.56 11.71 8.66
N LEU C 219 -28.94 12.88 9.16
CA LEU C 219 -29.69 12.95 10.40
C LEU C 219 -31.06 12.34 10.22
N VAL C 220 -31.37 11.30 11.00
CA VAL C 220 -32.64 10.59 10.94
C VAL C 220 -33.22 10.53 12.34
N LEU C 221 -34.44 11.03 12.51
CA LEU C 221 -35.06 10.99 13.83
C LEU C 221 -35.58 9.59 14.12
N GLN C 222 -35.92 9.34 15.39
CA GLN C 222 -36.41 8.05 15.82
C GLN C 222 -37.52 8.25 16.83
N ARG C 223 -38.33 7.20 17.00
CA ARG C 223 -39.51 7.31 17.82
C ARG C 223 -39.15 7.50 19.29
N PRO C 224 -39.89 8.34 20.02
CA PRO C 224 -39.66 8.45 21.46
C PRO C 224 -39.89 7.13 22.15
N SER C 225 -39.12 6.88 23.20
CA SER C 225 -39.04 5.57 23.82
C SER C 225 -39.97 5.50 25.03
N ALA C 226 -41.19 5.04 24.80
CA ALA C 226 -42.07 4.50 25.84
C ALA C 226 -42.32 5.50 26.97
N GLY C 227 -43.01 6.57 26.62
CA GLY C 227 -43.46 7.51 27.62
C GLY C 227 -42.36 8.40 28.16
N THR C 228 -41.65 9.05 27.26
CA THR C 228 -40.67 10.07 27.60
C THR C 228 -40.77 11.17 26.57
N VAL C 229 -40.20 12.33 26.90
CA VAL C 229 -40.38 13.51 26.07
C VAL C 229 -39.10 13.86 25.32
N HIS C 230 -38.14 12.96 25.26
CA HIS C 230 -36.89 13.24 24.59
C HIS C 230 -37.08 13.20 23.08
N VAL C 231 -36.04 13.63 22.36
CA VAL C 231 -36.02 13.53 20.90
C VAL C 231 -34.80 12.75 20.46
N PRO C 232 -34.93 11.47 20.11
CA PRO C 232 -33.76 10.69 19.68
C PRO C 232 -33.51 10.81 18.19
N TYR C 233 -32.26 10.59 17.81
CA TYR C 233 -31.88 10.68 16.41
C TYR C 233 -30.67 9.81 16.16
N SER C 234 -30.40 9.54 14.88
CA SER C 234 -29.32 8.67 14.46
C SER C 234 -28.50 9.39 13.40
N GLN C 235 -27.45 10.08 13.82
CA GLN C 235 -26.67 10.93 12.95
C GLN C 235 -25.24 10.45 12.89
N ALA C 236 -24.64 10.52 11.71
CA ALA C 236 -23.24 10.15 11.57
C ALA C 236 -22.38 11.11 12.39
N PRO C 237 -21.43 10.61 13.17
CA PRO C 237 -20.59 11.51 13.97
C PRO C 237 -19.81 12.48 13.10
N SER C 238 -19.19 13.44 13.77
CA SER C 238 -18.46 14.48 13.05
C SER C 238 -17.31 13.89 12.26
N GLY C 239 -17.20 14.29 11.00
CA GLY C 239 -16.09 13.85 10.19
C GLY C 239 -14.79 14.50 10.54
N PHE C 240 -14.83 15.67 11.18
CA PHE C 240 -13.62 16.36 11.58
C PHE C 240 -13.12 15.89 12.95
N LYS C 241 -14.01 15.59 13.89
CA LYS C 241 -13.57 14.88 15.08
C LYS C 241 -12.97 13.52 14.76
N TYR C 242 -13.37 12.91 13.64
CA TYR C 242 -12.75 11.66 13.20
C TYR C 242 -11.43 11.89 12.49
N TRP C 243 -11.37 12.89 11.62
CA TRP C 243 -10.12 13.18 10.92
C TRP C 243 -9.03 13.54 11.91
N LEU C 244 -9.38 14.27 12.98
CA LEU C 244 -8.35 14.68 13.93
C LEU C 244 -7.63 13.49 14.55
N LYS C 245 -8.34 12.41 14.84
CA LYS C 245 -7.64 11.21 15.31
C LYS C 245 -6.98 10.46 14.17
N GLU C 246 -7.55 10.52 12.97
CA GLU C 246 -7.02 9.76 11.85
C GLU C 246 -6.07 10.55 10.96
N ARG C 247 -5.50 11.65 11.46
CA ARG C 247 -4.73 12.54 10.60
C ARG C 247 -3.53 11.83 9.98
N GLY C 248 -2.72 11.18 10.82
CA GLY C 248 -1.43 10.71 10.37
C GLY C 248 -0.41 11.82 10.35
N ALA C 249 0.78 11.48 9.89
CA ALA C 249 1.86 12.46 9.87
C ALA C 249 1.58 13.52 8.83
N SER C 250 1.97 14.76 9.13
CA SER C 250 1.83 15.88 8.23
C SER C 250 3.09 16.07 7.42
N LEU C 251 3.04 17.00 6.47
CA LEU C 251 4.18 17.21 5.60
C LEU C 251 5.42 17.64 6.37
N GLN C 252 5.26 18.18 7.57
CA GLN C 252 6.43 18.60 8.34
C GLN C 252 7.37 17.43 8.55
N HIS C 253 6.85 16.21 8.61
CA HIS C 253 7.65 15.03 8.90
C HIS C 253 7.83 14.09 7.70
N THR C 254 6.98 14.18 6.69
CA THR C 254 7.02 13.25 5.57
C THR C 254 7.55 13.87 4.28
N ALA C 255 7.73 15.18 4.21
CA ALA C 255 8.17 15.81 2.98
C ALA C 255 9.60 15.39 2.63
N PRO C 256 9.94 15.35 1.35
CA PRO C 256 11.28 14.95 0.95
C PRO C 256 12.30 16.09 0.97
N PHE C 257 13.53 15.76 0.60
CA PHE C 257 14.61 16.73 0.45
C PHE C 257 14.89 17.50 1.73
N GLY C 258 14.56 16.91 2.88
CA GLY C 258 14.80 17.60 4.14
C GLY C 258 14.01 18.89 4.27
N CYS C 259 12.75 18.85 3.88
CA CYS C 259 11.91 20.04 3.78
C CYS C 259 11.25 20.34 5.11
N GLN C 260 11.38 21.58 5.58
CA GLN C 260 10.65 22.06 6.72
C GLN C 260 9.32 22.66 6.28
N ILE C 261 8.37 22.75 7.19
CA ILE C 261 7.06 23.32 6.88
C ILE C 261 6.67 24.26 8.02
N ALA C 262 6.12 25.41 7.66
CA ALA C 262 5.66 26.38 8.63
C ALA C 262 4.23 26.75 8.30
N THR C 263 3.70 27.76 8.98
CA THR C 263 2.34 28.21 8.76
C THR C 263 2.26 29.69 9.12
N ASN C 264 1.26 30.37 8.57
CA ASN C 264 1.08 31.81 8.71
C ASN C 264 2.27 32.56 8.14
N PRO C 265 2.47 32.56 6.82
CA PRO C 265 1.73 31.84 5.78
C PRO C 265 2.27 30.43 5.63
N VAL C 266 1.75 29.57 4.76
CA VAL C 266 2.35 28.25 4.59
C VAL C 266 3.61 28.40 3.74
N ARG C 267 4.70 27.79 4.20
CA ARG C 267 5.99 27.89 3.53
C ARG C 267 6.63 26.52 3.45
N ALA C 268 7.76 26.46 2.77
CA ALA C 268 8.62 25.29 2.75
C ALA C 268 10.07 25.79 2.77
N MET C 269 10.73 25.61 3.91
CA MET C 269 12.02 26.22 4.14
C MET C 269 13.14 25.20 3.99
N ASN C 270 14.27 25.67 3.46
CA ASN C 270 15.49 24.89 3.37
C ASN C 270 15.31 23.59 2.59
N CYS C 271 14.49 23.60 1.54
CA CYS C 271 14.47 22.48 0.62
C CYS C 271 15.83 22.34 -0.05
N ALA C 272 16.22 21.11 -0.36
CA ALA C 272 17.56 20.82 -0.85
C ALA C 272 17.59 20.52 -2.34
N VAL C 273 16.52 20.80 -3.08
CA VAL C 273 16.45 20.48 -4.49
C VAL C 273 17.05 21.63 -5.31
N GLY C 274 17.78 21.29 -6.36
CA GLY C 274 18.24 22.27 -7.31
C GLY C 274 19.44 23.08 -6.82
N ASN C 275 19.78 24.08 -7.64
CA ASN C 275 20.88 24.98 -7.35
C ASN C 275 20.44 26.43 -7.54
N MET C 276 21.17 27.34 -6.92
CA MET C 276 20.77 28.74 -6.81
C MET C 276 21.62 29.61 -7.72
N PRO C 277 21.07 30.13 -8.83
CA PRO C 277 21.83 31.08 -9.65
C PRO C 277 21.92 32.44 -9.00
N ILE C 278 23.10 32.80 -8.51
CA ILE C 278 23.31 34.02 -7.75
C ILE C 278 24.21 34.94 -8.55
N SER C 279 23.68 36.11 -8.91
CA SER C 279 24.40 37.08 -9.72
C SER C 279 24.68 38.33 -8.91
N ILE C 280 25.95 38.70 -8.83
CA ILE C 280 26.39 39.83 -8.03
C ILE C 280 26.74 40.97 -8.97
N ASP C 281 26.78 42.19 -8.42
CA ASP C 281 27.21 43.37 -9.14
C ASP C 281 28.25 44.07 -8.26
N ILE C 282 29.49 43.62 -8.37
CA ILE C 282 30.56 44.06 -7.46
C ILE C 282 31.16 45.34 -8.02
N PRO C 283 31.09 46.46 -7.29
CA PRO C 283 31.58 47.73 -7.83
C PRO C 283 33.10 47.73 -7.98
N ASP C 284 33.57 48.68 -8.78
CA ASP C 284 35.00 48.79 -9.05
C ASP C 284 35.79 49.11 -7.78
N ALA C 285 35.18 49.87 -6.87
CA ALA C 285 35.85 50.20 -5.62
C ALA C 285 36.08 48.98 -4.75
N ALA C 286 35.29 47.92 -4.93
CA ALA C 286 35.48 46.72 -4.12
C ALA C 286 36.81 46.06 -4.41
N PHE C 287 37.18 45.94 -5.68
CA PHE C 287 38.43 45.31 -6.05
C PHE C 287 39.61 46.17 -5.62
N THR C 288 40.75 45.53 -5.45
CA THR C 288 42.03 46.23 -5.26
C THR C 288 42.89 45.96 -6.49
N ARG C 289 43.63 46.97 -6.93
CA ARG C 289 44.43 46.83 -8.13
C ARG C 289 45.51 45.78 -7.92
N VAL C 290 45.90 45.11 -9.01
CA VAL C 290 46.78 43.96 -8.91
C VAL C 290 48.16 44.38 -8.40
N VAL C 291 48.63 45.57 -8.80
CA VAL C 291 49.93 46.02 -8.32
C VAL C 291 49.88 46.28 -6.81
N ASP C 292 48.71 46.66 -6.29
CA ASP C 292 48.60 46.89 -4.85
C ASP C 292 48.77 45.60 -4.07
N ALA C 293 48.20 44.51 -4.55
CA ALA C 293 48.33 43.24 -3.86
C ALA C 293 49.77 42.74 -3.93
N PRO C 294 50.23 42.01 -2.92
CA PRO C 294 51.61 41.52 -2.94
C PRO C 294 51.85 40.43 -3.97
N SER C 295 53.12 40.05 -4.13
CA SER C 295 53.51 38.95 -5.00
C SER C 295 54.31 37.94 -4.18
N LEU C 296 54.02 36.66 -4.40
CA LEU C 296 54.61 35.59 -3.62
C LEU C 296 55.53 34.75 -4.48
N THR C 297 56.71 34.45 -3.94
CA THR C 297 57.70 33.65 -4.65
C THR C 297 58.24 32.57 -3.72
N ASP C 298 58.89 31.57 -4.34
CA ASP C 298 59.53 30.47 -3.61
C ASP C 298 58.56 29.71 -2.72
N MET C 299 57.33 29.51 -3.19
CA MET C 299 56.31 28.85 -2.38
C MET C 299 56.51 27.34 -2.42
N SER C 300 56.74 26.74 -1.25
CA SER C 300 56.92 25.30 -1.12
C SER C 300 55.91 24.79 -0.12
N CYS C 301 55.20 23.73 -0.47
CA CYS C 301 54.13 23.20 0.36
C CYS C 301 54.57 21.95 1.10
N GLU C 302 53.74 21.55 2.06
CA GLU C 302 53.95 20.33 2.85
C GLU C 302 52.65 20.02 3.56
N VAL C 303 52.35 18.73 3.68
CA VAL C 303 51.15 18.29 4.39
C VAL C 303 51.56 17.39 5.55
N PRO C 304 51.62 17.91 6.77
CA PRO C 304 52.05 17.07 7.90
C PRO C 304 51.17 15.85 8.10
N ALA C 305 49.86 15.99 7.94
CA ALA C 305 48.94 14.89 8.14
C ALA C 305 47.63 15.21 7.45
N CYS C 306 46.98 14.18 6.91
CA CYS C 306 45.74 14.36 6.19
C CYS C 306 44.81 13.20 6.45
N THR C 307 43.51 13.48 6.43
CA THR C 307 42.48 12.47 6.60
C THR C 307 41.26 12.92 5.82
N HIS C 308 40.81 12.08 4.89
CA HIS C 308 39.75 12.52 3.99
C HIS C 308 38.38 12.35 4.63
N SER C 309 38.22 12.88 5.83
CA SER C 309 36.94 12.94 6.50
C SER C 309 36.28 14.27 6.18
N SER C 310 34.96 14.32 6.38
CA SER C 310 34.29 15.60 6.30
C SER C 310 34.74 16.48 7.46
N ASP C 311 34.42 17.77 7.36
CA ASP C 311 34.86 18.76 8.35
C ASP C 311 36.40 18.83 8.35
N PHE C 312 36.95 19.28 7.23
CA PHE C 312 38.31 19.81 7.12
C PHE C 312 39.33 18.95 7.86
N GLY C 313 39.47 17.72 7.37
CA GLY C 313 40.38 16.76 7.96
C GLY C 313 41.82 16.89 7.54
N GLY C 314 42.14 17.83 6.66
CA GLY C 314 43.52 17.99 6.22
C GLY C 314 44.16 19.26 6.74
N VAL C 315 45.47 19.36 6.59
CA VAL C 315 46.22 20.53 7.04
C VAL C 315 47.52 20.61 6.27
N ALA C 316 47.83 21.80 5.76
CA ALA C 316 48.99 21.99 4.90
C ALA C 316 49.83 23.15 5.40
N ILE C 317 51.13 23.08 5.15
CA ILE C 317 52.08 24.11 5.54
C ILE C 317 52.77 24.63 4.28
N ILE C 318 52.69 25.93 4.06
CA ILE C 318 53.23 26.55 2.85
C ILE C 318 54.22 27.63 3.24
N LYS C 319 55.43 27.56 2.69
CA LYS C 319 56.40 28.64 2.85
C LYS C 319 56.14 29.73 1.82
N TYR C 320 56.73 30.91 2.05
CA TYR C 320 56.38 32.05 1.23
C TYR C 320 57.51 33.06 1.15
N ALA C 321 57.39 33.96 0.18
CA ALA C 321 58.19 35.18 0.08
C ALA C 321 57.28 36.23 -0.55
N ALA C 322 56.68 37.08 0.29
CA ALA C 322 55.50 37.84 -0.08
C ALA C 322 55.79 39.28 -0.49
N SER C 323 57.05 39.72 -0.46
CA SER C 323 57.42 41.10 -0.79
C SER C 323 56.67 42.03 0.15
N LYS C 324 55.70 42.81 -0.33
CA LYS C 324 54.97 43.72 0.55
C LYS C 324 53.95 42.96 1.38
N LYS C 325 53.62 43.53 2.54
CA LYS C 325 52.58 42.97 3.39
C LYS C 325 51.20 43.33 2.85
N GLY C 326 50.28 42.39 2.92
CA GLY C 326 48.93 42.64 2.46
C GLY C 326 48.04 41.43 2.63
N LYS C 327 46.85 41.53 2.04
CA LYS C 327 45.84 40.47 2.09
C LYS C 327 46.01 39.58 0.88
N CYS C 328 46.39 38.33 1.11
CA CYS C 328 46.62 37.36 0.03
C CYS C 328 45.44 36.40 -0.01
N ALA C 329 44.50 36.68 -0.91
CA ALA C 329 43.34 35.82 -1.06
C ALA C 329 43.77 34.42 -1.49
N VAL C 330 43.34 33.42 -0.73
CA VAL C 330 43.74 32.03 -0.95
C VAL C 330 42.56 31.28 -1.55
N HIS C 331 42.86 30.38 -2.47
CA HIS C 331 41.84 29.68 -3.23
C HIS C 331 42.38 28.32 -3.63
N SER C 332 41.48 27.42 -3.99
CA SER C 332 41.84 26.07 -4.41
C SER C 332 41.41 25.88 -5.86
N MET C 333 42.37 25.61 -6.73
CA MET C 333 42.09 25.40 -8.15
C MET C 333 41.33 24.11 -8.42
N THR C 334 41.32 23.17 -7.48
CA THR C 334 40.68 21.88 -7.70
C THR C 334 39.32 21.84 -7.02
N ASN C 335 38.33 21.32 -7.75
CA ASN C 335 37.00 21.19 -7.18
C ASN C 335 36.97 20.17 -6.05
N ALA C 336 37.74 19.10 -6.17
CA ALA C 336 37.68 18.01 -5.20
C ALA C 336 38.17 18.42 -3.81
N VAL C 337 38.99 19.46 -3.72
CA VAL C 337 39.54 19.90 -2.44
C VAL C 337 39.03 21.30 -2.14
N THR C 338 38.44 21.47 -0.96
CA THR C 338 37.87 22.75 -0.55
C THR C 338 38.65 23.26 0.66
N ILE C 339 39.52 24.24 0.43
CA ILE C 339 40.27 24.83 1.52
C ILE C 339 39.33 25.69 2.38
N ARG C 340 39.60 25.73 3.68
CA ARG C 340 38.70 26.44 4.59
C ARG C 340 38.82 27.95 4.44
N GLU C 341 40.04 28.47 4.38
CA GLU C 341 40.26 29.90 4.49
C GLU C 341 39.79 30.64 3.25
N ALA C 342 39.61 31.96 3.40
CA ALA C 342 39.32 32.84 2.28
C ALA C 342 40.36 33.91 2.05
N GLU C 343 41.18 34.24 3.05
CA GLU C 343 42.29 35.17 2.92
C GLU C 343 43.13 35.16 4.19
N ILE C 344 44.45 35.27 4.06
CA ILE C 344 45.35 35.29 5.21
C ILE C 344 46.35 36.43 5.04
N GLU C 345 47.12 36.67 6.10
CA GLU C 345 48.10 37.74 6.15
C GLU C 345 49.49 37.16 5.95
N VAL C 346 50.25 37.70 5.00
CA VAL C 346 51.57 37.19 4.65
C VAL C 346 52.55 38.35 4.60
N GLU C 347 53.69 38.20 5.27
CA GLU C 347 54.86 39.05 5.09
C GLU C 347 56.04 38.41 5.80
N GLY C 348 57.21 38.49 5.18
CA GLY C 348 58.41 37.95 5.78
C GLY C 348 58.97 36.75 5.05
N ASN C 349 59.76 35.94 5.74
CA ASN C 349 60.41 34.75 5.19
C ASN C 349 60.04 33.53 6.01
N SER C 350 58.75 33.36 6.25
CA SER C 350 58.25 32.26 7.08
C SER C 350 57.21 31.45 6.32
N GLN C 351 56.48 30.60 7.03
CA GLN C 351 55.45 29.76 6.45
C GLN C 351 54.10 30.02 7.12
N LEU C 352 53.03 29.56 6.48
CA LEU C 352 51.68 29.67 7.01
C LEU C 352 51.10 28.27 7.21
N GLN C 353 49.79 28.21 7.51
CA GLN C 353 49.11 26.94 7.71
C GLN C 353 47.65 27.10 7.30
N ILE C 354 47.12 26.06 6.66
CA ILE C 354 45.74 26.05 6.19
C ILE C 354 45.04 24.75 6.59
N SER C 355 43.76 24.66 6.31
CA SER C 355 42.98 23.46 6.53
C SER C 355 42.04 23.25 5.36
N PHE C 356 41.91 22.00 4.93
CA PHE C 356 41.10 21.66 3.76
C PHE C 356 40.37 20.35 4.01
N SER C 357 39.31 20.13 3.25
CA SER C 357 38.49 18.94 3.35
C SER C 357 38.36 18.29 1.98
N THR C 358 38.71 17.01 1.89
CA THR C 358 38.71 16.31 0.62
C THR C 358 38.12 14.92 0.79
N ALA C 359 37.63 14.37 -0.31
CA ALA C 359 37.17 12.99 -0.36
C ALA C 359 38.11 12.10 -1.16
N LEU C 360 39.29 12.59 -1.50
CA LEU C 360 40.25 11.83 -2.29
C LEU C 360 41.19 11.05 -1.38
N ALA C 361 41.58 9.86 -1.84
CA ALA C 361 42.52 9.06 -1.06
C ALA C 361 43.94 9.60 -1.19
N SER C 362 44.25 10.25 -2.30
CA SER C 362 45.55 10.86 -2.53
C SER C 362 45.35 12.34 -2.84
N ALA C 363 45.94 13.21 -2.03
CA ALA C 363 45.78 14.64 -2.23
C ALA C 363 46.58 15.10 -3.44
N GLU C 364 45.92 15.82 -4.33
CA GLU C 364 46.56 16.37 -5.52
C GLU C 364 45.75 17.58 -5.94
N PHE C 365 46.24 18.77 -5.63
CA PHE C 365 45.47 19.98 -5.87
C PHE C 365 46.41 21.17 -5.88
N ARG C 366 45.94 22.25 -6.50
CA ARG C 366 46.71 23.49 -6.64
C ARG C 366 46.04 24.60 -5.85
N VAL C 367 46.82 25.28 -5.02
CA VAL C 367 46.31 26.33 -4.15
C VAL C 367 46.66 27.67 -4.79
N GLN C 368 45.61 28.40 -5.18
CA GLN C 368 45.75 29.75 -5.73
C GLN C 368 45.99 30.70 -4.57
N VAL C 369 47.22 31.17 -4.42
CA VAL C 369 47.60 32.03 -3.31
C VAL C 369 48.05 33.37 -3.91
N CYS C 370 47.12 34.30 -4.07
CA CYS C 370 47.42 35.64 -4.55
C CYS C 370 48.16 35.60 -5.88
N SER C 371 47.50 35.01 -6.88
CA SER C 371 47.90 34.92 -8.29
C SER C 371 49.05 33.94 -8.52
N THR C 372 49.65 33.37 -7.47
CA THR C 372 50.75 32.42 -7.62
C THR C 372 50.28 31.06 -7.15
N GLN C 373 50.20 30.11 -8.07
CA GLN C 373 49.74 28.77 -7.72
C GLN C 373 50.86 27.98 -7.06
N VAL C 374 50.47 26.84 -6.48
CA VAL C 374 51.41 25.93 -5.83
C VAL C 374 50.80 24.54 -5.84
N HIS C 375 51.66 23.52 -5.88
CA HIS C 375 51.23 22.14 -5.98
C HIS C 375 51.40 21.45 -4.63
N CYS C 376 50.33 20.82 -4.16
CA CYS C 376 50.32 20.10 -2.89
C CYS C 376 49.93 18.65 -3.14
N ALA C 377 50.63 17.73 -2.49
CA ALA C 377 50.36 16.31 -2.65
C ALA C 377 50.61 15.59 -1.34
N ALA C 378 49.69 14.71 -0.97
CA ALA C 378 49.81 13.92 0.24
C ALA C 378 48.87 12.73 0.13
N GLU C 379 49.06 11.77 1.03
CA GLU C 379 48.21 10.59 1.10
C GLU C 379 47.20 10.77 2.23
N CYS C 380 45.92 10.79 1.87
CA CYS C 380 44.85 10.94 2.84
C CYS C 380 44.47 9.57 3.39
N HIS C 381 44.00 9.55 4.62
CA HIS C 381 43.64 8.32 5.29
C HIS C 381 42.16 8.30 5.63
N PRO C 382 41.56 7.13 5.76
CA PRO C 382 40.13 7.05 6.07
C PRO C 382 39.85 7.58 7.47
N PRO C 383 38.63 8.04 7.72
CA PRO C 383 38.28 8.51 9.06
C PRO C 383 38.07 7.33 10.00
N LYS C 384 37.88 7.65 11.27
CA LYS C 384 37.61 6.63 12.27
C LYS C 384 36.13 6.50 12.61
N ASP C 385 35.35 7.55 12.44
CA ASP C 385 33.95 7.55 12.82
C ASP C 385 33.08 7.20 11.61
N HIS C 386 32.17 6.25 11.81
CA HIS C 386 31.33 5.81 10.71
C HIS C 386 30.39 6.92 10.23
N ILE C 387 29.74 7.63 11.15
CA ILE C 387 28.72 8.61 10.82
C ILE C 387 28.91 9.88 11.64
N VAL C 388 28.37 10.99 11.11
CA VAL C 388 28.46 12.30 11.75
C VAL C 388 27.13 13.03 11.59
N ASN C 389 27.06 14.22 12.19
CA ASN C 389 25.82 14.98 12.29
C ASN C 389 25.73 16.15 11.34
N TYR C 390 26.68 16.33 10.43
CA TYR C 390 26.66 17.44 9.50
C TYR C 390 26.93 16.92 8.10
N PRO C 391 26.45 17.63 7.08
CA PRO C 391 26.78 17.24 5.71
C PRO C 391 28.25 17.49 5.41
N ALA C 392 28.75 16.74 4.43
CA ALA C 392 30.16 16.78 4.09
C ALA C 392 30.58 18.18 3.65
N SER C 393 31.71 18.65 4.17
CA SER C 393 32.20 19.97 3.80
C SER C 393 32.77 19.97 2.39
N HIS C 394 33.39 18.86 1.98
CA HIS C 394 33.96 18.79 0.65
C HIS C 394 32.86 18.72 -0.40
N THR C 395 33.28 18.76 -1.66
CA THR C 395 32.35 18.93 -2.77
C THR C 395 31.37 17.78 -2.92
N THR C 396 31.87 16.60 -3.27
CA THR C 396 31.01 15.46 -3.61
C THR C 396 31.89 14.23 -3.70
N LEU C 397 31.27 13.12 -4.07
CA LEU C 397 32.02 11.90 -4.31
C LEU C 397 32.97 12.11 -5.49
N GLY C 398 34.21 11.67 -5.32
CA GLY C 398 35.16 11.74 -6.41
C GLY C 398 34.64 10.99 -7.61
N VAL C 399 34.68 11.63 -8.78
CA VAL C 399 34.21 10.96 -9.99
C VAL C 399 35.16 9.80 -10.31
N GLN C 400 34.68 8.90 -11.18
CA GLN C 400 35.44 7.71 -11.51
C GLN C 400 36.79 8.03 -12.13
N ASP C 401 36.95 9.24 -12.66
CA ASP C 401 38.24 9.63 -13.21
C ASP C 401 39.32 9.66 -12.14
N ILE C 402 39.00 10.17 -10.97
CA ILE C 402 40.00 10.47 -9.94
C ILE C 402 40.04 9.30 -8.96
N SER C 403 40.95 8.37 -9.24
CA SER C 403 41.31 7.33 -8.30
C SER C 403 42.49 7.81 -7.44
N VAL C 404 43.17 6.90 -6.78
CA VAL C 404 44.27 7.23 -5.88
C VAL C 404 45.58 6.81 -6.54
N THR C 405 46.60 7.66 -6.45
CA THR C 405 47.93 7.22 -6.87
C THR C 405 48.31 5.95 -6.11
N ALA C 406 49.03 5.07 -6.81
CA ALA C 406 49.08 3.63 -6.63
C ALA C 406 47.88 3.02 -7.37
N MET C 407 47.15 3.82 -8.15
CA MET C 407 46.44 3.30 -9.30
C MET C 407 47.39 2.94 -10.43
N SER C 408 48.68 3.26 -10.27
CA SER C 408 49.69 2.88 -11.24
C SER C 408 49.64 1.39 -11.56
N TRP C 409 49.01 0.58 -10.71
CA TRP C 409 48.75 -0.81 -11.06
C TRP C 409 47.87 -0.90 -12.30
N VAL C 410 46.86 -0.04 -12.40
CA VAL C 410 46.00 -0.03 -13.57
C VAL C 410 46.80 0.27 -14.82
N GLN C 411 47.65 1.30 -14.75
CA GLN C 411 48.48 1.64 -15.90
C GLN C 411 49.45 0.52 -16.24
N LYS C 412 50.02 -0.12 -15.22
CA LYS C 412 50.95 -1.23 -15.47
C LYS C 412 50.28 -2.36 -16.22
N ILE C 413 49.12 -2.81 -15.72
CA ILE C 413 48.47 -3.96 -16.36
C ILE C 413 47.93 -3.59 -17.74
N THR C 414 47.37 -2.38 -17.88
CA THR C 414 46.84 -2.00 -19.19
C THR C 414 47.98 -1.79 -20.19
N GLY C 415 49.13 -1.31 -19.73
CA GLY C 415 50.27 -1.20 -20.62
C GLY C 415 50.82 -2.55 -21.02
N GLY C 416 50.84 -3.51 -20.08
CA GLY C 416 51.28 -4.85 -20.43
C GLY C 416 50.38 -5.50 -21.46
N VAL C 417 49.06 -5.39 -21.26
CA VAL C 417 48.12 -5.97 -22.22
C VAL C 417 48.22 -5.26 -23.57
N GLY C 418 48.33 -3.93 -23.56
CA GLY C 418 48.49 -3.21 -24.81
C GLY C 418 49.77 -3.57 -25.53
N LEU C 419 50.85 -3.81 -24.77
CA LEU C 419 52.10 -4.23 -25.37
C LEU C 419 51.97 -5.59 -26.02
N VAL C 420 51.33 -6.53 -25.33
CA VAL C 420 51.14 -7.87 -25.89
C VAL C 420 50.31 -7.78 -27.17
N VAL C 421 49.23 -6.99 -27.13
CA VAL C 421 48.40 -6.82 -28.31
C VAL C 421 49.18 -6.15 -29.43
N ALA C 422 50.07 -5.22 -29.10
CA ALA C 422 50.86 -4.55 -30.11
C ALA C 422 51.82 -5.49 -30.81
N VAL C 423 52.51 -6.35 -30.04
CA VAL C 423 53.43 -7.29 -30.67
C VAL C 423 52.65 -8.32 -31.50
N ALA C 424 51.47 -8.72 -31.01
CA ALA C 424 50.64 -9.63 -31.78
C ALA C 424 50.23 -9.00 -33.10
N ALA C 425 49.81 -7.73 -33.06
CA ALA C 425 49.39 -7.04 -34.27
C ALA C 425 50.56 -6.85 -35.24
N LEU C 426 51.74 -6.51 -34.72
CA LEU C 426 52.89 -6.33 -35.59
C LEU C 426 53.28 -7.64 -36.27
N ILE C 427 53.29 -8.73 -35.51
CA ILE C 427 53.61 -10.03 -36.10
C ILE C 427 52.58 -10.40 -37.15
N LEU C 428 51.29 -10.21 -36.84
CA LEU C 428 50.26 -10.55 -37.81
C LEU C 428 50.38 -9.71 -39.08
N ILE C 429 50.66 -8.42 -38.94
CA ILE C 429 50.71 -7.56 -40.12
C ILE C 429 51.96 -7.85 -40.95
N VAL C 430 53.09 -8.18 -40.31
CA VAL C 430 54.29 -8.51 -41.09
C VAL C 430 54.08 -9.83 -41.82
N VAL C 431 53.41 -10.79 -41.18
CA VAL C 431 53.09 -12.03 -41.87
C VAL C 431 52.13 -11.78 -43.02
N LEU C 432 51.15 -10.90 -42.83
CA LEU C 432 50.20 -10.60 -43.89
C LEU C 432 50.88 -9.91 -45.06
N CYS C 433 51.83 -9.03 -44.79
CA CYS C 433 52.56 -8.37 -45.87
C CYS C 433 53.45 -9.35 -46.62
N VAL C 434 54.17 -10.21 -45.89
CA VAL C 434 55.06 -11.14 -46.58
C VAL C 434 54.26 -12.17 -47.36
N SER C 435 53.08 -12.55 -46.85
CA SER C 435 52.23 -13.45 -47.61
C SER C 435 51.61 -12.74 -48.81
N PHE C 436 51.39 -11.43 -48.69
CA PHE C 436 50.96 -10.65 -49.84
C PHE C 436 52.04 -10.59 -50.90
N SER C 437 53.31 -10.64 -50.50
CA SER C 437 54.40 -10.61 -51.46
C SER C 437 54.50 -11.90 -52.27
N ARG C 438 53.88 -12.98 -51.80
CA ARG C 438 53.95 -14.24 -52.52
C ARG C 438 53.28 -14.10 -53.89
N HIS C 439 53.96 -14.64 -54.90
CA HIS C 439 53.51 -14.54 -56.30
C HIS C 439 53.29 -13.10 -56.73
N TYR D 1 -31.63 10.96 -11.56
CA TYR D 1 -30.94 10.41 -12.73
C TYR D 1 -29.88 11.36 -13.24
N GLU D 2 -28.62 11.06 -12.94
CA GLU D 2 -27.52 11.90 -13.38
C GLU D 2 -27.37 11.83 -14.88
N HIS D 3 -27.30 13.00 -15.52
CA HIS D 3 -27.20 13.10 -16.98
C HIS D 3 -26.09 14.08 -17.31
N VAL D 4 -24.96 13.56 -17.77
CA VAL D 4 -23.82 14.38 -18.13
C VAL D 4 -23.92 14.76 -19.59
N THR D 5 -23.88 16.06 -19.86
CA THR D 5 -23.90 16.59 -21.23
C THR D 5 -22.86 17.67 -21.36
N VAL D 6 -22.59 18.07 -22.60
CA VAL D 6 -21.61 19.11 -22.90
C VAL D 6 -22.24 20.12 -23.84
N ILE D 7 -22.10 21.40 -23.50
CA ILE D 7 -22.60 22.48 -24.35
C ILE D 7 -21.43 23.38 -24.70
N PRO D 8 -21.43 23.99 -25.88
CA PRO D 8 -20.35 24.91 -26.22
C PRO D 8 -20.35 26.12 -25.30
N ASN D 9 -19.15 26.65 -25.04
CA ASN D 9 -18.97 27.72 -24.08
C ASN D 9 -19.50 29.06 -24.56
N THR D 10 -20.20 29.13 -25.69
CA THR D 10 -20.72 30.40 -26.16
C THR D 10 -21.83 30.91 -25.25
N VAL D 11 -21.79 32.19 -24.96
CA VAL D 11 -22.68 32.83 -24.00
C VAL D 11 -23.91 33.35 -24.72
N GLY D 12 -25.08 33.12 -24.13
CA GLY D 12 -26.31 33.69 -24.63
C GLY D 12 -27.01 32.91 -25.71
N VAL D 13 -26.46 31.78 -26.16
CA VAL D 13 -27.08 30.95 -27.18
C VAL D 13 -27.70 29.75 -26.50
N PRO D 14 -29.02 29.58 -26.54
CA PRO D 14 -29.63 28.42 -25.89
C PRO D 14 -29.23 27.13 -26.57
N TYR D 15 -29.13 26.08 -25.76
CA TYR D 15 -28.80 24.74 -26.25
C TYR D 15 -29.77 23.75 -25.62
N LYS D 16 -30.30 22.85 -26.43
CA LYS D 16 -31.26 21.85 -25.96
C LYS D 16 -30.56 20.51 -25.82
N THR D 17 -30.70 19.89 -24.65
CA THR D 17 -30.14 18.58 -24.39
C THR D 17 -31.28 17.61 -24.07
N LEU D 18 -31.09 16.36 -24.47
CA LEU D 18 -32.13 15.35 -24.33
C LEU D 18 -31.79 14.43 -23.16
N VAL D 19 -32.64 14.43 -22.14
CA VAL D 19 -32.50 13.53 -21.00
C VAL D 19 -33.56 12.46 -21.19
N ASN D 20 -33.13 11.26 -21.56
CA ASN D 20 -34.01 10.14 -21.82
C ASN D 20 -33.80 9.05 -20.80
N ARG D 21 -34.89 8.54 -20.24
CA ARG D 21 -34.81 7.50 -19.23
C ARG D 21 -35.86 6.44 -19.50
N PRO D 22 -35.47 5.17 -19.62
CA PRO D 22 -36.45 4.11 -19.86
C PRO D 22 -37.48 4.06 -18.75
N GLY D 23 -38.73 3.82 -19.13
CA GLY D 23 -39.83 3.82 -18.19
C GLY D 23 -40.40 5.19 -17.90
N TYR D 24 -39.72 6.26 -18.31
CA TYR D 24 -40.20 7.61 -18.13
C TYR D 24 -40.18 8.33 -19.46
N SER D 25 -41.13 9.26 -19.63
CA SER D 25 -41.19 10.03 -20.87
C SER D 25 -39.91 10.85 -21.01
N PRO D 26 -39.38 11.00 -22.23
CA PRO D 26 -38.13 11.75 -22.39
C PRO D 26 -38.27 13.20 -21.96
N MET D 27 -37.22 13.74 -21.36
CA MET D 27 -37.18 15.11 -20.90
C MET D 27 -36.12 15.89 -21.68
N VAL D 28 -36.47 17.12 -22.05
CA VAL D 28 -35.56 18.02 -22.76
C VAL D 28 -35.35 19.26 -21.92
N LEU D 29 -34.10 19.61 -21.70
CA LEU D 29 -33.73 20.79 -20.91
C LEU D 29 -33.13 21.84 -21.82
N GLU D 30 -33.69 23.04 -21.78
CA GLU D 30 -33.16 24.18 -22.50
C GLU D 30 -32.30 25.00 -21.54
N MET D 31 -31.02 25.11 -21.84
CA MET D 31 -30.07 25.79 -20.98
C MET D 31 -29.30 26.81 -21.79
N GLU D 32 -28.81 27.85 -21.11
CA GLU D 32 -28.22 28.99 -21.79
C GLU D 32 -27.23 29.66 -20.87
N LEU D 33 -25.94 29.60 -21.20
CA LEU D 33 -24.92 30.24 -20.39
C LEU D 33 -25.13 31.75 -20.34
N LEU D 34 -25.49 32.28 -19.17
CA LEU D 34 -25.66 33.72 -19.04
C LEU D 34 -24.34 34.45 -18.93
N SER D 35 -23.35 33.86 -18.25
CA SER D 35 -22.08 34.54 -18.06
C SER D 35 -21.05 33.53 -17.58
N VAL D 36 -19.81 33.72 -18.03
CA VAL D 36 -18.67 32.93 -17.59
C VAL D 36 -17.56 33.87 -17.19
N THR D 37 -16.94 33.63 -16.04
CA THR D 37 -15.94 34.54 -15.49
C THR D 37 -14.68 33.77 -15.15
N LEU D 38 -13.53 34.36 -15.44
CA LEU D 38 -12.23 33.81 -15.07
C LEU D 38 -11.57 34.77 -14.08
N GLU D 39 -11.18 34.24 -12.92
CA GLU D 39 -10.65 35.08 -11.86
C GLU D 39 -9.21 34.71 -11.57
N PRO D 40 -8.24 35.44 -12.10
CA PRO D 40 -6.84 35.11 -11.80
C PRO D 40 -6.52 35.37 -10.34
N THR D 41 -5.58 34.59 -9.82
CA THR D 41 -5.05 34.80 -8.48
C THR D 41 -3.84 35.72 -8.58
N LEU D 42 -3.95 36.89 -7.96
CA LEU D 42 -2.95 37.94 -8.13
C LEU D 42 -1.99 37.97 -6.95
N SER D 43 -0.71 38.17 -7.26
CA SER D 43 0.33 38.34 -6.25
C SER D 43 1.04 39.66 -6.57
N LEU D 44 0.59 40.73 -5.93
CA LEU D 44 1.07 42.07 -6.26
C LEU D 44 2.59 42.15 -6.10
N ASP D 45 3.24 42.74 -7.09
CA ASP D 45 4.68 42.97 -7.03
C ASP D 45 5.02 44.34 -6.48
N TYR D 46 4.57 45.40 -7.13
CA TYR D 46 4.87 46.73 -6.62
C TYR D 46 3.90 47.74 -7.22
N ILE D 47 3.82 48.87 -6.58
CA ILE D 47 2.98 49.98 -7.00
C ILE D 47 3.87 51.08 -7.54
N THR D 48 3.49 51.64 -8.68
CA THR D 48 4.23 52.77 -9.22
C THR D 48 3.32 53.98 -9.29
N CYS D 49 3.80 55.09 -8.75
CA CYS D 49 3.14 56.38 -8.89
C CYS D 49 4.20 57.39 -9.25
N GLU D 50 3.78 58.53 -9.77
CA GLU D 50 4.78 59.51 -10.17
C GLU D 50 5.51 60.04 -8.96
N TYR D 51 6.81 60.26 -9.12
CA TYR D 51 7.64 60.69 -8.00
C TYR D 51 7.44 62.18 -7.75
N LYS D 52 8.12 62.67 -6.72
CA LYS D 52 8.26 64.10 -6.51
C LYS D 52 9.65 64.37 -5.97
N THR D 53 10.28 65.42 -6.46
CA THR D 53 11.63 65.78 -6.04
C THR D 53 11.54 66.78 -4.89
N VAL D 54 12.14 66.44 -3.76
CA VAL D 54 12.08 67.26 -2.57
C VAL D 54 13.38 68.04 -2.48
N ILE D 55 13.34 69.31 -2.85
CA ILE D 55 14.51 70.17 -2.88
C ILE D 55 14.39 71.18 -1.75
N PRO D 56 15.14 70.99 -0.67
CA PRO D 56 15.15 71.98 0.41
C PRO D 56 15.89 73.23 -0.02
N SER D 57 15.72 74.29 0.77
CA SER D 57 16.35 75.56 0.46
C SER D 57 17.86 75.38 0.39
N PRO D 58 18.54 76.02 -0.56
CA PRO D 58 19.98 75.86 -0.65
C PRO D 58 20.68 76.50 0.54
N TYR D 59 21.83 75.95 0.90
CA TYR D 59 22.67 76.51 1.95
C TYR D 59 23.83 77.22 1.28
N VAL D 60 23.76 78.54 1.19
CA VAL D 60 24.86 79.33 0.67
C VAL D 60 25.72 79.78 1.85
N LYS D 61 26.97 79.36 1.85
CA LYS D 61 27.90 79.67 2.94
C LYS D 61 28.65 80.94 2.60
N CYS D 62 28.40 82.00 3.36
CA CYS D 62 29.07 83.27 3.13
C CYS D 62 30.52 83.19 3.60
N CYS D 63 31.44 83.64 2.74
CA CYS D 63 32.85 83.76 3.08
C CYS D 63 33.43 82.43 3.56
N GLY D 64 32.97 81.34 2.97
CA GLY D 64 33.42 80.03 3.38
C GLY D 64 33.02 79.00 2.35
N THR D 65 33.40 77.74 2.63
CA THR D 65 33.09 76.63 1.75
C THR D 65 32.43 75.52 2.54
N ALA D 66 31.26 75.07 2.08
CA ALA D 66 30.53 74.01 2.75
C ALA D 66 31.07 72.65 2.29
N GLU D 67 30.51 71.58 2.86
CA GLU D 67 30.95 70.23 2.52
C GLU D 67 29.73 69.32 2.39
N CYS D 68 29.82 68.37 1.47
CA CYS D 68 28.72 67.45 1.24
C CYS D 68 28.52 66.53 2.44
N LYS D 69 27.27 66.19 2.70
CA LYS D 69 26.90 65.25 3.75
C LYS D 69 26.17 64.09 3.11
N ASP D 70 26.30 62.91 3.70
CA ASP D 70 25.75 61.70 3.11
C ASP D 70 24.58 61.18 3.92
N LYS D 71 23.50 60.84 3.23
CA LYS D 71 22.35 60.19 3.84
C LYS D 71 21.77 59.19 2.86
N SER D 72 20.82 58.40 3.33
CA SER D 72 20.30 57.26 2.60
C SER D 72 18.91 57.50 2.04
N LEU D 73 18.64 58.72 1.58
CA LEU D 73 17.38 59.03 0.95
C LEU D 73 17.29 58.28 -0.39
N PRO D 74 16.07 58.06 -0.90
CA PRO D 74 15.90 57.11 -2.01
C PRO D 74 16.76 57.39 -3.23
N ASP D 75 16.95 58.65 -3.59
CA ASP D 75 17.84 58.98 -4.70
C ASP D 75 18.67 60.20 -4.34
N TYR D 76 19.21 60.21 -3.13
CA TYR D 76 19.89 61.39 -2.62
C TYR D 76 21.07 61.78 -3.50
N SER D 77 21.26 63.08 -3.67
CA SER D 77 22.38 63.60 -4.45
C SER D 77 22.68 65.02 -4.02
N CYS D 78 23.94 65.29 -3.68
CA CYS D 78 24.35 66.60 -3.22
C CYS D 78 25.59 67.05 -3.99
N LYS D 79 25.73 68.36 -4.12
CA LYS D 79 26.87 68.94 -4.82
C LYS D 79 27.16 70.30 -4.22
N VAL D 80 28.39 70.77 -4.37
CA VAL D 80 28.82 72.05 -3.84
C VAL D 80 29.38 72.88 -4.98
N PHE D 81 28.83 74.08 -5.16
CA PHE D 81 29.22 74.97 -6.24
C PHE D 81 29.90 76.18 -5.66
N THR D 82 31.11 76.46 -6.13
CA THR D 82 31.94 77.53 -5.60
C THR D 82 31.97 78.72 -6.55
N GLY D 83 32.31 79.88 -6.02
CA GLY D 83 32.37 81.09 -6.80
C GLY D 83 31.05 81.76 -7.04
N VAL D 84 30.01 81.40 -6.30
CA VAL D 84 28.69 81.99 -6.54
C VAL D 84 28.60 83.36 -5.88
N TYR D 85 27.77 84.21 -6.46
CA TYR D 85 27.51 85.53 -5.90
C TYR D 85 26.01 85.80 -5.91
N PRO D 86 25.23 85.10 -5.08
CA PRO D 86 23.78 85.22 -5.16
C PRO D 86 23.30 86.60 -4.75
N PHE D 87 22.11 86.96 -5.24
CA PHE D 87 21.46 88.21 -4.91
C PHE D 87 20.13 87.93 -4.22
N MET D 88 19.61 88.97 -3.57
CA MET D 88 18.25 88.95 -3.04
C MET D 88 17.54 90.21 -3.52
N TRP D 89 16.30 90.37 -3.08
CA TRP D 89 15.50 91.50 -3.57
C TRP D 89 16.13 92.84 -3.18
N GLY D 90 16.79 92.90 -2.04
CA GLY D 90 17.34 94.15 -1.54
C GLY D 90 18.76 94.42 -1.97
N GLY D 91 19.58 93.38 -2.04
CA GLY D 91 20.97 93.57 -2.42
C GLY D 91 21.68 92.23 -2.41
N ALA D 92 22.97 92.28 -2.69
CA ALA D 92 23.77 91.07 -2.71
C ALA D 92 23.72 90.38 -1.35
N TYR D 93 23.64 89.05 -1.37
CA TYR D 93 23.47 88.30 -0.12
C TYR D 93 24.79 88.14 0.61
N CYS D 94 25.74 87.44 -0.01
CA CYS D 94 27.04 87.24 0.62
C CYS D 94 27.80 88.55 0.70
N PHE D 95 28.65 88.67 1.72
CA PHE D 95 29.45 89.88 1.88
C PHE D 95 30.50 89.98 0.78
N CYS D 96 31.27 88.93 0.57
CA CYS D 96 32.38 88.97 -0.37
C CYS D 96 31.94 88.46 -1.74
N ASP D 97 32.58 89.00 -2.77
CA ASP D 97 32.25 88.65 -4.15
C ASP D 97 32.82 87.30 -4.57
N THR D 98 33.77 86.74 -3.82
CA THR D 98 34.34 85.45 -4.14
C THR D 98 34.27 84.58 -2.89
N GLU D 99 34.86 83.39 -2.98
CA GLU D 99 34.96 82.43 -1.89
C GLU D 99 33.61 81.99 -1.34
N ASN D 100 32.52 82.29 -2.05
CA ASN D 100 31.21 81.82 -1.61
C ASN D 100 30.87 80.49 -2.26
N THR D 101 30.21 79.64 -1.50
CA THR D 101 29.78 78.35 -2.03
C THR D 101 28.31 78.13 -1.67
N GLN D 102 27.65 77.34 -2.49
CA GLN D 102 26.25 76.98 -2.28
C GLN D 102 26.13 75.47 -2.27
N LEU D 103 25.46 74.93 -1.27
CA LEU D 103 25.25 73.49 -1.14
C LEU D 103 23.86 73.16 -1.66
N SER D 104 23.79 72.44 -2.76
CA SER D 104 22.53 72.02 -3.36
C SER D 104 22.31 70.55 -3.06
N GLU D 105 21.15 70.21 -2.52
CA GLU D 105 20.83 68.84 -2.16
C GLU D 105 19.40 68.53 -2.55
N ALA D 106 19.15 67.28 -2.91
CA ALA D 106 17.81 66.89 -3.34
C ALA D 106 17.69 65.38 -3.24
N HIS D 107 16.44 64.92 -3.19
CA HIS D 107 16.11 63.51 -3.29
C HIS D 107 14.67 63.42 -3.76
N VAL D 108 14.19 62.19 -3.91
CA VAL D 108 12.85 61.96 -4.44
C VAL D 108 12.05 61.11 -3.47
N GLU D 109 10.74 61.34 -3.46
CA GLU D 109 9.80 60.58 -2.64
C GLU D 109 8.53 60.39 -3.44
N LYS D 110 7.73 59.41 -3.03
CA LYS D 110 6.43 59.23 -3.66
C LYS D 110 5.55 60.44 -3.44
N SER D 111 4.75 60.77 -4.45
CA SER D 111 3.77 61.84 -4.29
C SER D 111 2.71 61.40 -3.30
N GLU D 112 2.68 62.04 -2.14
CA GLU D 112 1.71 61.67 -1.12
C GLU D 112 0.29 61.93 -1.59
N SER D 113 0.11 62.75 -2.63
CA SER D 113 -1.19 62.84 -3.27
C SER D 113 -1.53 61.57 -4.04
N CYS D 114 -0.52 60.82 -4.45
CA CYS D 114 -0.73 59.68 -5.34
C CYS D 114 -0.99 58.40 -4.55
N LYS D 115 -1.99 58.49 -3.67
CA LYS D 115 -2.61 57.30 -3.10
C LYS D 115 -3.71 56.76 -3.99
N THR D 116 -4.09 57.50 -5.02
CA THR D 116 -5.11 57.13 -5.98
C THR D 116 -4.56 56.93 -7.38
N GLU D 117 -3.73 57.85 -7.86
CA GLU D 117 -3.15 57.78 -9.20
C GLU D 117 -1.91 56.87 -9.18
N PHE D 118 -2.16 55.58 -9.05
CA PHE D 118 -1.10 54.59 -9.10
C PHE D 118 -1.51 53.46 -10.02
N ALA D 119 -0.51 52.85 -10.66
CA ALA D 119 -0.70 51.66 -11.46
C ALA D 119 0.02 50.51 -10.78
N SER D 120 -0.66 49.38 -10.65
CA SER D 120 -0.18 48.27 -9.85
C SER D 120 0.16 47.09 -10.74
N ALA D 121 1.39 46.60 -10.65
CA ALA D 121 1.85 45.46 -11.42
C ALA D 121 1.66 44.19 -10.61
N TYR D 122 1.09 43.16 -11.24
CA TYR D 122 0.74 41.92 -10.56
C TYR D 122 1.39 40.75 -11.27
N ARG D 123 1.05 39.56 -10.79
CA ARG D 123 1.31 38.30 -11.47
C ARG D 123 0.04 37.47 -11.43
N ALA D 124 -0.26 36.78 -12.52
CA ALA D 124 -1.47 35.97 -12.63
C ALA D 124 -1.08 34.51 -12.79
N HIS D 125 -1.53 33.68 -11.85
CA HIS D 125 -1.16 32.26 -11.85
C HIS D 125 -2.20 31.39 -12.55
N THR D 126 -3.42 31.37 -12.07
CA THR D 126 -4.46 30.60 -12.73
C THR D 126 -5.82 31.16 -12.33
N ALA D 127 -6.84 30.77 -13.08
CA ALA D 127 -8.17 31.36 -12.99
C ALA D 127 -9.14 30.36 -12.38
N SER D 128 -9.87 30.81 -11.36
CA SER D 128 -10.94 30.02 -10.77
C SER D 128 -12.21 30.38 -11.52
N ALA D 129 -12.55 29.56 -12.51
CA ALA D 129 -13.69 29.85 -13.37
C ALA D 129 -15.00 29.70 -12.61
N SER D 130 -15.91 30.64 -12.83
CA SER D 130 -17.24 30.60 -12.24
C SER D 130 -18.25 30.97 -13.30
N ALA D 131 -19.37 30.25 -13.33
CA ALA D 131 -20.35 30.39 -14.39
C ALA D 131 -21.74 30.59 -13.79
N LYS D 132 -22.55 31.38 -14.48
CA LYS D 132 -23.94 31.59 -14.13
C LYS D 132 -24.78 31.06 -15.28
N LEU D 133 -25.72 30.16 -14.96
CA LEU D 133 -26.43 29.41 -15.98
C LEU D 133 -27.94 29.57 -15.78
N ARG D 134 -28.66 29.52 -16.89
CA ARG D 134 -30.12 29.51 -16.88
C ARG D 134 -30.60 28.25 -17.55
N VAL D 135 -31.42 27.47 -16.86
CA VAL D 135 -31.93 26.21 -17.39
C VAL D 135 -33.45 26.26 -17.35
N LEU D 136 -34.07 25.74 -18.40
CA LEU D 136 -35.53 25.64 -18.45
C LEU D 136 -35.92 24.30 -17.85
N TYR D 137 -36.43 24.33 -16.63
CA TYR D 137 -36.90 23.13 -15.96
C TYR D 137 -38.42 23.13 -15.97
N GLN D 138 -38.99 22.06 -16.52
CA GLN D 138 -40.44 21.80 -16.54
C GLN D 138 -41.24 23.07 -16.77
N GLY D 139 -40.91 23.78 -17.84
CA GLY D 139 -41.63 24.99 -18.18
C GLY D 139 -41.38 26.17 -17.27
N ASN D 140 -40.26 26.18 -16.55
CA ASN D 140 -39.92 27.28 -15.67
C ASN D 140 -38.46 27.66 -15.84
N ASN D 141 -38.19 28.96 -15.94
CA ASN D 141 -36.83 29.46 -15.96
C ASN D 141 -36.32 29.51 -14.52
N VAL D 142 -35.23 28.82 -14.25
CA VAL D 142 -34.56 28.89 -12.96
C VAL D 142 -33.09 29.17 -13.19
N THR D 143 -32.55 30.13 -12.45
CA THR D 143 -31.18 30.57 -12.65
C THR D 143 -30.27 29.96 -11.60
N VAL D 144 -29.15 29.41 -12.06
CA VAL D 144 -28.20 28.72 -11.21
C VAL D 144 -26.83 29.34 -11.39
N SER D 145 -26.13 29.54 -10.27
CA SER D 145 -24.78 30.08 -10.29
C SER D 145 -23.86 29.13 -9.53
N ALA D 146 -22.71 28.84 -10.11
CA ALA D 146 -21.79 27.87 -9.52
C ALA D 146 -20.38 28.13 -10.02
N TYR D 147 -19.42 27.50 -9.36
CA TYR D 147 -18.04 27.55 -9.83
C TYR D 147 -17.84 26.58 -10.98
N ALA D 148 -17.03 26.99 -11.94
CA ALA D 148 -16.82 26.23 -13.16
C ALA D 148 -15.55 25.41 -13.12
N ASN D 149 -14.97 25.20 -11.96
CA ASN D 149 -13.82 24.31 -11.85
C ASN D 149 -14.23 22.85 -11.67
N GLY D 150 -15.53 22.57 -11.67
CA GLY D 150 -16.02 21.23 -11.45
C GLY D 150 -16.03 20.79 -10.01
N ASP D 151 -15.65 21.67 -9.09
CA ASP D 151 -15.57 21.33 -7.67
C ASP D 151 -16.62 22.13 -6.90
N HIS D 152 -17.83 22.19 -7.44
CA HIS D 152 -18.93 22.88 -6.78
C HIS D 152 -20.22 22.24 -7.25
N ALA D 153 -21.05 21.83 -6.30
CA ALA D 153 -22.37 21.27 -6.61
C ALA D 153 -23.42 22.11 -5.92
N VAL D 154 -24.42 22.55 -6.68
CA VAL D 154 -25.49 23.37 -6.15
C VAL D 154 -26.80 22.61 -6.28
N THR D 155 -27.90 23.24 -5.89
CA THR D 155 -29.20 22.61 -5.98
C THR D 155 -30.29 23.66 -6.04
N VAL D 156 -31.30 23.41 -6.86
CA VAL D 156 -32.52 24.21 -6.87
C VAL D 156 -33.62 23.34 -7.45
N LYS D 157 -34.82 23.48 -6.89
CA LYS D 157 -35.95 22.61 -7.24
C LYS D 157 -35.57 21.14 -7.05
N ASP D 158 -34.75 20.88 -6.04
CA ASP D 158 -34.23 19.56 -5.68
C ASP D 158 -33.41 18.93 -6.79
N ALA D 159 -32.99 19.70 -7.79
CA ALA D 159 -32.14 19.21 -8.87
C ALA D 159 -30.72 19.71 -8.66
N LYS D 160 -29.75 18.81 -8.77
CA LYS D 160 -28.36 19.12 -8.49
C LYS D 160 -27.63 19.39 -9.79
N PHE D 161 -27.11 20.60 -9.94
CA PHE D 161 -26.32 20.97 -11.10
C PHE D 161 -24.86 21.10 -10.68
N ILE D 162 -23.98 20.37 -11.37
CA ILE D 162 -22.55 20.55 -11.21
C ILE D 162 -21.99 20.86 -12.59
N VAL D 163 -21.35 22.02 -12.72
CA VAL D 163 -20.91 22.55 -14.01
C VAL D 163 -19.41 22.73 -13.97
N GLY D 164 -18.74 22.29 -15.04
CA GLY D 164 -17.31 22.35 -15.12
C GLY D 164 -16.71 20.97 -15.18
N PRO D 165 -15.37 20.88 -15.24
CA PRO D 165 -14.41 21.97 -15.32
C PRO D 165 -14.32 22.54 -16.74
N MET D 166 -13.72 23.71 -16.90
CA MET D 166 -13.57 24.30 -18.22
C MET D 166 -12.77 23.38 -19.12
N SER D 167 -13.21 23.23 -20.36
CA SER D 167 -12.49 22.39 -21.31
C SER D 167 -11.11 22.96 -21.62
N SER D 168 -11.02 24.27 -21.79
CA SER D 168 -9.78 24.93 -22.15
C SER D 168 -9.27 25.76 -20.98
N ALA D 169 -7.95 25.75 -20.78
CA ALA D 169 -7.31 26.56 -19.77
C ALA D 169 -6.86 27.91 -20.30
N TRP D 170 -7.22 28.25 -21.54
CA TRP D 170 -6.79 29.51 -22.13
C TRP D 170 -7.35 30.68 -21.34
N THR D 171 -6.48 31.64 -21.05
CA THR D 171 -6.86 32.88 -20.39
C THR D 171 -6.22 34.06 -21.11
N PRO D 172 -6.90 35.20 -21.16
CA PRO D 172 -6.34 36.36 -21.86
C PRO D 172 -5.23 37.07 -21.13
N PHE D 173 -4.88 36.63 -19.92
CA PHE D 173 -3.85 37.30 -19.13
C PHE D 173 -2.53 36.55 -19.26
N ASP D 174 -1.46 37.30 -19.49
CA ASP D 174 -0.12 36.75 -19.41
C ASP D 174 0.32 36.69 -17.95
N ASN D 175 1.54 36.23 -17.74
CA ASN D 175 2.03 36.06 -16.38
C ASN D 175 2.16 37.39 -15.65
N LYS D 176 2.66 38.41 -16.33
CA LYS D 176 2.87 39.73 -15.74
C LYS D 176 1.89 40.71 -16.35
N ILE D 177 1.06 41.32 -15.51
CA ILE D 177 0.06 42.29 -15.96
C ILE D 177 0.15 43.52 -15.09
N VAL D 178 -0.41 44.63 -15.56
CA VAL D 178 -0.59 45.83 -14.76
C VAL D 178 -2.05 46.22 -14.86
N VAL D 179 -2.58 46.83 -13.81
CA VAL D 179 -3.94 47.35 -13.82
C VAL D 179 -3.88 48.83 -13.48
N TYR D 180 -4.66 49.64 -14.18
CA TYR D 180 -4.76 51.06 -13.91
C TYR D 180 -6.24 51.38 -13.88
N LYS D 181 -6.80 51.47 -12.69
CA LYS D 181 -8.24 51.68 -12.51
C LYS D 181 -9.00 50.57 -13.22
N GLY D 182 -9.65 50.89 -14.35
CA GLY D 182 -10.42 49.91 -15.07
C GLY D 182 -9.71 49.19 -16.18
N ASP D 183 -8.51 49.62 -16.54
CA ASP D 183 -7.77 49.07 -17.67
C ASP D 183 -6.68 48.14 -17.17
N VAL D 184 -6.47 47.04 -17.89
CA VAL D 184 -5.43 46.08 -17.56
C VAL D 184 -4.66 45.73 -18.83
N TYR D 185 -3.33 45.80 -18.75
CA TYR D 185 -2.47 45.59 -19.90
C TYR D 185 -1.48 44.46 -19.59
N ASN D 186 -1.28 43.58 -20.57
CA ASN D 186 -0.23 42.58 -20.47
C ASN D 186 1.11 43.24 -20.79
N MET D 187 1.96 43.39 -19.79
CA MET D 187 3.27 43.95 -20.06
C MET D 187 4.28 43.39 -19.08
N ASP D 188 5.50 43.16 -19.57
CA ASP D 188 6.59 42.61 -18.78
C ASP D 188 7.30 43.79 -18.12
N TYR D 189 6.78 44.19 -16.97
CA TYR D 189 7.32 45.35 -16.28
C TYR D 189 8.73 45.05 -15.77
N PRO D 190 9.56 46.08 -15.56
CA PRO D 190 10.92 45.83 -15.10
C PRO D 190 10.91 45.22 -13.71
N PRO D 191 11.93 44.42 -13.38
CA PRO D 191 11.96 43.79 -12.07
C PRO D 191 12.07 44.82 -10.96
N PHE D 192 11.68 44.42 -9.76
CA PHE D 192 11.72 45.34 -8.63
C PHE D 192 13.16 45.78 -8.39
N GLY D 193 13.32 47.05 -8.02
CA GLY D 193 14.61 47.57 -7.67
C GLY D 193 15.58 47.74 -8.83
N ALA D 194 15.12 47.55 -10.06
CA ALA D 194 15.98 47.69 -11.23
C ALA D 194 15.25 48.44 -12.33
N GLY D 195 14.50 49.46 -11.97
CA GLY D 195 13.78 50.22 -12.97
C GLY D 195 14.69 51.15 -13.73
N ARG D 196 14.24 51.53 -14.92
CA ARG D 196 15.03 52.44 -15.73
C ARG D 196 14.44 53.84 -15.67
N PRO D 197 15.30 54.86 -15.74
CA PRO D 197 14.80 56.23 -15.74
C PRO D 197 13.92 56.50 -16.95
N GLY D 198 12.92 57.36 -16.76
CA GLY D 198 12.08 57.80 -17.84
C GLY D 198 11.06 56.79 -18.33
N GLN D 199 11.27 55.52 -18.08
CA GLN D 199 10.33 54.50 -18.50
C GLN D 199 9.40 54.12 -17.35
N PHE D 200 8.40 53.31 -17.65
CA PHE D 200 7.50 52.82 -16.62
C PHE D 200 8.28 52.04 -15.59
N GLY D 201 8.04 52.35 -14.32
CA GLY D 201 8.70 51.67 -13.24
C GLY D 201 9.97 52.33 -12.73
N ASP D 202 10.21 53.59 -13.06
CA ASP D 202 11.40 54.27 -12.56
C ASP D 202 11.34 54.44 -11.05
N ILE D 203 10.14 54.52 -10.47
CA ILE D 203 9.97 54.59 -9.03
C ILE D 203 9.00 53.48 -8.63
N GLN D 204 9.49 52.55 -7.81
CA GLN D 204 8.75 51.35 -7.42
C GLN D 204 8.57 51.32 -5.92
N SER D 205 7.35 51.06 -5.48
CA SER D 205 7.04 50.88 -4.07
C SER D 205 6.24 49.59 -3.92
N ARG D 206 6.53 48.85 -2.85
CA ARG D 206 5.90 47.54 -2.68
C ARG D 206 4.39 47.66 -2.54
N THR D 207 3.92 48.53 -1.67
CA THR D 207 2.50 48.79 -1.49
C THR D 207 2.32 50.29 -1.30
N PRO D 208 1.13 50.82 -1.60
CA PRO D 208 0.97 52.29 -1.62
C PRO D 208 1.22 52.96 -0.29
N GLU D 209 1.18 52.24 0.83
CA GLU D 209 1.51 52.83 2.11
C GLU D 209 2.92 52.48 2.57
N SER D 210 3.57 51.52 1.91
CA SER D 210 4.93 51.13 2.29
C SER D 210 5.87 52.31 2.11
N GLU D 211 6.86 52.39 2.99
CA GLU D 211 7.77 53.54 2.99
C GLU D 211 9.08 53.29 2.25
N ASP D 212 9.31 52.08 1.76
CA ASP D 212 10.52 51.81 0.99
C ASP D 212 10.29 52.18 -0.48
N VAL D 213 11.09 53.11 -0.99
CA VAL D 213 10.94 53.64 -2.33
C VAL D 213 12.24 53.44 -3.08
N TYR D 214 12.18 52.76 -4.21
CA TYR D 214 13.32 52.64 -5.11
C TYR D 214 13.06 53.55 -6.30
N ALA D 215 13.96 54.51 -6.50
CA ALA D 215 13.81 55.49 -7.57
C ALA D 215 15.12 55.63 -8.33
N ASN D 216 15.03 55.60 -9.66
CA ASN D 216 16.18 55.62 -10.55
C ASN D 216 15.98 56.68 -11.62
N THR D 217 15.67 57.89 -11.21
CA THR D 217 15.35 58.96 -12.14
C THR D 217 16.55 59.76 -12.62
N GLN D 218 17.76 59.36 -12.22
CA GLN D 218 19.02 60.04 -12.55
C GLN D 218 18.92 61.55 -12.37
N LEU D 219 18.56 61.93 -11.16
CA LEU D 219 18.61 63.33 -10.77
C LEU D 219 20.06 63.82 -10.75
N VAL D 220 20.30 64.98 -11.36
CA VAL D 220 21.65 65.53 -11.47
C VAL D 220 21.54 67.05 -11.27
N LEU D 221 22.11 67.55 -10.18
CA LEU D 221 22.06 68.98 -9.92
C LEU D 221 22.97 69.73 -10.90
N GLN D 222 22.69 71.02 -11.05
CA GLN D 222 23.39 71.85 -12.02
C GLN D 222 23.81 73.15 -11.38
N ARG D 223 24.80 73.79 -12.00
CA ARG D 223 25.35 75.02 -11.48
C ARG D 223 24.28 76.12 -11.49
N PRO D 224 24.05 76.81 -10.37
CA PRO D 224 23.09 77.91 -10.38
C PRO D 224 23.54 79.00 -11.33
N SER D 225 22.56 79.69 -11.91
CA SER D 225 22.88 80.80 -12.79
C SER D 225 23.44 81.96 -11.99
N ALA D 226 24.10 82.88 -12.69
CA ALA D 226 24.81 83.97 -12.04
C ALA D 226 23.85 84.85 -11.24
N GLY D 227 24.17 85.04 -9.96
CA GLY D 227 23.41 85.95 -9.12
C GLY D 227 21.97 85.54 -8.90
N THR D 228 21.73 84.28 -8.58
CA THR D 228 20.37 83.81 -8.34
C THR D 228 20.45 82.56 -7.48
N VAL D 229 19.49 82.40 -6.58
CA VAL D 229 19.55 81.39 -5.53
C VAL D 229 18.75 80.15 -5.87
N HIS D 230 18.40 79.94 -7.13
CA HIS D 230 17.58 78.78 -7.45
C HIS D 230 18.43 77.51 -7.37
N VAL D 231 17.74 76.37 -7.39
CA VAL D 231 18.40 75.07 -7.39
C VAL D 231 18.02 74.34 -8.67
N PRO D 232 18.76 74.53 -9.76
CA PRO D 232 18.43 73.83 -10.99
C PRO D 232 18.91 72.40 -10.96
N TYR D 233 18.27 71.55 -11.75
CA TYR D 233 18.62 70.15 -11.78
C TYR D 233 18.17 69.58 -13.12
N SER D 234 18.61 68.35 -13.39
CA SER D 234 18.28 67.65 -14.62
C SER D 234 17.79 66.26 -14.29
N GLN D 235 16.48 66.07 -14.32
CA GLN D 235 15.89 64.81 -13.92
C GLN D 235 15.09 64.23 -15.08
N ALA D 236 15.14 62.92 -15.21
CA ALA D 236 14.37 62.25 -16.23
C ALA D 236 12.89 62.34 -15.89
N PRO D 237 12.04 62.87 -16.77
CA PRO D 237 10.62 63.01 -16.43
C PRO D 237 9.98 61.71 -16.01
N SER D 238 8.85 61.80 -15.32
CA SER D 238 8.23 60.63 -14.72
C SER D 238 7.92 59.58 -15.78
N GLY D 239 8.25 58.33 -15.47
CA GLY D 239 7.91 57.25 -16.39
C GLY D 239 6.45 56.90 -16.38
N PHE D 240 5.74 57.20 -15.30
CA PHE D 240 4.32 56.90 -15.21
C PHE D 240 3.45 57.95 -15.88
N LYS D 241 3.78 59.23 -15.75
CA LYS D 241 3.10 60.23 -16.56
C LYS D 241 3.37 60.01 -18.04
N TYR D 242 4.52 59.45 -18.39
CA TYR D 242 4.81 59.09 -19.76
C TYR D 242 4.05 57.86 -20.20
N TRP D 243 3.86 56.89 -19.31
CA TRP D 243 3.08 55.72 -19.66
C TRP D 243 1.62 56.08 -19.88
N LEU D 244 1.09 57.00 -19.07
CA LEU D 244 -0.34 57.28 -19.12
C LEU D 244 -0.79 57.72 -20.50
N LYS D 245 0.07 58.40 -21.27
CA LYS D 245 -0.27 58.83 -22.61
C LYS D 245 0.35 57.95 -23.68
N GLU D 246 0.82 56.77 -23.32
CA GLU D 246 1.33 55.82 -24.31
C GLU D 246 0.83 54.41 -24.03
N ARG D 247 -0.22 54.25 -23.22
CA ARG D 247 -0.62 52.92 -22.80
C ARG D 247 -0.96 52.04 -23.99
N GLY D 248 -1.71 52.57 -24.94
CA GLY D 248 -2.20 51.74 -26.03
C GLY D 248 -3.64 51.36 -25.81
N ALA D 249 -3.95 50.08 -25.96
CA ALA D 249 -5.31 49.59 -25.83
C ALA D 249 -5.41 48.63 -24.66
N SER D 250 -6.36 48.88 -23.78
CA SER D 250 -6.62 47.97 -22.68
C SER D 250 -7.02 46.60 -23.22
N LEU D 251 -7.02 45.61 -22.33
CA LEU D 251 -7.33 44.26 -22.78
C LEU D 251 -8.78 44.12 -23.23
N GLN D 252 -9.68 44.96 -22.74
CA GLN D 252 -11.06 44.82 -23.19
C GLN D 252 -11.24 45.26 -24.63
N HIS D 253 -10.23 45.87 -25.24
CA HIS D 253 -10.26 46.21 -26.65
C HIS D 253 -9.34 45.34 -27.49
N THR D 254 -8.41 44.62 -26.88
CA THR D 254 -7.44 43.83 -27.61
C THR D 254 -7.63 42.33 -27.46
N ALA D 255 -8.10 41.86 -26.31
CA ALA D 255 -8.10 40.44 -26.03
C ALA D 255 -8.93 39.68 -27.06
N PRO D 256 -8.53 38.46 -27.40
CA PRO D 256 -9.26 37.71 -28.43
C PRO D 256 -10.48 37.00 -27.89
N PHE D 257 -11.15 36.25 -28.76
CA PHE D 257 -12.34 35.47 -28.44
C PHE D 257 -13.48 36.34 -27.93
N GLY D 258 -13.48 37.62 -28.26
CA GLY D 258 -14.52 38.50 -27.77
C GLY D 258 -14.53 38.64 -26.27
N CYS D 259 -13.35 38.61 -25.65
CA CYS D 259 -13.25 38.65 -24.21
C CYS D 259 -13.70 40.01 -23.69
N GLN D 260 -14.29 40.00 -22.49
CA GLN D 260 -14.63 41.20 -21.76
C GLN D 260 -13.88 41.21 -20.44
N ILE D 261 -13.28 42.34 -20.11
CA ILE D 261 -12.38 42.44 -18.98
C ILE D 261 -12.87 43.51 -18.02
N ALA D 262 -12.84 43.20 -16.73
CA ALA D 262 -13.19 44.15 -15.69
C ALA D 262 -12.10 44.14 -14.63
N THR D 263 -12.25 44.98 -13.61
CA THR D 263 -11.26 45.09 -12.55
C THR D 263 -11.96 45.10 -11.19
N ASN D 264 -11.15 45.04 -10.14
CA ASN D 264 -11.53 45.02 -8.73
C ASN D 264 -12.75 44.14 -8.51
N PRO D 265 -12.61 42.82 -8.58
CA PRO D 265 -11.40 42.05 -8.91
C PRO D 265 -11.21 41.92 -10.41
N VAL D 266 -10.01 41.63 -10.93
CA VAL D 266 -9.85 41.51 -12.36
C VAL D 266 -10.55 40.24 -12.82
N ARG D 267 -11.22 40.31 -13.96
CA ARG D 267 -11.99 39.19 -14.48
C ARG D 267 -11.92 39.19 -15.99
N ALA D 268 -12.07 38.00 -16.56
CA ALA D 268 -12.26 37.83 -18.00
C ALA D 268 -13.64 37.23 -18.18
N MET D 269 -14.59 38.04 -18.64
CA MET D 269 -15.98 37.64 -18.71
C MET D 269 -16.33 37.20 -20.12
N ASN D 270 -17.06 36.08 -20.23
CA ASN D 270 -17.65 35.64 -21.48
C ASN D 270 -16.59 35.36 -22.55
N CYS D 271 -15.62 34.54 -22.23
CA CYS D 271 -14.74 34.00 -23.25
C CYS D 271 -15.51 33.01 -24.11
N ALA D 272 -15.14 32.91 -25.37
CA ALA D 272 -15.83 32.05 -26.32
C ALA D 272 -15.08 30.75 -26.61
N VAL D 273 -14.08 30.42 -25.80
CA VAL D 273 -13.21 29.29 -26.08
C VAL D 273 -13.72 28.04 -25.38
N GLY D 274 -13.63 26.90 -26.07
CA GLY D 274 -13.89 25.62 -25.45
C GLY D 274 -15.37 25.31 -25.31
N ASN D 275 -15.64 24.28 -24.51
CA ASN D 275 -16.99 23.84 -24.23
C ASN D 275 -17.17 23.58 -22.74
N MET D 276 -18.41 23.70 -22.27
CA MET D 276 -18.70 23.57 -20.86
C MET D 276 -19.38 22.24 -20.60
N PRO D 277 -18.73 21.30 -19.92
CA PRO D 277 -19.37 20.04 -19.56
C PRO D 277 -20.26 20.22 -18.35
N ILE D 278 -21.57 20.25 -18.57
CA ILE D 278 -22.54 20.45 -17.51
C ILE D 278 -23.12 19.10 -17.13
N SER D 279 -23.01 18.77 -15.84
CA SER D 279 -23.54 17.52 -15.31
C SER D 279 -24.77 17.84 -14.46
N ILE D 280 -25.89 17.24 -14.80
CA ILE D 280 -27.13 17.49 -14.10
C ILE D 280 -27.58 16.20 -13.43
N ASP D 281 -27.93 16.31 -12.15
CA ASP D 281 -28.41 15.16 -11.38
C ASP D 281 -29.82 15.51 -10.90
N ILE D 282 -30.81 14.86 -11.52
CA ILE D 282 -32.20 15.28 -11.35
C ILE D 282 -32.99 14.22 -10.61
N PRO D 283 -33.95 14.60 -9.77
CA PRO D 283 -34.70 13.62 -8.99
C PRO D 283 -35.76 12.90 -9.82
N ASP D 284 -36.22 11.78 -9.29
CA ASP D 284 -37.21 10.96 -9.98
C ASP D 284 -38.60 11.56 -9.94
N ALA D 285 -38.85 12.53 -9.04
CA ALA D 285 -40.13 13.19 -9.01
C ALA D 285 -40.36 14.02 -10.28
N ALA D 286 -39.27 14.50 -10.89
CA ALA D 286 -39.41 15.36 -12.05
C ALA D 286 -39.92 14.59 -13.26
N PHE D 287 -39.50 13.34 -13.43
CA PHE D 287 -39.85 12.54 -14.60
C PHE D 287 -41.34 12.26 -14.67
N THR D 288 -41.78 11.69 -15.80
CA THR D 288 -43.15 11.26 -15.97
C THR D 288 -43.17 9.92 -16.66
N ARG D 289 -43.97 9.00 -16.14
CA ARG D 289 -44.00 7.63 -16.64
C ARG D 289 -44.46 7.61 -18.10
N VAL D 290 -43.89 6.68 -18.88
CA VAL D 290 -44.19 6.62 -20.31
C VAL D 290 -45.67 6.40 -20.54
N VAL D 291 -46.29 5.51 -19.77
CA VAL D 291 -47.72 5.28 -19.89
C VAL D 291 -48.49 6.56 -19.54
N ASP D 292 -48.01 7.31 -18.56
CA ASP D 292 -48.63 8.57 -18.19
C ASP D 292 -48.49 9.65 -19.24
N ALA D 293 -47.60 9.47 -20.20
CA ALA D 293 -47.45 10.42 -21.29
C ALA D 293 -48.42 10.11 -22.42
N PRO D 294 -48.81 11.12 -23.18
CA PRO D 294 -49.67 10.87 -24.36
C PRO D 294 -48.92 10.10 -25.44
N SER D 295 -49.69 9.40 -26.27
CA SER D 295 -49.17 8.67 -27.41
C SER D 295 -49.83 9.19 -28.67
N LEU D 296 -49.00 9.57 -29.66
CA LEU D 296 -49.49 10.16 -30.89
C LEU D 296 -49.25 9.21 -32.06
N THR D 297 -50.25 9.11 -32.93
CA THR D 297 -50.15 8.26 -34.11
C THR D 297 -50.46 9.08 -35.35
N ASP D 298 -49.96 8.62 -36.49
CA ASP D 298 -50.27 9.21 -37.79
C ASP D 298 -49.73 10.64 -37.88
N MET D 299 -48.45 10.82 -37.59
CA MET D 299 -47.83 12.14 -37.67
C MET D 299 -47.28 12.38 -39.07
N SER D 300 -47.73 13.47 -39.70
CA SER D 300 -47.29 13.85 -41.03
C SER D 300 -46.86 15.30 -41.00
N CYS D 301 -45.66 15.58 -41.51
CA CYS D 301 -45.08 16.91 -41.46
C CYS D 301 -45.09 17.55 -42.84
N GLU D 302 -45.31 18.85 -42.86
CA GLU D 302 -45.26 19.66 -44.08
C GLU D 302 -44.58 20.98 -43.75
N VAL D 303 -43.67 21.42 -44.61
CA VAL D 303 -42.92 22.63 -44.34
C VAL D 303 -43.28 23.67 -45.40
N PRO D 304 -44.15 24.64 -45.10
CA PRO D 304 -44.55 25.61 -46.12
C PRO D 304 -43.50 26.64 -46.44
N ALA D 305 -42.56 26.91 -45.53
CA ALA D 305 -41.53 27.90 -45.78
C ALA D 305 -40.28 27.51 -45.02
N CYS D 306 -39.12 27.80 -45.61
CA CYS D 306 -37.86 27.45 -44.97
C CYS D 306 -36.75 28.34 -45.51
N THR D 307 -35.96 28.91 -44.60
CA THR D 307 -34.88 29.81 -44.95
C THR D 307 -33.79 29.68 -43.91
N HIS D 308 -32.54 29.47 -44.35
CA HIS D 308 -31.43 29.31 -43.41
C HIS D 308 -30.86 30.68 -43.10
N SER D 309 -31.55 31.39 -42.19
CA SER D 309 -31.28 32.79 -41.93
C SER D 309 -30.86 33.09 -40.51
N SER D 310 -30.36 32.10 -39.76
CA SER D 310 -29.81 32.25 -38.41
C SER D 310 -30.81 32.68 -37.37
N ASP D 311 -32.08 32.87 -37.72
CA ASP D 311 -33.06 33.35 -36.75
C ASP D 311 -34.36 32.59 -36.88
N PHE D 312 -34.27 31.26 -37.01
CA PHE D 312 -35.43 30.38 -37.08
C PHE D 312 -36.32 30.76 -38.26
N GLY D 313 -35.76 30.59 -39.46
CA GLY D 313 -36.43 30.94 -40.68
C GLY D 313 -37.35 29.91 -41.27
N GLY D 314 -37.56 28.79 -40.59
CA GLY D 314 -38.43 27.73 -41.10
C GLY D 314 -39.60 27.49 -40.17
N VAL D 315 -40.71 27.06 -40.76
CA VAL D 315 -41.91 26.68 -40.03
C VAL D 315 -42.41 25.34 -40.55
N ALA D 316 -42.68 24.41 -39.65
CA ALA D 316 -43.16 23.08 -40.01
C ALA D 316 -44.51 22.83 -39.37
N ILE D 317 -45.48 22.44 -40.17
CA ILE D 317 -46.82 22.12 -39.70
C ILE D 317 -46.94 20.61 -39.61
N ILE D 318 -47.28 20.11 -38.42
CA ILE D 318 -47.32 18.67 -38.16
C ILE D 318 -48.75 18.30 -37.78
N LYS D 319 -49.37 17.46 -38.59
CA LYS D 319 -50.64 16.86 -38.22
C LYS D 319 -50.40 15.66 -37.32
N TYR D 320 -51.33 15.41 -36.40
CA TYR D 320 -51.18 14.27 -35.51
C TYR D 320 -52.55 13.89 -34.95
N ALA D 321 -52.60 12.68 -34.38
CA ALA D 321 -53.73 12.22 -33.60
C ALA D 321 -53.20 11.69 -32.28
N ALA D 322 -53.72 12.22 -31.18
CA ALA D 322 -53.18 11.93 -29.86
C ALA D 322 -54.24 11.27 -28.98
N SER D 323 -53.77 10.44 -28.04
CA SER D 323 -54.69 9.74 -27.15
C SER D 323 -55.30 10.70 -26.13
N LYS D 324 -54.47 11.29 -25.28
CA LYS D 324 -54.94 12.19 -24.23
C LYS D 324 -54.14 13.48 -24.28
N LYS D 325 -54.74 14.54 -23.75
CA LYS D 325 -54.08 15.83 -23.67
C LYS D 325 -52.89 15.75 -22.71
N GLY D 326 -51.78 16.37 -23.10
CA GLY D 326 -50.60 16.34 -22.26
C GLY D 326 -49.48 17.14 -22.89
N LYS D 327 -48.34 17.11 -22.20
CA LYS D 327 -47.15 17.84 -22.62
C LYS D 327 -46.17 16.88 -23.29
N CYS D 328 -45.89 17.12 -24.57
CA CYS D 328 -44.97 16.31 -25.34
C CYS D 328 -43.73 17.14 -25.65
N ALA D 329 -42.57 16.65 -25.25
CA ALA D 329 -41.32 17.39 -25.40
C ALA D 329 -40.76 17.13 -26.80
N VAL D 330 -41.04 18.06 -27.71
CA VAL D 330 -40.53 17.90 -29.08
C VAL D 330 -39.02 18.04 -29.07
N HIS D 331 -38.38 17.40 -30.05
CA HIS D 331 -36.93 17.38 -30.12
C HIS D 331 -36.53 16.96 -31.53
N SER D 332 -35.34 17.39 -31.94
CA SER D 332 -34.78 17.02 -33.22
C SER D 332 -33.44 16.34 -33.00
N MET D 333 -33.36 15.05 -33.33
CA MET D 333 -32.12 14.33 -33.16
C MET D 333 -31.13 14.59 -34.28
N THR D 334 -31.56 15.21 -35.38
CA THR D 334 -30.65 15.66 -36.42
C THR D 334 -29.86 16.84 -35.89
N ASN D 335 -28.57 16.63 -35.64
CA ASN D 335 -27.75 17.65 -35.01
C ASN D 335 -27.25 18.65 -36.06
N ALA D 336 -28.20 19.11 -36.86
CA ALA D 336 -27.95 20.24 -37.76
C ALA D 336 -29.15 21.15 -37.88
N VAL D 337 -30.24 20.87 -37.18
CA VAL D 337 -31.49 21.62 -37.31
C VAL D 337 -32.02 21.84 -35.90
N THR D 338 -31.70 22.98 -35.31
CA THR D 338 -32.23 23.29 -33.99
C THR D 338 -33.66 23.79 -34.09
N ILE D 339 -34.47 23.39 -33.12
CA ILE D 339 -35.87 23.77 -33.05
C ILE D 339 -36.10 24.53 -31.75
N ARG D 340 -36.89 25.59 -31.81
CA ARG D 340 -36.95 26.55 -30.71
C ARG D 340 -37.59 25.93 -29.47
N GLU D 341 -38.85 25.53 -29.57
CA GLU D 341 -39.59 25.08 -28.41
C GLU D 341 -39.08 23.74 -27.89
N ALA D 342 -39.37 23.45 -26.64
CA ALA D 342 -38.98 22.20 -26.00
C ALA D 342 -40.16 21.40 -25.49
N GLU D 343 -41.40 21.89 -25.65
CA GLU D 343 -42.60 21.15 -25.30
C GLU D 343 -43.81 21.92 -25.79
N ILE D 344 -44.87 21.20 -26.12
CA ILE D 344 -46.09 21.82 -26.60
C ILE D 344 -47.28 20.93 -26.25
N GLU D 345 -48.38 21.59 -25.87
CA GLU D 345 -49.63 20.90 -25.54
C GLU D 345 -50.14 20.13 -26.74
N VAL D 346 -50.55 18.89 -26.51
CA VAL D 346 -51.18 18.06 -27.54
C VAL D 346 -52.57 17.69 -27.06
N GLU D 347 -53.45 17.38 -28.02
CA GLU D 347 -54.79 16.91 -27.68
C GLU D 347 -55.50 16.35 -28.91
N GLY D 348 -56.14 15.19 -28.77
CA GLY D 348 -56.98 14.65 -29.80
C GLY D 348 -56.33 14.50 -31.16
N ASN D 349 -57.06 14.88 -32.21
CA ASN D 349 -56.55 14.87 -33.59
C ASN D 349 -56.43 16.31 -34.04
N SER D 350 -55.24 16.88 -33.88
CA SER D 350 -55.02 18.29 -34.14
C SER D 350 -53.63 18.51 -34.72
N GLN D 351 -53.39 19.73 -35.17
CA GLN D 351 -52.11 20.10 -35.76
C GLN D 351 -51.20 20.76 -34.74
N LEU D 352 -49.97 21.01 -35.15
CA LEU D 352 -49.05 21.85 -34.40
C LEU D 352 -48.06 22.46 -35.39
N GLN D 353 -47.43 23.55 -34.98
CA GLN D 353 -46.42 24.19 -35.81
C GLN D 353 -45.19 24.48 -34.95
N ILE D 354 -44.02 24.31 -35.56
CA ILE D 354 -42.75 24.50 -34.88
C ILE D 354 -41.89 25.42 -35.73
N SER D 355 -40.97 26.11 -35.06
CA SER D 355 -40.03 27.02 -35.72
C SER D 355 -38.63 26.48 -35.55
N PHE D 356 -38.00 26.09 -36.66
CA PHE D 356 -36.68 25.48 -36.63
C PHE D 356 -35.71 26.33 -37.41
N SER D 357 -34.46 26.33 -36.96
CA SER D 357 -33.38 27.07 -37.59
C SER D 357 -32.35 26.10 -38.13
N THR D 358 -31.93 26.31 -39.37
CA THR D 358 -30.99 25.40 -40.00
C THR D 358 -30.03 26.19 -40.86
N ALA D 359 -28.98 25.51 -41.31
CA ALA D 359 -28.10 26.01 -42.35
C ALA D 359 -28.08 25.10 -43.55
N LEU D 360 -28.82 23.99 -43.50
CA LEU D 360 -28.84 23.03 -44.58
C LEU D 360 -29.51 23.61 -45.81
N ALA D 361 -28.90 23.40 -46.97
CA ALA D 361 -29.50 23.86 -48.20
C ALA D 361 -30.77 23.09 -48.56
N SER D 362 -30.98 21.94 -47.93
CA SER D 362 -32.21 21.16 -48.14
C SER D 362 -32.55 20.52 -46.80
N ALA D 363 -33.52 21.10 -46.10
CA ALA D 363 -33.84 20.68 -44.75
C ALA D 363 -34.46 19.29 -44.77
N GLU D 364 -33.70 18.30 -44.33
CA GLU D 364 -34.20 16.94 -44.18
C GLU D 364 -33.79 16.44 -42.80
N PHE D 365 -34.77 16.18 -41.95
CA PHE D 365 -34.50 15.87 -40.55
C PHE D 365 -35.69 15.14 -39.95
N ARG D 366 -35.46 14.55 -38.78
CA ARG D 366 -36.49 13.86 -38.02
C ARG D 366 -36.84 14.66 -36.78
N VAL D 367 -38.10 14.62 -36.38
CA VAL D 367 -38.58 15.28 -35.17
C VAL D 367 -39.23 14.24 -34.28
N GLN D 368 -38.86 14.23 -33.02
CA GLN D 368 -39.46 13.33 -32.03
C GLN D 368 -40.45 14.16 -31.21
N VAL D 369 -41.75 13.95 -31.47
CA VAL D 369 -42.77 14.77 -30.82
C VAL D 369 -42.83 14.45 -29.35
N CYS D 370 -43.22 13.22 -29.00
CA CYS D 370 -43.10 12.74 -27.64
C CYS D 370 -42.21 11.51 -27.56
N SER D 371 -42.60 10.42 -28.21
CA SER D 371 -41.75 9.26 -28.42
C SER D 371 -41.77 8.75 -29.85
N THR D 372 -42.80 9.06 -30.62
CA THR D 372 -42.82 8.70 -32.02
C THR D 372 -41.95 9.65 -32.83
N GLN D 373 -41.52 9.19 -33.99
CA GLN D 373 -40.60 9.93 -34.85
C GLN D 373 -41.33 10.32 -36.12
N VAL D 374 -41.05 11.53 -36.62
CA VAL D 374 -41.58 11.97 -37.89
C VAL D 374 -40.42 12.49 -38.72
N HIS D 375 -40.49 12.29 -40.04
CA HIS D 375 -39.45 12.71 -40.95
C HIS D 375 -39.89 13.98 -41.67
N CYS D 376 -39.03 14.98 -41.67
CA CYS D 376 -39.31 16.27 -42.29
C CYS D 376 -38.39 16.47 -43.48
N ALA D 377 -38.93 17.04 -44.55
CA ALA D 377 -38.13 17.33 -45.74
C ALA D 377 -38.61 18.64 -46.33
N ALA D 378 -37.67 19.49 -46.74
CA ALA D 378 -38.02 20.81 -47.21
C ALA D 378 -36.89 21.37 -48.07
N GLU D 379 -37.20 22.45 -48.77
CA GLU D 379 -36.25 23.16 -49.60
C GLU D 379 -35.96 24.52 -48.99
N CYS D 380 -34.70 24.93 -49.02
CA CYS D 380 -34.25 26.12 -48.31
C CYS D 380 -33.88 27.22 -49.29
N HIS D 381 -34.38 28.40 -49.05
CA HIS D 381 -33.85 29.50 -49.84
C HIS D 381 -32.90 30.33 -49.00
N PRO D 382 -31.82 30.85 -49.60
CA PRO D 382 -30.88 31.64 -48.83
C PRO D 382 -31.51 32.95 -48.40
N PRO D 383 -31.11 33.50 -47.25
CA PRO D 383 -31.63 34.80 -46.83
C PRO D 383 -31.04 35.92 -47.66
N LYS D 384 -31.68 37.08 -47.55
CA LYS D 384 -31.30 38.24 -48.34
C LYS D 384 -30.34 39.18 -47.63
N ASP D 385 -30.24 39.12 -46.31
CA ASP D 385 -29.43 40.05 -45.55
C ASP D 385 -28.02 39.51 -45.37
N HIS D 386 -27.02 40.36 -45.63
CA HIS D 386 -25.64 39.91 -45.57
C HIS D 386 -25.10 39.89 -44.14
N ILE D 387 -25.66 40.70 -43.24
CA ILE D 387 -25.12 40.86 -41.90
C ILE D 387 -26.25 40.83 -40.89
N VAL D 388 -26.00 40.19 -39.75
CA VAL D 388 -26.91 40.21 -38.62
C VAL D 388 -26.11 40.50 -37.36
N ASN D 389 -26.82 40.90 -36.30
CA ASN D 389 -26.19 41.35 -35.07
C ASN D 389 -26.23 40.30 -33.97
N TYR D 390 -26.56 39.05 -34.30
CA TYR D 390 -26.62 37.99 -33.31
C TYR D 390 -25.90 36.77 -33.84
N PRO D 391 -25.30 35.96 -32.96
CA PRO D 391 -24.68 34.73 -33.42
C PRO D 391 -25.70 33.76 -33.97
N ALA D 392 -25.25 32.93 -34.90
CA ALA D 392 -26.14 31.99 -35.57
C ALA D 392 -26.73 30.99 -34.58
N SER D 393 -28.03 30.76 -34.70
CA SER D 393 -28.74 29.85 -33.80
C SER D 393 -28.84 28.44 -34.38
N HIS D 394 -27.70 27.90 -34.81
CA HIS D 394 -27.60 26.54 -35.33
C HIS D 394 -26.11 26.20 -35.39
N THR D 395 -25.76 25.11 -36.06
CA THR D 395 -24.39 24.65 -36.12
C THR D 395 -23.99 24.32 -37.56
N THR D 396 -22.68 24.28 -37.79
CA THR D 396 -22.13 23.98 -39.09
C THR D 396 -21.09 22.87 -38.98
N LEU D 397 -21.24 21.83 -39.82
CA LEU D 397 -20.39 20.65 -39.75
C LEU D 397 -19.93 20.29 -41.16
N GLY D 398 -19.38 19.08 -41.29
CA GLY D 398 -18.68 18.69 -42.50
C GLY D 398 -19.61 18.52 -43.69
N VAL D 399 -18.99 18.43 -44.87
CA VAL D 399 -19.70 18.57 -46.14
C VAL D 399 -20.71 17.44 -46.35
N GLN D 400 -20.33 16.21 -46.03
CA GLN D 400 -21.08 15.05 -46.50
C GLN D 400 -22.55 15.12 -46.11
N ASP D 401 -22.84 15.73 -44.96
CA ASP D 401 -24.21 15.84 -44.46
C ASP D 401 -24.84 17.20 -44.75
N ILE D 402 -24.24 18.01 -45.62
CA ILE D 402 -24.75 19.35 -45.85
C ILE D 402 -25.10 19.55 -47.33
N SER D 403 -24.66 18.62 -48.18
CA SER D 403 -24.94 18.77 -49.60
C SER D 403 -26.44 18.71 -49.87
N VAL D 404 -26.87 19.45 -50.89
CA VAL D 404 -28.28 19.61 -51.22
C VAL D 404 -28.85 18.26 -51.62
N THR D 405 -30.18 18.15 -51.62
CA THR D 405 -30.80 16.97 -52.23
C THR D 405 -30.58 16.95 -53.74
N ALA D 406 -30.29 18.09 -54.35
CA ALA D 406 -29.88 18.13 -55.75
C ALA D 406 -28.42 17.79 -55.95
N MET D 407 -27.81 17.10 -54.97
CA MET D 407 -26.53 16.43 -55.15
C MET D 407 -26.64 15.23 -56.07
N SER D 408 -27.83 14.94 -56.59
CA SER D 408 -28.00 13.81 -57.49
C SER D 408 -27.12 13.94 -58.73
N TRP D 409 -26.68 15.15 -59.07
CA TRP D 409 -25.67 15.28 -60.11
C TRP D 409 -24.41 14.54 -59.75
N VAL D 410 -23.97 14.63 -58.49
CA VAL D 410 -22.77 13.91 -58.07
C VAL D 410 -22.98 12.41 -58.22
N GLN D 411 -24.14 11.92 -57.79
CA GLN D 411 -24.42 10.50 -57.91
C GLN D 411 -24.46 10.06 -59.37
N LYS D 412 -25.07 10.85 -60.24
CA LYS D 412 -25.18 10.48 -61.64
C LYS D 412 -23.80 10.43 -62.29
N ILE D 413 -22.98 11.47 -62.09
CA ILE D 413 -21.66 11.47 -62.70
C ILE D 413 -20.81 10.34 -62.15
N THR D 414 -20.79 10.16 -60.83
CA THR D 414 -19.99 9.10 -60.25
C THR D 414 -20.45 7.73 -60.71
N GLY D 415 -21.76 7.52 -60.79
CA GLY D 415 -22.27 6.24 -61.25
C GLY D 415 -21.95 5.96 -62.70
N GLY D 416 -22.04 6.98 -63.56
CA GLY D 416 -21.68 6.80 -64.96
C GLY D 416 -20.20 6.47 -65.13
N VAL D 417 -19.34 7.19 -64.41
CA VAL D 417 -17.91 6.89 -64.47
C VAL D 417 -17.63 5.50 -63.93
N GLY D 418 -18.27 5.14 -62.82
CA GLY D 418 -18.09 3.80 -62.28
C GLY D 418 -18.57 2.72 -63.23
N LEU D 419 -19.66 2.99 -63.95
CA LEU D 419 -20.16 2.02 -64.91
C LEU D 419 -19.20 1.85 -66.07
N VAL D 420 -18.67 2.93 -66.61
CA VAL D 420 -17.75 2.78 -67.74
C VAL D 420 -16.46 2.11 -67.28
N VAL D 421 -16.01 2.41 -66.06
CA VAL D 421 -14.83 1.75 -65.53
C VAL D 421 -15.09 0.27 -65.30
N ALA D 422 -16.26 -0.08 -64.77
CA ALA D 422 -16.59 -1.48 -64.55
C ALA D 422 -16.69 -2.24 -65.87
N VAL D 423 -17.27 -1.61 -66.90
CA VAL D 423 -17.35 -2.25 -68.20
C VAL D 423 -15.97 -2.48 -68.78
N ALA D 424 -15.09 -1.48 -68.67
CA ALA D 424 -13.73 -1.66 -69.15
C ALA D 424 -13.02 -2.78 -68.40
N ALA D 425 -13.20 -2.83 -67.07
CA ALA D 425 -12.57 -3.88 -66.29
C ALA D 425 -13.11 -5.25 -66.65
N LEU D 426 -14.42 -5.36 -66.87
CA LEU D 426 -15.00 -6.64 -67.27
C LEU D 426 -14.48 -7.08 -68.63
N ILE D 427 -14.39 -6.15 -69.58
CA ILE D 427 -13.87 -6.50 -70.90
C ILE D 427 -12.42 -6.96 -70.78
N LEU D 428 -11.63 -6.27 -69.98
CA LEU D 428 -10.25 -6.67 -69.79
C LEU D 428 -10.15 -8.05 -69.13
N ILE D 429 -11.02 -8.31 -68.15
CA ILE D 429 -11.03 -9.62 -67.51
C ILE D 429 -11.37 -10.71 -68.51
N VAL D 430 -12.35 -10.46 -69.37
CA VAL D 430 -12.73 -11.46 -70.37
C VAL D 430 -11.58 -11.70 -71.34
N VAL D 431 -10.93 -10.62 -71.77
CA VAL D 431 -9.81 -10.78 -72.71
C VAL D 431 -8.65 -11.53 -72.04
N LEU D 432 -8.40 -11.27 -70.77
CA LEU D 432 -7.39 -12.04 -70.05
C LEU D 432 -7.78 -13.51 -69.94
N CYS D 433 -9.08 -13.79 -69.78
CA CYS D 433 -9.52 -15.16 -69.59
C CYS D 433 -9.22 -16.01 -70.83
N VAL D 434 -9.57 -15.52 -72.01
CA VAL D 434 -9.30 -16.28 -73.23
C VAL D 434 -7.80 -16.31 -73.48
N SER D 435 -7.10 -15.21 -73.20
CA SER D 435 -5.65 -15.20 -73.34
C SER D 435 -4.98 -16.08 -72.30
N PHE D 436 -5.66 -16.41 -71.21
CA PHE D 436 -5.14 -17.37 -70.24
C PHE D 436 -5.45 -18.81 -70.62
N SER D 437 -6.33 -19.03 -71.60
CA SER D 437 -6.69 -20.37 -72.03
C SER D 437 -6.17 -20.70 -73.43
N ARG D 438 -5.58 -19.73 -74.12
CA ARG D 438 -5.04 -19.95 -75.47
C ARG D 438 -3.56 -20.31 -75.45
N HIS D 439 -3.02 -20.70 -74.30
CA HIS D 439 -1.60 -21.01 -74.19
C HIS D 439 -1.35 -22.11 -73.18
N ASN E 1 13.86 8.93 66.75
CA ASN E 1 13.21 9.95 67.57
C ASN E 1 13.13 11.26 66.80
N PHE E 2 12.36 12.20 67.34
CA PHE E 2 12.14 13.50 66.71
C PHE E 2 13.01 14.60 67.27
N ASN E 3 14.03 14.25 68.06
CA ASN E 3 14.92 15.28 68.59
C ASN E 3 15.57 16.05 67.45
N VAL E 4 15.96 15.35 66.40
CA VAL E 4 16.65 15.99 65.27
C VAL E 4 15.74 16.98 64.57
N TYR E 5 14.44 16.69 64.50
CA TYR E 5 13.54 17.58 63.77
C TYR E 5 13.29 18.89 64.48
N LYS E 6 13.76 19.05 65.72
CA LYS E 6 13.51 20.29 66.45
C LYS E 6 14.27 21.47 65.88
N ALA E 7 15.22 21.23 64.97
CA ALA E 7 16.06 22.31 64.44
C ALA E 7 15.77 22.64 62.98
N ILE E 8 14.77 22.01 62.37
CA ILE E 8 14.48 22.18 60.96
C ILE E 8 13.00 22.48 60.78
N ARG E 9 12.64 22.97 59.61
CA ARG E 9 11.27 23.41 59.36
C ARG E 9 10.87 23.11 57.92
N PRO E 10 9.56 23.07 57.64
CA PRO E 10 9.10 22.82 56.28
C PRO E 10 9.57 23.88 55.30
N TYR E 11 9.24 23.71 54.02
CA TYR E 11 9.62 24.70 53.02
C TYR E 11 8.65 24.64 51.85
N LEU E 12 8.71 25.66 51.01
CA LEU E 12 7.90 25.74 49.81
C LEU E 12 8.77 25.47 48.60
N ALA E 13 8.23 24.74 47.63
CA ALA E 13 8.98 24.42 46.43
C ALA E 13 8.03 24.35 45.25
N HIS E 14 8.60 24.39 44.05
CA HIS E 14 7.78 24.44 42.85
C HIS E 14 7.09 23.11 42.60
N CYS E 15 5.83 23.19 42.16
CA CYS E 15 5.01 22.01 41.90
C CYS E 15 4.52 22.07 40.46
N PRO E 16 4.80 21.06 39.64
CA PRO E 16 4.43 21.14 38.22
C PRO E 16 2.94 21.21 37.98
N ASP E 17 2.12 20.76 38.92
CA ASP E 17 0.67 20.72 38.70
C ASP E 17 -0.01 20.75 40.05
N CYS E 18 -0.72 21.83 40.35
CA CYS E 18 -1.39 22.02 41.63
C CYS E 18 -2.88 21.76 41.54
N GLY E 19 -3.27 20.76 40.76
CA GLY E 19 -4.65 20.33 40.73
C GLY E 19 -5.42 20.78 39.51
N GLU E 20 -5.18 22.00 39.06
CA GLU E 20 -5.92 22.55 37.93
C GLU E 20 -5.04 22.76 36.70
N GLY E 21 -3.90 22.10 36.62
CA GLY E 21 -3.06 22.19 35.44
C GLY E 21 -2.12 23.36 35.40
N HIS E 22 -1.97 24.10 36.49
CA HIS E 22 -1.11 25.26 36.53
C HIS E 22 -0.04 25.07 37.60
N SER E 23 1.20 25.41 37.26
CA SER E 23 2.28 25.28 38.21
C SER E 23 2.14 26.35 39.29
N CYS E 24 2.29 25.92 40.54
CA CYS E 24 2.24 26.85 41.66
C CYS E 24 3.34 26.50 42.63
N HIS E 25 3.38 27.21 43.75
CA HIS E 25 4.25 26.91 44.87
C HIS E 25 3.41 26.36 46.00
N SER E 26 3.79 25.20 46.53
CA SER E 26 2.95 24.53 47.49
C SER E 26 3.74 24.11 48.72
N PRO E 27 3.09 24.04 49.88
CA PRO E 27 3.72 23.35 51.01
C PRO E 27 4.02 21.90 50.72
N VAL E 28 3.16 21.22 49.97
CA VAL E 28 3.41 19.85 49.53
C VAL E 28 4.13 19.96 48.19
N ALA E 29 5.41 19.63 48.20
CA ALA E 29 6.20 19.58 46.98
C ALA E 29 6.75 18.18 46.87
N LEU E 30 6.29 17.44 45.86
CA LEU E 30 6.69 16.06 45.70
C LEU E 30 8.18 16.01 45.40
N GLU E 31 8.97 15.59 46.38
CA GLU E 31 10.42 15.71 46.25
C GLU E 31 11.02 14.57 45.46
N ARG E 32 10.88 13.34 45.94
CA ARG E 32 11.46 12.19 45.24
C ARG E 32 10.75 10.93 45.71
N ILE E 33 10.15 10.20 44.78
CA ILE E 33 9.49 8.94 45.07
C ILE E 33 10.48 7.82 44.80
N ARG E 34 10.70 6.97 45.80
CA ARG E 34 11.58 5.82 45.65
C ARG E 34 10.78 4.56 45.91
N ASN E 35 10.96 3.56 45.06
CA ASN E 35 10.15 2.36 45.05
C ASN E 35 11.01 1.11 44.96
N GLU E 36 12.04 1.03 45.80
CA GLU E 36 12.97 -0.08 45.74
C GLU E 36 12.43 -1.35 46.39
N ALA E 37 11.26 -1.31 47.00
CA ALA E 37 10.70 -2.47 47.67
C ALA E 37 9.89 -3.28 46.68
N THR E 38 10.22 -4.57 46.56
CA THR E 38 9.58 -5.39 45.53
C THR E 38 8.18 -5.82 45.90
N ASP E 39 7.70 -5.53 47.11
CA ASP E 39 6.32 -5.86 47.45
C ASP E 39 5.35 -4.74 47.13
N GLY E 40 5.83 -3.62 46.60
CA GLY E 40 4.98 -2.58 46.10
C GLY E 40 4.78 -1.36 46.98
N THR E 41 5.48 -1.27 48.10
CA THR E 41 5.32 -0.12 48.99
C THR E 41 6.15 1.05 48.46
N LEU E 42 5.58 2.24 48.55
CA LEU E 42 6.25 3.46 48.14
C LEU E 42 6.74 4.24 49.36
N LYS E 43 7.90 4.87 49.21
CA LYS E 43 8.40 5.81 50.20
C LYS E 43 8.49 7.18 49.54
N ILE E 44 7.54 8.05 49.86
CA ILE E 44 7.39 9.33 49.23
C ILE E 44 8.00 10.40 50.12
N GLN E 45 8.81 11.27 49.53
CA GLN E 45 9.38 12.41 50.24
C GLN E 45 8.64 13.67 49.87
N VAL E 46 8.16 14.40 50.87
CA VAL E 46 7.33 15.57 50.66
C VAL E 46 7.87 16.71 51.52
N SER E 47 7.55 17.94 51.13
CA SER E 47 8.10 19.13 51.77
C SER E 47 7.48 19.43 53.13
N LEU E 48 6.41 18.75 53.53
CA LEU E 48 5.84 18.95 54.85
C LEU E 48 6.76 18.33 55.89
N GLN E 49 6.27 18.26 57.13
CA GLN E 49 6.85 17.40 58.15
C GLN E 49 5.69 16.81 58.92
N ILE E 50 5.59 15.49 58.95
CA ILE E 50 4.44 14.80 59.51
C ILE E 50 4.76 14.35 60.92
N GLY E 51 3.80 14.53 61.84
CA GLY E 51 3.92 14.05 63.20
C GLY E 51 4.53 15.02 64.17
N ILE E 52 5.04 16.16 63.71
CA ILE E 52 5.67 17.15 64.57
C ILE E 52 5.04 18.50 64.29
N LYS E 53 4.55 19.16 65.33
CA LYS E 53 3.88 20.44 65.18
C LYS E 53 4.88 21.58 65.33
N THR E 54 4.36 22.80 65.34
CA THR E 54 5.22 23.99 65.24
C THR E 54 6.13 24.13 66.45
N ASP E 55 5.63 23.79 67.63
CA ASP E 55 6.43 23.94 68.84
C ASP E 55 7.39 22.78 69.06
N ASP E 56 7.72 22.04 68.00
CA ASP E 56 8.69 20.95 68.02
C ASP E 56 8.27 19.80 68.92
N SER E 57 6.98 19.68 69.22
CA SER E 57 6.47 18.58 70.01
C SER E 57 5.97 17.48 69.07
N HIS E 58 6.30 16.25 69.41
CA HIS E 58 5.91 15.10 68.60
C HIS E 58 4.45 14.78 68.87
N ASP E 59 3.58 15.10 67.91
CA ASP E 59 2.15 14.77 67.99
C ASP E 59 1.79 14.03 66.72
N TRP E 60 1.48 12.74 66.85
CA TRP E 60 1.25 11.92 65.68
C TRP E 60 -0.04 12.26 64.95
N THR E 61 -0.90 13.10 65.53
CA THR E 61 -2.14 13.49 64.89
C THR E 61 -2.02 14.81 64.12
N LYS E 62 -0.84 15.41 64.07
CA LYS E 62 -0.65 16.73 63.51
C LYS E 62 0.52 16.73 62.54
N LEU E 63 0.50 17.73 61.65
CA LEU E 63 1.61 17.97 60.74
C LEU E 63 1.79 19.48 60.60
N ARG E 64 3.01 19.90 60.28
CA ARG E 64 3.32 21.30 60.13
C ARG E 64 3.80 21.58 58.72
N TYR E 65 3.53 22.79 58.24
CA TYR E 65 3.89 23.19 56.88
C TYR E 65 4.23 24.67 56.86
N MET E 66 4.92 25.09 55.82
CA MET E 66 5.28 26.50 55.64
C MET E 66 4.09 27.28 55.11
N ASP E 67 3.66 28.28 55.86
CA ASP E 67 2.69 29.28 55.41
C ASP E 67 3.40 30.63 55.40
N ASN E 68 3.59 31.18 54.20
CA ASN E 68 4.32 32.43 54.02
C ASN E 68 5.72 32.34 54.61
N HIS E 69 5.90 32.84 55.84
CA HIS E 69 7.21 32.84 56.47
C HIS E 69 7.27 32.05 57.77
N MET E 70 6.16 31.51 58.25
CA MET E 70 6.18 30.82 59.52
C MET E 70 5.48 29.47 59.42
N PRO E 71 6.03 28.44 60.07
CA PRO E 71 5.38 27.13 60.06
C PRO E 71 4.02 27.19 60.74
N ALA E 72 3.10 26.37 60.24
CA ALA E 72 1.75 26.29 60.79
C ALA E 72 1.31 24.84 60.84
N ASP E 73 0.46 24.52 61.80
CA ASP E 73 0.02 23.15 62.02
C ASP E 73 -1.17 22.81 61.14
N ALA E 74 -1.43 21.52 61.00
CA ALA E 74 -2.54 21.01 60.21
C ALA E 74 -2.89 19.63 60.73
N GLU E 75 -4.04 19.13 60.30
CA GLU E 75 -4.57 17.86 60.80
C GLU E 75 -4.06 16.71 59.93
N ARG E 76 -3.43 15.73 60.57
CA ARG E 76 -2.91 14.57 59.86
C ARG E 76 -4.02 13.75 59.23
N ALA E 77 -5.20 13.72 59.85
CA ALA E 77 -6.26 12.85 59.38
C ALA E 77 -6.75 13.23 57.99
N ARG E 78 -6.40 14.41 57.50
CA ARG E 78 -6.80 14.85 56.17
C ARG E 78 -5.66 14.80 55.17
N LEU E 79 -4.54 14.17 55.50
CA LEU E 79 -3.48 13.95 54.54
C LEU E 79 -3.81 12.72 53.71
N PHE E 80 -3.80 12.87 52.39
CA PHE E 80 -4.21 11.81 51.49
C PHE E 80 -3.20 11.66 50.37
N VAL E 81 -3.10 10.43 49.85
CA VAL E 81 -2.27 10.13 48.70
C VAL E 81 -3.14 9.41 47.68
N ARG E 82 -2.97 9.75 46.41
CA ARG E 82 -3.76 9.15 45.36
C ARG E 82 -2.88 8.89 44.14
N THR E 83 -3.11 7.77 43.47
CA THR E 83 -2.43 7.48 42.21
C THR E 83 -3.42 7.42 41.05
N SER E 84 -4.37 6.51 41.11
CA SER E 84 -5.58 6.57 40.32
C SER E 84 -6.81 6.32 41.15
N ALA E 85 -6.65 5.72 42.32
CA ALA E 85 -7.67 5.60 43.35
C ALA E 85 -6.99 5.93 44.66
N PRO E 86 -7.75 6.29 45.69
CA PRO E 86 -7.13 6.59 46.98
C PRO E 86 -6.28 5.44 47.47
N CYS E 87 -5.13 5.77 48.02
CA CYS E 87 -4.18 4.80 48.54
C CYS E 87 -4.31 4.72 50.05
N THR E 88 -3.56 3.82 50.66
CA THR E 88 -3.54 3.68 52.10
C THR E 88 -2.16 4.07 52.60
N ILE E 89 -2.12 4.95 53.60
CA ILE E 89 -0.87 5.45 54.15
C ILE E 89 -0.51 4.58 55.35
N THR E 90 0.42 3.67 55.15
CA THR E 90 0.77 2.74 56.21
C THR E 90 1.60 3.41 57.30
N GLY E 91 2.46 4.35 56.94
CA GLY E 91 3.32 4.98 57.94
C GLY E 91 3.75 6.36 57.50
N THR E 92 3.96 7.23 58.48
CA THR E 92 4.39 8.59 58.23
C THR E 92 5.34 9.03 59.33
N MET E 93 6.35 9.80 58.95
CA MET E 93 7.30 10.36 59.90
C MET E 93 8.20 11.36 59.18
N GLY E 94 8.42 12.52 59.79
CA GLY E 94 9.30 13.50 59.18
C GLY E 94 8.78 13.94 57.83
N HIS E 95 9.65 13.91 56.83
CA HIS E 95 9.28 14.28 55.47
C HIS E 95 8.72 13.12 54.66
N PHE E 96 8.71 11.91 55.20
CA PHE E 96 8.53 10.72 54.39
C PHE E 96 7.22 10.02 54.70
N ILE E 97 6.64 9.43 53.65
CA ILE E 97 5.35 8.77 53.71
C ILE E 97 5.49 7.39 53.10
N LEU E 98 4.79 6.42 53.68
CA LEU E 98 4.69 5.08 53.11
C LEU E 98 3.26 4.86 52.65
N ALA E 99 3.10 4.48 51.39
CA ALA E 99 1.77 4.30 50.82
C ALA E 99 1.76 3.03 49.99
N ARG E 100 0.64 2.30 50.06
CA ARG E 100 0.42 1.12 49.23
C ARG E 100 -0.53 1.49 48.11
N CYS E 101 -0.01 2.02 47.11
CA CYS E 101 -0.82 2.63 46.07
C CYS E 101 -1.21 1.61 45.00
N PRO E 102 -2.36 1.78 44.37
CA PRO E 102 -2.71 0.95 43.22
C PRO E 102 -1.97 1.40 41.97
N LYS E 103 -2.05 0.56 40.95
CA LYS E 103 -1.39 0.84 39.69
C LYS E 103 -1.92 2.11 39.06
N GLY E 104 -1.02 2.94 38.55
CA GLY E 104 -1.42 4.20 37.94
C GLY E 104 -0.21 4.88 37.34
N GLU E 105 -0.47 6.05 36.76
CA GLU E 105 0.56 6.79 36.04
C GLU E 105 0.92 8.12 36.66
N THR E 106 0.09 8.67 37.52
CA THR E 106 0.35 9.94 38.19
C THR E 106 0.21 9.76 39.68
N LEU E 107 1.10 10.40 40.43
CA LEU E 107 1.07 10.34 41.89
C LEU E 107 0.81 11.73 42.44
N THR E 108 -0.19 11.86 43.29
CA THR E 108 -0.55 13.13 43.90
C THR E 108 -0.68 12.97 45.39
N VAL E 109 -0.27 13.99 46.14
CA VAL E 109 -0.40 14.01 47.58
C VAL E 109 -0.85 15.40 47.99
N GLY E 110 -1.75 15.48 48.96
CA GLY E 110 -2.27 16.77 49.37
C GLY E 110 -2.87 16.71 50.76
N PHE E 111 -3.33 17.86 51.23
CA PHE E 111 -3.90 17.97 52.56
C PHE E 111 -4.80 19.20 52.60
N THR E 112 -5.24 19.57 53.80
CA THR E 112 -6.07 20.74 54.01
C THR E 112 -5.48 21.54 55.16
N ASP E 113 -5.35 22.85 54.97
CA ASP E 113 -4.76 23.70 56.01
C ASP E 113 -5.71 23.85 57.19
N GLY E 114 -5.26 24.63 58.17
CA GLY E 114 -6.17 25.10 59.21
C GLY E 114 -7.13 26.16 58.73
N ARG E 115 -6.86 26.73 57.55
CA ARG E 115 -7.74 27.72 56.94
C ARG E 115 -8.75 27.09 55.99
N LYS E 116 -8.92 25.77 56.05
CA LYS E 116 -9.83 25.02 55.18
C LYS E 116 -9.49 25.17 53.71
N ILE E 117 -8.23 25.39 53.39
CA ILE E 117 -7.75 25.46 52.02
C ILE E 117 -7.09 24.13 51.67
N SER E 118 -7.30 23.66 50.45
CA SER E 118 -6.82 22.36 50.00
C SER E 118 -5.63 22.54 49.07
N HIS E 119 -4.56 21.81 49.33
CA HIS E 119 -3.37 21.82 48.50
C HIS E 119 -3.13 20.42 47.95
N SER E 120 -2.39 20.35 46.85
CA SER E 120 -2.05 19.07 46.25
C SER E 120 -0.95 19.27 45.22
N CYS E 121 -0.02 18.32 45.18
CA CYS E 121 1.04 18.30 44.18
C CYS E 121 0.95 17.00 43.41
N THR E 122 1.05 17.08 42.08
CA THR E 122 0.91 15.92 41.22
C THR E 122 2.15 15.77 40.37
N HIS E 123 2.70 14.56 40.34
CA HIS E 123 3.87 14.29 39.51
C HIS E 123 3.58 13.13 38.57
N PRO E 124 4.20 13.12 37.40
CA PRO E 124 4.12 11.93 36.54
C PRO E 124 5.01 10.85 37.13
N PHE E 125 4.42 9.68 37.38
CA PHE E 125 5.15 8.59 38.03
C PHE E 125 4.54 7.28 37.59
N HIS E 126 5.29 6.51 36.81
CA HIS E 126 4.81 5.22 36.31
C HIS E 126 4.93 4.20 37.42
N HIS E 127 3.81 3.90 38.08
CA HIS E 127 3.78 2.93 39.17
C HIS E 127 3.22 1.62 38.64
N ASP E 128 4.10 0.65 38.45
CA ASP E 128 3.69 -0.71 38.09
C ASP E 128 4.56 -1.67 38.85
N PRO E 129 4.12 -2.11 40.03
CA PRO E 129 4.99 -2.91 40.88
C PRO E 129 5.33 -4.22 40.20
N PRO E 130 6.55 -4.71 40.40
CA PRO E 130 6.94 -5.96 39.76
C PRO E 130 6.13 -7.12 40.31
N VAL E 131 5.97 -8.14 39.47
CA VAL E 131 5.24 -9.33 39.88
C VAL E 131 6.17 -10.22 40.71
N ILE E 132 5.66 -10.69 41.84
CA ILE E 132 6.38 -11.65 42.67
C ILE E 132 5.89 -13.04 42.33
N GLY E 133 6.80 -13.92 41.99
CA GLY E 133 6.39 -15.25 41.62
C GLY E 133 5.99 -15.33 40.16
N ARG E 134 5.06 -16.23 39.88
CA ARG E 134 4.67 -16.52 38.50
C ARG E 134 3.19 -16.31 38.24
N GLU E 135 2.51 -15.55 39.09
CA GLU E 135 1.13 -15.18 38.86
C GLU E 135 0.95 -13.70 39.15
N LYS E 136 0.21 -13.01 38.29
CA LYS E 136 -0.06 -11.59 38.48
C LYS E 136 -1.35 -11.40 39.26
N PHE E 137 -1.28 -11.77 40.54
CA PHE E 137 -2.43 -11.65 41.41
C PHE E 137 -2.59 -10.22 41.90
N HIS E 138 -3.78 -9.91 42.40
CA HIS E 138 -4.15 -8.55 42.75
C HIS E 138 -4.40 -8.31 44.22
N SER E 139 -4.61 -9.36 45.01
CA SER E 139 -4.70 -9.21 46.46
C SER E 139 -4.12 -10.46 47.09
N ARG E 140 -3.58 -10.32 48.29
CA ARG E 140 -2.96 -11.46 48.93
C ARG E 140 -4.03 -12.47 49.34
N PRO E 141 -3.88 -13.73 48.99
CA PRO E 141 -4.94 -14.70 49.19
C PRO E 141 -4.88 -15.39 50.55
N GLN E 142 -5.98 -16.04 50.89
CA GLN E 142 -6.02 -16.79 52.14
C GLN E 142 -5.06 -17.97 52.11
N HIS E 143 -4.97 -18.66 50.98
CA HIS E 143 -4.15 -19.86 50.85
C HIS E 143 -3.10 -19.63 49.78
N GLY E 144 -1.87 -20.00 50.08
CA GLY E 144 -0.79 -19.77 49.14
C GLY E 144 0.53 -20.24 49.70
N ARG E 145 1.61 -19.68 49.16
CA ARG E 145 2.95 -20.00 49.62
C ARG E 145 3.75 -18.72 49.75
N GLU E 146 4.78 -18.77 50.58
CA GLU E 146 5.61 -17.61 50.85
C GLU E 146 6.78 -17.56 49.88
N LEU E 147 7.09 -16.36 49.41
CA LEU E 147 8.25 -16.10 48.57
C LEU E 147 9.03 -14.92 49.14
N PRO E 148 10.33 -14.89 48.92
CA PRO E 148 11.11 -13.76 49.42
C PRO E 148 10.77 -12.47 48.69
N CYS E 149 10.81 -11.38 49.42
CA CYS E 149 10.63 -10.05 48.85
C CYS E 149 11.23 -9.04 49.81
N SER E 150 11.15 -7.77 49.43
CA SER E 150 11.69 -6.69 50.24
C SER E 150 10.60 -5.64 50.47
N THR E 151 10.72 -4.92 51.57
CA THR E 151 9.70 -3.95 51.92
C THR E 151 10.32 -2.86 52.78
N TYR E 152 9.58 -1.78 52.95
CA TYR E 152 9.98 -0.69 53.82
C TYR E 152 9.42 -0.95 55.21
N ALA E 153 10.29 -1.25 56.17
CA ALA E 153 9.84 -1.57 57.51
C ALA E 153 9.19 -0.36 58.17
N GLN E 154 8.27 -0.63 59.09
CA GLN E 154 7.53 0.44 59.74
C GLN E 154 8.40 1.25 60.70
N SER E 155 9.56 0.72 61.10
CA SER E 155 10.35 1.36 62.14
C SER E 155 10.87 2.71 61.69
N THR E 156 11.03 3.61 62.66
CA THR E 156 11.61 4.93 62.45
C THR E 156 12.88 5.09 63.27
N ALA E 157 13.68 4.03 63.34
CA ALA E 157 14.91 4.06 64.15
C ALA E 157 15.95 5.01 63.60
N ALA E 158 15.77 5.53 62.38
CA ALA E 158 16.63 6.57 61.82
C ALA E 158 18.09 6.11 61.79
N THR E 159 18.33 5.10 60.95
CA THR E 159 19.63 4.46 60.90
C THR E 159 20.16 4.39 59.47
N ALA E 160 21.46 4.65 59.33
CA ALA E 160 22.27 4.22 58.21
C ALA E 160 22.07 5.00 56.91
N GLU E 161 21.09 5.88 56.85
CA GLU E 161 20.84 6.65 55.63
C GLU E 161 20.32 8.02 55.99
N GLU E 162 20.97 9.06 55.47
CA GLU E 162 20.73 10.43 55.91
C GLU E 162 20.51 11.35 54.73
N ILE E 163 19.88 12.48 55.00
CA ILE E 163 19.79 13.59 54.06
C ILE E 163 20.38 14.82 54.72
N GLU E 164 20.98 15.70 53.92
CA GLU E 164 21.64 16.87 54.45
C GLU E 164 20.64 18.02 54.63
N VAL E 165 20.93 18.88 55.60
CA VAL E 165 20.19 20.11 55.79
C VAL E 165 21.16 21.28 55.70
N HIS E 166 20.72 22.37 55.10
CA HIS E 166 21.57 23.52 54.86
C HIS E 166 20.91 24.78 55.43
N MET E 167 21.65 25.87 55.35
CA MET E 167 21.10 27.17 55.70
C MET E 167 20.16 27.63 54.59
N PRO E 168 18.91 27.95 54.90
CA PRO E 168 17.99 28.38 53.85
C PRO E 168 18.47 29.67 53.21
N PRO E 169 18.18 29.87 51.94
CA PRO E 169 18.54 31.13 51.28
C PRO E 169 17.62 32.26 51.71
N ASP E 170 18.00 33.47 51.30
CA ASP E 170 17.16 34.63 51.54
C ASP E 170 15.82 34.45 50.83
N THR E 171 14.74 34.84 51.52
CA THR E 171 13.40 34.61 51.00
C THR E 171 12.84 35.88 50.41
N PRO E 172 12.85 36.06 49.09
CA PRO E 172 12.28 37.28 48.52
C PRO E 172 10.80 37.38 48.80
N ASP E 173 10.35 38.61 49.03
CA ASP E 173 8.98 38.87 49.45
C ASP E 173 8.65 40.32 49.12
N ARG E 174 7.59 40.55 48.35
CA ARG E 174 7.22 41.90 47.97
C ARG E 174 6.16 42.50 48.89
N THR E 175 5.60 41.72 49.81
CA THR E 175 4.57 42.27 50.70
C THR E 175 5.16 43.19 51.75
N LEU E 176 6.41 42.95 52.16
CA LEU E 176 7.05 43.84 53.11
C LEU E 176 7.25 45.24 52.55
N MET E 177 7.28 45.35 51.22
CA MET E 177 7.69 46.58 50.54
C MET E 177 6.45 47.40 50.14
N SER E 178 5.84 48.01 51.15
CA SER E 178 4.69 48.87 50.91
C SER E 178 5.12 50.21 50.32
N GLN E 179 4.26 50.79 49.50
CA GLN E 179 4.53 52.04 48.81
C GLN E 179 3.56 53.10 49.31
N GLN E 180 4.10 54.25 49.73
CA GLN E 180 3.25 55.34 50.20
C GLN E 180 3.96 56.67 49.99
N SER E 181 3.20 57.67 49.56
CA SER E 181 3.67 59.05 49.40
C SER E 181 4.98 59.12 48.61
N GLY E 182 5.04 58.34 47.53
CA GLY E 182 6.26 58.29 46.74
C GLY E 182 7.46 57.78 47.51
N ASN E 183 7.24 56.83 48.43
CA ASN E 183 8.31 56.22 49.19
C ASN E 183 8.04 54.73 49.30
N VAL E 184 8.96 54.02 49.96
CA VAL E 184 8.77 52.62 50.32
C VAL E 184 9.10 52.49 51.79
N LYS E 185 8.11 52.08 52.60
CA LYS E 185 8.33 52.05 54.04
C LYS E 185 9.15 50.84 54.46
N ILE E 186 8.96 49.69 53.81
CA ILE E 186 9.65 48.45 54.14
C ILE E 186 9.38 48.07 55.58
N THR E 187 8.34 47.26 55.81
CA THR E 187 8.08 46.75 57.15
C THR E 187 9.19 45.76 57.54
N VAL E 188 9.08 45.23 58.75
CA VAL E 188 10.10 44.28 59.21
C VAL E 188 9.44 43.03 59.77
N ASN E 189 8.18 43.15 60.19
CA ASN E 189 7.41 42.03 60.75
C ASN E 189 8.20 41.25 61.80
N SER E 190 9.06 41.96 62.55
CA SER E 190 9.86 41.38 63.63
C SER E 190 10.83 40.31 63.11
N GLN E 191 11.43 40.53 61.95
CA GLN E 191 12.41 39.59 61.41
C GLN E 191 13.35 40.33 60.46
N THR E 192 14.61 39.91 60.44
CA THR E 192 15.64 40.57 59.65
C THR E 192 15.24 40.65 58.19
N VAL E 193 15.59 41.75 57.52
CA VAL E 193 15.30 41.92 56.11
C VAL E 193 16.52 42.52 55.44
N ARG E 194 16.83 42.05 54.23
CA ARG E 194 17.86 42.61 53.40
C ARG E 194 17.22 43.29 52.20
N TYR E 195 17.61 44.52 51.93
CA TYR E 195 17.01 45.30 50.85
C TYR E 195 18.11 45.88 49.98
N LYS E 196 17.83 45.98 48.69
CA LYS E 196 18.70 46.66 47.74
C LYS E 196 17.85 47.58 46.87
N CYS E 197 18.34 48.79 46.65
CA CYS E 197 17.60 49.82 45.92
C CYS E 197 18.35 50.20 44.66
N ASN E 198 17.60 50.50 43.60
CA ASN E 198 18.18 51.08 42.40
C ASN E 198 18.32 52.58 42.64
N CYS E 199 19.44 52.96 43.24
CA CYS E 199 19.80 54.32 43.62
C CYS E 199 18.87 54.89 44.69
N GLY E 200 17.89 54.13 45.16
CA GLY E 200 16.99 54.64 46.19
C GLY E 200 17.71 54.91 47.50
N ASP E 201 18.61 54.00 47.89
CA ASP E 201 19.37 54.17 49.11
C ASP E 201 20.71 53.47 48.93
N SER E 202 21.80 54.25 48.95
CA SER E 202 23.13 53.67 48.85
C SER E 202 23.49 52.86 50.08
N ASN E 203 22.78 53.06 51.19
CA ASN E 203 22.98 52.30 52.41
C ASN E 203 22.20 51.00 52.45
N GLU E 204 21.88 50.46 51.28
CA GLU E 204 21.14 49.21 51.19
C GLU E 204 21.88 48.09 51.91
N GLY E 205 21.16 47.32 52.71
CA GLY E 205 21.77 46.26 53.47
C GLY E 205 20.78 45.68 54.46
N LEU E 206 21.32 45.09 55.53
CA LEU E 206 20.49 44.48 56.55
C LEU E 206 19.67 45.53 57.27
N THR E 207 18.52 45.10 57.81
CA THR E 207 17.73 45.93 58.68
C THR E 207 16.97 45.04 59.66
N THR E 208 16.53 45.65 60.75
CA THR E 208 15.73 44.93 61.74
C THR E 208 14.57 45.80 62.23
N THR E 209 14.48 47.03 61.77
CA THR E 209 13.40 47.94 62.11
C THR E 209 12.83 48.52 60.83
N ASP E 210 11.59 49.00 60.92
CA ASP E 210 10.97 49.68 59.80
C ASP E 210 11.84 50.85 59.35
N LYS E 211 12.11 50.92 58.05
CA LYS E 211 13.06 51.89 57.51
C LYS E 211 12.51 52.41 56.19
N VAL E 212 11.91 53.59 56.22
CA VAL E 212 11.32 54.18 55.02
C VAL E 212 12.42 54.71 54.12
N ILE E 213 12.34 54.38 52.83
CA ILE E 213 13.25 54.89 51.81
C ILE E 213 12.45 55.79 50.88
N ASN E 214 12.94 57.00 50.67
CA ASN E 214 12.22 58.03 49.95
C ASN E 214 12.67 58.11 48.49
N ASN E 215 12.01 59.00 47.75
CA ASN E 215 12.37 59.36 46.37
C ASN E 215 12.59 58.12 45.48
N CYS E 216 11.89 57.04 45.78
CA CYS E 216 11.96 55.84 44.95
C CYS E 216 10.64 55.09 45.06
N LYS E 217 10.36 54.26 44.06
CA LYS E 217 9.14 53.49 44.00
C LYS E 217 9.43 52.02 44.29
N VAL E 218 8.38 51.21 44.17
CA VAL E 218 8.50 49.79 44.44
C VAL E 218 9.41 49.12 43.41
N ASP E 219 9.25 49.47 42.14
CA ASP E 219 9.97 48.78 41.08
C ASP E 219 11.46 49.01 41.13
N GLN E 220 11.92 49.97 41.93
CA GLN E 220 13.35 50.25 42.03
C GLN E 220 14.00 49.59 43.24
N CYS E 221 13.24 48.90 44.09
CA CYS E 221 13.75 48.33 45.32
C CYS E 221 13.39 46.85 45.41
N HIS E 222 14.20 46.12 46.17
CA HIS E 222 14.08 44.69 46.35
C HIS E 222 14.21 44.37 47.84
N ALA E 223 13.51 43.32 48.28
CA ALA E 223 13.50 43.00 49.70
C ALA E 223 13.45 41.49 49.87
N ALA E 224 14.00 41.01 50.99
CA ALA E 224 14.08 39.58 51.26
C ALA E 224 14.44 39.30 52.72
N VAL E 225 13.66 38.45 53.38
CA VAL E 225 14.02 38.02 54.73
C VAL E 225 15.31 37.23 54.65
N THR E 226 16.29 37.62 55.46
CA THR E 226 17.67 37.18 55.23
C THR E 226 18.31 36.41 56.36
N ASN E 227 17.73 36.39 57.55
CA ASN E 227 18.29 35.64 58.67
C ASN E 227 17.32 34.54 59.05
N HIS E 228 17.82 33.30 59.09
CA HIS E 228 17.01 32.15 59.44
C HIS E 228 17.73 31.32 60.49
N LYS E 229 17.01 30.94 61.54
CA LYS E 229 17.56 30.14 62.62
C LYS E 229 17.39 28.65 62.38
N LYS E 230 16.49 28.25 61.49
CA LYS E 230 16.19 26.85 61.23
C LYS E 230 16.77 26.44 59.89
N TRP E 231 16.89 25.14 59.66
CA TRP E 231 17.51 24.62 58.46
C TRP E 231 16.53 23.79 57.65
N GLN E 232 16.84 23.64 56.36
CA GLN E 232 16.02 22.88 55.43
C GLN E 232 16.87 21.85 54.72
N TYR E 233 16.21 20.76 54.30
CA TYR E 233 16.86 19.83 53.39
C TYR E 233 17.16 20.53 52.08
N ASN E 234 18.39 20.38 51.59
CA ASN E 234 18.83 21.12 50.40
C ASN E 234 18.26 20.46 49.15
N SER E 235 16.96 20.68 48.96
CA SER E 235 16.28 20.16 47.79
C SER E 235 16.78 20.85 46.54
N PRO E 236 16.68 20.19 45.38
CA PRO E 236 17.04 20.86 44.13
C PRO E 236 16.00 21.86 43.65
N LEU E 237 14.94 22.09 44.41
CA LEU E 237 13.92 23.06 44.04
C LEU E 237 14.06 24.39 44.75
N VAL E 238 15.08 24.55 45.60
CA VAL E 238 15.33 25.84 46.24
C VAL E 238 16.78 26.22 45.99
N PRO E 239 17.09 27.48 45.72
CA PRO E 239 18.47 27.86 45.40
C PRO E 239 19.38 27.78 46.60
N ARG E 240 20.67 27.61 46.32
CA ARG E 240 21.67 27.41 47.36
C ARG E 240 22.00 28.71 48.07
N ASN E 241 22.32 28.60 49.36
CA ASN E 241 22.58 29.78 50.18
C ASN E 241 23.80 30.55 49.69
N ALA E 242 24.88 29.86 49.36
CA ALA E 242 26.12 30.50 48.95
C ALA E 242 26.81 29.58 47.95
N GLU E 243 28.03 29.96 47.55
CA GLU E 243 28.78 29.12 46.60
C GLU E 243 29.11 27.75 47.16
N LEU E 244 29.26 27.62 48.47
CA LEU E 244 29.57 26.33 49.08
C LEU E 244 28.45 25.95 50.03
N GLY E 245 28.29 24.64 50.23
CA GLY E 245 27.29 24.16 51.17
C GLY E 245 27.56 24.63 52.58
N ASP E 246 26.70 25.50 53.09
CA ASP E 246 26.97 26.14 54.37
C ASP E 246 27.02 25.13 55.51
N ARG E 247 26.07 24.20 55.54
CA ARG E 247 25.97 23.24 56.62
C ARG E 247 26.22 21.84 56.11
N LYS E 248 26.13 20.88 57.03
CA LYS E 248 26.26 19.47 56.71
C LYS E 248 25.32 18.62 57.55
N GLY E 249 24.48 19.26 58.38
CA GLY E 249 23.66 18.52 59.32
C GLY E 249 22.82 17.46 58.62
N LYS E 250 22.80 16.27 59.20
CA LYS E 250 22.23 15.10 58.57
C LYS E 250 21.02 14.60 59.36
N VAL E 251 19.97 14.24 58.64
CA VAL E 251 18.75 13.70 59.23
C VAL E 251 18.61 12.26 58.74
N HIS E 252 18.66 11.31 59.67
CA HIS E 252 18.59 9.90 59.32
C HIS E 252 17.17 9.55 58.90
N ILE E 253 16.99 9.21 57.63
CA ILE E 253 15.64 8.98 57.09
C ILE E 253 15.10 7.67 57.62
N PRO E 254 13.82 7.59 57.93
CA PRO E 254 13.27 6.38 58.54
C PRO E 254 12.91 5.32 57.52
N PHE E 255 12.26 4.25 57.99
CA PHE E 255 11.74 3.20 57.14
C PHE E 255 12.84 2.51 56.34
N PRO E 256 13.66 1.69 56.99
CA PRO E 256 14.69 0.95 56.25
C PRO E 256 14.07 -0.12 55.38
N LEU E 257 14.82 -0.53 54.36
CA LEU E 257 14.42 -1.62 53.48
C LEU E 257 14.87 -2.93 54.11
N ALA E 258 13.92 -3.78 54.48
CA ALA E 258 14.21 -5.05 55.12
C ALA E 258 13.57 -6.18 54.35
N ASN E 259 14.30 -7.29 54.20
CA ASN E 259 13.75 -8.44 53.49
C ASN E 259 12.69 -9.13 54.34
N VAL E 260 11.70 -9.69 53.66
CA VAL E 260 10.55 -10.30 54.33
C VAL E 260 9.83 -11.16 53.30
N THR E 261 9.00 -12.08 53.78
CA THR E 261 8.27 -12.98 52.90
C THR E 261 6.92 -12.39 52.51
N CYS E 262 6.50 -12.70 51.29
CA CYS E 262 5.23 -12.24 50.74
C CYS E 262 4.47 -13.42 50.20
N ARG E 263 3.19 -13.52 50.56
CA ARG E 263 2.38 -14.67 50.19
C ARG E 263 1.83 -14.54 48.78
N VAL E 264 1.97 -15.59 47.99
CA VAL E 264 1.46 -15.62 46.62
C VAL E 264 0.55 -16.82 46.46
N PRO E 265 -0.44 -16.77 45.58
CA PRO E 265 -1.40 -17.87 45.48
C PRO E 265 -0.88 -19.00 44.63
N LYS E 266 -1.59 -20.13 44.69
CA LYS E 266 -1.31 -21.31 43.90
C LYS E 266 -2.46 -21.54 42.94
N ALA E 267 -2.15 -21.84 41.69
CA ALA E 267 -3.21 -22.02 40.71
C ALA E 267 -4.00 -23.28 40.99
N ARG E 268 -5.21 -23.34 40.44
CA ARG E 268 -6.01 -24.54 40.55
C ARG E 268 -5.34 -25.69 39.83
N ASN E 269 -5.55 -26.90 40.34
CA ASN E 269 -5.03 -28.07 39.66
C ASN E 269 -5.66 -28.16 38.27
N PRO E 270 -4.87 -28.39 37.24
CA PRO E 270 -5.45 -28.58 35.90
C PRO E 270 -6.14 -29.93 35.81
N THR E 271 -6.82 -30.14 34.69
CA THR E 271 -7.45 -31.42 34.39
C THR E 271 -6.61 -32.13 33.34
N VAL E 272 -5.75 -33.03 33.77
CA VAL E 272 -4.82 -33.71 32.88
C VAL E 272 -5.50 -34.92 32.26
N THR E 273 -5.15 -35.17 31.00
CA THR E 273 -5.57 -36.35 30.27
C THR E 273 -4.43 -36.77 29.36
N TYR E 274 -4.21 -38.07 29.25
CA TYR E 274 -3.03 -38.59 28.59
C TYR E 274 -3.38 -39.16 27.22
N GLY E 275 -2.39 -39.13 26.33
CA GLY E 275 -2.49 -39.75 25.04
C GLY E 275 -1.12 -40.25 24.64
N LYS E 276 -1.03 -40.85 23.47
CA LYS E 276 0.24 -41.43 23.04
C LYS E 276 1.29 -40.35 22.92
N ASN E 277 2.27 -40.36 23.83
CA ASN E 277 3.33 -39.35 23.89
C ASN E 277 2.74 -37.94 23.98
N GLN E 278 1.70 -37.78 24.78
CA GLN E 278 1.05 -36.48 24.91
C GLN E 278 0.48 -36.33 26.31
N VAL E 279 0.37 -35.07 26.75
CA VAL E 279 -0.41 -34.69 27.91
C VAL E 279 -1.35 -33.59 27.50
N ILE E 280 -2.64 -33.77 27.79
CA ILE E 280 -3.66 -32.79 27.50
C ILE E 280 -4.00 -32.11 28.82
N MET E 281 -3.79 -30.81 28.90
CA MET E 281 -4.03 -30.08 30.14
C MET E 281 -5.07 -29.01 29.91
N LEU E 282 -6.11 -29.02 30.72
CA LEU E 282 -7.12 -27.97 30.75
C LEU E 282 -6.86 -27.10 31.96
N LEU E 283 -6.71 -25.81 31.75
CA LEU E 283 -6.26 -24.89 32.79
C LEU E 283 -7.37 -23.90 33.14
N TYR E 284 -7.43 -23.52 34.40
CA TYR E 284 -8.43 -22.58 34.90
C TYR E 284 -7.75 -21.45 35.65
N PRO E 285 -7.15 -20.51 34.93
CA PRO E 285 -6.46 -19.40 35.59
C PRO E 285 -7.47 -18.37 36.08
N ASP E 286 -7.24 -17.86 37.29
CA ASP E 286 -8.00 -16.72 37.78
C ASP E 286 -7.35 -15.39 37.43
N HIS E 287 -6.13 -15.42 36.93
CA HIS E 287 -5.35 -14.23 36.60
C HIS E 287 -4.16 -14.67 35.78
N PRO E 288 -3.49 -13.75 35.10
CA PRO E 288 -2.35 -14.14 34.27
C PRO E 288 -1.36 -15.04 35.00
N THR E 289 -1.23 -16.26 34.52
CA THR E 289 -0.45 -17.30 35.15
C THR E 289 0.59 -17.81 34.15
N LEU E 290 1.78 -18.12 34.65
CA LEU E 290 2.87 -18.50 33.78
C LEU E 290 2.94 -20.01 33.69
N LEU E 291 2.99 -20.53 32.48
CA LEU E 291 3.15 -21.95 32.22
C LEU E 291 4.47 -22.14 31.49
N SER E 292 5.35 -22.96 32.05
CA SER E 292 6.62 -23.25 31.42
C SER E 292 6.87 -24.75 31.49
N TYR E 293 7.60 -25.26 30.51
CA TYR E 293 7.91 -26.69 30.50
C TYR E 293 9.19 -26.91 29.74
N ARG E 294 9.91 -27.95 30.12
CA ARG E 294 11.19 -28.28 29.52
C ARG E 294 11.37 -29.78 29.50
N ASN E 295 11.94 -30.30 28.42
CA ASN E 295 12.37 -31.68 28.42
C ASN E 295 13.46 -31.85 29.46
N MET E 296 13.52 -33.04 30.06
CA MET E 296 14.54 -33.31 31.05
C MET E 296 15.69 -34.13 30.50
N GLY E 297 16.08 -33.87 29.25
CA GLY E 297 17.20 -34.50 28.63
C GLY E 297 18.30 -33.53 28.29
N GLU E 298 19.08 -33.88 27.28
CA GLU E 298 20.24 -33.06 26.91
C GLU E 298 19.82 -31.71 26.37
N GLU E 299 18.76 -31.66 25.58
CA GLU E 299 18.25 -30.41 25.03
C GLU E 299 16.95 -30.07 25.71
N PRO E 300 16.95 -29.15 26.68
CA PRO E 300 15.72 -28.90 27.46
C PRO E 300 14.57 -28.38 26.62
N ASN E 301 14.86 -27.58 25.60
CA ASN E 301 13.82 -27.00 24.74
C ASN E 301 12.79 -26.23 25.55
N TYR E 302 13.27 -25.28 26.34
CA TYR E 302 12.41 -24.54 27.25
C TYR E 302 11.39 -23.70 26.50
N GLN E 303 10.15 -23.72 26.97
CA GLN E 303 9.09 -22.92 26.38
C GLN E 303 8.18 -22.42 27.48
N GLU E 304 7.51 -21.32 27.23
CA GLU E 304 6.67 -20.70 28.25
C GLU E 304 5.63 -19.82 27.58
N GLU E 305 4.60 -19.48 28.36
CA GLU E 305 3.57 -18.55 27.92
C GLU E 305 2.72 -18.17 29.11
N TRP E 306 2.15 -16.96 29.06
CA TRP E 306 1.18 -16.53 30.04
C TRP E 306 -0.20 -16.93 29.56
N VAL E 307 -0.95 -17.64 30.39
CA VAL E 307 -2.34 -17.97 30.07
C VAL E 307 -3.23 -17.09 30.93
N THR E 308 -4.20 -16.46 30.30
CA THR E 308 -5.06 -15.50 30.97
C THR E 308 -6.51 -15.93 31.04
N HIS E 309 -6.91 -16.94 30.29
CA HIS E 309 -8.25 -17.48 30.33
C HIS E 309 -8.16 -19.00 30.27
N LYS E 310 -9.31 -19.66 30.29
CA LYS E 310 -9.35 -21.11 30.16
C LYS E 310 -8.74 -21.54 28.83
N LYS E 311 -7.90 -22.57 28.88
CA LYS E 311 -7.12 -22.96 27.71
C LYS E 311 -6.84 -24.44 27.80
N GLU E 312 -6.59 -25.05 26.65
CA GLU E 312 -6.20 -26.46 26.57
C GLU E 312 -4.89 -26.57 25.80
N ILE E 313 -3.94 -27.30 26.38
CA ILE E 313 -2.61 -27.41 25.79
C ILE E 313 -2.30 -28.89 25.56
N ARG E 314 -1.48 -29.15 24.55
CA ARG E 314 -1.10 -30.51 24.18
C ARG E 314 0.43 -30.59 24.14
N LEU E 315 1.01 -30.99 25.26
CA LEU E 315 2.46 -31.15 25.37
C LEU E 315 2.86 -32.56 25.02
N THR E 316 3.93 -32.70 24.26
CA THR E 316 4.42 -34.00 23.85
C THR E 316 5.55 -34.43 24.76
N VAL E 317 5.43 -35.60 25.37
CA VAL E 317 6.41 -36.11 26.32
C VAL E 317 7.48 -36.86 25.54
N PRO E 318 8.72 -36.40 25.56
CA PRO E 318 9.81 -37.20 24.99
C PRO E 318 10.15 -38.36 25.92
N THR E 319 11.00 -39.25 25.42
CA THR E 319 11.40 -40.40 26.22
C THR E 319 12.18 -39.98 27.45
N GLU E 320 12.85 -38.84 27.40
CA GLU E 320 13.60 -38.38 28.56
C GLU E 320 12.69 -37.87 29.66
N GLY E 321 11.54 -37.31 29.30
CA GLY E 321 10.58 -36.82 30.26
C GLY E 321 10.19 -35.38 29.97
N LEU E 322 9.26 -34.89 30.79
CA LEU E 322 8.76 -33.54 30.65
C LEU E 322 8.48 -33.00 32.04
N GLU E 323 8.95 -31.79 32.32
CA GLU E 323 8.74 -31.16 33.61
C GLU E 323 7.92 -29.89 33.40
N VAL E 324 6.67 -29.91 33.82
CA VAL E 324 5.75 -28.81 33.60
C VAL E 324 5.49 -28.14 34.93
N THR E 325 5.78 -26.84 35.01
CA THR E 325 5.49 -26.04 36.20
C THR E 325 4.44 -25.01 35.84
N TRP E 326 3.33 -25.03 36.57
CA TRP E 326 2.14 -24.27 36.23
C TRP E 326 1.83 -23.33 37.38
N GLY E 327 2.01 -22.04 37.16
CA GLY E 327 1.73 -21.10 38.22
C GLY E 327 2.79 -21.16 39.30
N ASN E 328 2.35 -21.16 40.55
CA ASN E 328 3.25 -21.27 41.68
C ASN E 328 3.31 -22.68 42.24
N ASN E 329 2.65 -23.64 41.61
CA ASN E 329 2.68 -25.00 42.10
C ASN E 329 4.06 -25.61 41.90
N GLU E 330 4.29 -26.73 42.56
CA GLU E 330 5.47 -27.53 42.30
C GLU E 330 5.37 -28.14 40.91
N PRO E 331 6.49 -28.36 40.25
CA PRO E 331 6.44 -28.87 38.88
C PRO E 331 5.89 -30.28 38.80
N TYR E 332 5.27 -30.58 37.66
CA TYR E 332 4.79 -31.91 37.34
C TYR E 332 5.76 -32.57 36.38
N LYS E 333 5.98 -33.87 36.55
CA LYS E 333 6.94 -34.60 35.74
C LYS E 333 6.26 -35.82 35.15
N TYR E 334 6.28 -35.95 33.83
CA TYR E 334 5.65 -37.05 33.12
C TYR E 334 6.68 -37.79 32.26
N TRP E 335 6.63 -39.11 32.29
CA TRP E 335 7.40 -39.99 31.43
C TRP E 335 6.45 -40.89 30.67
N PRO E 336 6.80 -41.30 29.46
CA PRO E 336 5.91 -42.19 28.70
C PRO E 336 6.23 -43.65 28.93
N GLN E 337 5.23 -44.49 28.65
CA GLN E 337 5.39 -45.94 28.72
C GLN E 337 5.41 -46.52 27.32
N LEU E 338 5.78 -47.80 27.24
CA LEU E 338 5.86 -48.46 25.95
C LEU E 338 4.50 -48.98 25.51
N SER E 339 3.49 -48.12 25.50
CA SER E 339 2.17 -48.55 25.08
C SER E 339 2.10 -48.62 23.56
N THR E 340 1.32 -49.58 23.08
CA THR E 340 1.13 -49.72 21.63
C THR E 340 -0.12 -50.53 21.36
N ASN E 341 -0.68 -50.33 20.17
CA ASN E 341 -1.83 -51.09 19.71
C ASN E 341 -1.44 -52.38 19.01
N GLY E 342 -0.31 -52.39 18.31
CA GLY E 342 0.14 -53.60 17.67
C GLY E 342 0.68 -54.57 18.70
N THR E 343 1.23 -55.68 18.25
CA THR E 343 1.80 -56.64 19.19
C THR E 343 2.89 -57.49 18.56
N ALA E 344 3.90 -57.80 19.34
CA ALA E 344 4.79 -58.92 19.01
C ALA E 344 3.99 -60.19 19.23
N HIS E 345 4.61 -61.35 19.02
CA HIS E 345 3.96 -62.64 19.18
C HIS E 345 2.89 -62.84 18.09
N GLY E 346 2.65 -61.83 17.28
CA GLY E 346 1.66 -61.89 16.24
C GLY E 346 2.25 -62.11 14.86
N HIS E 347 1.43 -61.86 13.85
CA HIS E 347 1.87 -61.98 12.47
C HIS E 347 2.83 -60.86 12.12
N PRO E 348 3.64 -61.04 11.07
CA PRO E 348 4.73 -60.07 10.81
C PRO E 348 4.28 -58.63 10.68
N HIS E 349 3.11 -58.36 10.10
CA HIS E 349 2.64 -56.98 10.03
C HIS E 349 2.39 -56.43 11.42
N GLU E 350 1.86 -57.25 12.32
CA GLU E 350 1.67 -56.80 13.70
C GLU E 350 2.99 -56.51 14.37
N ILE E 351 4.01 -57.36 14.14
CA ILE E 351 5.30 -57.14 14.76
C ILE E 351 5.93 -55.86 14.27
N ILE E 352 5.92 -55.61 12.96
CA ILE E 352 6.54 -54.39 12.46
C ILE E 352 5.75 -53.17 12.93
N LEU E 353 4.43 -53.28 13.02
CA LEU E 353 3.65 -52.17 13.55
C LEU E 353 4.02 -51.89 14.99
N TYR E 354 4.16 -52.95 15.81
CA TYR E 354 4.55 -52.78 17.20
C TYR E 354 5.89 -52.06 17.30
N TYR E 355 6.88 -52.55 16.58
CA TYR E 355 8.21 -51.95 16.70
C TYR E 355 8.26 -50.57 16.09
N TYR E 356 7.32 -50.25 15.19
CA TYR E 356 7.26 -48.88 14.67
C TYR E 356 6.67 -47.94 15.70
N GLU E 357 5.63 -48.36 16.40
CA GLU E 357 5.07 -47.50 17.44
C GLU E 357 6.03 -47.32 18.60
N LEU E 358 6.81 -48.34 18.94
CA LEU E 358 7.71 -48.19 20.07
C LEU E 358 8.92 -47.34 19.74
N TYR E 359 9.65 -47.70 18.67
CA TYR E 359 10.87 -47.01 18.27
C TYR E 359 10.79 -46.70 16.78
N PRO E 360 10.16 -45.59 16.41
CA PRO E 360 9.82 -45.38 15.00
C PRO E 360 11.03 -45.21 14.08
N THR E 361 11.93 -44.28 14.42
CA THR E 361 13.04 -43.99 13.52
C THR E 361 13.93 -45.20 13.34
N MET E 362 14.31 -45.84 14.44
CA MET E 362 15.23 -46.96 14.36
C MET E 362 14.59 -48.14 13.65
N THR E 363 13.29 -48.36 13.88
CA THR E 363 12.58 -49.41 13.17
C THR E 363 12.59 -49.17 11.67
N VAL E 364 12.30 -47.94 11.26
CA VAL E 364 12.28 -47.63 9.83
C VAL E 364 13.67 -47.86 9.24
N VAL E 365 14.70 -47.38 9.93
CA VAL E 365 16.06 -47.54 9.42
C VAL E 365 16.41 -49.01 9.27
N VAL E 366 16.11 -49.82 10.30
CA VAL E 366 16.49 -51.22 10.27
C VAL E 366 15.74 -51.97 9.18
N VAL E 367 14.42 -51.76 9.07
CA VAL E 367 13.66 -52.51 8.08
C VAL E 367 14.08 -52.09 6.67
N SER E 368 14.34 -50.81 6.45
CA SER E 368 14.73 -50.36 5.12
C SER E 368 16.10 -50.91 4.75
N VAL E 369 17.08 -50.81 5.65
CA VAL E 369 18.41 -51.32 5.35
C VAL E 369 18.37 -52.83 5.12
N ALA E 370 17.64 -53.56 5.96
CA ALA E 370 17.58 -55.00 5.81
C ALA E 370 16.89 -55.39 4.51
N SER E 371 15.79 -54.70 4.16
CA SER E 371 15.11 -55.03 2.91
C SER E 371 16.00 -54.74 1.72
N PHE E 372 16.73 -53.62 1.73
CA PHE E 372 17.63 -53.31 0.64
C PHE E 372 18.74 -54.35 0.53
N VAL E 373 19.29 -54.76 1.67
CA VAL E 373 20.39 -55.73 1.63
C VAL E 373 19.90 -57.08 1.15
N LEU E 374 18.72 -57.50 1.59
CA LEU E 374 18.17 -58.77 1.12
C LEU E 374 17.88 -58.72 -0.38
N LEU E 375 17.36 -57.58 -0.86
CA LEU E 375 17.12 -57.44 -2.29
C LEU E 375 18.44 -57.50 -3.06
N SER E 376 19.48 -56.84 -2.55
CA SER E 376 20.77 -56.89 -3.23
C SER E 376 21.35 -58.30 -3.22
N MET E 377 21.16 -59.02 -2.12
CA MET E 377 21.67 -60.39 -2.04
C MET E 377 20.98 -61.29 -3.04
N VAL E 378 19.64 -61.19 -3.15
CA VAL E 378 18.94 -62.03 -4.11
C VAL E 378 19.26 -61.60 -5.54
N GLY E 379 19.53 -60.32 -5.75
CA GLY E 379 19.99 -59.88 -7.06
C GLY E 379 21.33 -60.47 -7.42
N VAL E 380 22.27 -60.45 -6.48
CA VAL E 380 23.59 -61.05 -6.69
C VAL E 380 23.44 -62.54 -7.00
N ALA E 381 22.56 -63.21 -6.26
CA ALA E 381 22.29 -64.62 -6.57
C ALA E 381 21.76 -64.78 -7.98
N VAL E 382 20.85 -63.89 -8.40
CA VAL E 382 20.41 -63.90 -9.79
C VAL E 382 21.57 -63.52 -10.71
N GLY E 383 22.35 -62.52 -10.32
CA GLY E 383 23.50 -62.14 -11.13
C GLY E 383 24.51 -63.27 -11.24
N MET E 384 24.80 -63.94 -10.14
CA MET E 384 25.67 -65.12 -10.19
C MET E 384 25.01 -66.28 -10.91
N CYS E 385 23.71 -66.25 -11.12
CA CYS E 385 23.09 -67.22 -12.02
C CYS E 385 23.14 -66.74 -13.46
N MET E 386 23.19 -65.43 -13.69
CA MET E 386 23.42 -64.92 -15.03
C MET E 386 24.86 -65.20 -15.48
N CYS E 387 25.83 -64.88 -14.63
CA CYS E 387 27.22 -65.18 -14.96
C CYS E 387 27.46 -66.66 -15.12
N ALA E 388 26.69 -67.50 -14.44
CA ALA E 388 26.85 -68.95 -14.58
C ALA E 388 26.22 -69.46 -15.86
N ARG E 389 25.22 -68.77 -16.39
CA ARG E 389 24.58 -69.25 -17.60
C ARG E 389 25.39 -68.92 -18.85
N ARG E 390 26.40 -68.05 -18.73
CA ARG E 390 27.25 -67.75 -19.88
C ARG E 390 28.32 -68.83 -20.05
N ARG E 391 29.19 -68.99 -19.04
CA ARG E 391 30.31 -69.90 -19.18
C ARG E 391 29.86 -71.34 -19.36
N CYS E 392 28.62 -71.66 -18.95
CA CYS E 392 28.09 -72.99 -19.20
C CYS E 392 27.51 -73.13 -20.59
N ILE E 393 27.24 -72.04 -21.28
CA ILE E 393 26.57 -72.10 -22.58
C ILE E 393 27.42 -71.54 -23.72
N THR E 394 28.41 -70.70 -23.45
CA THR E 394 29.19 -70.13 -24.53
C THR E 394 30.00 -71.18 -25.28
N PRO E 395 30.72 -72.12 -24.63
CA PRO E 395 31.28 -73.24 -25.39
C PRO E 395 30.29 -73.94 -26.29
N TYR E 396 29.01 -73.95 -25.96
CA TYR E 396 28.03 -74.70 -26.75
C TYR E 396 27.49 -73.92 -27.93
N GLU E 397 27.88 -72.65 -28.10
CA GLU E 397 27.48 -71.89 -29.27
C GLU E 397 28.64 -71.45 -30.13
N LEU E 398 29.88 -71.64 -29.70
CA LEU E 398 31.01 -71.48 -30.60
C LEU E 398 31.17 -72.66 -31.53
N THR E 399 30.71 -73.84 -31.13
CA THR E 399 30.78 -75.01 -31.99
C THR E 399 29.78 -74.89 -33.14
N PRO E 400 30.24 -75.02 -34.39
CA PRO E 400 29.31 -74.90 -35.52
C PRO E 400 28.19 -75.92 -35.50
N GLY E 401 28.43 -77.11 -34.98
CA GLY E 401 27.35 -78.07 -34.83
C GLY E 401 26.30 -77.55 -33.87
N ALA E 402 25.16 -77.15 -34.41
CA ALA E 402 24.09 -76.55 -33.60
C ALA E 402 23.24 -77.66 -32.99
N THR E 403 23.77 -78.27 -31.94
CA THR E 403 23.04 -79.28 -31.20
C THR E 403 23.43 -79.18 -29.73
N VAL E 404 22.45 -79.30 -28.85
CA VAL E 404 22.69 -79.26 -27.40
C VAL E 404 21.96 -80.43 -26.77
N PRO E 405 22.47 -80.99 -25.67
CA PRO E 405 21.81 -82.15 -25.07
C PRO E 405 20.40 -81.79 -24.59
N PHE E 406 19.50 -82.77 -24.69
CA PHE E 406 18.11 -82.53 -24.32
C PHE E 406 17.99 -82.17 -22.84
N LEU E 407 18.76 -82.86 -21.98
CA LEU E 407 18.71 -82.56 -20.56
C LEU E 407 19.10 -81.12 -20.27
N LEU E 408 20.26 -80.71 -20.77
CA LEU E 408 20.70 -79.34 -20.51
C LEU E 408 19.75 -78.34 -21.15
N SER E 409 19.30 -78.63 -22.37
CA SER E 409 18.34 -77.75 -23.04
C SER E 409 17.12 -77.53 -22.17
N LEU E 410 16.64 -78.59 -21.52
CA LEU E 410 15.54 -78.45 -20.58
C LEU E 410 15.95 -77.62 -19.36
N ILE E 411 17.20 -77.77 -18.92
CA ILE E 411 17.63 -77.10 -17.70
C ILE E 411 17.72 -75.59 -17.93
N CYS E 412 18.59 -75.16 -18.85
CA CYS E 412 18.81 -73.73 -19.03
C CYS E 412 17.69 -73.06 -19.82
N CYS E 413 16.83 -73.85 -20.47
CA CYS E 413 15.75 -73.36 -21.32
C CYS E 413 16.18 -72.16 -22.15
N ILE E 414 15.47 -71.03 -22.02
CA ILE E 414 15.68 -69.80 -22.78
C ILE E 414 15.98 -70.06 -24.25
N ARG E 415 15.39 -71.12 -24.80
CA ARG E 415 15.45 -71.44 -26.22
C ARG E 415 14.09 -71.16 -26.86
N THR E 416 13.95 -71.52 -28.12
CA THR E 416 12.66 -71.45 -28.80
C THR E 416 11.86 -72.70 -28.48
N ALA E 417 10.74 -72.89 -29.17
CA ALA E 417 9.87 -74.05 -28.95
C ALA E 417 10.33 -75.22 -29.82
N LYS E 418 11.53 -75.71 -29.52
CA LYS E 418 12.12 -76.81 -30.27
C LYS E 418 11.57 -78.15 -29.78
N ALA E 419 11.92 -79.20 -30.50
CA ALA E 419 11.41 -80.55 -30.24
C ALA E 419 11.91 -81.10 -28.91
N ASN F 1 -39.13 -10.14 57.09
CA ASN F 1 -39.20 -9.67 58.45
C ASN F 1 -37.89 -9.97 59.18
N PHE F 2 -37.57 -9.16 60.19
CA PHE F 2 -36.32 -9.27 60.92
C PHE F 2 -36.42 -10.09 62.19
N ASN F 3 -37.57 -10.73 62.45
CA ASN F 3 -37.72 -11.51 63.66
C ASN F 3 -36.72 -12.66 63.73
N VAL F 4 -36.25 -13.12 62.56
CA VAL F 4 -35.28 -14.22 62.54
C VAL F 4 -33.95 -13.82 63.15
N TYR F 5 -33.68 -12.52 63.25
CA TYR F 5 -32.39 -12.05 63.74
C TYR F 5 -32.39 -11.80 65.24
N LYS F 6 -33.47 -12.13 65.94
CA LYS F 6 -33.49 -11.95 67.38
C LYS F 6 -32.56 -12.93 68.07
N ALA F 7 -32.41 -14.13 67.53
CA ALA F 7 -31.66 -15.18 68.20
C ALA F 7 -30.19 -15.24 67.79
N ILE F 8 -29.77 -14.44 66.80
CA ILE F 8 -28.44 -14.56 66.24
C ILE F 8 -27.73 -13.22 66.31
N ARG F 9 -26.41 -13.27 66.17
CA ARG F 9 -25.56 -12.11 66.38
C ARG F 9 -24.39 -12.11 65.40
N PRO F 10 -23.79 -10.95 65.15
CA PRO F 10 -22.60 -10.89 64.30
C PRO F 10 -21.43 -11.67 64.86
N TYR F 11 -20.33 -11.73 64.14
CA TYR F 11 -19.17 -12.50 64.60
C TYR F 11 -17.92 -11.95 63.95
N LEU F 12 -16.78 -12.36 64.49
CA LEU F 12 -15.48 -12.06 63.92
C LEU F 12 -14.98 -13.27 63.13
N ALA F 13 -14.22 -13.00 62.08
CA ALA F 13 -13.68 -14.07 61.26
C ALA F 13 -12.42 -13.57 60.58
N HIS F 14 -11.64 -14.52 60.06
CA HIS F 14 -10.35 -14.17 59.50
C HIS F 14 -10.50 -13.37 58.22
N CYS F 15 -9.49 -12.57 57.93
CA CYS F 15 -9.50 -11.75 56.73
C CYS F 15 -8.13 -11.74 56.08
N PRO F 16 -8.02 -12.12 54.81
CA PRO F 16 -6.68 -12.19 54.19
C PRO F 16 -5.99 -10.86 54.09
N ASP F 17 -6.74 -9.76 54.04
CA ASP F 17 -6.14 -8.43 53.85
C ASP F 17 -7.03 -7.40 54.55
N CYS F 18 -6.50 -6.77 55.58
CA CYS F 18 -7.24 -5.73 56.31
C CYS F 18 -6.83 -4.34 55.85
N GLY F 19 -6.57 -4.18 54.56
CA GLY F 19 -6.24 -2.88 54.01
C GLY F 19 -4.77 -2.54 54.01
N GLU F 20 -3.92 -3.40 54.56
CA GLU F 20 -2.49 -3.10 54.61
C GLU F 20 -1.64 -4.29 54.23
N GLY F 21 -2.19 -5.27 53.53
CA GLY F 21 -1.44 -6.47 53.21
C GLY F 21 -1.08 -7.31 54.42
N HIS F 22 -1.98 -7.40 55.39
CA HIS F 22 -1.79 -8.25 56.54
C HIS F 22 -3.13 -8.87 56.91
N SER F 23 -3.08 -9.97 57.65
CA SER F 23 -4.27 -10.72 58.01
C SER F 23 -4.66 -10.41 59.44
N CYS F 24 -5.86 -9.89 59.63
CA CYS F 24 -6.38 -9.66 60.97
C CYS F 24 -7.84 -10.05 60.99
N HIS F 25 -8.29 -10.59 62.12
CA HIS F 25 -9.69 -10.94 62.26
C HIS F 25 -10.54 -9.67 62.26
N SER F 26 -11.57 -9.65 61.42
CA SER F 26 -12.28 -8.40 61.20
C SER F 26 -13.76 -8.59 61.49
N PRO F 27 -14.42 -7.54 62.00
CA PRO F 27 -15.88 -7.59 62.11
C PRO F 27 -16.57 -7.64 60.76
N VAL F 28 -15.91 -7.23 59.69
CA VAL F 28 -16.39 -7.43 58.33
C VAL F 28 -15.57 -8.56 57.73
N ALA F 29 -16.15 -9.73 57.64
CA ALA F 29 -15.51 -10.85 56.96
C ALA F 29 -16.32 -11.18 55.72
N LEU F 30 -15.64 -11.27 54.58
CA LEU F 30 -16.29 -11.54 53.32
C LEU F 30 -16.52 -13.03 53.20
N GLU F 31 -17.77 -13.45 53.35
CA GLU F 31 -18.08 -14.88 53.31
C GLU F 31 -18.19 -15.39 51.88
N ARG F 32 -19.17 -14.87 51.14
CA ARG F 32 -19.46 -15.41 49.82
C ARG F 32 -20.07 -14.33 48.96
N ILE F 33 -19.48 -14.11 47.79
CA ILE F 33 -19.95 -13.13 46.81
C ILE F 33 -20.57 -13.90 45.67
N ARG F 34 -21.88 -13.73 45.47
CA ARG F 34 -22.58 -14.42 44.40
C ARG F 34 -23.10 -13.41 43.39
N ASN F 35 -22.68 -13.56 42.14
CA ASN F 35 -23.03 -12.66 41.06
C ASN F 35 -23.86 -13.38 40.00
N GLU F 36 -24.84 -14.15 40.44
CA GLU F 36 -25.62 -14.94 39.48
C GLU F 36 -26.48 -14.07 38.58
N ALA F 37 -26.79 -12.85 38.99
CA ALA F 37 -27.64 -11.99 38.17
C ALA F 37 -26.91 -11.55 36.92
N THR F 38 -27.63 -11.50 35.80
CA THR F 38 -27.02 -11.18 34.53
C THR F 38 -26.88 -9.70 34.27
N ASP F 39 -27.39 -8.84 35.14
CA ASP F 39 -27.24 -7.40 34.96
C ASP F 39 -26.18 -6.80 35.86
N GLY F 40 -25.32 -7.62 36.45
CA GLY F 40 -24.16 -7.13 37.17
C GLY F 40 -24.37 -6.82 38.63
N THR F 41 -25.58 -6.97 39.15
CA THR F 41 -25.80 -6.75 40.57
C THR F 41 -25.11 -7.84 41.38
N LEU F 42 -24.46 -7.44 42.47
CA LEU F 42 -23.77 -8.35 43.35
C LEU F 42 -24.54 -8.49 44.65
N LYS F 43 -24.60 -9.70 45.18
CA LYS F 43 -25.14 -9.95 46.51
C LYS F 43 -24.01 -10.45 47.38
N ILE F 44 -23.70 -9.70 48.44
CA ILE F 44 -22.50 -9.90 49.23
C ILE F 44 -22.90 -10.29 50.64
N GLN F 45 -22.30 -11.35 51.16
CA GLN F 45 -22.57 -11.81 52.51
C GLN F 45 -21.40 -11.45 53.42
N VAL F 46 -21.70 -10.76 54.51
CA VAL F 46 -20.68 -10.22 55.41
C VAL F 46 -21.07 -10.53 56.84
N SER F 47 -20.10 -10.38 57.75
CA SER F 47 -20.31 -10.80 59.14
C SER F 47 -21.23 -9.86 59.90
N LEU F 48 -21.37 -8.62 59.45
CA LEU F 48 -22.22 -7.65 60.14
C LEU F 48 -23.67 -8.05 60.11
N GLN F 49 -24.53 -7.26 60.72
CA GLN F 49 -25.97 -7.38 60.54
C GLN F 49 -26.51 -5.97 60.37
N ILE F 50 -26.95 -5.66 59.17
CA ILE F 50 -27.33 -4.31 58.80
C ILE F 50 -28.82 -4.12 58.98
N GLY F 51 -29.21 -2.94 59.44
CA GLY F 51 -30.61 -2.64 59.65
C GLY F 51 -31.16 -3.05 60.99
N ILE F 52 -30.37 -3.69 61.84
CA ILE F 52 -30.80 -4.10 63.16
C ILE F 52 -29.71 -3.76 64.16
N LYS F 53 -30.10 -3.11 65.25
CA LYS F 53 -29.18 -2.74 66.31
C LYS F 53 -29.35 -3.68 67.49
N THR F 54 -28.36 -3.66 68.38
CA THR F 54 -28.45 -4.43 69.61
C THR F 54 -29.72 -4.04 70.36
N ASP F 55 -30.31 -5.03 71.04
CA ASP F 55 -31.68 -5.11 71.57
C ASP F 55 -32.67 -5.57 70.49
N ASP F 56 -32.14 -6.01 69.35
CA ASP F 56 -32.93 -6.72 68.34
C ASP F 56 -34.13 -5.92 67.86
N SER F 57 -33.92 -4.63 67.60
CA SER F 57 -34.96 -3.78 67.06
C SER F 57 -34.57 -3.32 65.66
N HIS F 58 -35.51 -3.41 64.73
CA HIS F 58 -35.24 -3.00 63.35
C HIS F 58 -34.99 -1.51 63.28
N ASP F 59 -33.87 -1.14 62.65
CA ASP F 59 -33.55 0.27 62.47
C ASP F 59 -32.67 0.38 61.22
N TRP F 60 -33.22 0.96 60.16
CA TRP F 60 -32.55 0.93 58.87
C TRP F 60 -31.36 1.88 58.79
N THR F 61 -31.13 2.73 59.79
CA THR F 61 -29.97 3.60 59.79
C THR F 61 -28.85 3.08 60.69
N LYS F 62 -28.96 1.86 61.18
CA LYS F 62 -27.97 1.31 62.09
C LYS F 62 -27.57 -0.09 61.67
N LEU F 63 -26.35 -0.47 62.03
CA LEU F 63 -25.87 -1.84 61.89
C LEU F 63 -25.17 -2.23 63.17
N ARG F 64 -25.16 -3.53 63.45
CA ARG F 64 -24.50 -4.05 64.63
C ARG F 64 -23.41 -5.02 64.21
N TYR F 65 -22.26 -4.93 64.85
CA TYR F 65 -21.11 -5.78 64.58
C TYR F 65 -20.71 -6.45 65.90
N MET F 66 -19.56 -7.11 65.91
CA MET F 66 -19.00 -7.69 67.12
C MET F 66 -17.71 -7.00 67.49
N ASP F 67 -17.64 -6.44 68.70
CA ASP F 67 -16.44 -5.73 69.12
C ASP F 67 -15.38 -6.68 69.67
N ASN F 68 -15.63 -7.25 70.84
CA ASN F 68 -14.85 -8.39 71.31
C ASN F 68 -15.72 -9.58 71.69
N HIS F 69 -16.66 -9.37 72.60
CA HIS F 69 -17.62 -10.40 72.99
C HIS F 69 -19.06 -9.92 72.92
N MET F 70 -19.32 -8.63 73.01
CA MET F 70 -20.67 -8.10 73.00
C MET F 70 -20.90 -7.34 71.71
N PRO F 71 -21.98 -7.60 70.99
CA PRO F 71 -22.27 -6.81 69.80
C PRO F 71 -22.42 -5.33 70.14
N ALA F 72 -21.92 -4.49 69.25
CA ALA F 72 -22.00 -3.04 69.39
C ALA F 72 -22.88 -2.50 68.28
N ASP F 73 -22.91 -1.18 68.13
CA ASP F 73 -23.63 -0.54 67.05
C ASP F 73 -22.71 0.36 66.25
N ALA F 74 -23.13 0.68 65.03
CA ALA F 74 -22.38 1.58 64.16
C ALA F 74 -23.35 2.21 63.18
N GLU F 75 -22.85 3.21 62.46
CA GLU F 75 -23.66 3.99 61.54
C GLU F 75 -23.74 3.32 60.18
N ARG F 76 -24.97 3.13 59.69
CA ARG F 76 -25.16 2.54 58.37
C ARG F 76 -24.60 3.44 57.27
N ALA F 77 -24.71 4.75 57.44
CA ALA F 77 -24.29 5.67 56.38
C ALA F 77 -22.78 5.64 56.15
N ARG F 78 -22.01 5.04 57.06
CA ARG F 78 -20.58 4.95 56.86
C ARG F 78 -20.15 3.66 56.18
N LEU F 79 -21.09 2.77 55.90
CA LEU F 79 -20.77 1.54 55.20
C LEU F 79 -20.45 1.82 53.74
N PHE F 80 -19.47 1.09 53.20
CA PHE F 80 -19.06 1.28 51.83
C PHE F 80 -18.61 -0.04 51.24
N VAL F 81 -18.66 -0.12 49.91
CA VAL F 81 -18.14 -1.27 49.19
C VAL F 81 -17.55 -0.76 47.88
N ARG F 82 -16.32 -1.16 47.57
CA ARG F 82 -15.65 -0.67 46.38
C ARG F 82 -14.90 -1.78 45.70
N THR F 83 -15.01 -1.84 44.37
CA THR F 83 -14.26 -2.81 43.58
C THR F 83 -12.94 -2.19 43.12
N SER F 84 -13.03 -1.19 42.26
CA SER F 84 -11.92 -0.31 41.97
C SER F 84 -12.32 1.15 42.07
N ALA F 85 -13.61 1.44 42.07
CA ALA F 85 -14.18 2.74 42.39
C ALA F 85 -15.36 2.47 43.29
N PRO F 86 -15.84 3.47 44.02
CA PRO F 86 -16.97 3.23 44.93
C PRO F 86 -18.18 2.68 44.20
N CYS F 87 -18.90 1.78 44.86
CA CYS F 87 -20.05 1.10 44.28
C CYS F 87 -21.32 1.58 44.96
N THR F 88 -22.43 1.47 44.24
CA THR F 88 -23.72 1.95 44.72
C THR F 88 -24.44 0.83 45.45
N ILE F 89 -24.64 1.01 46.75
CA ILE F 89 -25.36 0.02 47.55
C ILE F 89 -26.85 0.23 47.34
N THR F 90 -27.51 -0.76 46.74
CA THR F 90 -28.91 -0.66 46.41
C THR F 90 -29.82 -1.29 47.46
N GLY F 91 -29.28 -2.02 48.42
CA GLY F 91 -30.11 -2.64 49.44
C GLY F 91 -29.26 -3.41 50.42
N THR F 92 -29.75 -3.46 51.66
CA THR F 92 -29.09 -4.20 52.72
C THR F 92 -30.14 -4.87 53.58
N MET F 93 -29.78 -6.02 54.14
CA MET F 93 -30.62 -6.70 55.12
C MET F 93 -29.80 -7.76 55.83
N GLY F 94 -29.69 -7.66 57.14
CA GLY F 94 -28.96 -8.68 57.88
C GLY F 94 -27.54 -8.78 57.39
N HIS F 95 -27.11 -10.01 57.11
CA HIS F 95 -25.73 -10.22 56.68
C HIS F 95 -25.48 -9.78 55.24
N PHE F 96 -26.51 -9.59 54.45
CA PHE F 96 -26.37 -9.49 53.00
C PHE F 96 -26.45 -8.06 52.50
N ILE F 97 -25.74 -7.78 51.42
CA ILE F 97 -25.65 -6.47 50.81
C ILE F 97 -25.86 -6.62 49.31
N LEU F 98 -26.66 -5.73 48.73
CA LEU F 98 -26.74 -5.59 47.28
C LEU F 98 -25.88 -4.41 46.86
N ALA F 99 -25.26 -4.52 45.68
CA ALA F 99 -24.37 -3.47 45.23
C ALA F 99 -24.22 -3.54 43.73
N ARG F 100 -24.16 -2.39 43.09
CA ARG F 100 -23.87 -2.28 41.67
C ARG F 100 -22.43 -1.80 41.52
N CYS F 101 -21.54 -2.70 41.18
CA CYS F 101 -20.13 -2.36 41.26
C CYS F 101 -19.52 -2.23 39.86
N PRO F 102 -18.56 -1.33 39.69
CA PRO F 102 -17.86 -1.23 38.42
C PRO F 102 -16.92 -2.39 38.21
N LYS F 103 -16.53 -2.57 36.96
CA LYS F 103 -15.61 -3.63 36.60
C LYS F 103 -14.29 -3.47 37.35
N GLY F 104 -13.80 -4.55 37.93
CA GLY F 104 -12.58 -4.51 38.70
C GLY F 104 -12.10 -5.91 39.02
N GLU F 105 -10.97 -5.97 39.71
CA GLU F 105 -10.30 -7.24 39.99
C GLU F 105 -10.26 -7.60 41.46
N THR F 106 -10.85 -6.80 42.34
CA THR F 106 -10.89 -7.14 43.76
C THR F 106 -12.05 -6.39 44.40
N LEU F 107 -12.56 -6.95 45.49
CA LEU F 107 -13.72 -6.38 46.15
C LEU F 107 -13.41 -6.14 47.62
N THR F 108 -13.70 -4.92 48.09
CA THR F 108 -13.47 -4.57 49.48
C THR F 108 -14.72 -3.94 50.05
N VAL F 109 -15.07 -4.32 51.27
CA VAL F 109 -16.21 -3.75 51.99
C VAL F 109 -15.74 -3.41 53.39
N GLY F 110 -16.25 -2.30 53.92
CA GLY F 110 -15.85 -1.87 55.24
C GLY F 110 -16.82 -0.88 55.84
N PHE F 111 -16.54 -0.51 57.08
CA PHE F 111 -17.39 0.40 57.84
C PHE F 111 -16.55 1.09 58.89
N THR F 112 -17.07 2.19 59.42
CA THR F 112 -16.38 2.95 60.45
C THR F 112 -17.01 2.65 61.80
N ASP F 113 -16.19 2.22 62.75
CA ASP F 113 -16.67 1.76 64.04
C ASP F 113 -17.22 2.92 64.86
N GLY F 114 -17.97 2.57 65.91
CA GLY F 114 -18.45 3.57 66.84
C GLY F 114 -17.34 4.28 67.58
N ARG F 115 -16.15 3.68 67.64
CA ARG F 115 -14.97 4.32 68.21
C ARG F 115 -14.18 5.10 67.16
N LYS F 116 -14.80 5.47 66.05
CA LYS F 116 -14.14 6.19 64.97
C LYS F 116 -12.94 5.39 64.44
N ILE F 117 -13.12 4.09 64.27
CA ILE F 117 -12.11 3.21 63.71
C ILE F 117 -12.68 2.58 62.45
N SER F 118 -11.86 2.50 61.41
CA SER F 118 -12.29 1.97 60.11
C SER F 118 -11.80 0.53 59.96
N HIS F 119 -12.74 -0.38 59.73
CA HIS F 119 -12.43 -1.76 59.41
C HIS F 119 -12.78 -2.03 57.96
N SER F 120 -12.00 -2.91 57.32
CA SER F 120 -12.27 -3.26 55.94
C SER F 120 -11.77 -4.68 55.69
N CYS F 121 -12.27 -5.28 54.62
CA CYS F 121 -11.86 -6.61 54.20
C CYS F 121 -11.74 -6.61 52.68
N THR F 122 -10.70 -7.25 52.17
CA THR F 122 -10.43 -7.25 50.74
C THR F 122 -10.26 -8.69 50.25
N HIS F 123 -11.15 -9.13 49.38
CA HIS F 123 -10.95 -10.40 48.73
C HIS F 123 -10.68 -10.20 47.26
N PRO F 124 -9.92 -11.09 46.63
CA PRO F 124 -9.77 -11.03 45.18
C PRO F 124 -11.01 -11.61 44.52
N PHE F 125 -11.64 -10.83 43.64
CA PHE F 125 -12.88 -11.26 43.02
C PHE F 125 -12.94 -10.66 41.63
N HIS F 126 -12.85 -11.50 40.61
CA HIS F 126 -12.84 -11.04 39.22
C HIS F 126 -14.25 -10.66 38.82
N HIS F 127 -14.59 -9.39 39.02
CA HIS F 127 -15.90 -8.87 38.64
C HIS F 127 -15.83 -8.35 37.22
N ASP F 128 -16.61 -8.96 36.33
CA ASP F 128 -16.71 -8.51 34.94
C ASP F 128 -18.08 -8.92 34.45
N PRO F 129 -19.07 -8.06 34.59
CA PRO F 129 -20.45 -8.45 34.33
C PRO F 129 -20.64 -8.87 32.88
N PRO F 130 -21.48 -9.87 32.64
CA PRO F 130 -21.66 -10.36 31.27
C PRO F 130 -22.33 -9.31 30.41
N VAL F 131 -22.06 -9.38 29.11
CA VAL F 131 -22.66 -8.44 28.17
C VAL F 131 -24.07 -8.92 27.84
N ILE F 132 -25.01 -8.00 27.83
CA ILE F 132 -26.38 -8.27 27.43
C ILE F 132 -26.54 -7.81 25.99
N GLY F 133 -27.08 -8.67 25.15
CA GLY F 133 -27.20 -8.26 23.78
C GLY F 133 -25.86 -8.30 23.08
N ARG F 134 -25.78 -7.52 22.00
CA ARG F 134 -24.65 -7.58 21.08
C ARG F 134 -23.81 -6.32 21.08
N GLU F 135 -23.93 -5.48 22.11
CA GLU F 135 -23.11 -4.28 22.25
C GLU F 135 -22.56 -4.20 23.65
N LYS F 136 -21.27 -3.89 23.75
CA LYS F 136 -20.61 -3.78 25.06
C LYS F 136 -20.71 -2.35 25.59
N PHE F 137 -21.94 -1.94 25.86
CA PHE F 137 -22.18 -0.59 26.37
C PHE F 137 -21.77 -0.49 27.83
N HIS F 138 -21.81 0.73 28.36
CA HIS F 138 -21.35 1.00 29.71
C HIS F 138 -22.44 1.53 30.62
N SER F 139 -23.20 2.52 30.19
CA SER F 139 -24.31 3.05 30.97
C SER F 139 -25.58 2.99 30.13
N ARG F 140 -26.70 2.74 30.79
CA ARG F 140 -27.93 2.53 30.04
C ARG F 140 -28.35 3.81 29.34
N PRO F 141 -28.81 3.73 28.10
CA PRO F 141 -29.05 4.94 27.31
C PRO F 141 -30.51 5.40 27.37
N GLN F 142 -30.73 6.59 26.83
CA GLN F 142 -32.09 7.11 26.74
C GLN F 142 -32.92 6.30 25.75
N HIS F 143 -32.33 5.92 24.63
CA HIS F 143 -33.04 5.23 23.57
C HIS F 143 -32.39 3.88 23.29
N GLY F 144 -33.22 2.87 23.05
CA GLY F 144 -32.74 1.54 22.78
C GLY F 144 -33.87 0.55 22.80
N ARG F 145 -33.51 -0.72 22.92
CA ARG F 145 -34.49 -1.79 23.03
C ARG F 145 -34.30 -2.50 24.37
N GLU F 146 -35.27 -3.33 24.71
CA GLU F 146 -35.26 -4.03 25.99
C GLU F 146 -35.09 -5.53 25.77
N LEU F 147 -34.15 -6.12 26.49
CA LEU F 147 -33.85 -7.53 26.44
C LEU F 147 -34.03 -8.14 27.82
N PRO F 148 -34.43 -9.40 27.90
CA PRO F 148 -34.60 -10.05 29.21
C PRO F 148 -33.28 -10.20 29.93
N CYS F 149 -33.34 -10.13 31.26
CA CYS F 149 -32.18 -10.34 32.11
C CYS F 149 -32.67 -10.71 33.49
N SER F 150 -31.74 -10.84 34.43
CA SER F 150 -32.05 -11.26 35.78
C SER F 150 -31.42 -10.31 36.77
N THR F 151 -32.12 -10.07 37.88
CA THR F 151 -31.65 -9.14 38.90
C THR F 151 -32.07 -9.67 40.26
N TYR F 152 -31.31 -9.27 41.28
CA TYR F 152 -31.71 -9.53 42.65
C TYR F 152 -32.78 -8.52 43.04
N ALA F 153 -33.97 -8.99 43.34
CA ALA F 153 -35.07 -8.10 43.67
C ALA F 153 -34.85 -7.45 45.02
N GLN F 154 -35.35 -6.22 45.17
CA GLN F 154 -35.18 -5.48 46.41
C GLN F 154 -35.93 -6.11 47.57
N SER F 155 -36.92 -6.95 47.29
CA SER F 155 -37.81 -7.46 48.33
C SER F 155 -37.04 -8.26 49.37
N THR F 156 -37.30 -7.97 50.64
CA THR F 156 -36.72 -8.70 51.75
C THR F 156 -37.65 -9.77 52.30
N ALA F 157 -38.76 -10.05 51.60
CA ALA F 157 -39.71 -11.07 52.03
C ALA F 157 -39.06 -12.42 51.85
N ALA F 158 -38.14 -12.74 52.76
CA ALA F 158 -37.26 -13.88 52.60
C ALA F 158 -38.05 -15.17 52.55
N THR F 159 -37.71 -16.03 51.58
CA THR F 159 -38.46 -17.25 51.35
C THR F 159 -37.70 -18.15 50.39
N ALA F 160 -37.69 -19.45 50.72
CA ALA F 160 -37.31 -20.56 49.86
C ALA F 160 -35.81 -20.84 49.80
N GLU F 161 -34.98 -20.02 50.43
CA GLU F 161 -33.57 -20.35 50.57
C GLU F 161 -33.08 -19.84 51.90
N GLU F 162 -32.33 -20.65 52.63
CA GLU F 162 -31.96 -20.35 54.00
C GLU F 162 -30.51 -20.71 54.25
N ILE F 163 -29.90 -20.05 55.22
CA ILE F 163 -28.60 -20.41 55.74
C ILE F 163 -28.79 -20.93 57.16
N GLU F 164 -27.94 -21.85 57.57
CA GLU F 164 -28.06 -22.45 58.89
C GLU F 164 -27.30 -21.66 59.92
N VAL F 165 -27.77 -21.71 61.17
CA VAL F 165 -27.10 -21.12 62.31
C VAL F 165 -26.83 -22.21 63.32
N HIS F 166 -25.71 -22.11 64.01
CA HIS F 166 -25.27 -23.12 64.96
C HIS F 166 -24.94 -22.47 66.29
N MET F 167 -24.54 -23.29 67.25
CA MET F 167 -24.10 -22.78 68.53
C MET F 167 -22.64 -22.34 68.40
N PRO F 168 -22.32 -21.07 68.66
CA PRO F 168 -20.95 -20.62 68.46
C PRO F 168 -20.00 -21.38 69.35
N PRO F 169 -18.75 -21.55 68.92
CA PRO F 169 -17.79 -22.30 69.73
C PRO F 169 -17.35 -21.54 70.97
N ASP F 170 -16.36 -22.09 71.68
CA ASP F 170 -15.82 -21.44 72.86
C ASP F 170 -14.82 -20.37 72.44
N THR F 171 -15.19 -19.11 72.61
CA THR F 171 -14.31 -18.00 72.25
C THR F 171 -13.13 -17.91 73.20
N PRO F 172 -11.92 -18.20 72.75
CA PRO F 172 -10.76 -18.03 73.63
C PRO F 172 -10.43 -16.56 73.83
N ASP F 173 -9.83 -16.26 74.98
CA ASP F 173 -9.50 -14.88 75.31
C ASP F 173 -8.38 -14.89 76.35
N ARG F 174 -7.20 -14.41 75.96
CA ARG F 174 -6.09 -14.33 76.91
C ARG F 174 -6.34 -13.27 77.97
N THR F 175 -7.14 -12.25 77.66
CA THR F 175 -7.31 -11.12 78.55
C THR F 175 -7.92 -11.53 79.89
N LEU F 176 -8.84 -12.49 79.89
CA LEU F 176 -9.48 -12.89 81.13
C LEU F 176 -8.46 -13.40 82.14
N MET F 177 -7.37 -13.98 81.66
CA MET F 177 -6.38 -14.61 82.52
C MET F 177 -5.39 -13.56 83.05
N SER F 178 -5.80 -12.88 84.11
CA SER F 178 -4.92 -11.92 84.78
C SER F 178 -4.07 -12.64 85.82
N GLN F 179 -2.76 -12.57 85.67
CA GLN F 179 -1.82 -13.32 86.48
C GLN F 179 -1.18 -12.43 87.54
N GLN F 180 -1.11 -12.95 88.76
CA GLN F 180 -0.49 -12.21 89.85
C GLN F 180 0.07 -13.17 90.88
N SER F 181 1.31 -12.94 91.29
CA SER F 181 1.97 -13.65 92.39
C SER F 181 1.92 -15.16 92.19
N GLY F 182 2.33 -15.60 91.00
CA GLY F 182 2.31 -17.01 90.69
C GLY F 182 0.93 -17.61 90.63
N ASN F 183 -0.10 -16.79 90.44
CA ASN F 183 -1.47 -17.26 90.34
C ASN F 183 -2.18 -16.45 89.27
N VAL F 184 -3.32 -16.98 88.81
CA VAL F 184 -4.18 -16.30 87.86
C VAL F 184 -5.55 -16.14 88.51
N LYS F 185 -6.08 -14.92 88.48
CA LYS F 185 -7.33 -14.64 89.16
C LYS F 185 -8.56 -14.81 88.27
N ILE F 186 -8.39 -14.72 86.95
CA ILE F 186 -9.48 -14.93 85.98
C ILE F 186 -10.61 -13.93 86.20
N THR F 187 -10.59 -12.85 85.44
CA THR F 187 -11.66 -11.85 85.50
C THR F 187 -12.84 -12.36 84.68
N VAL F 188 -13.86 -12.87 85.36
CA VAL F 188 -14.98 -13.51 84.68
C VAL F 188 -15.75 -12.49 83.83
N ASN F 189 -16.02 -11.31 84.38
CA ASN F 189 -16.80 -10.27 83.70
C ASN F 189 -18.18 -10.78 83.28
N SER F 190 -18.83 -11.55 84.15
CA SER F 190 -20.20 -11.99 83.97
C SER F 190 -20.37 -12.89 82.75
N GLN F 191 -19.37 -13.70 82.44
CA GLN F 191 -19.45 -14.64 81.32
C GLN F 191 -18.85 -15.97 81.74
N THR F 192 -19.60 -17.05 81.52
CA THR F 192 -19.12 -18.37 81.90
C THR F 192 -17.89 -18.73 81.08
N VAL F 193 -16.81 -19.08 81.77
CA VAL F 193 -15.54 -19.39 81.14
C VAL F 193 -15.19 -20.84 81.42
N ARG F 194 -14.38 -21.42 80.56
CA ARG F 194 -13.80 -22.74 80.78
C ARG F 194 -12.29 -22.60 80.92
N TYR F 195 -11.73 -23.26 81.93
CA TYR F 195 -10.32 -23.12 82.22
C TYR F 195 -9.62 -24.47 82.11
N LYS F 196 -8.30 -24.43 82.03
CA LYS F 196 -7.47 -25.62 82.06
C LYS F 196 -6.05 -25.21 82.39
N CYS F 197 -5.37 -26.06 83.17
CA CYS F 197 -3.97 -25.82 83.53
C CYS F 197 -3.22 -27.14 83.50
N ASN F 198 -2.25 -27.24 82.58
CA ASN F 198 -1.37 -28.40 82.59
C ASN F 198 -0.52 -28.42 83.86
N CYS F 199 -0.05 -27.26 84.30
CA CYS F 199 0.73 -27.15 85.51
C CYS F 199 -0.17 -27.19 86.75
N GLY F 200 0.43 -27.45 87.89
CA GLY F 200 -0.32 -27.52 89.13
C GLY F 200 -1.37 -28.61 89.09
N ASP F 201 -2.54 -28.29 89.63
CA ASP F 201 -3.63 -29.25 89.65
C ASP F 201 -4.14 -29.52 88.24
N SER F 202 -4.79 -30.67 88.08
CA SER F 202 -5.42 -31.06 86.82
C SER F 202 -6.92 -30.75 86.80
N ASN F 203 -7.34 -29.66 87.45
CA ASN F 203 -8.75 -29.33 87.55
C ASN F 203 -9.15 -28.43 86.38
N GLU F 204 -10.14 -28.86 85.62
CA GLU F 204 -10.70 -28.09 84.52
C GLU F 204 -12.22 -28.09 84.63
N GLY F 205 -12.82 -26.94 84.36
CA GLY F 205 -14.26 -26.85 84.44
C GLY F 205 -14.75 -25.43 84.20
N LEU F 206 -16.04 -25.23 84.47
CA LEU F 206 -16.69 -23.95 84.28
C LEU F 206 -16.75 -23.18 85.59
N THR F 207 -16.88 -21.86 85.46
CA THR F 207 -17.00 -20.98 86.61
C THR F 207 -17.57 -19.63 86.19
N THR F 208 -18.68 -19.23 86.81
CA THR F 208 -19.31 -17.95 86.51
C THR F 208 -18.81 -16.82 87.40
N THR F 209 -17.89 -17.12 88.32
CA THR F 209 -17.34 -16.12 89.23
C THR F 209 -15.83 -16.17 89.14
N ASP F 210 -15.19 -15.02 89.40
CA ASP F 210 -13.75 -14.93 89.31
C ASP F 210 -13.08 -15.92 90.24
N LYS F 211 -12.40 -16.90 89.66
CA LYS F 211 -11.79 -17.99 90.41
C LYS F 211 -10.29 -17.87 90.30
N VAL F 212 -9.62 -17.80 91.45
CA VAL F 212 -8.17 -17.73 91.50
C VAL F 212 -7.63 -19.14 91.67
N ILE F 213 -6.84 -19.59 90.71
CA ILE F 213 -6.12 -20.85 90.81
C ILE F 213 -4.67 -20.53 91.15
N ASN F 214 -4.18 -21.12 92.23
CA ASN F 214 -2.90 -20.75 92.79
C ASN F 214 -1.76 -21.58 92.19
N ASN F 215 -0.54 -21.14 92.48
CA ASN F 215 0.71 -21.78 92.03
C ASN F 215 0.61 -22.26 90.59
N CYS F 216 0.29 -21.33 89.70
CA CYS F 216 0.21 -21.61 88.27
C CYS F 216 0.61 -20.35 87.52
N LYS F 217 1.08 -20.54 86.30
CA LYS F 217 1.50 -19.43 85.46
C LYS F 217 0.44 -19.12 84.41
N VAL F 218 0.48 -17.89 83.91
CA VAL F 218 -0.47 -17.50 82.86
C VAL F 218 -0.25 -18.32 81.61
N ASP F 219 1.01 -18.53 81.22
CA ASP F 219 1.29 -19.25 79.99
C ASP F 219 1.05 -20.73 80.10
N GLN F 220 0.76 -21.25 81.29
CA GLN F 220 0.40 -22.65 81.47
C GLN F 220 -1.06 -22.81 81.87
N CYS F 221 -1.90 -21.84 81.54
CA CYS F 221 -3.34 -21.92 81.75
C CYS F 221 -4.06 -21.50 80.46
N HIS F 222 -5.27 -22.01 80.28
CA HIS F 222 -6.05 -21.74 79.08
C HIS F 222 -7.49 -21.46 79.47
N ALA F 223 -7.98 -20.29 79.10
CA ALA F 223 -9.34 -19.86 79.45
C ALA F 223 -10.09 -19.45 78.20
N ALA F 224 -11.42 -19.62 78.25
CA ALA F 224 -12.26 -19.31 77.11
C ALA F 224 -13.72 -19.27 77.55
N VAL F 225 -14.45 -18.27 77.06
CA VAL F 225 -15.89 -18.23 77.28
C VAL F 225 -16.50 -19.51 76.73
N THR F 226 -17.55 -20.00 77.42
CA THR F 226 -18.05 -21.32 77.08
C THR F 226 -19.57 -21.43 76.98
N ASN F 227 -20.32 -20.36 77.21
CA ASN F 227 -21.77 -20.42 77.09
C ASN F 227 -22.27 -19.20 76.34
N HIS F 228 -23.10 -19.43 75.33
CA HIS F 228 -23.68 -18.35 74.55
C HIS F 228 -25.16 -18.60 74.39
N LYS F 229 -25.98 -17.61 74.72
CA LYS F 229 -27.41 -17.72 74.45
C LYS F 229 -27.70 -17.56 72.97
N LYS F 230 -26.95 -16.71 72.29
CA LYS F 230 -27.19 -16.41 70.90
C LYS F 230 -26.51 -17.44 70.00
N TRP F 231 -26.94 -17.49 68.76
CA TRP F 231 -26.40 -18.40 67.76
C TRP F 231 -25.84 -17.60 66.60
N GLN F 232 -25.08 -18.27 65.74
CA GLN F 232 -24.45 -17.59 64.62
C GLN F 232 -24.34 -18.53 63.44
N TYR F 233 -24.20 -17.94 62.25
CA TYR F 233 -24.05 -18.69 61.03
C TYR F 233 -22.79 -19.55 61.08
N ASN F 234 -22.89 -20.78 60.60
CA ASN F 234 -21.75 -21.71 60.66
C ASN F 234 -20.77 -21.37 59.55
N SER F 235 -20.12 -20.23 59.72
CA SER F 235 -19.18 -19.75 58.73
C SER F 235 -18.05 -20.75 58.55
N PRO F 236 -17.58 -20.95 57.32
CA PRO F 236 -16.47 -21.88 57.08
C PRO F 236 -15.12 -21.38 57.56
N LEU F 237 -15.06 -20.28 58.32
CA LEU F 237 -13.81 -19.83 58.88
C LEU F 237 -13.95 -19.48 60.36
N VAL F 238 -14.84 -20.17 61.06
CA VAL F 238 -14.83 -20.25 62.52
C VAL F 238 -14.94 -21.72 62.89
N PRO F 239 -14.38 -22.16 64.01
CA PRO F 239 -14.42 -23.58 64.34
C PRO F 239 -15.84 -24.04 64.66
N ARG F 240 -16.00 -25.34 64.77
CA ARG F 240 -17.31 -25.93 65.01
C ARG F 240 -17.47 -26.24 66.50
N ASN F 241 -18.71 -26.13 66.97
CA ASN F 241 -18.99 -26.32 68.39
C ASN F 241 -18.59 -27.71 68.86
N ALA F 242 -19.08 -28.75 68.17
CA ALA F 242 -18.80 -30.13 68.53
C ALA F 242 -18.52 -30.91 67.26
N GLU F 243 -18.35 -32.22 67.40
CA GLU F 243 -18.03 -33.06 66.24
C GLU F 243 -19.15 -33.05 65.21
N LEU F 244 -20.41 -32.98 65.65
CA LEU F 244 -21.53 -32.94 64.74
C LEU F 244 -22.22 -31.59 64.85
N GLY F 245 -22.85 -31.17 63.75
CA GLY F 245 -23.57 -29.91 63.74
C GLY F 245 -24.71 -29.89 64.73
N ASP F 246 -24.70 -28.92 65.64
CA ASP F 246 -25.67 -28.93 66.72
C ASP F 246 -27.08 -28.65 66.20
N ARG F 247 -27.24 -27.60 65.40
CA ARG F 247 -28.57 -27.09 65.08
C ARG F 247 -28.72 -27.00 63.57
N LYS F 248 -29.88 -26.51 63.15
CA LYS F 248 -30.20 -26.28 61.75
C LYS F 248 -31.04 -25.03 61.61
N GLY F 249 -31.02 -24.16 62.63
CA GLY F 249 -31.81 -22.94 62.65
C GLY F 249 -31.64 -22.11 61.40
N LYS F 250 -32.75 -21.78 60.73
CA LYS F 250 -32.71 -21.23 59.40
C LYS F 250 -32.99 -19.74 59.42
N VAL F 251 -32.20 -18.99 58.68
CA VAL F 251 -32.38 -17.55 58.48
C VAL F 251 -32.56 -17.36 56.98
N HIS F 252 -33.80 -17.25 56.53
CA HIS F 252 -34.07 -17.11 55.11
C HIS F 252 -33.38 -15.86 54.57
N ILE F 253 -32.64 -16.02 53.49
CA ILE F 253 -31.84 -14.92 52.93
C ILE F 253 -32.75 -14.03 52.10
N PRO F 254 -32.45 -12.74 52.00
CA PRO F 254 -33.33 -11.84 51.24
C PRO F 254 -32.93 -11.74 49.79
N PHE F 255 -33.63 -10.87 49.05
CA PHE F 255 -33.27 -10.50 47.69
C PHE F 255 -33.30 -11.69 46.76
N PRO F 256 -34.48 -12.23 46.45
CA PRO F 256 -34.55 -13.35 45.52
C PRO F 256 -34.21 -12.91 44.11
N LEU F 257 -33.72 -13.85 43.32
CA LEU F 257 -33.45 -13.59 41.91
C LEU F 257 -34.76 -13.57 41.14
N ALA F 258 -35.02 -12.49 40.42
CA ALA F 258 -36.24 -12.34 39.65
C ALA F 258 -35.90 -11.80 38.27
N ASN F 259 -36.55 -12.34 37.24
CA ASN F 259 -36.22 -11.95 35.88
C ASN F 259 -36.93 -10.66 35.52
N VAL F 260 -36.27 -9.84 34.69
CA VAL F 260 -36.76 -8.51 34.36
C VAL F 260 -35.99 -8.05 33.12
N THR F 261 -36.55 -7.08 32.40
CA THR F 261 -35.92 -6.59 31.19
C THR F 261 -34.74 -5.68 31.54
N CYS F 262 -34.06 -5.18 30.51
CA CYS F 262 -32.86 -4.38 30.70
C CYS F 262 -32.58 -3.65 29.39
N ARG F 263 -32.72 -2.33 29.40
CA ARG F 263 -32.59 -1.57 28.16
C ARG F 263 -31.16 -1.59 27.66
N VAL F 264 -31.00 -1.82 26.36
CA VAL F 264 -29.70 -1.85 25.72
C VAL F 264 -29.71 -0.90 24.53
N PRO F 265 -28.58 -0.32 24.15
CA PRO F 265 -28.57 0.68 23.08
C PRO F 265 -28.68 0.02 21.71
N LYS F 266 -28.84 0.86 20.70
CA LYS F 266 -28.81 0.45 19.30
C LYS F 266 -27.82 1.34 18.57
N ALA F 267 -27.02 0.75 17.70
CA ALA F 267 -25.94 1.49 17.08
C ALA F 267 -26.47 2.42 15.98
N ARG F 268 -25.65 3.41 15.63
CA ARG F 268 -25.99 4.35 14.59
C ARG F 268 -26.08 3.65 13.23
N ASN F 269 -26.93 4.16 12.38
CA ASN F 269 -27.13 3.54 11.07
C ASN F 269 -25.84 3.58 10.26
N PRO F 270 -25.41 2.46 9.70
CA PRO F 270 -24.24 2.49 8.83
C PRO F 270 -24.54 3.25 7.55
N THR F 271 -23.47 3.73 6.92
CA THR F 271 -23.59 4.42 5.64
C THR F 271 -23.37 3.39 4.54
N VAL F 272 -24.46 2.90 3.96
CA VAL F 272 -24.40 1.81 3.01
C VAL F 272 -24.32 2.36 1.60
N THR F 273 -23.35 1.88 0.83
CA THR F 273 -23.26 2.14 -0.59
C THR F 273 -23.08 0.80 -1.30
N TYR F 274 -23.63 0.71 -2.50
CA TYR F 274 -23.74 -0.55 -3.22
C TYR F 274 -22.75 -0.59 -4.38
N GLY F 275 -22.14 -1.76 -4.57
CA GLY F 275 -21.32 -2.01 -5.74
C GLY F 275 -21.83 -3.22 -6.49
N LYS F 276 -21.09 -3.66 -7.51
CA LYS F 276 -21.48 -4.85 -8.26
C LYS F 276 -21.35 -6.07 -7.36
N ASN F 277 -22.47 -6.62 -6.93
CA ASN F 277 -22.50 -7.74 -5.99
C ASN F 277 -21.67 -7.42 -4.76
N GLN F 278 -21.80 -6.19 -4.26
CA GLN F 278 -21.08 -5.74 -3.09
C GLN F 278 -21.93 -4.74 -2.35
N VAL F 279 -21.79 -4.71 -1.04
CA VAL F 279 -22.37 -3.67 -0.22
C VAL F 279 -21.26 -3.13 0.67
N ILE F 280 -21.10 -1.81 0.69
CA ILE F 280 -20.00 -1.17 1.40
C ILE F 280 -20.59 -0.42 2.58
N MET F 281 -20.02 -0.64 3.76
CA MET F 281 -20.54 -0.05 4.97
C MET F 281 -19.45 0.72 5.69
N LEU F 282 -19.79 1.90 6.17
CA LEU F 282 -19.04 2.58 7.21
C LEU F 282 -19.77 2.40 8.52
N LEU F 283 -19.04 2.05 9.56
CA LEU F 283 -19.62 1.75 10.85
C LEU F 283 -19.13 2.74 11.88
N TYR F 284 -20.04 3.23 12.72
CA TYR F 284 -19.75 4.25 13.71
C TYR F 284 -20.11 3.70 15.08
N PRO F 285 -19.23 2.93 15.69
CA PRO F 285 -19.54 2.35 16.99
C PRO F 285 -19.15 3.25 18.15
N ASP F 286 -20.09 3.56 19.03
CA ASP F 286 -19.76 4.27 20.26
C ASP F 286 -19.07 3.37 21.27
N HIS F 287 -19.13 2.07 21.06
CA HIS F 287 -18.58 1.06 21.95
C HIS F 287 -18.46 -0.23 21.17
N PRO F 288 -17.65 -1.18 21.64
CA PRO F 288 -17.48 -2.43 20.90
C PRO F 288 -18.81 -3.06 20.49
N THR F 289 -19.03 -3.15 19.19
CA THR F 289 -20.29 -3.60 18.62
C THR F 289 -20.03 -4.84 17.78
N LEU F 290 -21.00 -5.74 17.74
CA LEU F 290 -20.88 -6.99 17.02
C LEU F 290 -21.51 -6.88 15.65
N LEU F 291 -20.79 -7.34 14.63
CA LEU F 291 -21.28 -7.35 13.26
C LEU F 291 -21.35 -8.80 12.79
N SER F 292 -22.53 -9.25 12.40
CA SER F 292 -22.74 -10.62 11.96
C SER F 292 -23.35 -10.61 10.58
N TYR F 293 -22.91 -11.52 9.72
CA TYR F 293 -23.57 -11.66 8.43
C TYR F 293 -23.47 -13.09 7.95
N ARG F 294 -24.41 -13.47 7.11
CA ARG F 294 -24.46 -14.82 6.57
C ARG F 294 -25.22 -14.81 5.26
N ASN F 295 -24.89 -15.77 4.39
CA ASN F 295 -25.70 -15.99 3.20
C ASN F 295 -27.02 -16.62 3.59
N MET F 296 -28.02 -16.43 2.74
CA MET F 296 -29.33 -17.00 2.98
C MET F 296 -29.59 -18.25 2.14
N GLY F 297 -28.53 -18.91 1.68
CA GLY F 297 -28.64 -20.12 0.92
C GLY F 297 -28.36 -21.36 1.75
N GLU F 298 -27.90 -22.41 1.07
CA GLU F 298 -27.68 -23.69 1.74
C GLU F 298 -26.52 -23.61 2.72
N GLU F 299 -25.46 -22.91 2.36
CA GLU F 299 -24.33 -22.75 3.27
C GLU F 299 -24.30 -21.32 3.78
N PRO F 300 -24.66 -21.07 5.04
CA PRO F 300 -24.72 -19.69 5.51
C PRO F 300 -23.39 -18.98 5.48
N ASN F 301 -22.29 -19.70 5.64
CA ASN F 301 -20.96 -19.10 5.71
C ASN F 301 -20.96 -17.96 6.73
N TYR F 302 -21.44 -18.27 7.93
CA TYR F 302 -21.56 -17.27 8.98
C TYR F 302 -20.20 -16.70 9.32
N GLN F 303 -20.14 -15.38 9.48
CA GLN F 303 -18.93 -14.72 9.94
C GLN F 303 -19.33 -13.59 10.87
N GLU F 304 -18.40 -13.21 11.74
CA GLU F 304 -18.69 -12.18 12.72
C GLU F 304 -17.40 -11.48 13.09
N GLU F 305 -17.54 -10.31 13.70
CA GLU F 305 -16.39 -9.50 14.07
C GLU F 305 -16.83 -8.43 15.07
N TRP F 306 -15.99 -8.18 16.07
CA TRP F 306 -16.22 -7.13 17.05
C TRP F 306 -15.52 -5.86 16.57
N VAL F 307 -16.30 -4.88 16.12
CA VAL F 307 -15.73 -3.62 15.67
C VAL F 307 -15.67 -2.67 16.86
N THR F 308 -14.51 -2.05 17.05
CA THR F 308 -14.31 -1.14 18.17
C THR F 308 -14.20 0.31 17.77
N HIS F 309 -13.82 0.59 16.52
CA HIS F 309 -13.70 1.95 16.02
C HIS F 309 -14.33 2.03 14.64
N LYS F 310 -14.20 3.18 14.01
CA LYS F 310 -14.80 3.36 12.68
C LYS F 310 -14.11 2.47 11.67
N LYS F 311 -14.91 1.73 10.91
CA LYS F 311 -14.40 0.69 10.02
C LYS F 311 -15.13 0.77 8.69
N GLU F 312 -14.41 0.42 7.63
CA GLU F 312 -14.96 0.28 6.28
C GLU F 312 -15.04 -1.20 5.96
N ILE F 313 -16.23 -1.65 5.58
CA ILE F 313 -16.52 -3.07 5.41
C ILE F 313 -17.08 -3.30 4.03
N ARG F 314 -16.57 -4.31 3.33
CA ARG F 314 -17.01 -4.67 1.98
C ARG F 314 -17.48 -6.13 1.99
N LEU F 315 -18.79 -6.33 2.00
CA LEU F 315 -19.38 -7.66 1.96
C LEU F 315 -19.88 -7.96 0.56
N THR F 316 -19.73 -9.21 0.13
CA THR F 316 -20.15 -9.64 -1.19
C THR F 316 -21.50 -10.33 -1.08
N VAL F 317 -22.47 -9.85 -1.85
CA VAL F 317 -23.84 -10.35 -1.80
C VAL F 317 -23.97 -11.49 -2.81
N PRO F 318 -24.20 -12.72 -2.37
CA PRO F 318 -24.44 -13.81 -3.31
C PRO F 318 -25.84 -13.72 -3.88
N THR F 319 -26.10 -14.59 -4.86
CA THR F 319 -27.40 -14.57 -5.52
C THR F 319 -28.52 -14.95 -4.56
N GLU F 320 -28.22 -15.74 -3.52
CA GLU F 320 -29.25 -16.13 -2.58
C GLU F 320 -29.62 -15.01 -1.63
N GLY F 321 -28.74 -14.05 -1.42
CA GLY F 321 -29.04 -12.95 -0.53
C GLY F 321 -28.12 -12.94 0.66
N LEU F 322 -27.96 -11.77 1.25
CA LEU F 322 -27.07 -11.57 2.40
C LEU F 322 -27.86 -10.91 3.52
N GLU F 323 -27.68 -11.42 4.74
CA GLU F 323 -28.33 -10.85 5.91
C GLU F 323 -27.27 -10.33 6.88
N VAL F 324 -27.38 -9.06 7.24
CA VAL F 324 -26.40 -8.41 8.10
C VAL F 324 -27.13 -7.85 9.32
N THR F 325 -26.65 -8.21 10.51
CA THR F 325 -27.12 -7.62 11.75
C THR F 325 -26.01 -6.78 12.32
N TRP F 326 -26.34 -5.54 12.68
CA TRP F 326 -25.36 -4.57 13.16
C TRP F 326 -25.77 -4.16 14.56
N GLY F 327 -25.06 -4.67 15.57
CA GLY F 327 -25.45 -4.36 16.93
C GLY F 327 -26.79 -4.96 17.24
N ASN F 328 -27.58 -4.23 18.03
CA ASN F 328 -28.90 -4.68 18.42
C ASN F 328 -29.98 -4.31 17.42
N ASN F 329 -29.62 -3.72 16.29
CA ASN F 329 -30.61 -3.35 15.30
C ASN F 329 -31.19 -4.59 14.62
N GLU F 330 -32.30 -4.40 13.93
CA GLU F 330 -32.88 -5.47 13.16
C GLU F 330 -31.98 -5.81 11.97
N PRO F 331 -31.98 -7.05 11.52
CA PRO F 331 -31.09 -7.43 10.42
C PRO F 331 -31.46 -6.76 9.12
N TYR F 332 -30.45 -6.44 8.33
CA TYR F 332 -30.63 -5.95 6.98
C TYR F 332 -30.50 -7.12 6.01
N LYS F 333 -31.32 -7.13 4.97
CA LYS F 333 -31.29 -8.17 3.97
C LYS F 333 -30.99 -7.54 2.61
N TYR F 334 -30.03 -8.09 1.89
CA TYR F 334 -29.63 -7.53 0.62
C TYR F 334 -29.63 -8.59 -0.46
N TRP F 335 -30.14 -8.23 -1.62
CA TRP F 335 -30.17 -9.11 -2.78
C TRP F 335 -29.60 -8.39 -3.98
N PRO F 336 -28.96 -9.11 -4.90
CA PRO F 336 -28.39 -8.47 -6.09
C PRO F 336 -29.45 -8.22 -7.15
N GLN F 337 -29.03 -7.49 -8.18
CA GLN F 337 -29.85 -7.22 -9.35
C GLN F 337 -29.01 -7.39 -10.60
N LEU F 338 -29.69 -7.62 -11.72
CA LEU F 338 -29.02 -7.81 -13.01
C LEU F 338 -28.63 -6.45 -13.57
N SER F 339 -27.53 -5.91 -13.04
CA SER F 339 -27.02 -4.63 -13.50
C SER F 339 -25.73 -4.85 -14.28
N THR F 340 -25.62 -4.20 -15.43
CA THR F 340 -24.45 -4.38 -16.28
C THR F 340 -24.26 -3.15 -17.15
N ASN F 341 -23.01 -2.91 -17.53
CA ASN F 341 -22.72 -1.82 -18.44
C ASN F 341 -23.15 -2.13 -19.87
N GLY F 342 -22.92 -3.36 -20.34
CA GLY F 342 -23.27 -3.72 -21.70
C GLY F 342 -24.76 -3.87 -21.87
N THR F 343 -25.18 -4.37 -23.04
CA THR F 343 -26.59 -4.55 -23.28
C THR F 343 -26.78 -5.52 -24.44
N ALA F 344 -27.96 -6.12 -24.50
CA ALA F 344 -28.38 -6.80 -25.71
C ALA F 344 -28.61 -5.77 -26.81
N HIS F 345 -28.91 -6.25 -28.00
CA HIS F 345 -28.86 -5.41 -29.20
C HIS F 345 -27.44 -4.85 -29.30
N GLY F 346 -27.28 -3.67 -29.87
CA GLY F 346 -25.93 -3.19 -30.05
C GLY F 346 -25.13 -4.12 -30.95
N HIS F 347 -23.87 -4.25 -30.62
CA HIS F 347 -22.94 -5.03 -31.41
C HIS F 347 -22.53 -6.29 -30.66
N PRO F 348 -22.01 -7.30 -31.37
CA PRO F 348 -21.74 -8.58 -30.69
C PRO F 348 -20.83 -8.47 -29.49
N HIS F 349 -19.86 -7.56 -29.52
CA HIS F 349 -19.00 -7.39 -28.36
C HIS F 349 -19.80 -6.89 -27.17
N GLU F 350 -20.74 -5.99 -27.39
CA GLU F 350 -21.58 -5.52 -26.31
C GLU F 350 -22.43 -6.65 -25.73
N ILE F 351 -23.00 -7.50 -26.59
CA ILE F 351 -23.84 -8.59 -26.10
C ILE F 351 -23.02 -9.59 -25.29
N ILE F 352 -21.83 -9.96 -25.79
CA ILE F 352 -21.03 -10.93 -25.04
C ILE F 352 -20.54 -10.31 -23.74
N LEU F 353 -20.24 -9.01 -23.74
CA LEU F 353 -19.87 -8.35 -22.50
C LEU F 353 -21.02 -8.36 -21.51
N TYR F 354 -22.24 -8.12 -22.00
CA TYR F 354 -23.42 -8.16 -21.15
C TYR F 354 -23.55 -9.53 -20.48
N TYR F 355 -23.52 -10.59 -21.29
CA TYR F 355 -23.74 -11.91 -20.73
C TYR F 355 -22.57 -12.34 -19.85
N TYR F 356 -21.37 -11.83 -20.13
CA TYR F 356 -20.24 -12.12 -19.25
C TYR F 356 -20.41 -11.43 -17.90
N GLU F 357 -20.87 -10.18 -17.91
CA GLU F 357 -21.06 -9.48 -16.65
C GLU F 357 -22.21 -10.08 -15.85
N LEU F 358 -23.17 -10.73 -16.52
CA LEU F 358 -24.26 -11.34 -15.79
C LEU F 358 -23.91 -12.73 -15.28
N TYR F 359 -23.54 -13.64 -16.17
CA TYR F 359 -23.21 -15.02 -15.82
C TYR F 359 -21.85 -15.35 -16.40
N PRO F 360 -20.77 -14.93 -15.72
CA PRO F 360 -19.45 -15.03 -16.36
C PRO F 360 -19.01 -16.44 -16.70
N THR F 361 -19.16 -17.39 -15.78
CA THR F 361 -18.59 -18.71 -15.98
C THR F 361 -19.23 -19.41 -17.18
N MET F 362 -20.55 -19.49 -17.21
CA MET F 362 -21.19 -20.23 -18.29
C MET F 362 -21.14 -19.46 -19.59
N THR F 363 -21.14 -18.13 -19.53
CA THR F 363 -20.91 -17.34 -20.74
C THR F 363 -19.57 -17.69 -21.37
N VAL F 364 -18.50 -17.71 -20.58
CA VAL F 364 -17.19 -17.94 -21.15
C VAL F 364 -17.08 -19.37 -21.65
N VAL F 365 -17.66 -20.34 -20.94
CA VAL F 365 -17.52 -21.73 -21.39
C VAL F 365 -18.33 -21.95 -22.67
N VAL F 366 -19.53 -21.36 -22.75
CA VAL F 366 -20.33 -21.51 -23.94
C VAL F 366 -19.66 -20.84 -25.14
N VAL F 367 -19.11 -19.65 -24.94
CA VAL F 367 -18.41 -18.97 -26.04
C VAL F 367 -17.21 -19.79 -26.49
N SER F 368 -16.43 -20.30 -25.55
CA SER F 368 -15.25 -21.09 -25.92
C SER F 368 -15.65 -22.35 -26.69
N VAL F 369 -16.67 -23.07 -26.20
CA VAL F 369 -17.11 -24.28 -26.88
C VAL F 369 -17.62 -23.96 -28.28
N ALA F 370 -18.46 -22.93 -28.40
CA ALA F 370 -19.03 -22.60 -29.69
C ALA F 370 -17.96 -22.19 -30.69
N SER F 371 -17.02 -21.35 -30.26
CA SER F 371 -15.94 -20.94 -31.16
C SER F 371 -15.08 -22.14 -31.56
N PHE F 372 -14.78 -23.02 -30.60
CA PHE F 372 -13.91 -24.15 -30.89
C PHE F 372 -14.52 -25.07 -31.93
N VAL F 373 -15.79 -25.43 -31.77
CA VAL F 373 -16.41 -26.39 -32.68
C VAL F 373 -16.60 -25.77 -34.06
N LEU F 374 -16.95 -24.49 -34.11
CA LEU F 374 -17.22 -23.87 -35.40
C LEU F 374 -15.95 -23.81 -36.26
N LEU F 375 -14.83 -23.40 -35.66
CA LEU F 375 -13.58 -23.42 -36.40
C LEU F 375 -13.18 -24.85 -36.76
N SER F 376 -13.48 -25.80 -35.88
CA SER F 376 -13.23 -27.20 -36.22
C SER F 376 -14.17 -27.66 -37.33
N MET F 377 -15.41 -27.15 -37.35
CA MET F 377 -16.30 -27.46 -38.46
C MET F 377 -15.76 -26.93 -39.79
N VAL F 378 -15.27 -25.69 -39.80
CA VAL F 378 -14.74 -25.17 -41.06
C VAL F 378 -13.44 -25.89 -41.43
N GLY F 379 -12.68 -26.34 -40.44
CA GLY F 379 -11.52 -27.16 -40.74
C GLY F 379 -11.89 -28.48 -41.38
N VAL F 380 -12.95 -29.12 -40.87
CA VAL F 380 -13.43 -30.36 -41.47
C VAL F 380 -13.94 -30.09 -42.89
N ALA F 381 -14.60 -28.95 -43.09
CA ALA F 381 -15.08 -28.62 -44.43
C ALA F 381 -13.91 -28.43 -45.39
N VAL F 382 -12.87 -27.72 -44.97
CA VAL F 382 -11.72 -27.50 -45.86
C VAL F 382 -10.98 -28.82 -46.09
N GLY F 383 -10.96 -29.70 -45.09
CA GLY F 383 -10.35 -31.01 -45.28
C GLY F 383 -11.12 -31.85 -46.27
N MET F 384 -12.44 -31.81 -46.20
CA MET F 384 -13.25 -32.53 -47.17
C MET F 384 -13.07 -31.95 -48.57
N CYS F 385 -12.93 -30.63 -48.67
CA CYS F 385 -12.66 -30.02 -49.96
C CYS F 385 -11.32 -30.48 -50.52
N MET F 386 -10.28 -30.54 -49.66
CA MET F 386 -8.98 -31.02 -50.12
C MET F 386 -9.04 -32.48 -50.55
N CYS F 387 -9.77 -33.31 -49.80
CA CYS F 387 -9.90 -34.72 -50.18
C CYS F 387 -10.63 -34.85 -51.52
N ALA F 388 -11.68 -34.04 -51.73
CA ALA F 388 -12.39 -34.06 -53.00
C ALA F 388 -11.47 -33.64 -54.14
N ARG F 389 -10.66 -32.60 -53.93
CA ARG F 389 -9.71 -32.19 -54.96
C ARG F 389 -8.73 -33.30 -55.28
N ARG F 390 -8.20 -33.96 -54.25
CA ARG F 390 -7.25 -35.05 -54.46
C ARG F 390 -7.89 -36.16 -55.28
N ARG F 391 -9.08 -36.61 -54.88
CA ARG F 391 -9.69 -37.76 -55.54
C ARG F 391 -10.26 -37.41 -56.91
N CYS F 392 -10.51 -36.14 -57.19
CA CYS F 392 -10.96 -35.76 -58.52
C CYS F 392 -9.83 -35.31 -59.42
N ILE F 393 -8.62 -35.17 -58.89
CA ILE F 393 -7.49 -34.75 -59.71
C ILE F 393 -6.47 -35.86 -59.95
N THR F 394 -6.38 -36.86 -59.08
CA THR F 394 -5.35 -37.88 -59.27
C THR F 394 -5.51 -38.67 -60.57
N PRO F 395 -6.72 -39.07 -61.00
CA PRO F 395 -6.81 -39.70 -62.33
C PRO F 395 -6.15 -38.90 -63.44
N TYR F 396 -6.29 -37.58 -63.41
CA TYR F 396 -5.65 -36.77 -64.44
C TYR F 396 -4.15 -36.70 -64.23
N GLU F 397 -3.69 -36.86 -62.99
CA GLU F 397 -2.26 -36.78 -62.74
C GLU F 397 -1.56 -38.05 -63.20
N LEU F 398 -2.17 -39.21 -62.97
CA LEU F 398 -1.53 -40.46 -63.35
C LEU F 398 -1.44 -40.61 -64.86
N THR F 399 -2.46 -40.19 -65.58
CA THR F 399 -2.55 -40.46 -67.02
C THR F 399 -1.52 -39.65 -67.79
N PRO F 400 -0.63 -40.28 -68.54
CA PRO F 400 0.29 -39.53 -69.39
C PRO F 400 -0.46 -38.84 -70.52
N GLY F 401 0.08 -37.71 -70.96
CA GLY F 401 -0.59 -36.89 -71.95
C GLY F 401 -1.01 -35.55 -71.37
N ALA F 402 -1.52 -35.57 -70.14
CA ALA F 402 -1.84 -34.36 -69.38
C ALA F 402 -2.81 -33.46 -70.15
N THR F 403 -4.01 -34.01 -70.41
CA THR F 403 -5.04 -33.29 -71.14
C THR F 403 -6.07 -32.65 -70.21
N VAL F 404 -5.64 -32.12 -69.07
CA VAL F 404 -6.60 -31.51 -68.14
C VAL F 404 -7.25 -30.29 -68.79
N PRO F 405 -8.57 -30.18 -68.79
CA PRO F 405 -9.21 -29.04 -69.44
C PRO F 405 -8.97 -27.75 -68.66
N PHE F 406 -9.16 -26.63 -69.36
CA PHE F 406 -8.98 -25.32 -68.73
C PHE F 406 -9.97 -25.11 -67.60
N LEU F 407 -11.23 -25.50 -67.82
CA LEU F 407 -12.27 -25.33 -66.81
C LEU F 407 -11.93 -26.09 -65.53
N LEU F 408 -11.57 -27.36 -65.66
CA LEU F 408 -11.28 -28.16 -64.48
C LEU F 408 -10.00 -27.69 -63.80
N SER F 409 -9.04 -27.17 -64.56
CA SER F 409 -7.85 -26.61 -63.95
C SER F 409 -8.20 -25.40 -63.09
N LEU F 410 -9.10 -24.54 -63.60
CA LEU F 410 -9.49 -23.37 -62.83
C LEU F 410 -10.33 -23.76 -61.61
N ILE F 411 -11.22 -24.73 -61.76
CA ILE F 411 -12.10 -25.11 -60.64
C ILE F 411 -11.28 -25.75 -59.53
N CYS F 412 -10.42 -26.70 -59.87
CA CYS F 412 -9.64 -27.43 -58.88
C CYS F 412 -8.30 -26.78 -58.61
N CYS F 413 -8.03 -25.62 -59.20
CA CYS F 413 -6.85 -24.80 -58.89
C CYS F 413 -5.56 -25.57 -59.15
N ILE F 414 -5.39 -26.00 -60.40
CA ILE F 414 -4.17 -26.63 -60.85
C ILE F 414 -3.76 -25.99 -62.17
N ARG F 415 -2.49 -26.16 -62.52
CA ARG F 415 -1.93 -25.59 -63.74
C ARG F 415 -1.25 -26.68 -64.55
N THR F 416 -1.23 -26.49 -65.86
CA THR F 416 -0.63 -27.48 -66.75
C THR F 416 0.88 -27.32 -66.78
N ALA F 417 1.53 -28.22 -67.52
CA ALA F 417 2.99 -28.23 -67.63
C ALA F 417 3.51 -27.39 -68.78
N LYS F 418 2.62 -26.78 -69.58
CA LYS F 418 3.03 -25.94 -70.69
C LYS F 418 2.78 -24.46 -70.45
N ALA F 419 2.11 -24.09 -69.36
CA ALA F 419 1.81 -22.69 -69.07
C ALA F 419 2.97 -22.01 -68.37
N ASN G 1 -22.13 38.97 33.86
CA ASN G 1 -22.82 38.97 35.14
C ASN G 1 -24.09 38.15 35.06
N PHE G 2 -24.77 37.99 36.21
CA PHE G 2 -25.96 37.16 36.29
C PHE G 2 -27.25 37.95 36.10
N ASN G 3 -27.20 39.07 35.38
CA ASN G 3 -28.39 39.89 35.20
C ASN G 3 -29.48 39.13 34.47
N VAL G 4 -29.11 38.35 33.45
CA VAL G 4 -30.11 37.64 32.66
C VAL G 4 -30.77 36.55 33.49
N TYR G 5 -30.06 35.96 34.43
CA TYR G 5 -30.58 34.81 35.16
C TYR G 5 -31.67 35.16 36.14
N LYS G 6 -32.22 36.38 36.16
CA LYS G 6 -33.34 36.66 37.04
C LYS G 6 -34.66 36.14 36.48
N ALA G 7 -34.81 36.12 35.16
CA ALA G 7 -36.08 35.80 34.53
C ALA G 7 -36.27 34.31 34.28
N ILE G 8 -35.26 33.48 34.56
CA ILE G 8 -35.29 32.07 34.19
C ILE G 8 -35.05 31.22 35.42
N ARG G 9 -35.63 30.02 35.41
CA ARG G 9 -35.55 29.11 36.54
C ARG G 9 -35.16 27.72 36.08
N PRO G 10 -34.61 26.89 36.98
CA PRO G 10 -34.24 25.52 36.60
C PRO G 10 -35.44 24.65 36.26
N TYR G 11 -35.21 23.39 35.93
CA TYR G 11 -36.31 22.54 35.49
C TYR G 11 -35.94 21.08 35.63
N LEU G 12 -36.87 20.29 36.14
CA LEU G 12 -36.71 18.84 36.12
C LEU G 12 -36.81 18.32 34.69
N ALA G 13 -36.07 17.25 34.42
CA ALA G 13 -36.11 16.63 33.11
C ALA G 13 -35.72 15.16 33.26
N HIS G 14 -35.97 14.38 32.21
CA HIS G 14 -35.76 12.95 32.28
C HIS G 14 -34.28 12.61 32.28
N CYS G 15 -33.90 11.67 33.15
CA CYS G 15 -32.53 11.19 33.22
C CYS G 15 -32.49 9.69 33.00
N PRO G 16 -31.65 9.20 32.09
CA PRO G 16 -31.65 7.77 31.79
C PRO G 16 -31.31 6.88 32.97
N ASP G 17 -30.39 7.32 33.84
CA ASP G 17 -29.88 6.47 34.91
C ASP G 17 -29.57 7.33 36.11
N CYS G 18 -30.46 7.31 37.10
CA CYS G 18 -30.28 8.11 38.31
C CYS G 18 -29.52 7.34 39.39
N GLY G 19 -28.37 6.80 39.03
CA GLY G 19 -27.45 6.21 39.99
C GLY G 19 -27.71 4.77 40.35
N GLU G 20 -28.87 4.21 40.00
CA GLU G 20 -29.20 2.85 40.39
C GLU G 20 -29.85 2.08 39.25
N GLY G 21 -29.47 2.37 38.01
CA GLY G 21 -29.98 1.58 36.89
C GLY G 21 -31.44 1.81 36.59
N HIS G 22 -32.00 2.95 36.98
CA HIS G 22 -33.38 3.28 36.70
C HIS G 22 -33.46 4.72 36.24
N SER G 23 -34.51 5.04 35.50
CA SER G 23 -34.67 6.37 34.95
C SER G 23 -35.79 7.11 35.69
N CYS G 24 -35.48 8.30 36.19
CA CYS G 24 -36.49 9.17 36.78
C CYS G 24 -36.10 10.61 36.55
N HIS G 25 -37.08 11.49 36.66
CA HIS G 25 -36.89 12.91 36.40
C HIS G 25 -36.14 13.55 37.54
N SER G 26 -35.06 14.24 37.23
CA SER G 26 -34.14 14.74 38.24
C SER G 26 -33.77 16.17 37.95
N PRO G 27 -33.50 16.96 38.98
CA PRO G 27 -33.07 18.35 38.75
C PRO G 27 -31.76 18.46 38.01
N VAL G 28 -30.95 17.40 38.00
CA VAL G 28 -29.60 17.45 37.47
C VAL G 28 -29.56 16.90 36.04
N ALA G 29 -30.71 16.83 35.38
CA ALA G 29 -30.76 16.21 34.06
C ALA G 29 -29.72 16.81 33.14
N LEU G 30 -28.70 16.02 32.82
CA LEU G 30 -27.59 16.51 32.03
C LEU G 30 -28.07 16.76 30.61
N GLU G 31 -27.65 17.88 30.04
CA GLU G 31 -28.19 18.32 28.75
C GLU G 31 -27.24 18.04 27.59
N ARG G 32 -26.01 18.54 27.65
CA ARG G 32 -25.12 18.47 26.52
C ARG G 32 -23.69 18.65 26.98
N ILE G 33 -22.81 17.73 26.56
CA ILE G 33 -21.39 17.78 26.88
C ILE G 33 -20.65 18.12 25.61
N ARG G 34 -19.85 19.19 25.64
CA ARG G 34 -19.05 19.58 24.50
C ARG G 34 -17.59 19.56 24.90
N ASN G 35 -16.77 19.01 24.02
CA ASN G 35 -15.36 18.78 24.29
C ASN G 35 -14.50 19.29 23.13
N GLU G 36 -14.78 20.52 22.70
CA GLU G 36 -14.03 21.09 21.60
C GLU G 36 -12.63 21.53 22.01
N ALA G 37 -12.35 21.62 23.30
CA ALA G 37 -11.06 22.09 23.77
C ALA G 37 -10.03 20.99 23.63
N THR G 38 -8.96 21.26 22.87
CA THR G 38 -7.95 20.24 22.64
C THR G 38 -7.14 19.91 23.89
N ASP G 39 -7.22 20.72 24.94
CA ASP G 39 -6.45 20.44 26.14
C ASP G 39 -7.19 19.53 27.11
N GLY G 40 -8.39 19.08 26.77
CA GLY G 40 -9.09 18.10 27.55
C GLY G 40 -10.13 18.62 28.50
N THR G 41 -10.39 19.92 28.54
CA THR G 41 -11.43 20.44 29.39
C THR G 41 -12.80 20.10 28.82
N LEU G 42 -13.82 20.19 29.66
CA LEU G 42 -15.20 19.91 29.25
C LEU G 42 -16.10 21.04 29.69
N LYS G 43 -17.18 21.25 28.94
CA LYS G 43 -18.21 22.22 29.32
C LYS G 43 -19.53 21.47 29.36
N ILE G 44 -20.06 21.30 30.57
CA ILE G 44 -21.23 20.48 30.83
C ILE G 44 -22.41 21.40 31.06
N GLN G 45 -23.49 21.19 30.32
CA GLN G 45 -24.72 21.95 30.51
C GLN G 45 -25.71 21.08 31.28
N VAL G 46 -26.15 21.57 32.43
CA VAL G 46 -27.01 20.81 33.33
C VAL G 46 -28.20 21.66 33.69
N SER G 47 -29.31 21.01 34.05
CA SER G 47 -30.54 21.72 34.38
C SER G 47 -30.44 22.54 35.65
N LEU G 48 -29.39 22.38 36.44
CA LEU G 48 -29.23 23.21 37.62
C LEU G 48 -28.96 24.66 37.22
N GLN G 49 -28.82 25.51 38.23
CA GLN G 49 -28.32 26.86 38.07
C GLN G 49 -27.42 27.15 39.26
N ILE G 50 -26.16 27.45 38.98
CA ILE G 50 -25.13 27.55 40.01
C ILE G 50 -24.65 28.98 40.10
N GLY G 51 -24.42 29.44 41.33
CA GLY G 51 -23.97 30.79 41.56
C GLY G 51 -25.06 31.81 41.78
N ILE G 52 -26.32 31.40 41.74
CA ILE G 52 -27.43 32.32 41.95
C ILE G 52 -28.47 31.67 42.85
N LYS G 53 -28.83 32.34 43.94
CA LYS G 53 -29.75 31.78 44.91
C LYS G 53 -31.18 31.90 44.41
N THR G 54 -32.13 31.50 45.26
CA THR G 54 -33.53 31.49 44.83
C THR G 54 -34.07 32.90 44.65
N ASP G 55 -33.59 33.85 45.45
CA ASP G 55 -34.02 35.24 45.33
C ASP G 55 -33.27 35.99 44.27
N ASP G 56 -32.63 35.27 43.35
CA ASP G 56 -31.93 35.83 42.19
C ASP G 56 -30.73 36.68 42.56
N SER G 57 -30.31 36.67 43.82
CA SER G 57 -29.12 37.41 44.22
C SER G 57 -27.89 36.52 44.02
N HIS G 58 -26.96 36.99 43.20
CA HIS G 58 -25.79 36.20 42.88
C HIS G 58 -24.98 35.86 44.13
N ASP G 59 -24.62 34.58 44.26
CA ASP G 59 -23.80 34.11 45.37
C ASP G 59 -23.03 32.90 44.88
N TRP G 60 -21.70 32.98 44.89
CA TRP G 60 -20.89 31.92 44.32
C TRP G 60 -20.87 30.65 45.17
N THR G 61 -21.44 30.68 46.38
CA THR G 61 -21.42 29.54 47.28
C THR G 61 -22.74 28.77 47.28
N LYS G 62 -23.65 29.06 46.36
CA LYS G 62 -24.93 28.40 46.36
C LYS G 62 -25.35 28.07 44.93
N LEU G 63 -26.28 27.12 44.82
CA LEU G 63 -26.94 26.81 43.56
C LEU G 63 -28.42 26.62 43.82
N ARG G 64 -29.23 26.85 42.79
CA ARG G 64 -30.67 26.66 42.88
C ARG G 64 -31.12 25.62 41.87
N TYR G 65 -32.14 24.86 42.26
CA TYR G 65 -32.66 23.78 41.46
C TYR G 65 -34.17 23.75 41.59
N MET G 66 -34.83 23.11 40.64
CA MET G 66 -36.28 23.02 40.63
C MET G 66 -36.72 21.87 41.53
N ASP G 67 -37.38 22.20 42.63
CA ASP G 67 -37.98 21.21 43.51
C ASP G 67 -39.50 21.27 43.31
N ASN G 68 -40.06 20.23 42.71
CA ASN G 68 -41.48 20.18 42.39
C ASN G 68 -41.89 21.39 41.58
N HIS G 69 -42.44 22.40 42.24
CA HIS G 69 -42.90 23.61 41.55
C HIS G 69 -42.06 24.84 41.84
N MET G 70 -41.35 24.88 42.96
CA MET G 70 -40.65 26.09 43.38
C MET G 70 -39.16 25.82 43.46
N PRO G 71 -38.32 26.64 42.84
CA PRO G 71 -36.88 26.45 42.99
C PRO G 71 -36.44 26.56 44.44
N ALA G 72 -35.44 25.75 44.79
CA ALA G 72 -34.89 25.70 46.15
C ALA G 72 -33.41 26.09 46.10
N ASP G 73 -32.73 25.91 47.23
CA ASP G 73 -31.33 26.26 47.35
C ASP G 73 -30.51 25.06 47.80
N ALA G 74 -29.27 25.01 47.34
CA ALA G 74 -28.34 23.97 47.76
C ALA G 74 -26.92 24.51 47.68
N GLU G 75 -26.04 23.94 48.50
CA GLU G 75 -24.67 24.40 48.57
C GLU G 75 -23.89 23.96 47.34
N ARG G 76 -22.97 24.80 46.90
CA ARG G 76 -22.12 24.48 45.76
C ARG G 76 -20.95 23.58 46.14
N ALA G 77 -20.68 23.42 47.44
CA ALA G 77 -19.59 22.52 47.84
C ALA G 77 -19.92 21.08 47.51
N ARG G 78 -21.19 20.70 47.60
CA ARG G 78 -21.57 19.31 47.39
C ARG G 78 -21.67 18.95 45.91
N LEU G 79 -21.67 19.93 45.02
CA LEU G 79 -21.68 19.66 43.60
C LEU G 79 -20.45 18.86 43.21
N PHE G 80 -20.65 17.77 42.48
CA PHE G 80 -19.55 16.94 42.02
C PHE G 80 -19.82 16.50 40.60
N VAL G 81 -18.74 16.31 39.84
CA VAL G 81 -18.81 15.67 38.53
C VAL G 81 -17.77 14.56 38.51
N ARG G 82 -18.18 13.38 38.06
CA ARG G 82 -17.31 12.20 38.06
C ARG G 82 -17.46 11.48 36.73
N THR G 83 -16.35 10.98 36.19
CA THR G 83 -16.40 10.14 35.00
C THR G 83 -15.98 8.70 35.29
N SER G 84 -14.78 8.50 35.78
CA SER G 84 -14.34 7.24 36.35
C SER G 84 -13.70 7.45 37.71
N ALA G 85 -13.08 8.60 37.91
CA ALA G 85 -12.55 9.06 39.18
C ALA G 85 -13.07 10.46 39.40
N PRO G 86 -13.05 10.96 40.63
CA PRO G 86 -13.53 12.33 40.87
C PRO G 86 -12.79 13.34 40.01
N CYS G 87 -13.52 14.33 39.53
CA CYS G 87 -13.03 15.32 38.57
C CYS G 87 -12.97 16.70 39.20
N THR G 88 -11.94 17.45 38.82
CA THR G 88 -11.79 18.81 39.31
C THR G 88 -12.72 19.74 38.54
N ILE G 89 -13.43 20.59 39.27
CA ILE G 89 -14.36 21.55 38.67
C ILE G 89 -13.68 22.90 38.66
N THR G 90 -13.40 23.42 37.46
CA THR G 90 -12.62 24.64 37.31
C THR G 90 -13.47 25.87 37.02
N GLY G 91 -14.79 25.75 37.07
CA GLY G 91 -15.64 26.90 36.86
C GLY G 91 -17.11 26.57 36.75
N THR G 92 -17.96 27.38 37.37
CA THR G 92 -19.41 27.16 37.30
C THR G 92 -20.09 28.51 37.11
N MET G 93 -21.12 28.54 36.26
CA MET G 93 -21.85 29.77 36.01
C MET G 93 -23.23 29.39 35.49
N GLY G 94 -24.24 29.44 36.34
CA GLY G 94 -25.59 29.14 35.92
C GLY G 94 -25.77 27.70 35.51
N HIS G 95 -26.00 27.46 34.23
CA HIS G 95 -26.24 26.11 33.73
C HIS G 95 -24.96 25.36 33.40
N PHE G 96 -23.82 26.02 33.35
CA PHE G 96 -22.63 25.45 32.71
C PHE G 96 -21.52 25.19 33.71
N ILE G 97 -20.86 24.06 33.53
CA ILE G 97 -19.80 23.60 34.41
C ILE G 97 -18.57 23.30 33.56
N LEU G 98 -17.42 23.77 34.00
CA LEU G 98 -16.16 23.29 33.46
C LEU G 98 -15.61 22.20 34.37
N ALA G 99 -14.86 21.27 33.79
CA ALA G 99 -14.26 20.22 34.58
C ALA G 99 -13.14 19.57 33.80
N ARG G 100 -12.06 19.22 34.50
CA ARG G 100 -10.98 18.43 33.94
C ARG G 100 -11.11 17.01 34.48
N CYS G 101 -11.40 16.07 33.60
CA CYS G 101 -11.78 14.75 34.05
C CYS G 101 -10.78 13.71 33.59
N PRO G 102 -10.61 12.61 34.33
CA PRO G 102 -9.82 11.49 33.85
C PRO G 102 -10.52 10.77 32.72
N LYS G 103 -9.75 9.97 31.98
CA LYS G 103 -10.31 9.21 30.89
C LYS G 103 -11.34 8.22 31.40
N GLY G 104 -12.41 8.05 30.63
CA GLY G 104 -13.47 7.14 31.04
C GLY G 104 -14.54 7.12 29.97
N GLU G 105 -15.42 6.13 30.09
CA GLU G 105 -16.44 5.88 29.10
C GLU G 105 -17.84 6.23 29.59
N THR G 106 -17.93 7.05 30.63
CA THR G 106 -19.22 7.49 31.14
C THR G 106 -18.98 8.79 31.90
N LEU G 107 -20.06 9.51 32.18
CA LEU G 107 -19.94 10.78 32.90
C LEU G 107 -21.17 10.99 33.77
N THR G 108 -20.95 11.39 35.02
CA THR G 108 -22.04 11.66 35.94
C THR G 108 -21.75 12.94 36.70
N VAL G 109 -22.83 13.64 37.04
CA VAL G 109 -22.77 14.88 37.80
C VAL G 109 -23.90 14.85 38.81
N GLY G 110 -23.69 15.44 39.97
CA GLY G 110 -24.71 15.38 41.00
C GLY G 110 -24.46 16.40 42.08
N PHE G 111 -25.35 16.40 43.07
CA PHE G 111 -25.24 17.30 44.21
C PHE G 111 -26.00 16.68 45.38
N THR G 112 -26.07 17.42 46.49
CA THR G 112 -26.82 17.00 47.66
C THR G 112 -27.95 17.98 47.93
N ASP G 113 -29.14 17.45 48.12
CA ASP G 113 -30.33 18.25 48.34
C ASP G 113 -30.32 18.91 49.71
N GLY G 114 -31.12 19.98 49.83
CA GLY G 114 -31.29 20.64 51.11
C GLY G 114 -31.88 19.74 52.18
N ARG G 115 -32.64 18.74 51.79
CA ARG G 115 -33.15 17.73 52.70
C ARG G 115 -32.19 16.56 52.89
N LYS G 116 -30.90 16.76 52.59
CA LYS G 116 -29.87 15.73 52.65
C LYS G 116 -30.16 14.56 51.71
N ILE G 117 -30.81 14.81 50.60
CA ILE G 117 -31.03 13.80 49.57
C ILE G 117 -29.96 13.99 48.50
N SER G 118 -29.58 12.89 47.85
CA SER G 118 -28.55 12.90 46.83
C SER G 118 -29.18 12.72 45.46
N HIS G 119 -28.81 13.58 44.52
CA HIS G 119 -29.29 13.49 43.15
C HIS G 119 -28.10 13.37 42.22
N SER G 120 -28.26 12.60 41.15
CA SER G 120 -27.20 12.45 40.16
C SER G 120 -27.80 11.96 38.86
N CYS G 121 -27.12 12.25 37.76
CA CYS G 121 -27.51 11.80 36.44
C CYS G 121 -26.27 11.35 35.68
N THR G 122 -26.25 10.10 35.26
CA THR G 122 -25.10 9.50 34.60
C THR G 122 -25.40 9.33 33.12
N HIS G 123 -24.46 9.73 32.27
CA HIS G 123 -24.65 9.61 30.83
C HIS G 123 -23.50 8.84 30.21
N PRO G 124 -23.78 8.05 29.18
CA PRO G 124 -22.69 7.46 28.40
C PRO G 124 -21.95 8.54 27.63
N PHE G 125 -20.63 8.55 27.75
CA PHE G 125 -19.83 9.58 27.11
C PHE G 125 -18.40 9.09 27.02
N HIS G 126 -17.91 8.89 25.79
CA HIS G 126 -16.55 8.38 25.57
C HIS G 126 -15.60 9.55 25.67
N HIS G 127 -15.02 9.75 26.85
CA HIS G 127 -14.04 10.81 27.05
C HIS G 127 -12.65 10.25 26.85
N ASP G 128 -11.92 10.85 25.92
CA ASP G 128 -10.55 10.44 25.64
C ASP G 128 -9.82 11.63 25.03
N PRO G 129 -9.21 12.48 25.83
CA PRO G 129 -8.63 13.71 25.31
C PRO G 129 -7.60 13.40 24.24
N PRO G 130 -7.59 14.18 23.16
CA PRO G 130 -6.63 13.91 22.09
C PRO G 130 -5.21 14.17 22.56
N VAL G 131 -4.27 13.45 21.95
CA VAL G 131 -2.87 13.66 22.27
C VAL G 131 -2.40 14.98 21.68
N ILE G 132 -1.69 15.76 22.47
CA ILE G 132 -1.06 16.99 22.02
C ILE G 132 0.43 16.70 21.89
N GLY G 133 0.97 16.89 20.70
CA GLY G 133 2.36 16.59 20.46
C GLY G 133 2.56 15.16 20.00
N ARG G 134 3.76 14.67 20.28
CA ARG G 134 4.16 13.34 19.83
C ARG G 134 4.36 12.35 20.96
N GLU G 135 4.09 12.74 22.20
CA GLU G 135 4.19 11.85 23.35
C GLU G 135 2.86 11.81 24.07
N LYS G 136 2.40 10.62 24.41
CA LYS G 136 1.18 10.47 25.21
C LYS G 136 1.55 10.54 26.68
N PHE G 137 1.56 11.73 27.24
CA PHE G 137 1.89 11.94 28.64
C PHE G 137 0.61 12.01 29.44
N HIS G 138 0.74 12.04 30.77
CA HIS G 138 -0.42 12.05 31.64
C HIS G 138 -0.52 13.26 32.56
N SER G 139 0.59 13.91 32.88
CA SER G 139 0.55 15.13 33.67
C SER G 139 1.59 16.09 33.15
N ARG G 140 1.35 17.38 33.29
CA ARG G 140 2.30 18.34 32.79
C ARG G 140 3.59 18.26 33.60
N PRO G 141 4.75 18.25 32.94
CA PRO G 141 6.00 18.00 33.64
C PRO G 141 6.70 19.28 34.08
N GLN G 142 7.73 19.10 34.90
CA GLN G 142 8.55 20.23 35.33
C GLN G 142 9.26 20.87 34.14
N HIS G 143 9.86 20.04 33.30
CA HIS G 143 10.67 20.50 32.18
C HIS G 143 10.06 19.98 30.89
N GLY G 144 10.08 20.81 29.85
CA GLY G 144 9.49 20.41 28.59
C GLY G 144 9.43 21.59 27.63
N ARG G 145 8.56 21.48 26.64
CA ARG G 145 8.33 22.55 25.68
C ARG G 145 6.85 22.88 25.64
N GLU G 146 6.51 23.91 24.87
CA GLU G 146 5.16 24.45 24.82
C GLU G 146 4.57 24.25 23.43
N LEU G 147 3.31 23.82 23.39
CA LEU G 147 2.58 23.65 22.15
C LEU G 147 1.22 24.29 22.24
N PRO G 148 0.69 24.80 21.12
CA PRO G 148 -0.61 25.47 21.16
C PRO G 148 -1.76 24.50 21.39
N CYS G 149 -2.79 25.00 22.06
CA CYS G 149 -4.00 24.22 22.27
C CYS G 149 -5.14 25.18 22.55
N SER G 150 -6.35 24.63 22.69
CA SER G 150 -7.55 25.40 22.90
C SER G 150 -8.15 25.07 24.25
N THR G 151 -8.76 26.08 24.87
CA THR G 151 -9.21 25.94 26.25
C THR G 151 -10.44 26.81 26.47
N TYR G 152 -11.41 26.28 27.20
CA TYR G 152 -12.52 27.08 27.68
C TYR G 152 -12.00 28.05 28.72
N ALA G 153 -11.93 29.33 28.37
CA ALA G 153 -11.38 30.31 29.29
C ALA G 153 -12.33 30.54 30.46
N GLN G 154 -11.77 31.08 31.54
CA GLN G 154 -12.52 31.27 32.77
C GLN G 154 -13.48 32.44 32.71
N SER G 155 -13.41 33.27 31.68
CA SER G 155 -14.18 34.51 31.65
C SER G 155 -15.67 34.21 31.60
N THR G 156 -16.39 34.63 32.63
CA THR G 156 -17.84 34.49 32.67
C THR G 156 -18.55 35.60 31.90
N ALA G 157 -17.80 36.55 31.35
CA ALA G 157 -18.39 37.67 30.60
C ALA G 157 -18.91 37.12 29.29
N ALA G 158 -20.09 36.51 29.37
CA ALA G 158 -20.63 35.73 28.27
C ALA G 158 -20.87 36.60 27.04
N THR G 159 -20.36 36.14 25.89
CA THR G 159 -20.48 36.87 24.63
C THR G 159 -20.48 35.88 23.48
N ALA G 160 -21.01 36.34 22.34
CA ALA G 160 -20.85 35.76 21.02
C ALA G 160 -21.55 34.41 20.83
N GLU G 161 -22.26 33.91 21.84
CA GLU G 161 -22.92 32.61 21.72
C GLU G 161 -24.06 32.55 22.74
N GLU G 162 -25.26 32.24 22.25
CA GLU G 162 -26.46 32.30 23.08
C GLU G 162 -27.23 30.99 22.99
N ILE G 163 -27.98 30.71 24.05
CA ILE G 163 -29.00 29.67 24.06
C ILE G 163 -30.34 30.34 24.25
N GLU G 164 -31.35 29.85 23.54
CA GLU G 164 -32.66 30.46 23.61
C GLU G 164 -33.39 30.05 24.89
N VAL G 165 -34.37 30.86 25.27
CA VAL G 165 -35.25 30.53 26.38
C VAL G 165 -36.68 30.64 25.88
N HIS G 166 -37.57 29.89 26.54
CA HIS G 166 -38.95 29.81 26.11
C HIS G 166 -39.85 29.86 27.33
N MET G 167 -41.15 29.98 27.07
CA MET G 167 -42.11 29.85 28.14
C MET G 167 -42.22 28.40 28.56
N PRO G 168 -42.19 28.11 29.86
CA PRO G 168 -42.36 26.74 30.31
C PRO G 168 -43.73 26.23 29.93
N PRO G 169 -43.84 24.95 29.58
CA PRO G 169 -45.14 24.36 29.32
C PRO G 169 -45.88 24.10 30.63
N ASP G 170 -47.15 23.71 30.49
CA ASP G 170 -47.93 23.35 31.67
C ASP G 170 -47.27 22.19 32.40
N THR G 171 -47.29 22.26 33.72
CA THR G 171 -46.64 21.23 34.52
C THR G 171 -47.69 20.32 35.14
N PRO G 172 -47.98 19.18 34.52
CA PRO G 172 -48.99 18.28 35.08
C PRO G 172 -48.58 17.78 36.44
N ASP G 173 -49.55 17.73 37.36
CA ASP G 173 -49.27 17.34 38.74
C ASP G 173 -50.58 16.84 39.34
N ARG G 174 -50.73 15.52 39.44
CA ARG G 174 -51.95 14.95 39.99
C ARG G 174 -52.09 15.19 41.48
N THR G 175 -51.04 15.64 42.16
CA THR G 175 -51.16 15.92 43.59
C THR G 175 -52.09 17.09 43.86
N LEU G 176 -52.29 17.96 42.87
CA LEU G 176 -53.16 19.12 43.06
C LEU G 176 -54.60 18.70 43.27
N MET G 177 -55.02 17.61 42.62
CA MET G 177 -56.42 17.21 42.62
C MET G 177 -56.63 16.09 43.64
N SER G 178 -56.99 16.49 44.85
CA SER G 178 -57.38 15.54 45.87
C SER G 178 -58.87 15.24 45.78
N GLN G 179 -59.24 14.00 46.11
CA GLN G 179 -60.60 13.52 45.95
C GLN G 179 -61.29 13.43 47.31
N GLN G 180 -62.50 14.00 47.38
CA GLN G 180 -63.35 13.91 48.55
C GLN G 180 -64.74 13.50 48.10
N SER G 181 -65.33 12.54 48.80
CA SER G 181 -66.65 12.00 48.44
C SER G 181 -66.69 11.60 46.97
N GLY G 182 -65.57 11.06 46.49
CA GLY G 182 -65.45 10.74 45.08
C GLY G 182 -65.41 11.94 44.16
N ASN G 183 -65.12 13.12 44.69
CA ASN G 183 -65.18 14.36 43.92
C ASN G 183 -63.85 15.09 43.98
N VAL G 184 -63.47 15.66 42.84
CA VAL G 184 -62.22 16.41 42.76
C VAL G 184 -62.44 17.83 43.22
N LYS G 185 -61.44 18.39 43.91
CA LYS G 185 -61.54 19.76 44.36
C LYS G 185 -60.38 20.66 43.95
N ILE G 186 -59.23 20.13 43.56
CA ILE G 186 -58.14 20.92 42.98
C ILE G 186 -57.66 21.97 43.98
N THR G 187 -56.73 21.60 44.85
CA THR G 187 -56.33 22.46 45.95
C THR G 187 -55.56 23.70 45.49
N VAL G 188 -55.10 23.73 44.23
CA VAL G 188 -54.52 24.91 43.63
C VAL G 188 -53.26 25.36 44.34
N ASN G 189 -53.37 25.68 45.63
CA ASN G 189 -52.25 26.15 46.45
C ASN G 189 -51.68 27.46 45.92
N SER G 190 -52.57 28.45 45.74
CA SER G 190 -52.26 29.84 45.43
C SER G 190 -51.66 30.06 44.05
N GLN G 191 -51.46 29.00 43.26
CA GLN G 191 -50.87 29.14 41.93
C GLN G 191 -51.87 28.72 40.88
N THR G 192 -51.88 29.44 39.77
CA THR G 192 -52.86 29.20 38.71
C THR G 192 -52.69 27.80 38.12
N VAL G 193 -53.81 27.10 37.95
CA VAL G 193 -53.81 25.76 37.39
C VAL G 193 -54.83 25.72 36.26
N ARG G 194 -54.69 24.72 35.38
CA ARG G 194 -55.66 24.46 34.33
C ARG G 194 -56.21 23.05 34.52
N TYR G 195 -57.54 22.93 34.49
CA TYR G 195 -58.21 21.69 34.82
C TYR G 195 -59.11 21.26 33.67
N LYS G 196 -59.31 19.95 33.56
CA LYS G 196 -60.22 19.39 32.58
C LYS G 196 -60.73 18.06 33.12
N CYS G 197 -62.02 17.80 32.93
CA CYS G 197 -62.67 16.64 33.52
C CYS G 197 -63.41 15.84 32.46
N ASN G 198 -63.45 14.52 32.66
CA ASN G 198 -64.15 13.62 31.76
C ASN G 198 -65.58 13.33 32.19
N CYS G 199 -66.13 14.13 33.10
CA CYS G 199 -67.51 13.97 33.51
C CYS G 199 -68.44 14.41 32.39
N GLY G 200 -69.74 14.31 32.64
CA GLY G 200 -70.72 14.62 31.61
C GLY G 200 -70.68 16.07 31.18
N ASP G 201 -70.48 16.98 32.13
CA ASP G 201 -70.43 18.41 31.81
C ASP G 201 -69.22 18.77 30.96
N SER G 202 -68.18 17.94 30.95
CA SER G 202 -66.96 18.21 30.20
C SER G 202 -66.39 19.58 30.55
N ASN G 203 -66.47 19.95 31.82
CA ASN G 203 -66.02 21.26 32.25
C ASN G 203 -64.51 21.39 32.13
N GLU G 204 -64.06 22.58 31.80
CA GLU G 204 -62.64 22.88 31.72
C GLU G 204 -62.46 24.39 31.83
N GLY G 205 -61.24 24.80 32.14
CA GLY G 205 -60.92 26.20 32.20
C GLY G 205 -59.73 26.46 33.11
N LEU G 206 -59.47 27.73 33.34
CA LEU G 206 -58.37 28.18 34.18
C LEU G 206 -58.93 28.71 35.49
N THR G 207 -58.39 28.24 36.61
CA THR G 207 -58.85 28.63 37.93
C THR G 207 -57.67 29.04 38.80
N THR G 208 -57.98 29.80 39.84
CA THR G 208 -56.96 30.30 40.77
C THR G 208 -57.32 30.01 42.23
N THR G 209 -58.47 29.39 42.48
CA THR G 209 -58.85 29.02 43.84
C THR G 209 -59.44 27.62 43.81
N ASP G 210 -59.62 27.06 45.01
CA ASP G 210 -60.18 25.72 45.15
C ASP G 210 -61.53 25.66 44.47
N LYS G 211 -61.75 24.59 43.69
CA LYS G 211 -62.94 24.46 42.86
C LYS G 211 -63.38 23.00 42.88
N VAL G 212 -64.35 22.69 43.72
CA VAL G 212 -64.85 21.32 43.84
C VAL G 212 -65.76 21.03 42.67
N ILE G 213 -65.71 19.80 42.16
CA ILE G 213 -66.48 19.42 40.99
C ILE G 213 -67.76 18.68 41.38
N ASN G 214 -67.69 17.83 42.40
CA ASN G 214 -68.81 17.12 42.99
C ASN G 214 -69.33 16.00 42.09
N ASN G 215 -68.83 15.92 40.86
CA ASN G 215 -69.25 14.89 39.93
C ASN G 215 -68.11 14.03 39.43
N CYS G 216 -67.00 14.64 39.01
CA CYS G 216 -65.93 13.92 38.35
C CYS G 216 -65.14 13.04 39.32
N LYS G 217 -64.71 11.88 38.84
CA LYS G 217 -63.84 11.01 39.61
C LYS G 217 -62.42 11.57 39.61
N VAL G 218 -61.58 11.04 40.51
CA VAL G 218 -60.21 11.51 40.60
C VAL G 218 -59.42 11.10 39.36
N ASP G 219 -59.69 9.90 38.85
CA ASP G 219 -58.97 9.42 37.67
C ASP G 219 -59.53 9.98 36.37
N GLN G 220 -60.65 10.69 36.43
CA GLN G 220 -61.30 11.22 35.23
C GLN G 220 -61.05 12.70 35.04
N CYS G 221 -60.03 13.26 35.70
CA CYS G 221 -59.70 14.67 35.57
C CYS G 221 -58.20 14.83 35.37
N HIS G 222 -57.79 16.06 35.06
CA HIS G 222 -56.40 16.38 34.79
C HIS G 222 -56.15 17.83 35.17
N ALA G 223 -55.25 18.05 36.13
CA ALA G 223 -54.91 19.39 36.60
C ALA G 223 -53.44 19.65 36.36
N ALA G 224 -53.13 20.81 35.80
CA ALA G 224 -51.75 21.17 35.51
C ALA G 224 -51.56 22.65 35.78
N VAL G 225 -50.45 22.99 36.44
CA VAL G 225 -50.12 24.38 36.66
C VAL G 225 -49.85 25.05 35.32
N THR G 226 -50.50 26.18 35.08
CA THR G 226 -50.50 26.79 33.75
C THR G 226 -49.77 28.11 33.68
N ASN G 227 -49.95 29.01 34.65
CA ASN G 227 -49.31 30.31 34.58
C ASN G 227 -47.85 30.19 35.02
N HIS G 228 -46.96 30.72 34.19
CA HIS G 228 -45.53 30.70 34.50
C HIS G 228 -44.94 32.04 34.12
N LYS G 229 -44.33 32.71 35.09
CA LYS G 229 -43.73 34.03 34.88
C LYS G 229 -42.26 33.92 34.48
N LYS G 230 -41.54 32.97 35.07
CA LYS G 230 -40.16 32.72 34.70
C LYS G 230 -40.09 31.93 33.39
N TRP G 231 -39.00 32.12 32.67
CA TRP G 231 -38.75 31.36 31.46
C TRP G 231 -37.80 30.21 31.75
N GLN G 232 -37.49 29.43 30.72
CA GLN G 232 -36.50 28.37 30.84
C GLN G 232 -35.99 28.02 29.45
N TYR G 233 -34.84 27.37 29.43
CA TYR G 233 -34.26 26.90 28.18
C TYR G 233 -35.17 25.86 27.56
N ASN G 234 -35.33 25.92 26.24
CA ASN G 234 -36.15 24.93 25.53
C ASN G 234 -35.35 23.65 25.39
N SER G 235 -35.29 22.90 26.50
CA SER G 235 -34.56 21.66 26.50
C SER G 235 -35.21 20.67 25.52
N PRO G 236 -34.42 19.95 24.73
CA PRO G 236 -35.00 18.95 23.84
C PRO G 236 -35.69 17.81 24.54
N LEU G 237 -35.74 17.79 25.87
CA LEU G 237 -36.47 16.77 26.60
C LEU G 237 -37.45 17.34 27.61
N VAL G 238 -38.07 18.47 27.26
CA VAL G 238 -39.29 18.94 27.93
C VAL G 238 -40.27 19.35 26.83
N PRO G 239 -41.56 19.11 27.00
CA PRO G 239 -42.50 19.40 25.91
C PRO G 239 -42.57 20.89 25.60
N ARG G 240 -42.86 21.21 24.35
CA ARG G 240 -42.95 22.60 23.94
C ARG G 240 -44.27 23.20 24.39
N ASN G 241 -44.26 24.51 24.59
CA ASN G 241 -45.45 25.20 25.11
C ASN G 241 -46.59 25.16 24.10
N ALA G 242 -46.29 25.36 22.82
CA ALA G 242 -47.27 25.28 21.75
C ALA G 242 -46.51 25.03 20.45
N GLU G 243 -47.21 25.14 19.32
CA GLU G 243 -46.56 24.90 18.04
C GLU G 243 -45.42 25.88 17.78
N LEU G 244 -45.40 27.03 18.48
CA LEU G 244 -44.34 28.00 18.33
C LEU G 244 -43.79 28.36 19.71
N GLY G 245 -42.63 29.00 19.71
CA GLY G 245 -42.03 29.46 20.96
C GLY G 245 -42.31 30.93 21.22
N ASP G 246 -42.56 31.24 22.51
CA ASP G 246 -42.93 32.58 22.92
C ASP G 246 -42.11 32.98 24.14
N ARG G 247 -42.27 34.24 24.54
CA ARG G 247 -41.60 34.80 25.72
C ARG G 247 -40.09 34.55 25.66
N LYS G 248 -39.54 34.74 24.46
CA LYS G 248 -38.21 34.26 24.15
C LYS G 248 -37.15 35.13 24.82
N GLY G 249 -35.91 34.93 24.37
CA GLY G 249 -34.77 35.63 24.91
C GLY G 249 -33.51 34.95 24.43
N LYS G 250 -32.38 35.46 24.89
CA LYS G 250 -31.10 34.84 24.55
C LYS G 250 -30.15 35.01 25.71
N VAL G 251 -29.82 33.91 26.37
CA VAL G 251 -28.88 33.90 27.47
C VAL G 251 -27.51 33.64 26.89
N HIS G 252 -26.65 34.65 26.87
CA HIS G 252 -25.25 34.44 26.53
C HIS G 252 -24.64 33.47 27.54
N ILE G 253 -23.93 32.47 27.03
CA ILE G 253 -23.40 31.41 27.89
C ILE G 253 -21.90 31.61 28.06
N PRO G 254 -21.34 31.24 29.21
CA PRO G 254 -19.97 31.63 29.52
C PRO G 254 -18.90 30.72 28.95
N PHE G 255 -17.65 30.97 29.36
CA PHE G 255 -16.51 30.14 29.05
C PHE G 255 -16.29 30.01 27.56
N PRO G 256 -15.86 31.09 26.89
CA PRO G 256 -15.57 31.01 25.47
C PRO G 256 -14.32 30.19 25.22
N LEU G 257 -14.20 29.71 23.98
CA LEU G 257 -13.11 28.80 23.62
C LEU G 257 -11.88 29.62 23.23
N ALA G 258 -11.08 29.95 24.22
CA ALA G 258 -9.84 30.66 24.00
C ALA G 258 -8.84 29.74 23.31
N ASN G 259 -7.62 30.22 23.11
CA ASN G 259 -6.53 29.37 22.68
C ASN G 259 -5.28 29.77 23.47
N VAL G 260 -4.48 28.77 23.84
CA VAL G 260 -3.38 28.98 24.77
C VAL G 260 -2.37 27.86 24.59
N THR G 261 -1.12 28.12 24.92
CA THR G 261 -0.08 27.10 24.83
C THR G 261 -0.15 26.13 26.00
N CYS G 262 0.11 24.86 25.72
CA CYS G 262 0.18 23.82 26.72
C CYS G 262 1.59 23.25 26.75
N ARG G 263 1.99 22.75 27.92
CA ARG G 263 3.34 22.24 28.09
C ARG G 263 3.38 20.72 27.93
N VAL G 264 4.34 20.24 27.15
CA VAL G 264 4.48 18.82 26.87
C VAL G 264 5.90 18.37 27.20
N PRO G 265 6.10 17.14 27.63
CA PRO G 265 7.45 16.70 28.00
C PRO G 265 8.31 16.42 26.77
N LYS G 266 9.61 16.34 27.02
CA LYS G 266 10.58 15.95 26.00
C LYS G 266 11.23 14.64 26.42
N ALA G 267 11.20 13.66 25.53
CA ALA G 267 11.79 12.37 25.82
C ALA G 267 13.29 12.49 26.03
N ARG G 268 13.82 11.68 26.94
CA ARG G 268 15.24 11.74 27.28
C ARG G 268 16.08 11.24 26.11
N ASN G 269 17.34 11.62 26.13
CA ASN G 269 18.22 11.34 24.99
C ASN G 269 18.39 9.84 24.82
N PRO G 270 18.22 9.32 23.62
CA PRO G 270 18.55 7.92 23.36
C PRO G 270 20.05 7.71 23.37
N THR G 271 20.45 6.48 23.66
CA THR G 271 21.84 6.09 23.57
C THR G 271 22.13 5.65 22.14
N VAL G 272 23.10 6.27 21.50
CA VAL G 272 23.39 6.04 20.09
C VAL G 272 24.77 5.44 19.96
N THR G 273 24.88 4.41 19.14
CA THR G 273 26.16 3.85 18.73
C THR G 273 26.14 3.67 17.23
N TYR G 274 27.28 3.91 16.60
CA TYR G 274 27.38 4.01 15.16
C TYR G 274 27.93 2.74 14.54
N GLY G 275 27.27 2.26 13.49
CA GLY G 275 27.84 1.25 12.64
C GLY G 275 27.98 1.80 11.23
N LYS G 276 28.67 1.04 10.39
CA LYS G 276 28.89 1.49 9.02
C LYS G 276 27.56 1.71 8.32
N ASN G 277 27.25 2.96 7.99
CA ASN G 277 25.96 3.32 7.41
C ASN G 277 24.81 2.86 8.30
N GLN G 278 24.99 2.97 9.61
CA GLN G 278 23.97 2.54 10.55
C GLN G 278 24.08 3.38 11.82
N VAL G 279 22.94 3.59 12.46
CA VAL G 279 22.88 4.13 13.81
C VAL G 279 22.09 3.18 14.68
N ILE G 280 22.64 2.83 15.82
CA ILE G 280 21.98 1.95 16.78
C ILE G 280 21.46 2.83 17.90
N MET G 281 20.15 2.91 18.03
CA MET G 281 19.53 3.78 19.01
C MET G 281 18.83 2.94 20.06
N LEU G 282 19.17 3.19 21.32
CA LEU G 282 18.51 2.57 22.46
C LEU G 282 17.57 3.60 23.08
N LEU G 283 16.28 3.34 23.04
CA LEU G 283 15.27 4.31 23.44
C LEU G 283 14.76 4.02 24.84
N TYR G 284 14.50 5.07 25.61
CA TYR G 284 14.00 4.96 26.98
C TYR G 284 12.72 5.76 27.12
N PRO G 285 11.61 5.24 26.61
CA PRO G 285 10.33 5.96 26.74
C PRO G 285 9.75 5.78 28.13
N ASP G 286 9.23 6.87 28.69
CA ASP G 286 8.50 6.83 29.96
C ASP G 286 7.01 6.76 29.78
N HIS G 287 6.53 6.81 28.55
CA HIS G 287 5.12 6.83 28.18
C HIS G 287 5.10 6.65 26.68
N PRO G 288 3.99 6.21 26.08
CA PRO G 288 4.01 5.90 24.65
C PRO G 288 4.53 7.08 23.83
N THR G 289 5.69 6.89 23.23
CA THR G 289 6.40 7.94 22.52
C THR G 289 6.51 7.55 21.05
N LEU G 290 6.46 8.54 20.18
CA LEU G 290 6.45 8.31 18.74
C LEU G 290 7.83 8.58 18.16
N LEU G 291 8.34 7.63 17.39
CA LEU G 291 9.63 7.75 16.73
C LEU G 291 9.41 7.72 15.22
N SER G 292 9.97 8.70 14.53
CA SER G 292 9.80 8.82 13.09
C SER G 292 11.15 9.14 12.45
N TYR G 293 11.35 8.62 11.25
CA TYR G 293 12.55 8.95 10.50
C TYR G 293 12.21 8.98 9.02
N ARG G 294 13.00 9.74 8.27
CA ARG G 294 12.83 9.82 6.83
C ARG G 294 14.19 10.10 6.20
N ASN G 295 14.33 9.67 4.95
CA ASN G 295 15.52 9.98 4.18
C ASN G 295 15.46 11.41 3.68
N MET G 296 16.56 12.13 3.84
CA MET G 296 16.59 13.51 3.40
C MET G 296 17.10 13.62 1.98
N GLY G 297 16.47 12.88 1.07
CA GLY G 297 16.77 12.93 -0.34
C GLY G 297 15.48 12.97 -1.14
N GLU G 298 15.50 12.47 -2.37
CA GLU G 298 14.29 12.52 -3.19
C GLU G 298 13.21 11.60 -2.65
N GLU G 299 13.59 10.42 -2.19
CA GLU G 299 12.63 9.47 -1.64
C GLU G 299 12.73 9.50 -0.12
N PRO G 300 11.70 9.99 0.60
CA PRO G 300 11.84 10.07 2.05
C PRO G 300 11.78 8.72 2.73
N ASN G 301 10.89 7.83 2.29
CA ASN G 301 10.67 6.53 2.92
C ASN G 301 10.33 6.71 4.39
N TYR G 302 9.22 7.40 4.64
CA TYR G 302 8.83 7.74 5.99
C TYR G 302 8.30 6.52 6.73
N GLN G 303 8.79 6.30 7.95
CA GLN G 303 8.32 5.22 8.79
C GLN G 303 8.19 5.73 10.23
N GLU G 304 7.21 5.19 10.94
CA GLU G 304 6.92 5.65 12.29
C GLU G 304 6.42 4.49 13.13
N GLU G 305 6.55 4.62 14.44
CA GLU G 305 6.06 3.62 15.37
C GLU G 305 6.05 4.14 16.79
N TRP G 306 4.97 3.88 17.52
CA TRP G 306 4.90 4.26 18.93
C TRP G 306 5.70 3.25 19.75
N VAL G 307 6.80 3.70 20.33
CA VAL G 307 7.60 2.85 21.21
C VAL G 307 7.05 3.00 22.62
N THR G 308 6.48 1.93 23.15
CA THR G 308 5.85 1.96 24.46
C THR G 308 6.76 1.44 25.57
N HIS G 309 7.92 0.88 25.22
CA HIS G 309 8.85 0.37 26.21
C HIS G 309 10.24 0.40 25.60
N LYS G 310 11.24 0.16 26.44
CA LYS G 310 12.63 0.26 26.00
C LYS G 310 12.89 -0.64 24.81
N LYS G 311 13.55 -0.08 23.80
CA LYS G 311 13.76 -0.77 22.54
C LYS G 311 15.16 -0.47 22.04
N GLU G 312 15.61 -1.27 21.08
CA GLU G 312 16.84 -0.97 20.33
C GLU G 312 16.50 -0.99 18.86
N ILE G 313 16.75 0.11 18.18
CA ILE G 313 16.38 0.27 16.78
C ILE G 313 17.63 0.55 15.95
N ARG G 314 17.65 -0.01 14.75
CA ARG G 314 18.77 0.14 13.83
C ARG G 314 18.26 0.83 12.58
N LEU G 315 18.80 2.02 12.29
CA LEU G 315 18.41 2.76 11.11
C LEU G 315 19.56 2.78 10.12
N THR G 316 19.24 2.55 8.86
CA THR G 316 20.24 2.66 7.80
C THR G 316 20.41 4.11 7.39
N VAL G 317 21.64 4.59 7.44
CA VAL G 317 21.93 5.98 7.11
C VAL G 317 22.47 6.04 5.69
N PRO G 318 21.69 6.52 4.73
CA PRO G 318 22.20 6.61 3.35
C PRO G 318 23.10 7.81 3.18
N THR G 319 23.66 7.99 1.98
CA THR G 319 24.50 9.16 1.73
C THR G 319 23.67 10.42 1.62
N GLU G 320 22.35 10.29 1.38
CA GLU G 320 21.48 11.44 1.43
C GLU G 320 21.37 12.00 2.84
N GLY G 321 21.55 11.16 3.84
CA GLY G 321 21.39 11.56 5.23
C GLY G 321 20.06 11.10 5.80
N LEU G 322 20.02 10.95 7.11
CA LEU G 322 18.83 10.48 7.81
C LEU G 322 18.42 11.51 8.85
N GLU G 323 17.12 11.74 8.94
CA GLU G 323 16.55 12.66 9.92
C GLU G 323 15.64 11.87 10.84
N VAL G 324 15.91 11.91 12.14
CA VAL G 324 15.17 11.15 13.14
C VAL G 324 14.56 12.12 14.13
N THR G 325 13.25 12.02 14.34
CA THR G 325 12.56 12.82 15.35
C THR G 325 12.06 11.91 16.46
N TRP G 326 12.48 12.18 17.67
CA TRP G 326 12.25 11.31 18.82
C TRP G 326 11.36 12.03 19.81
N GLY G 327 10.09 11.65 19.84
CA GLY G 327 9.18 12.28 20.76
C GLY G 327 8.97 13.74 20.41
N ASN G 328 9.09 14.60 21.41
CA ASN G 328 8.97 16.04 21.20
C ASN G 328 10.32 16.75 21.13
N ASN G 329 11.41 15.99 21.06
CA ASN G 329 12.71 16.61 20.87
C ASN G 329 12.83 17.17 19.46
N GLU G 330 13.88 17.95 19.24
CA GLU G 330 14.19 18.41 17.90
C GLU G 330 14.72 17.26 17.07
N PRO G 331 14.42 17.22 15.77
CA PRO G 331 14.88 16.11 14.95
C PRO G 331 16.39 16.01 14.93
N TYR G 332 16.89 14.78 14.98
CA TYR G 332 18.31 14.50 14.83
C TYR G 332 18.63 14.25 13.38
N LYS G 333 19.83 14.65 12.97
CA LYS G 333 20.26 14.43 11.60
C LYS G 333 21.61 13.74 11.62
N TYR G 334 21.73 12.67 10.83
CA TYR G 334 22.95 11.87 10.77
C TYR G 334 23.40 11.72 9.32
N TRP G 335 24.70 11.80 9.10
CA TRP G 335 25.30 11.61 7.79
C TRP G 335 26.47 10.66 7.90
N PRO G 336 26.73 9.86 6.87
CA PRO G 336 27.82 8.88 6.92
C PRO G 336 29.12 9.41 6.36
N GLN G 337 30.22 8.98 6.98
CA GLN G 337 31.55 9.33 6.50
C GLN G 337 32.07 8.22 5.59
N LEU G 338 33.29 8.40 5.09
CA LEU G 338 33.93 7.41 4.23
C LEU G 338 34.85 6.50 5.02
N SER G 339 34.35 5.91 6.11
CA SER G 339 35.17 5.02 6.91
C SER G 339 35.31 3.66 6.23
N THR G 340 36.48 3.05 6.40
CA THR G 340 36.75 1.76 5.79
C THR G 340 37.91 1.10 6.51
N ASN G 341 37.98 -0.22 6.38
CA ASN G 341 39.05 -1.01 6.98
C ASN G 341 40.27 -1.14 6.08
N GLY G 342 40.09 -1.11 4.76
CA GLY G 342 41.21 -1.26 3.86
C GLY G 342 42.05 0.00 3.78
N THR G 343 43.09 -0.08 2.97
CA THR G 343 43.95 1.08 2.70
C THR G 343 44.02 1.27 1.20
N ALA G 344 44.21 2.51 0.76
CA ALA G 344 44.21 2.85 -0.65
C ALA G 344 45.62 3.10 -1.19
N HIS G 345 46.65 2.69 -0.46
CA HIS G 345 48.01 2.87 -0.93
C HIS G 345 48.87 1.62 -0.73
N GLY G 346 48.27 0.47 -0.46
CA GLY G 346 49.01 -0.75 -0.18
C GLY G 346 48.96 -1.72 -1.33
N HIS G 347 48.72 -2.98 -0.98
CA HIS G 347 48.67 -4.04 -1.98
C HIS G 347 47.35 -4.00 -2.74
N PRO G 348 47.33 -4.50 -3.97
CA PRO G 348 46.12 -4.38 -4.80
C PRO G 348 44.86 -4.95 -4.17
N HIS G 349 44.96 -6.06 -3.44
CA HIS G 349 43.78 -6.57 -2.76
C HIS G 349 43.30 -5.58 -1.71
N GLU G 350 44.23 -4.93 -1.01
CA GLU G 350 43.85 -3.94 -0.02
C GLU G 350 43.12 -2.76 -0.66
N ILE G 351 43.63 -2.25 -1.78
CA ILE G 351 43.02 -1.07 -2.37
C ILE G 351 41.66 -1.41 -2.98
N ILE G 352 41.53 -2.59 -3.58
CA ILE G 352 40.23 -2.94 -4.13
C ILE G 352 39.23 -3.19 -3.00
N LEU G 353 39.69 -3.74 -1.88
CA LEU G 353 38.80 -3.88 -0.72
C LEU G 353 38.37 -2.52 -0.20
N TYR G 354 39.30 -1.56 -0.16
CA TYR G 354 38.96 -0.21 0.25
C TYR G 354 37.88 0.38 -0.64
N TYR G 355 38.09 0.35 -1.95
CA TYR G 355 37.11 0.91 -2.85
C TYR G 355 35.82 0.11 -2.85
N TYR G 356 35.87 -1.15 -2.41
CA TYR G 356 34.64 -1.92 -2.25
C TYR G 356 33.84 -1.43 -1.06
N GLU G 357 34.51 -1.17 0.05
CA GLU G 357 33.81 -0.66 1.21
C GLU G 357 33.28 0.74 0.97
N LEU G 358 33.93 1.51 0.10
CA LEU G 358 33.44 2.86 -0.17
C LEU G 358 32.27 2.84 -1.16
N TYR G 359 32.48 2.32 -2.36
CA TYR G 359 31.47 2.32 -3.42
C TYR G 359 31.30 0.91 -3.95
N PRO G 360 30.46 0.09 -3.32
CA PRO G 360 30.42 -1.34 -3.69
C PRO G 360 29.98 -1.62 -5.12
N THR G 361 28.82 -1.11 -5.53
CA THR G 361 28.31 -1.44 -6.86
C THR G 361 29.26 -0.94 -7.95
N MET G 362 29.73 0.30 -7.83
CA MET G 362 30.60 0.87 -8.85
C MET G 362 31.91 0.12 -8.95
N THR G 363 32.52 -0.22 -7.81
CA THR G 363 33.79 -0.93 -7.87
C THR G 363 33.61 -2.32 -8.45
N VAL G 364 32.51 -3.00 -8.10
CA VAL G 364 32.28 -4.32 -8.66
C VAL G 364 32.13 -4.24 -10.16
N VAL G 365 31.35 -3.28 -10.65
CA VAL G 365 31.11 -3.20 -12.09
C VAL G 365 32.38 -2.84 -12.83
N VAL G 366 33.19 -1.92 -12.27
CA VAL G 366 34.39 -1.52 -12.99
C VAL G 366 35.43 -2.63 -12.98
N VAL G 367 35.60 -3.34 -11.87
CA VAL G 367 36.60 -4.40 -11.86
C VAL G 367 36.15 -5.55 -12.76
N SER G 368 34.84 -5.84 -12.78
CA SER G 368 34.35 -6.90 -13.67
C SER G 368 34.59 -6.52 -15.13
N VAL G 369 34.25 -5.29 -15.50
CA VAL G 369 34.43 -4.87 -16.89
C VAL G 369 35.91 -4.87 -17.27
N ALA G 370 36.77 -4.35 -16.39
CA ALA G 370 38.18 -4.30 -16.70
C ALA G 370 38.77 -5.70 -16.85
N SER G 371 38.41 -6.62 -15.94
CA SER G 371 38.90 -7.98 -16.05
C SER G 371 38.41 -8.65 -17.33
N PHE G 372 37.13 -8.46 -17.67
CA PHE G 372 36.59 -9.07 -18.88
C PHE G 372 37.31 -8.54 -20.12
N VAL G 373 37.50 -7.22 -20.19
CA VAL G 373 38.14 -6.63 -21.36
C VAL G 373 39.59 -7.08 -21.45
N LEU G 374 40.31 -7.12 -20.32
CA LEU G 374 41.70 -7.53 -20.35
C LEU G 374 41.84 -8.99 -20.78
N LEU G 375 40.97 -9.86 -20.28
CA LEU G 375 41.01 -11.26 -20.70
C LEU G 375 40.66 -11.41 -22.17
N SER G 376 39.68 -10.64 -22.64
CA SER G 376 39.37 -10.68 -24.07
C SER G 376 40.55 -10.20 -24.90
N MET G 377 41.27 -9.19 -24.42
CA MET G 377 42.41 -8.67 -25.15
C MET G 377 43.55 -9.66 -25.21
N VAL G 378 43.86 -10.33 -24.10
CA VAL G 378 44.92 -11.32 -24.13
C VAL G 378 44.51 -12.52 -24.98
N GLY G 379 43.23 -12.90 -24.93
CA GLY G 379 42.75 -13.96 -25.80
C GLY G 379 42.84 -13.60 -27.27
N VAL G 380 42.52 -12.34 -27.61
CA VAL G 380 42.66 -11.88 -28.99
C VAL G 380 44.11 -11.85 -29.41
N ALA G 381 45.02 -11.48 -28.50
CA ALA G 381 46.44 -11.53 -28.82
C ALA G 381 46.88 -12.95 -29.13
N VAL G 382 46.43 -13.91 -28.33
CA VAL G 382 46.76 -15.31 -28.58
C VAL G 382 46.18 -15.76 -29.91
N GLY G 383 44.92 -15.42 -30.18
CA GLY G 383 44.29 -15.85 -31.42
C GLY G 383 44.97 -15.27 -32.65
N MET G 384 45.31 -13.99 -32.60
CA MET G 384 46.03 -13.37 -33.72
C MET G 384 47.42 -13.97 -33.85
N CYS G 385 48.02 -14.39 -32.74
CA CYS G 385 49.26 -15.16 -32.84
C CYS G 385 49.00 -16.51 -33.52
N MET G 386 47.88 -17.15 -33.21
CA MET G 386 47.55 -18.42 -33.86
C MET G 386 47.32 -18.24 -35.35
N CYS G 387 46.58 -17.20 -35.73
CA CYS G 387 46.36 -16.93 -37.14
C CYS G 387 47.65 -16.61 -37.86
N ALA G 388 48.66 -16.10 -37.14
CA ALA G 388 49.95 -15.87 -37.75
C ALA G 388 50.65 -17.18 -38.08
N ARG G 389 50.54 -18.18 -37.21
CA ARG G 389 51.15 -19.47 -37.51
C ARG G 389 50.52 -20.12 -38.73
N ARG G 390 49.18 -20.09 -38.83
CA ARG G 390 48.50 -20.75 -39.93
C ARG G 390 48.89 -20.17 -41.27
N ARG G 391 48.96 -18.84 -41.37
CA ARG G 391 49.24 -18.20 -42.64
C ARG G 391 50.72 -18.24 -43.01
N CYS G 392 51.62 -18.42 -42.04
CA CYS G 392 53.04 -18.44 -42.32
C CYS G 392 53.64 -19.83 -42.37
N ILE G 393 52.85 -20.87 -42.15
CA ILE G 393 53.36 -22.24 -42.16
C ILE G 393 52.68 -23.14 -43.18
N THR G 394 51.48 -22.79 -43.64
CA THR G 394 50.85 -23.58 -44.69
C THR G 394 51.65 -23.62 -46.00
N PRO G 395 52.27 -22.53 -46.48
CA PRO G 395 53.07 -22.65 -47.70
C PRO G 395 54.16 -23.69 -47.61
N TYR G 396 54.79 -23.84 -46.45
CA TYR G 396 55.74 -24.93 -46.26
C TYR G 396 55.04 -26.26 -46.02
N GLU G 397 53.85 -26.24 -45.41
CA GLU G 397 53.15 -27.48 -45.13
C GLU G 397 52.53 -28.07 -46.38
N LEU G 398 52.08 -27.22 -47.30
CA LEU G 398 51.37 -27.70 -48.48
C LEU G 398 52.33 -28.28 -49.53
N THR G 399 53.55 -27.77 -49.59
CA THR G 399 54.50 -28.21 -50.60
C THR G 399 54.92 -29.65 -50.36
N PRO G 400 54.83 -30.53 -51.35
CA PRO G 400 55.27 -31.92 -51.15
C PRO G 400 56.77 -32.00 -51.01
N GLY G 401 57.23 -32.83 -50.08
CA GLY G 401 58.65 -32.98 -49.84
C GLY G 401 59.35 -31.70 -49.46
N ALA G 402 58.69 -30.85 -48.69
CA ALA G 402 59.26 -29.58 -48.28
C ALA G 402 59.90 -29.69 -46.90
N THR G 403 60.77 -28.73 -46.60
CA THR G 403 61.41 -28.66 -45.30
C THR G 403 61.60 -27.19 -44.95
N VAL G 404 61.05 -26.76 -43.81
CA VAL G 404 61.15 -25.39 -43.37
C VAL G 404 62.60 -25.06 -43.06
N PRO G 405 63.03 -23.82 -43.19
CA PRO G 405 64.37 -23.46 -42.76
C PRO G 405 64.50 -23.55 -41.24
N PHE G 406 65.76 -23.63 -40.78
CA PHE G 406 66.00 -23.82 -39.36
C PHE G 406 65.48 -22.66 -38.53
N LEU G 407 65.69 -21.43 -39.00
CA LEU G 407 65.27 -20.27 -38.23
C LEU G 407 63.76 -20.24 -38.03
N LEU G 408 63.00 -20.53 -39.09
CA LEU G 408 61.55 -20.53 -38.97
C LEU G 408 61.06 -21.68 -38.08
N SER G 409 61.75 -22.81 -38.10
CA SER G 409 61.37 -23.91 -37.22
C SER G 409 61.47 -23.50 -35.76
N LEU G 410 62.47 -22.69 -35.41
CA LEU G 410 62.61 -22.21 -34.04
C LEU G 410 61.47 -21.25 -33.68
N ILE G 411 61.17 -20.32 -34.57
CA ILE G 411 60.19 -19.27 -34.25
C ILE G 411 58.81 -19.88 -34.03
N CYS G 412 58.26 -20.51 -35.06
CA CYS G 412 56.92 -21.07 -34.93
C CYS G 412 56.94 -22.31 -34.07
N CYS G 413 56.01 -22.38 -33.11
CA CYS G 413 55.93 -23.48 -32.18
C CYS G 413 55.37 -24.75 -32.82
N ILE G 414 54.71 -24.65 -33.97
CA ILE G 414 54.11 -25.81 -34.61
C ILE G 414 55.21 -26.62 -35.29
N ARG G 415 55.71 -27.65 -34.61
CA ARG G 415 56.75 -28.50 -35.16
C ARG G 415 56.52 -29.98 -34.94
N THR G 416 55.43 -30.37 -34.26
CA THR G 416 55.19 -31.79 -34.01
C THR G 416 54.96 -32.55 -35.32
N ALA G 417 54.25 -31.94 -36.26
CA ALA G 417 54.04 -32.54 -37.57
C ALA G 417 55.11 -32.03 -38.52
N LYS G 418 56.06 -32.91 -38.87
CA LYS G 418 57.15 -32.54 -39.77
C LYS G 418 56.67 -32.65 -41.20
N ALA G 419 55.80 -31.71 -41.57
CA ALA G 419 55.23 -31.66 -42.91
C ALA G 419 55.79 -30.51 -43.73
N ASN H 1 -8.63 74.88 8.63
CA ASN H 1 -8.83 76.27 9.04
C ASN H 1 -7.49 77.01 8.97
N PHE H 2 -7.56 78.34 9.05
CA PHE H 2 -6.38 79.19 8.92
C PHE H 2 -5.64 79.39 10.24
N ASN H 3 -5.85 78.52 11.23
CA ASN H 3 -5.13 78.65 12.49
C ASN H 3 -3.63 78.54 12.28
N VAL H 4 -3.21 77.57 11.46
CA VAL H 4 -1.79 77.35 11.23
C VAL H 4 -1.15 78.55 10.54
N TYR H 5 -1.87 79.21 9.65
CA TYR H 5 -1.29 80.32 8.90
C TYR H 5 -1.02 81.54 9.75
N LYS H 6 -1.22 81.49 11.06
CA LYS H 6 -0.87 82.62 11.92
C LYS H 6 0.64 82.81 11.98
N ALA H 7 1.39 81.72 12.08
CA ALA H 7 2.84 81.84 12.24
C ALA H 7 3.50 82.39 10.99
N ILE H 8 3.13 81.86 9.82
CA ILE H 8 3.87 82.08 8.59
C ILE H 8 3.46 83.37 7.89
N ARG H 9 4.21 83.74 6.85
CA ARG H 9 3.94 84.98 6.11
C ARG H 9 4.43 84.88 4.68
N PRO H 10 4.02 85.80 3.79
CA PRO H 10 4.49 85.74 2.39
C PRO H 10 5.97 85.98 2.25
N TYR H 11 6.49 85.88 1.03
CA TYR H 11 7.91 86.13 0.82
C TYR H 11 8.17 86.41 -0.65
N LEU H 12 9.04 87.39 -0.90
CA LEU H 12 9.53 87.62 -2.24
C LEU H 12 10.41 86.45 -2.67
N ALA H 13 10.57 86.31 -3.99
CA ALA H 13 11.46 85.31 -4.55
C ALA H 13 11.73 85.61 -6.02
N HIS H 14 12.49 84.75 -6.68
CA HIS H 14 12.97 85.04 -8.03
C HIS H 14 12.00 84.51 -9.08
N CYS H 15 11.79 85.31 -10.11
CA CYS H 15 10.89 84.98 -11.19
C CYS H 15 11.62 85.08 -12.52
N PRO H 16 11.59 84.03 -13.35
CA PRO H 16 12.34 84.10 -14.61
C PRO H 16 11.86 85.18 -15.56
N ASP H 17 10.56 85.45 -15.59
CA ASP H 17 10.01 86.44 -16.53
C ASP H 17 8.89 87.19 -15.83
N CYS H 18 9.10 88.48 -15.62
CA CYS H 18 8.14 89.33 -14.91
C CYS H 18 7.30 90.14 -15.88
N GLY H 19 6.98 89.56 -17.02
CA GLY H 19 6.05 90.18 -17.95
C GLY H 19 6.68 90.70 -19.21
N GLU H 20 7.84 91.34 -19.10
CA GLU H 20 8.49 91.97 -20.24
C GLU H 20 9.78 91.27 -20.62
N GLY H 21 9.86 89.97 -20.37
CA GLY H 21 11.02 89.20 -20.79
C GLY H 21 12.26 89.37 -19.95
N HIS H 22 12.16 90.06 -18.81
CA HIS H 22 13.30 90.28 -17.93
C HIS H 22 12.97 89.72 -16.56
N SER H 23 13.93 89.01 -15.98
CA SER H 23 13.73 88.45 -14.66
C SER H 23 13.76 89.55 -13.61
N CYS H 24 12.82 89.48 -12.67
CA CYS H 24 12.79 90.38 -11.54
C CYS H 24 12.31 89.59 -10.34
N HIS H 25 12.56 90.15 -9.15
CA HIS H 25 12.04 89.57 -7.93
C HIS H 25 10.59 89.96 -7.77
N SER H 26 9.72 88.98 -7.55
CA SER H 26 8.30 89.21 -7.54
C SER H 26 7.68 88.55 -6.33
N PRO H 27 6.62 89.14 -5.76
CA PRO H 27 5.88 88.48 -4.69
C PRO H 27 5.03 87.32 -5.17
N VAL H 28 4.90 87.12 -6.47
CA VAL H 28 4.11 86.01 -7.01
C VAL H 28 5.04 85.01 -7.68
N ALA H 29 6.24 84.86 -7.12
CA ALA H 29 7.17 83.86 -7.65
C ALA H 29 6.51 82.49 -7.70
N LEU H 30 6.33 81.99 -8.91
CA LEU H 30 5.56 80.77 -9.14
C LEU H 30 6.37 79.57 -8.65
N GLU H 31 5.79 78.81 -7.73
CA GLU H 31 6.39 77.62 -7.19
C GLU H 31 5.84 76.38 -7.91
N ARG H 32 6.05 75.22 -7.32
CA ARG H 32 5.70 73.96 -7.96
C ARG H 32 4.25 73.91 -8.42
N ILE H 33 4.05 73.49 -9.66
CA ILE H 33 2.73 73.31 -10.25
C ILE H 33 2.47 71.81 -10.36
N ARG H 34 1.36 71.35 -9.80
CA ARG H 34 1.04 69.93 -9.84
C ARG H 34 -0.29 69.72 -10.54
N ASN H 35 -0.34 68.70 -11.38
CA ASN H 35 -1.51 68.41 -12.19
C ASN H 35 -1.80 66.92 -12.18
N GLU H 36 -1.84 66.32 -10.99
CA GLU H 36 -2.22 64.92 -10.89
C GLU H 36 -3.69 64.70 -11.18
N ALA H 37 -4.48 65.76 -11.29
CA ALA H 37 -5.91 65.64 -11.52
C ALA H 37 -6.18 65.31 -12.98
N THR H 38 -6.69 64.11 -13.26
CA THR H 38 -6.93 63.72 -14.64
C THR H 38 -8.04 64.55 -15.27
N ASP H 39 -8.94 65.11 -14.47
CA ASP H 39 -9.99 65.95 -15.04
C ASP H 39 -9.45 67.24 -15.62
N GLY H 40 -8.19 67.58 -15.35
CA GLY H 40 -7.58 68.79 -15.86
C GLY H 40 -7.45 69.92 -14.85
N THR H 41 -7.83 69.70 -13.60
CA THR H 41 -7.65 70.72 -12.58
C THR H 41 -6.17 70.87 -12.27
N LEU H 42 -5.74 72.10 -12.01
CA LEU H 42 -4.33 72.46 -12.01
C LEU H 42 -4.00 73.17 -10.70
N LYS H 43 -3.53 72.44 -9.69
CA LYS H 43 -3.22 73.05 -8.41
C LYS H 43 -1.88 73.74 -8.46
N ILE H 44 -1.88 75.02 -8.10
CA ILE H 44 -0.71 75.87 -8.22
C ILE H 44 -0.27 76.29 -6.82
N GLN H 45 1.04 76.43 -6.64
CA GLN H 45 1.60 76.98 -5.42
C GLN H 45 2.32 78.27 -5.75
N VAL H 46 2.02 79.33 -5.01
CA VAL H 46 2.53 80.66 -5.27
C VAL H 46 3.06 81.24 -3.97
N SER H 47 3.85 82.31 -4.09
CA SER H 47 4.49 82.89 -2.91
C SER H 47 3.48 83.58 -1.99
N LEU H 48 2.44 84.18 -2.56
CA LEU H 48 1.47 84.91 -1.76
C LEU H 48 0.78 84.00 -0.77
N GLN H 49 -0.02 84.62 0.09
CA GLN H 49 -0.97 83.91 0.95
C GLN H 49 -2.34 84.52 0.70
N ILE H 50 -3.29 83.68 0.29
CA ILE H 50 -4.61 84.13 -0.12
C ILE H 50 -5.63 83.59 0.86
N GLY H 51 -6.53 84.46 1.32
CA GLY H 51 -7.49 84.09 2.33
C GLY H 51 -7.12 84.48 3.74
N ILE H 52 -6.15 85.36 3.91
CA ILE H 52 -5.69 85.77 5.23
C ILE H 52 -5.09 87.17 5.15
N LYS H 53 -5.55 88.07 6.02
CA LYS H 53 -5.08 89.45 6.02
C LYS H 53 -3.77 89.57 6.80
N THR H 54 -3.23 90.79 6.82
CA THR H 54 -1.96 91.03 7.50
C THR H 54 -2.07 90.75 9.00
N ASP H 55 -3.25 90.93 9.57
CA ASP H 55 -3.47 90.66 10.99
C ASP H 55 -3.91 89.22 11.25
N ASP H 56 -3.58 88.30 10.35
CA ASP H 56 -3.88 86.87 10.50
C ASP H 56 -5.36 86.61 10.70
N SER H 57 -6.21 87.40 10.04
CA SER H 57 -7.65 87.25 10.15
C SER H 57 -8.20 86.65 8.86
N HIS H 58 -8.99 85.60 9.01
CA HIS H 58 -9.63 84.97 7.85
C HIS H 58 -10.50 85.97 7.11
N ASP H 59 -10.28 86.10 5.81
CA ASP H 59 -11.05 87.01 4.98
C ASP H 59 -10.90 86.55 3.53
N TRP H 60 -11.98 86.05 2.95
CA TRP H 60 -11.89 85.50 1.60
C TRP H 60 -11.74 86.56 0.53
N THR H 61 -11.92 87.83 0.87
CA THR H 61 -11.86 88.91 -0.11
C THR H 61 -10.46 89.50 -0.25
N LYS H 62 -9.49 89.05 0.53
CA LYS H 62 -8.19 89.69 0.56
C LYS H 62 -7.08 88.65 0.49
N LEU H 63 -5.93 89.08 -0.02
CA LEU H 63 -4.71 88.31 0.02
C LEU H 63 -3.58 89.20 0.51
N ARG H 64 -2.65 88.60 1.25
CA ARG H 64 -1.50 89.31 1.79
C ARG H 64 -0.23 88.83 1.11
N TYR H 65 0.65 89.77 0.80
CA TYR H 65 1.91 89.48 0.12
C TYR H 65 3.02 90.25 0.83
N MET H 66 4.27 90.01 0.42
CA MET H 66 5.38 90.81 0.94
C MET H 66 5.61 92.07 0.14
N ASP H 67 5.83 93.16 0.86
CA ASP H 67 6.30 94.42 0.30
C ASP H 67 7.56 94.78 1.08
N ASN H 68 8.73 94.58 0.46
CA ASN H 68 10.01 94.81 1.11
C ASN H 68 10.18 93.92 2.35
N HIS H 69 10.06 94.50 3.54
CA HIS H 69 10.30 93.77 4.77
C HIS H 69 9.02 93.39 5.52
N MET H 70 7.94 94.13 5.31
CA MET H 70 6.70 93.91 6.04
C MET H 70 5.58 93.62 5.05
N PRO H 71 4.72 92.66 5.37
CA PRO H 71 3.62 92.32 4.45
C PRO H 71 2.66 93.47 4.19
N ALA H 72 1.72 93.25 3.28
CA ALA H 72 0.69 94.23 2.97
C ALA H 72 -0.57 93.48 2.57
N ASP H 73 -1.60 94.23 2.21
CA ASP H 73 -2.89 93.65 1.85
C ASP H 73 -3.30 94.11 0.45
N ALA H 74 -3.97 93.22 -0.27
CA ALA H 74 -4.51 93.56 -1.58
C ALA H 74 -5.70 92.66 -1.87
N GLU H 75 -6.54 93.12 -2.80
CA GLU H 75 -7.79 92.45 -3.10
C GLU H 75 -7.56 91.21 -3.96
N ARG H 76 -8.31 90.15 -3.68
CA ARG H 76 -8.21 88.95 -4.49
C ARG H 76 -9.22 88.92 -5.61
N ALA H 77 -9.99 90.00 -5.80
CA ALA H 77 -10.84 90.10 -6.97
C ALA H 77 -10.05 90.40 -8.23
N ARG H 78 -8.80 90.83 -8.10
CA ARG H 78 -7.94 91.10 -9.24
C ARG H 78 -6.89 90.03 -9.45
N LEU H 79 -6.86 89.01 -8.62
CA LEU H 79 -6.01 87.85 -8.88
C LEU H 79 -6.42 87.21 -10.19
N PHE H 80 -5.45 86.85 -11.01
CA PHE H 80 -5.72 86.18 -12.28
C PHE H 80 -4.67 85.12 -12.55
N VAL H 81 -5.10 84.05 -13.19
CA VAL H 81 -4.20 83.02 -13.69
C VAL H 81 -4.63 82.72 -15.12
N ARG H 82 -3.71 82.90 -16.07
CA ARG H 82 -3.99 82.64 -17.48
C ARG H 82 -2.86 81.81 -18.06
N THR H 83 -3.18 80.91 -18.98
CA THR H 83 -2.16 80.10 -19.61
C THR H 83 -2.00 80.41 -21.09
N SER H 84 -3.07 80.41 -21.87
CA SER H 84 -3.06 81.02 -23.19
C SER H 84 -4.29 81.92 -23.29
N ALA H 85 -5.30 81.59 -22.51
CA ALA H 85 -6.50 82.39 -22.33
C ALA H 85 -6.86 82.34 -20.86
N PRO H 86 -7.58 83.33 -20.35
CA PRO H 86 -7.85 83.39 -18.92
C PRO H 86 -8.52 82.12 -18.41
N CYS H 87 -8.23 81.78 -17.16
CA CYS H 87 -8.65 80.53 -16.57
C CYS H 87 -9.50 80.79 -15.33
N THR H 88 -10.46 79.90 -15.11
CA THR H 88 -11.32 79.99 -13.95
C THR H 88 -10.53 79.59 -12.70
N ILE H 89 -10.76 80.30 -11.60
CA ILE H 89 -10.13 80.00 -10.32
C ILE H 89 -11.21 79.41 -9.43
N THR H 90 -11.04 78.15 -9.04
CA THR H 90 -12.07 77.42 -8.33
C THR H 90 -11.71 77.13 -6.88
N GLY H 91 -10.77 77.86 -6.30
CA GLY H 91 -10.49 77.71 -4.89
C GLY H 91 -9.12 78.18 -4.49
N THR H 92 -9.03 78.90 -3.37
CA THR H 92 -7.76 79.42 -2.90
C THR H 92 -7.69 79.30 -1.39
N MET H 93 -6.50 78.99 -0.87
CA MET H 93 -6.25 79.10 0.57
C MET H 93 -4.75 79.26 0.75
N GLY H 94 -4.32 80.44 1.17
CA GLY H 94 -2.92 80.62 1.47
C GLY H 94 -2.08 80.61 0.21
N HIS H 95 -1.18 79.64 0.11
CA HIS H 95 -0.22 79.58 -0.97
C HIS H 95 -0.74 78.89 -2.22
N PHE H 96 -1.95 78.33 -2.20
CA PHE H 96 -2.36 77.38 -3.20
C PHE H 96 -3.58 77.87 -3.97
N ILE H 97 -3.64 77.52 -5.25
CA ILE H 97 -4.69 77.95 -6.16
C ILE H 97 -5.19 76.75 -6.94
N LEU H 98 -6.49 76.66 -7.13
CA LEU H 98 -7.09 75.69 -8.03
C LEU H 98 -7.58 76.41 -9.27
N ALA H 99 -7.20 75.90 -10.43
CA ALA H 99 -7.55 76.53 -11.69
C ALA H 99 -7.98 75.46 -12.68
N ARG H 100 -8.73 75.88 -13.69
CA ARG H 100 -9.12 75.01 -14.81
C ARG H 100 -8.73 75.78 -16.07
N CYS H 101 -7.52 75.58 -16.51
CA CYS H 101 -6.93 76.38 -17.57
C CYS H 101 -7.17 75.74 -18.92
N PRO H 102 -7.14 76.53 -20.00
CA PRO H 102 -7.11 75.95 -21.33
C PRO H 102 -5.79 75.25 -21.60
N LYS H 103 -5.71 74.62 -22.76
CA LYS H 103 -4.44 74.10 -23.22
C LYS H 103 -3.51 75.23 -23.59
N GLY H 104 -2.25 75.12 -23.19
CA GLY H 104 -1.28 76.15 -23.49
C GLY H 104 0.09 75.69 -23.06
N GLU H 105 1.10 76.40 -23.55
CA GLU H 105 2.49 76.02 -23.34
C GLU H 105 3.19 76.90 -22.32
N THR H 106 2.45 77.72 -21.58
CA THR H 106 3.04 78.54 -20.53
C THR H 106 1.96 78.86 -19.52
N LEU H 107 2.38 79.22 -18.31
CA LEU H 107 1.46 79.52 -17.23
C LEU H 107 1.93 80.76 -16.49
N THR H 108 1.01 81.69 -16.26
CA THR H 108 1.31 82.90 -15.51
C THR H 108 0.21 83.17 -14.51
N VAL H 109 0.60 83.62 -13.33
CA VAL H 109 -0.33 84.04 -12.29
C VAL H 109 0.10 85.40 -11.78
N GLY H 110 -0.85 86.30 -11.61
CA GLY H 110 -0.55 87.66 -11.21
C GLY H 110 -1.58 88.19 -10.25
N PHE H 111 -1.41 89.44 -9.87
CA PHE H 111 -2.32 90.14 -8.99
C PHE H 111 -2.02 91.62 -9.11
N THR H 112 -2.78 92.45 -8.39
CA THR H 112 -2.59 93.88 -8.41
C THR H 112 -2.19 94.36 -7.02
N ASP H 113 -1.11 95.14 -6.98
CA ASP H 113 -0.58 95.68 -5.74
C ASP H 113 -1.55 96.68 -5.14
N GLY H 114 -1.41 96.89 -3.82
CA GLY H 114 -2.23 97.89 -3.16
C GLY H 114 -2.04 99.27 -3.73
N ARG H 115 -0.85 99.56 -4.25
CA ARG H 115 -0.57 100.80 -4.95
C ARG H 115 -1.06 100.81 -6.38
N LYS H 116 -1.90 99.84 -6.76
CA LYS H 116 -2.38 99.69 -8.13
C LYS H 116 -1.23 99.43 -9.09
N ILE H 117 -0.40 98.44 -8.74
CA ILE H 117 0.75 98.03 -9.53
C ILE H 117 0.58 96.56 -9.87
N SER H 118 0.80 96.21 -11.14
CA SER H 118 0.60 94.85 -11.61
C SER H 118 1.86 94.03 -11.42
N HIS H 119 1.69 92.82 -10.87
CA HIS H 119 2.79 91.89 -10.68
C HIS H 119 2.45 90.57 -11.35
N SER H 120 3.30 90.13 -12.28
CA SER H 120 3.07 88.91 -13.05
C SER H 120 4.28 88.01 -12.91
N CYS H 121 4.07 86.72 -13.19
CA CYS H 121 5.15 85.75 -13.10
C CYS H 121 4.85 84.61 -14.05
N THR H 122 5.55 84.57 -15.18
CA THR H 122 5.27 83.63 -16.25
C THR H 122 6.27 82.49 -16.19
N HIS H 123 5.78 81.28 -15.94
CA HIS H 123 6.66 80.13 -15.98
C HIS H 123 6.38 79.29 -17.22
N PRO H 124 7.39 78.63 -17.78
CA PRO H 124 7.13 77.65 -18.83
C PRO H 124 6.44 76.43 -18.25
N PHE H 125 5.44 75.94 -18.95
CA PHE H 125 4.67 74.80 -18.48
C PHE H 125 3.82 74.21 -19.60
N HIS H 126 3.93 72.91 -19.82
CA HIS H 126 3.22 72.25 -20.91
C HIS H 126 1.93 71.67 -20.34
N HIS H 127 0.82 72.37 -20.54
CA HIS H 127 -0.47 71.92 -20.06
C HIS H 127 -1.22 71.23 -21.18
N ASP H 128 -1.45 69.93 -21.01
CA ASP H 128 -2.20 69.14 -21.98
C ASP H 128 -2.92 68.06 -21.21
N PRO H 129 -4.14 68.32 -20.76
CA PRO H 129 -4.86 67.35 -19.96
C PRO H 129 -5.04 66.05 -20.72
N PRO H 130 -4.90 64.92 -20.05
CA PRO H 130 -5.04 63.64 -20.75
C PRO H 130 -6.47 63.43 -21.20
N VAL H 131 -6.61 62.63 -22.26
CA VAL H 131 -7.92 62.29 -22.75
C VAL H 131 -8.59 61.32 -21.79
N ILE H 132 -9.83 61.62 -21.41
CA ILE H 132 -10.66 60.68 -20.67
C ILE H 132 -11.62 60.04 -21.65
N GLY H 133 -11.64 58.72 -21.69
CA GLY H 133 -12.47 58.05 -22.66
C GLY H 133 -11.79 57.99 -24.02
N ARG H 134 -12.60 57.73 -25.03
CA ARG H 134 -12.13 57.53 -26.40
C ARG H 134 -12.52 58.66 -27.31
N GLU H 135 -12.73 59.85 -26.77
CA GLU H 135 -13.10 61.02 -27.56
C GLU H 135 -12.38 62.24 -27.03
N LYS H 136 -11.85 63.06 -27.93
CA LYS H 136 -11.11 64.26 -27.53
C LYS H 136 -12.03 65.48 -27.52
N PHE H 137 -13.09 65.39 -26.72
CA PHE H 137 -14.05 66.47 -26.63
C PHE H 137 -13.44 67.67 -25.92
N HIS H 138 -14.05 68.84 -26.13
CA HIS H 138 -13.51 70.09 -25.61
C HIS H 138 -14.31 70.67 -24.45
N SER H 139 -15.62 70.48 -24.43
CA SER H 139 -16.46 70.96 -23.35
C SER H 139 -17.40 69.84 -22.92
N ARG H 140 -17.82 69.88 -21.66
CA ARG H 140 -18.63 68.79 -21.15
C ARG H 140 -20.00 68.81 -21.83
N PRO H 141 -20.52 67.66 -22.24
CA PRO H 141 -21.77 67.64 -22.96
C PRO H 141 -22.96 67.58 -22.02
N GLN H 142 -24.12 67.92 -22.57
CA GLN H 142 -25.36 67.82 -21.81
C GLN H 142 -26.02 66.46 -21.98
N HIS H 143 -25.41 65.55 -22.70
CA HIS H 143 -25.87 64.17 -22.77
C HIS H 143 -24.69 63.28 -23.10
N GLY H 144 -24.50 62.22 -22.33
CA GLY H 144 -23.36 61.35 -22.51
C GLY H 144 -23.32 60.27 -21.44
N ARG H 145 -22.12 59.87 -21.05
CA ARG H 145 -21.95 58.85 -20.03
C ARG H 145 -20.94 59.31 -19.01
N GLU H 146 -20.82 58.55 -17.93
CA GLU H 146 -20.00 58.90 -16.78
C GLU H 146 -18.83 57.93 -16.66
N LEU H 147 -17.63 58.48 -16.56
CA LEU H 147 -16.42 57.68 -16.45
C LEU H 147 -15.60 58.12 -15.26
N PRO H 148 -14.87 57.21 -14.62
CA PRO H 148 -14.08 57.58 -13.45
C PRO H 148 -12.95 58.52 -13.83
N CYS H 149 -12.59 59.38 -12.88
CA CYS H 149 -11.47 60.29 -13.04
C CYS H 149 -11.00 60.68 -11.65
N SER H 150 -10.16 61.72 -11.58
CA SER H 150 -9.69 62.23 -10.32
C SER H 150 -9.72 63.75 -10.37
N THR H 151 -9.76 64.37 -9.19
CA THR H 151 -9.87 65.82 -9.15
C THR H 151 -9.37 66.32 -7.80
N TYR H 152 -9.13 67.62 -7.74
CA TYR H 152 -8.75 68.28 -6.50
C TYR H 152 -10.02 68.80 -5.84
N ALA H 153 -10.49 68.10 -4.81
CA ALA H 153 -11.66 68.55 -4.08
C ALA H 153 -11.36 69.87 -3.37
N GLN H 154 -12.39 70.71 -3.23
CA GLN H 154 -12.21 72.07 -2.75
C GLN H 154 -12.17 72.17 -1.24
N SER H 155 -12.33 71.07 -0.50
CA SER H 155 -12.32 71.14 0.95
C SER H 155 -10.93 71.47 1.46
N THR H 156 -10.83 72.55 2.24
CA THR H 156 -9.57 72.96 2.83
C THR H 156 -9.23 72.16 4.08
N ALA H 157 -9.86 71.01 4.28
CA ALA H 157 -9.58 70.19 5.46
C ALA H 157 -8.12 69.78 5.48
N ALA H 158 -7.51 69.90 6.64
CA ALA H 158 -6.09 69.61 6.79
C ALA H 158 -5.90 68.12 7.00
N THR H 159 -5.27 67.45 6.03
CA THR H 159 -5.02 66.02 6.20
C THR H 159 -4.01 65.53 5.17
N ALA H 160 -3.23 64.53 5.59
CA ALA H 160 -2.51 63.54 4.80
C ALA H 160 -1.26 64.08 4.10
N GLU H 161 -1.00 65.39 4.12
CA GLU H 161 0.19 65.91 3.45
C GLU H 161 0.48 67.34 3.87
N GLU H 162 1.72 67.60 4.26
CA GLU H 162 2.07 68.86 4.89
C GLU H 162 3.30 69.43 4.22
N ILE H 163 3.39 70.75 4.24
CA ILE H 163 4.53 71.47 3.65
C ILE H 163 5.37 72.00 4.80
N GLU H 164 6.69 71.83 4.69
CA GLU H 164 7.57 72.25 5.77
C GLU H 164 7.73 73.76 5.79
N VAL H 165 7.99 74.30 6.97
CA VAL H 165 8.22 75.72 7.16
C VAL H 165 9.46 75.92 8.01
N HIS H 166 10.30 76.87 7.62
CA HIS H 166 11.56 77.14 8.30
C HIS H 166 11.66 78.62 8.64
N MET H 167 12.67 78.93 9.44
CA MET H 167 12.94 80.30 9.81
C MET H 167 13.43 81.08 8.59
N PRO H 168 12.94 82.30 8.39
CA PRO H 168 13.42 83.13 7.29
C PRO H 168 14.88 83.49 7.48
N PRO H 169 15.62 83.66 6.40
CA PRO H 169 17.01 84.10 6.51
C PRO H 169 17.10 85.62 6.55
N ASP H 170 18.32 86.10 6.78
CA ASP H 170 18.57 87.54 6.78
C ASP H 170 18.30 88.11 5.41
N THR H 171 17.58 89.22 5.36
CA THR H 171 17.18 89.81 4.09
C THR H 171 17.98 91.08 3.85
N PRO H 172 19.04 91.03 3.06
CA PRO H 172 19.87 92.23 2.87
C PRO H 172 19.08 93.37 2.25
N ASP H 173 19.43 94.59 2.63
CA ASP H 173 18.74 95.77 2.14
C ASP H 173 19.74 96.92 2.14
N ARG H 174 20.05 97.44 0.95
CA ARG H 174 21.06 98.47 0.82
C ARG H 174 20.52 99.86 1.14
N THR H 175 19.21 100.00 1.31
CA THR H 175 18.64 101.32 1.59
C THR H 175 18.88 101.73 3.03
N LEU H 176 19.11 100.77 3.92
CA LEU H 176 19.43 101.10 5.31
C LEU H 176 20.74 101.86 5.40
N MET H 177 21.58 101.77 4.37
CA MET H 177 22.96 102.24 4.43
C MET H 177 23.06 103.65 3.88
N SER H 178 22.55 104.61 4.65
CA SER H 178 22.79 106.00 4.35
C SER H 178 24.26 106.33 4.61
N GLN H 179 24.85 107.09 3.70
CA GLN H 179 26.24 107.50 3.82
C GLN H 179 26.29 109.02 4.03
N GLN H 180 26.97 109.44 5.10
CA GLN H 180 27.08 110.85 5.42
C GLN H 180 28.49 111.16 5.90
N SER H 181 29.06 112.25 5.37
CA SER H 181 30.35 112.78 5.81
C SER H 181 31.43 111.71 5.83
N GLY H 182 31.45 110.90 4.77
CA GLY H 182 32.40 109.79 4.72
C GLY H 182 32.14 108.73 5.78
N ASN H 183 30.90 108.60 6.25
CA ASN H 183 30.56 107.63 7.27
C ASN H 183 29.23 106.96 6.90
N VAL H 184 29.09 105.70 7.27
CA VAL H 184 27.85 104.96 7.01
C VAL H 184 26.87 105.23 8.15
N LYS H 185 25.72 105.81 7.81
CA LYS H 185 24.78 106.26 8.83
C LYS H 185 24.04 105.10 9.48
N ILE H 186 23.61 104.12 8.68
CA ILE H 186 22.79 103.00 9.12
C ILE H 186 21.41 103.50 9.55
N THR H 187 20.38 102.68 9.34
CA THR H 187 19.04 102.98 9.83
C THR H 187 18.42 101.68 10.29
N VAL H 188 17.78 101.72 11.46
CA VAL H 188 17.16 100.52 12.03
C VAL H 188 15.71 100.38 11.63
N ASN H 189 14.92 101.44 11.80
CA ASN H 189 13.49 101.42 11.50
C ASN H 189 12.81 100.24 12.18
N SER H 190 13.16 100.02 13.45
CA SER H 190 12.57 99.00 14.31
C SER H 190 12.78 97.59 13.79
N GLN H 191 13.86 97.35 13.06
CA GLN H 191 14.22 96.03 12.56
C GLN H 191 15.58 95.63 13.13
N THR H 192 15.67 94.41 13.64
CA THR H 192 16.91 93.94 14.26
C THR H 192 17.95 93.72 13.16
N VAL H 193 18.71 94.75 12.88
CA VAL H 193 19.69 94.73 11.80
C VAL H 193 20.98 94.11 12.31
N ARG H 194 21.65 93.36 11.45
CA ARG H 194 23.03 92.97 11.69
C ARG H 194 23.86 93.49 10.53
N TYR H 195 25.05 93.99 10.83
CA TYR H 195 25.86 94.69 9.84
C TYR H 195 27.28 94.18 9.86
N LYS H 196 28.08 94.69 8.93
CA LYS H 196 29.48 94.30 8.77
C LYS H 196 30.16 95.26 7.81
N CYS H 197 31.32 95.79 8.20
CA CYS H 197 32.04 96.76 7.39
C CYS H 197 33.47 96.27 7.18
N ASN H 198 33.95 96.40 5.94
CA ASN H 198 35.28 95.89 5.60
C ASN H 198 36.37 96.67 6.32
N CYS H 199 36.33 97.99 6.23
CA CYS H 199 37.34 98.84 6.84
C CYS H 199 36.82 99.65 8.02
N GLY H 200 35.51 99.67 8.24
CA GLY H 200 34.96 100.43 9.33
C GLY H 200 35.00 99.69 10.65
N ASP H 201 33.88 99.68 11.36
CA ASP H 201 33.84 99.15 12.72
C ASP H 201 34.15 97.66 12.74
N SER H 202 34.99 97.25 13.69
CA SER H 202 35.22 95.84 13.98
C SER H 202 34.23 95.29 14.99
N ASN H 203 33.31 96.11 15.49
CA ASN H 203 32.25 95.68 16.39
C ASN H 203 30.95 95.39 15.66
N GLU H 204 31.02 94.96 14.41
CA GLU H 204 29.83 94.67 13.63
C GLU H 204 29.02 93.53 14.25
N GLY H 205 27.71 93.67 14.21
CA GLY H 205 26.85 92.67 14.81
C GLY H 205 25.41 93.16 14.88
N LEU H 206 24.65 92.55 15.78
CA LEU H 206 23.25 92.92 15.92
C LEU H 206 23.12 94.36 16.42
N THR H 207 21.98 94.97 16.10
CA THR H 207 21.67 96.31 16.58
C THR H 207 20.17 96.54 16.46
N THR H 208 19.64 97.37 17.36
CA THR H 208 18.25 97.80 17.30
C THR H 208 18.14 99.31 17.20
N THR H 209 19.28 100.00 17.08
CA THR H 209 19.31 101.44 16.87
C THR H 209 20.38 101.75 15.83
N ASP H 210 20.20 102.85 15.12
CA ASP H 210 21.19 103.24 14.12
C ASP H 210 22.49 103.63 14.79
N LYS H 211 23.61 103.23 14.18
CA LYS H 211 24.94 103.46 14.74
C LYS H 211 25.85 103.88 13.59
N VAL H 212 26.07 105.20 13.45
CA VAL H 212 26.95 105.70 12.41
C VAL H 212 28.34 105.14 12.61
N ILE H 213 28.95 104.65 11.53
CA ILE H 213 30.28 104.06 11.58
C ILE H 213 31.26 105.03 10.95
N ASN H 214 32.29 105.40 11.70
CA ASN H 214 33.18 106.48 11.31
C ASN H 214 34.11 106.07 10.18
N ASN H 215 34.42 107.02 9.30
CA ASN H 215 35.40 106.91 8.23
C ASN H 215 35.27 105.60 7.45
N CYS H 216 34.11 105.43 6.83
CA CYS H 216 33.87 104.29 5.95
C CYS H 216 32.77 104.67 4.98
N LYS H 217 32.77 104.01 3.83
CA LYS H 217 31.78 104.25 2.80
C LYS H 217 30.82 103.07 2.69
N VAL H 218 29.69 103.33 2.05
CA VAL H 218 28.67 102.31 1.88
C VAL H 218 29.18 101.16 1.03
N ASP H 219 30.11 101.43 0.11
CA ASP H 219 30.59 100.40 -0.81
C ASP H 219 31.37 99.30 -0.10
N GLN H 220 31.78 99.50 1.15
CA GLN H 220 32.52 98.50 1.90
C GLN H 220 31.79 98.09 3.17
N CYS H 221 30.47 98.05 3.12
CA CYS H 221 29.67 97.64 4.28
C CYS H 221 28.57 96.69 3.82
N HIS H 222 28.24 95.73 4.69
CA HIS H 222 27.15 94.80 4.47
C HIS H 222 26.23 94.82 5.69
N ALA H 223 24.94 94.65 5.45
CA ALA H 223 23.95 94.68 6.53
C ALA H 223 22.71 93.92 6.12
N ALA H 224 21.98 93.43 7.12
CA ALA H 224 20.78 92.65 6.87
C ALA H 224 19.89 92.69 8.10
N VAL H 225 18.64 92.30 7.91
CA VAL H 225 17.63 92.32 8.96
C VAL H 225 17.47 90.92 9.54
N THR H 226 17.34 90.83 10.87
CA THR H 226 17.23 89.53 11.51
C THR H 226 16.12 89.49 12.56
N ASN H 227 15.15 90.38 12.49
CA ASN H 227 14.05 90.41 13.44
C ASN H 227 12.92 89.45 13.06
N HIS H 228 13.22 88.43 12.27
CA HIS H 228 12.19 87.55 11.73
C HIS H 228 11.69 86.60 12.81
N LYS H 229 10.52 86.89 13.38
CA LYS H 229 9.88 85.97 14.31
C LYS H 229 8.89 85.05 13.60
N LYS H 230 8.30 85.52 12.50
CA LYS H 230 7.42 84.69 11.70
C LYS H 230 8.22 83.60 11.01
N TRP H 231 7.51 82.73 10.29
CA TRP H 231 8.14 81.63 9.59
C TRP H 231 7.86 81.74 8.09
N GLN H 232 8.63 80.97 7.33
CA GLN H 232 8.48 80.89 5.88
C GLN H 232 8.45 79.43 5.46
N TYR H 233 8.01 79.20 4.24
CA TYR H 233 8.18 77.92 3.58
C TYR H 233 9.62 77.82 3.09
N ASN H 234 10.20 76.62 3.17
CA ASN H 234 11.57 76.42 2.70
C ASN H 234 11.55 76.31 1.17
N SER H 235 11.38 77.47 0.55
CA SER H 235 11.35 77.51 -0.91
C SER H 235 12.73 77.19 -1.47
N PRO H 236 12.80 76.33 -2.49
CA PRO H 236 14.10 76.05 -3.12
C PRO H 236 14.71 77.26 -3.80
N LEU H 237 14.13 78.45 -3.69
CA LEU H 237 14.74 79.65 -4.22
C LEU H 237 14.82 80.77 -3.17
N VAL H 238 14.99 80.40 -1.91
CA VAL H 238 15.48 81.32 -0.87
C VAL H 238 16.51 80.56 -0.04
N PRO H 239 17.56 81.20 0.41
CA PRO H 239 18.65 80.49 1.10
C PRO H 239 18.32 80.18 2.55
N ARG H 240 19.16 79.34 3.14
CA ARG H 240 18.99 78.90 4.52
C ARG H 240 19.77 79.83 5.47
N ASN H 241 19.90 79.40 6.72
CA ASN H 241 20.77 80.06 7.70
C ASN H 241 21.84 79.15 8.24
N ALA H 242 21.53 77.90 8.54
CA ALA H 242 22.49 76.96 9.10
C ALA H 242 22.49 75.68 8.28
N GLU H 243 23.61 74.96 8.35
CA GLU H 243 23.77 73.75 7.55
C GLU H 243 22.67 72.75 7.83
N LEU H 244 22.42 72.46 9.11
CA LEU H 244 21.48 71.42 9.49
C LEU H 244 20.06 72.00 9.52
N GLY H 245 19.68 72.62 8.41
CA GLY H 245 18.39 73.26 8.34
C GLY H 245 18.34 74.47 9.27
N ASP H 246 17.11 74.93 9.49
CA ASP H 246 16.84 75.94 10.51
C ASP H 246 15.91 75.41 11.58
N ARG H 247 14.70 74.98 11.21
CA ARG H 247 13.74 74.39 12.13
C ARG H 247 12.58 73.83 11.33
N LYS H 248 12.01 72.72 11.79
CA LYS H 248 11.01 71.99 11.04
C LYS H 248 9.63 72.30 11.61
N GLY H 249 8.76 72.86 10.78
CA GLY H 249 7.36 72.97 11.10
C GLY H 249 6.56 72.32 10.00
N LYS H 250 5.25 72.21 10.15
CA LYS H 250 4.45 71.58 9.12
C LYS H 250 3.16 72.34 8.94
N VAL H 251 2.77 72.54 7.68
CA VAL H 251 1.54 73.22 7.32
C VAL H 251 0.81 72.34 6.32
N HIS H 252 -0.42 71.93 6.68
CA HIS H 252 -1.18 71.08 5.79
C HIS H 252 -1.52 71.81 4.49
N ILE H 253 -1.17 71.21 3.36
CA ILE H 253 -1.57 71.77 2.07
C ILE H 253 -3.03 71.38 1.80
N PRO H 254 -3.84 72.29 1.31
CA PRO H 254 -5.27 72.02 1.18
C PRO H 254 -5.59 71.22 -0.07
N PHE H 255 -6.89 71.11 -0.38
CA PHE H 255 -7.34 70.59 -1.66
C PHE H 255 -6.82 69.18 -1.93
N PRO H 256 -7.31 68.18 -1.22
CA PRO H 256 -6.83 66.82 -1.44
C PRO H 256 -7.25 66.32 -2.81
N LEU H 257 -6.50 65.33 -3.29
CA LEU H 257 -6.81 64.70 -4.57
C LEU H 257 -7.96 63.74 -4.37
N ALA H 258 -9.13 64.09 -4.89
CA ALA H 258 -10.35 63.32 -4.69
C ALA H 258 -10.40 62.14 -5.63
N ASN H 259 -11.59 61.57 -5.77
CA ASN H 259 -11.81 60.35 -6.53
C ASN H 259 -13.26 60.34 -6.99
N VAL H 260 -13.52 60.84 -8.20
CA VAL H 260 -14.86 61.18 -8.64
C VAL H 260 -15.02 60.76 -10.10
N THR H 261 -16.22 60.94 -10.63
CA THR H 261 -16.52 60.63 -12.03
C THR H 261 -16.69 61.90 -12.85
N CYS H 262 -16.56 61.74 -14.17
CA CYS H 262 -16.65 62.83 -15.12
C CYS H 262 -17.54 62.40 -16.27
N ARG H 263 -18.19 63.38 -16.91
CA ARG H 263 -19.10 63.12 -18.01
C ARG H 263 -18.39 63.29 -19.34
N VAL H 264 -18.55 62.30 -20.21
CA VAL H 264 -17.91 62.31 -21.53
C VAL H 264 -18.98 62.07 -22.58
N PRO H 265 -18.87 62.65 -23.75
CA PRO H 265 -19.93 62.52 -24.76
C PRO H 265 -19.89 61.16 -25.44
N LYS H 266 -20.99 60.86 -26.12
CA LYS H 266 -21.09 59.69 -26.97
C LYS H 266 -21.26 60.13 -28.42
N ALA H 267 -20.42 59.61 -29.30
CA ALA H 267 -20.51 59.98 -30.70
C ALA H 267 -21.82 59.48 -31.30
N ARG H 268 -22.35 60.25 -32.23
CA ARG H 268 -23.64 59.93 -32.82
C ARG H 268 -23.55 58.65 -33.64
N ASN H 269 -24.70 58.07 -33.94
CA ASN H 269 -24.75 56.77 -34.58
C ASN H 269 -24.11 56.84 -35.96
N PRO H 270 -23.45 55.79 -36.41
CA PRO H 270 -22.95 55.72 -37.78
C PRO H 270 -24.09 55.37 -38.73
N THR H 271 -23.78 55.32 -40.00
CA THR H 271 -24.73 54.96 -41.04
C THR H 271 -24.26 53.64 -41.66
N VAL H 272 -24.69 52.53 -41.06
CA VAL H 272 -24.17 51.23 -41.44
C VAL H 272 -24.90 50.73 -42.68
N THR H 273 -24.13 50.25 -43.65
CA THR H 273 -24.66 49.62 -44.85
C THR H 273 -23.92 48.30 -45.05
N TYR H 274 -24.65 47.25 -45.37
CA TYR H 274 -24.09 45.92 -45.39
C TYR H 274 -23.71 45.49 -46.79
N GLY H 275 -22.68 44.64 -46.88
CA GLY H 275 -22.28 44.02 -48.12
C GLY H 275 -21.91 42.57 -47.86
N LYS H 276 -21.60 41.86 -48.94
CA LYS H 276 -21.24 40.46 -48.80
C LYS H 276 -20.00 40.31 -47.94
N ASN H 277 -20.16 39.81 -46.72
CA ASN H 277 -19.09 39.71 -45.75
C ASN H 277 -18.38 41.05 -45.57
N GLN H 278 -19.17 42.11 -45.44
CA GLN H 278 -18.60 43.44 -45.36
C GLN H 278 -19.54 44.34 -44.59
N VAL H 279 -18.97 45.39 -44.00
CA VAL H 279 -19.72 46.41 -43.28
C VAL H 279 -19.20 47.77 -43.74
N ILE H 280 -20.09 48.59 -44.27
CA ILE H 280 -19.75 49.94 -44.69
C ILE H 280 -20.25 50.90 -43.61
N MET H 281 -19.36 51.70 -43.07
CA MET H 281 -19.70 52.60 -41.98
C MET H 281 -19.41 54.03 -42.39
N LEU H 282 -20.39 54.90 -42.25
CA LEU H 282 -20.21 56.33 -42.43
C LEU H 282 -20.12 56.94 -41.04
N LEU H 283 -19.04 57.68 -40.78
CA LEU H 283 -18.75 58.17 -39.45
C LEU H 283 -18.88 59.69 -39.42
N TYR H 284 -19.51 60.20 -38.37
CA TYR H 284 -19.78 61.63 -38.23
C TYR H 284 -19.23 62.12 -36.90
N PRO H 285 -17.93 62.35 -36.82
CA PRO H 285 -17.34 62.83 -35.55
C PRO H 285 -17.49 64.33 -35.40
N ASP H 286 -17.91 64.76 -34.22
CA ASP H 286 -17.88 66.18 -33.87
C ASP H 286 -16.51 66.61 -33.40
N HIS H 287 -15.61 65.66 -33.15
CA HIS H 287 -14.29 65.87 -32.58
C HIS H 287 -13.49 64.59 -32.80
N PRO H 288 -12.18 64.60 -32.63
CA PRO H 288 -11.43 63.36 -32.84
C PRO H 288 -11.95 62.20 -32.04
N THR H 289 -12.44 61.19 -32.75
CA THR H 289 -13.07 60.02 -32.15
C THR H 289 -12.29 58.78 -32.52
N LEU H 290 -12.24 57.82 -31.63
CA LEU H 290 -11.43 56.63 -31.80
C LEU H 290 -12.31 55.47 -32.26
N LEU H 291 -11.97 54.88 -33.41
CA LEU H 291 -12.67 53.74 -33.95
C LEU H 291 -11.76 52.52 -33.85
N SER H 292 -12.22 51.49 -33.14
CA SER H 292 -11.47 50.26 -32.99
C SER H 292 -12.36 49.08 -33.32
N TYR H 293 -11.73 48.00 -33.78
CA TYR H 293 -12.47 46.78 -34.05
C TYR H 293 -11.54 45.60 -33.86
N ARG H 294 -12.14 44.43 -33.68
CA ARG H 294 -11.37 43.21 -33.49
C ARG H 294 -12.25 42.04 -33.88
N ASN H 295 -11.64 41.04 -34.51
CA ASN H 295 -12.35 39.80 -34.75
C ASN H 295 -12.59 39.09 -33.43
N MET H 296 -13.67 38.31 -33.38
CA MET H 296 -14.03 37.59 -32.16
C MET H 296 -13.57 36.14 -32.23
N GLY H 297 -12.39 35.89 -32.80
CA GLY H 297 -11.87 34.55 -32.94
C GLY H 297 -10.53 34.36 -32.28
N GLU H 298 -9.76 33.37 -32.76
CA GLU H 298 -8.49 33.06 -32.12
C GLU H 298 -7.49 34.20 -32.28
N GLU H 299 -7.48 34.85 -33.45
CA GLU H 299 -6.62 36.01 -33.68
C GLU H 299 -7.47 37.26 -33.73
N PRO H 300 -7.33 38.17 -32.78
CA PRO H 300 -8.23 39.34 -32.74
C PRO H 300 -7.95 40.33 -33.84
N ASN H 301 -6.67 40.47 -34.22
CA ASN H 301 -6.26 41.40 -35.27
C ASN H 301 -6.76 42.81 -34.99
N TYR H 302 -6.29 43.35 -33.87
CA TYR H 302 -6.77 44.65 -33.40
C TYR H 302 -6.35 45.76 -34.34
N GLN H 303 -7.27 46.68 -34.61
CA GLN H 303 -7.02 47.82 -35.48
C GLN H 303 -7.71 49.03 -34.89
N GLU H 304 -7.08 50.20 -35.01
CA GLU H 304 -7.67 51.41 -34.46
C GLU H 304 -7.21 52.61 -35.26
N GLU H 305 -7.96 53.70 -35.15
CA GLU H 305 -7.59 54.94 -35.82
C GLU H 305 -8.43 56.09 -35.29
N TRP H 306 -7.80 57.26 -35.19
CA TRP H 306 -8.48 58.47 -34.75
C TRP H 306 -9.12 59.13 -35.96
N VAL H 307 -10.44 59.13 -36.03
CA VAL H 307 -11.14 59.75 -37.13
C VAL H 307 -11.47 61.18 -36.76
N THR H 308 -11.33 62.10 -37.73
CA THR H 308 -11.53 63.52 -37.47
C THR H 308 -12.44 64.19 -38.47
N HIS H 309 -13.02 63.46 -39.43
CA HIS H 309 -13.94 64.04 -40.38
C HIS H 309 -14.82 62.94 -40.95
N LYS H 310 -15.80 63.36 -41.74
CA LYS H 310 -16.69 62.41 -42.42
C LYS H 310 -15.86 61.38 -43.18
N LYS H 311 -16.00 60.12 -42.78
CA LYS H 311 -15.16 59.05 -43.28
C LYS H 311 -16.02 57.83 -43.58
N GLU H 312 -15.68 57.13 -44.67
CA GLU H 312 -16.32 55.88 -45.02
C GLU H 312 -15.35 54.75 -44.74
N ILE H 313 -15.79 53.75 -43.99
CA ILE H 313 -14.93 52.67 -43.54
C ILE H 313 -15.55 51.34 -43.97
N ARG H 314 -14.76 50.50 -44.62
CA ARG H 314 -15.21 49.21 -45.10
C ARG H 314 -14.47 48.13 -44.32
N LEU H 315 -15.21 47.35 -43.53
CA LEU H 315 -14.66 46.30 -42.72
C LEU H 315 -15.16 44.95 -43.20
N THR H 316 -14.27 43.96 -43.23
CA THR H 316 -14.63 42.61 -43.59
C THR H 316 -15.02 41.84 -42.35
N VAL H 317 -16.15 41.12 -42.42
CA VAL H 317 -16.69 40.43 -41.27
C VAL H 317 -16.39 38.94 -41.36
N PRO H 318 -15.46 38.42 -40.57
CA PRO H 318 -15.18 36.98 -40.61
C PRO H 318 -16.32 36.21 -39.97
N THR H 319 -16.30 34.89 -40.19
CA THR H 319 -17.37 34.04 -39.70
C THR H 319 -17.45 34.04 -38.19
N GLU H 320 -16.31 34.20 -37.51
CA GLU H 320 -16.33 34.28 -36.05
C GLU H 320 -17.13 35.47 -35.58
N GLY H 321 -16.96 36.61 -36.23
CA GLY H 321 -17.67 37.81 -35.86
C GLY H 321 -16.78 39.04 -35.92
N LEU H 322 -17.39 40.22 -35.87
CA LEU H 322 -16.65 41.46 -35.77
C LEU H 322 -17.25 42.29 -34.65
N GLU H 323 -16.39 42.97 -33.90
CA GLU H 323 -16.82 43.83 -32.80
C GLU H 323 -16.27 45.23 -33.03
N VAL H 324 -17.11 46.13 -33.51
CA VAL H 324 -16.72 47.51 -33.77
C VAL H 324 -17.15 48.36 -32.60
N THR H 325 -16.20 49.07 -32.01
CA THR H 325 -16.48 50.04 -30.96
C THR H 325 -16.19 51.43 -31.50
N TRP H 326 -17.18 52.30 -31.44
CA TRP H 326 -17.14 53.61 -32.06
C TRP H 326 -17.23 54.67 -30.98
N GLY H 327 -16.12 55.34 -30.72
CA GLY H 327 -16.10 56.36 -29.68
C GLY H 327 -16.42 55.78 -28.33
N ASN H 328 -17.26 56.48 -27.59
CA ASN H 328 -17.69 56.03 -26.27
C ASN H 328 -18.97 55.23 -26.31
N ASN H 329 -19.52 54.97 -27.49
CA ASN H 329 -20.70 54.13 -27.57
C ASN H 329 -20.37 52.70 -27.14
N GLU H 330 -21.41 51.91 -26.98
CA GLU H 330 -21.23 50.50 -26.71
C GLU H 330 -20.70 49.79 -27.96
N PRO H 331 -20.05 48.65 -27.80
CA PRO H 331 -19.56 47.92 -28.97
C PRO H 331 -20.70 47.41 -29.84
N TYR H 332 -20.47 47.43 -31.14
CA TYR H 332 -21.37 46.81 -32.11
C TYR H 332 -20.80 45.45 -32.48
N LYS H 333 -21.68 44.45 -32.59
CA LYS H 333 -21.27 43.11 -32.94
C LYS H 333 -21.99 42.68 -34.20
N TYR H 334 -21.23 42.21 -35.18
CA TYR H 334 -21.77 41.85 -36.49
C TYR H 334 -21.36 40.44 -36.85
N TRP H 335 -22.28 39.68 -37.44
CA TRP H 335 -21.97 38.34 -37.88
C TRP H 335 -22.50 38.10 -39.28
N PRO H 336 -21.69 37.54 -40.17
CA PRO H 336 -22.18 37.23 -41.51
C PRO H 336 -23.16 36.07 -41.48
N GLN H 337 -24.01 36.02 -42.50
CA GLN H 337 -24.91 34.89 -42.67
C GLN H 337 -24.93 34.49 -44.13
N LEU H 338 -25.42 33.28 -44.38
CA LEU H 338 -25.24 32.63 -45.67
C LEU H 338 -26.10 33.26 -46.76
N SER H 339 -25.67 34.37 -47.30
CA SER H 339 -26.35 35.01 -48.42
C SER H 339 -25.58 34.79 -49.70
N THR H 340 -26.31 34.55 -50.78
CA THR H 340 -25.67 34.27 -52.06
C THR H 340 -26.66 34.51 -53.19
N ASN H 341 -26.14 34.90 -54.34
CA ASN H 341 -26.98 35.19 -55.50
C ASN H 341 -27.45 33.91 -56.18
N GLY H 342 -26.63 32.87 -56.19
CA GLY H 342 -26.99 31.64 -56.85
C GLY H 342 -28.03 30.86 -56.07
N THR H 343 -28.40 29.72 -56.64
CA THR H 343 -29.35 28.80 -56.01
C THR H 343 -28.76 27.40 -56.03
N ALA H 344 -29.16 26.61 -55.04
CA ALA H 344 -28.67 25.25 -54.89
C ALA H 344 -29.68 24.21 -55.33
N HIS H 345 -30.70 24.59 -56.08
CA HIS H 345 -31.70 23.67 -56.59
C HIS H 345 -32.00 23.96 -58.05
N GLY H 346 -30.96 24.18 -58.84
CA GLY H 346 -31.12 24.48 -60.25
C GLY H 346 -30.10 23.73 -61.08
N HIS H 347 -29.71 24.35 -62.18
CA HIS H 347 -28.73 23.76 -63.07
C HIS H 347 -27.38 23.67 -62.37
N PRO H 348 -26.54 22.72 -62.77
CA PRO H 348 -25.30 22.48 -62.00
C PRO H 348 -24.41 23.70 -61.87
N HIS H 349 -24.37 24.57 -62.88
CA HIS H 349 -23.58 25.79 -62.76
C HIS H 349 -24.15 26.68 -61.66
N GLU H 350 -25.48 26.73 -61.53
CA GLU H 350 -26.08 27.51 -60.46
C GLU H 350 -25.64 27.00 -59.09
N ILE H 351 -25.64 25.68 -58.91
CA ILE H 351 -25.34 25.14 -57.59
C ILE H 351 -23.85 25.24 -57.28
N ILE H 352 -22.99 25.08 -58.29
CA ILE H 352 -21.57 25.26 -58.02
C ILE H 352 -21.27 26.73 -57.71
N LEU H 353 -21.97 27.64 -58.38
CA LEU H 353 -21.82 29.05 -58.04
C LEU H 353 -22.26 29.30 -56.60
N TYR H 354 -23.39 28.72 -56.20
CA TYR H 354 -23.88 28.86 -54.82
C TYR H 354 -22.83 28.39 -53.84
N TYR H 355 -22.32 27.17 -54.03
CA TYR H 355 -21.40 26.60 -53.06
C TYR H 355 -20.07 27.33 -53.07
N TYR H 356 -19.66 27.85 -54.22
CA TYR H 356 -18.43 28.65 -54.24
C TYR H 356 -18.61 29.92 -53.43
N GLU H 357 -19.74 30.60 -53.59
CA GLU H 357 -19.95 31.82 -52.83
C GLU H 357 -20.00 31.53 -51.34
N LEU H 358 -20.64 30.43 -50.94
CA LEU H 358 -20.72 30.13 -49.52
C LEU H 358 -19.36 29.74 -48.95
N TYR H 359 -18.65 28.83 -49.61
CA TYR H 359 -17.36 28.32 -49.13
C TYR H 359 -16.34 28.38 -50.25
N PRO H 360 -15.77 29.55 -50.52
CA PRO H 360 -14.86 29.67 -51.68
C PRO H 360 -13.66 28.75 -51.62
N THR H 361 -13.10 28.52 -50.43
CA THR H 361 -11.89 27.70 -50.35
C THR H 361 -12.19 26.22 -50.55
N MET H 362 -13.28 25.73 -49.96
CA MET H 362 -13.57 24.31 -50.05
C MET H 362 -14.11 23.91 -51.42
N THR H 363 -14.92 24.77 -52.04
CA THR H 363 -15.59 24.41 -53.27
C THR H 363 -14.58 24.17 -54.40
N VAL H 364 -13.59 25.05 -54.54
CA VAL H 364 -12.62 24.89 -55.61
C VAL H 364 -11.79 23.63 -55.38
N VAL H 365 -11.44 23.35 -54.12
CA VAL H 365 -10.69 22.15 -53.81
C VAL H 365 -11.48 20.90 -54.19
N VAL H 366 -12.74 20.84 -53.78
CA VAL H 366 -13.55 19.66 -54.07
C VAL H 366 -13.74 19.51 -55.57
N VAL H 367 -14.05 20.59 -56.27
CA VAL H 367 -14.26 20.51 -57.71
C VAL H 367 -12.99 20.04 -58.41
N SER H 368 -11.83 20.59 -58.02
CA SER H 368 -10.59 20.23 -58.68
C SER H 368 -10.24 18.76 -58.46
N VAL H 369 -10.33 18.29 -57.20
CA VAL H 369 -9.94 16.91 -56.94
C VAL H 369 -10.95 15.94 -57.57
N ALA H 370 -12.24 16.27 -57.53
CA ALA H 370 -13.22 15.41 -58.17
C ALA H 370 -12.99 15.35 -59.68
N SER H 371 -12.70 16.50 -60.30
CA SER H 371 -12.45 16.51 -61.73
C SER H 371 -11.22 15.68 -62.07
N PHE H 372 -10.15 15.80 -61.28
CA PHE H 372 -8.96 15.01 -61.54
C PHE H 372 -9.25 13.52 -61.41
N VAL H 373 -9.84 13.11 -60.29
CA VAL H 373 -10.05 11.68 -60.06
C VAL H 373 -11.07 11.12 -61.04
N LEU H 374 -12.16 11.85 -61.29
CA LEU H 374 -13.12 11.39 -62.29
C LEU H 374 -12.51 11.34 -63.67
N LEU H 375 -11.71 12.35 -64.03
CA LEU H 375 -10.98 12.29 -65.29
C LEU H 375 -9.97 11.15 -65.28
N SER H 376 -9.31 10.94 -64.14
CA SER H 376 -8.38 9.83 -64.02
C SER H 376 -9.08 8.50 -64.21
N MET H 377 -10.30 8.35 -63.67
CA MET H 377 -11.01 7.09 -63.81
C MET H 377 -11.36 6.81 -65.26
N VAL H 378 -11.83 7.82 -66.00
CA VAL H 378 -12.15 7.59 -67.41
C VAL H 378 -10.88 7.34 -68.20
N GLY H 379 -9.77 7.98 -67.81
CA GLY H 379 -8.51 7.69 -68.47
C GLY H 379 -8.06 6.27 -68.26
N VAL H 380 -8.20 5.77 -67.02
CA VAL H 380 -7.84 4.38 -66.73
C VAL H 380 -8.78 3.42 -67.46
N ALA H 381 -10.06 3.75 -67.57
CA ALA H 381 -10.97 2.90 -68.32
C ALA H 381 -10.58 2.85 -69.79
N VAL H 382 -10.22 3.99 -70.37
CA VAL H 382 -9.78 4.00 -71.77
C VAL H 382 -8.48 3.20 -71.92
N GLY H 383 -7.57 3.34 -70.96
CA GLY H 383 -6.33 2.58 -71.03
C GLY H 383 -6.56 1.08 -70.94
N MET H 384 -7.43 0.65 -70.05
CA MET H 384 -7.73 -0.77 -69.93
C MET H 384 -8.43 -1.29 -71.18
N CYS H 385 -9.34 -0.50 -71.75
CA CYS H 385 -9.99 -0.92 -72.99
C CYS H 385 -8.99 -1.05 -74.13
N MET H 386 -8.05 -0.11 -74.23
CA MET H 386 -7.02 -0.20 -75.26
C MET H 386 -6.13 -1.41 -75.04
N CYS H 387 -5.77 -1.68 -73.78
CA CYS H 387 -4.95 -2.86 -73.48
C CYS H 387 -5.68 -4.14 -73.85
N ALA H 388 -6.97 -4.22 -73.55
CA ALA H 388 -7.75 -5.39 -73.91
C ALA H 388 -7.86 -5.55 -75.41
N ARG H 389 -8.09 -4.43 -76.12
CA ARG H 389 -8.15 -4.49 -77.57
C ARG H 389 -6.84 -4.99 -78.15
N ARG H 390 -5.72 -4.52 -77.62
CA ARG H 390 -4.43 -5.07 -78.03
C ARG H 390 -4.36 -6.55 -77.77
N ARG H 391 -4.38 -6.96 -76.50
CA ARG H 391 -4.17 -8.36 -76.13
C ARG H 391 -5.16 -9.30 -76.77
N CYS H 392 -6.29 -8.80 -77.26
CA CYS H 392 -7.27 -9.62 -77.97
C CYS H 392 -7.10 -9.52 -79.48
N ILE H 393 -6.03 -8.89 -79.97
CA ILE H 393 -5.85 -8.74 -81.40
C ILE H 393 -4.47 -9.20 -81.86
N THR H 394 -3.47 -9.18 -80.98
CA THR H 394 -2.11 -9.44 -81.44
C THR H 394 -1.94 -10.82 -82.07
N PRO H 395 -2.46 -11.92 -81.51
CA PRO H 395 -2.23 -13.21 -82.17
C PRO H 395 -2.81 -13.27 -83.57
N TYR H 396 -3.77 -12.41 -83.89
CA TYR H 396 -4.39 -12.48 -85.20
C TYR H 396 -3.50 -11.92 -86.31
N GLU H 397 -2.78 -10.83 -86.09
CA GLU H 397 -1.81 -10.44 -87.11
C GLU H 397 -0.43 -11.02 -86.86
N LEU H 398 -0.22 -11.75 -85.76
CA LEU H 398 0.98 -12.57 -85.73
C LEU H 398 0.85 -13.80 -86.62
N THR H 399 -0.31 -14.42 -86.66
CA THR H 399 -0.52 -15.59 -87.51
C THR H 399 -0.44 -15.20 -88.97
N PRO H 400 0.44 -15.79 -89.77
CA PRO H 400 0.49 -15.46 -91.19
C PRO H 400 -0.68 -16.05 -91.94
N GLY H 401 -1.22 -15.28 -92.87
CA GLY H 401 -2.37 -15.72 -93.64
C GLY H 401 -3.56 -16.02 -92.75
N ALA H 402 -3.78 -15.15 -91.76
CA ALA H 402 -4.85 -15.34 -90.79
C ALA H 402 -6.06 -14.51 -91.18
N THR H 403 -7.24 -15.12 -91.06
CA THR H 403 -8.50 -14.44 -91.33
C THR H 403 -9.17 -14.12 -90.00
N VAL H 404 -9.44 -12.83 -89.77
CA VAL H 404 -10.08 -12.39 -88.54
C VAL H 404 -11.59 -12.41 -88.74
N PRO H 405 -12.37 -12.94 -87.79
CA PRO H 405 -13.82 -12.94 -87.95
C PRO H 405 -14.36 -11.52 -88.11
N PHE H 406 -15.40 -11.39 -88.93
CA PHE H 406 -15.94 -10.06 -89.24
C PHE H 406 -16.49 -9.39 -87.99
N LEU H 407 -17.18 -10.15 -87.13
CA LEU H 407 -17.75 -9.57 -85.92
C LEU H 407 -16.66 -9.03 -85.01
N LEU H 408 -15.62 -9.82 -84.76
CA LEU H 408 -14.52 -9.37 -83.92
C LEU H 408 -13.77 -8.23 -84.58
N SER H 409 -13.61 -8.28 -85.91
CA SER H 409 -12.96 -7.19 -86.61
C SER H 409 -13.71 -5.88 -86.43
N LEU H 410 -15.04 -5.94 -86.51
CA LEU H 410 -15.86 -4.75 -86.29
C LEU H 410 -15.76 -4.27 -84.85
N ILE H 411 -15.76 -5.21 -83.90
CA ILE H 411 -15.78 -4.83 -82.49
C ILE H 411 -14.52 -4.06 -82.14
N CYS H 412 -13.36 -4.58 -82.50
CA CYS H 412 -12.09 -3.98 -82.13
C CYS H 412 -11.58 -3.00 -83.17
N CYS H 413 -12.34 -2.76 -84.24
CA CYS H 413 -12.06 -1.68 -85.19
C CYS H 413 -10.70 -1.82 -85.85
N ILE H 414 -10.37 -3.03 -86.30
CA ILE H 414 -9.19 -3.22 -87.15
C ILE H 414 -9.60 -2.97 -88.58
N ARG H 415 -8.62 -2.84 -89.48
CA ARG H 415 -8.91 -2.68 -90.89
C ARG H 415 -9.62 -3.91 -91.42
N THR H 416 -10.51 -3.68 -92.39
CA THR H 416 -11.32 -4.76 -92.93
C THR H 416 -10.46 -5.80 -93.63
N ALA H 417 -10.82 -7.07 -93.45
CA ALA H 417 -10.22 -8.21 -94.15
C ALA H 417 -8.73 -8.25 -93.84
N LYS H 418 -7.86 -8.28 -94.85
CA LYS H 418 -6.42 -8.44 -94.64
C LYS H 418 -5.55 -7.50 -95.45
N ALA H 419 -6.07 -6.83 -96.47
CA ALA H 419 -5.25 -6.01 -97.34
C ALA H 419 -5.96 -4.72 -97.76
N ASN I 1 35.18 -71.74 -53.05
CA ASN I 1 35.24 -71.44 -51.62
C ASN I 1 34.57 -70.10 -51.32
N ASP I 2 35.38 -69.03 -51.37
CA ASP I 2 34.92 -67.68 -51.03
C ASP I 2 34.32 -67.62 -49.63
N CYS I 3 34.92 -68.37 -48.70
CA CYS I 3 34.51 -68.38 -47.31
C CYS I 3 35.50 -67.68 -46.38
N ILE I 4 36.53 -67.05 -46.92
CA ILE I 4 37.55 -66.39 -46.10
C ILE I 4 37.49 -64.90 -46.34
N PHE I 5 37.54 -64.16 -45.24
CA PHE I 5 37.55 -62.71 -45.29
C PHE I 5 38.64 -62.20 -44.36
N GLU I 6 39.48 -61.32 -44.87
CA GLU I 6 40.60 -60.80 -44.11
C GLU I 6 40.13 -59.74 -43.13
N VAL I 7 40.81 -59.64 -41.99
CA VAL I 7 40.49 -58.67 -40.96
C VAL I 7 41.51 -57.55 -41.04
N LYS I 8 41.02 -56.32 -41.16
CA LYS I 8 41.89 -55.14 -41.13
C LYS I 8 41.06 -53.94 -40.74
N HIS I 9 41.62 -53.08 -39.91
CA HIS I 9 40.95 -51.84 -39.51
C HIS I 9 41.92 -50.67 -39.64
N GLU I 10 43.20 -50.97 -39.53
CA GLU I 10 44.26 -49.98 -39.70
C GLU I 10 44.73 -49.90 -41.14
N GLY I 11 44.09 -50.63 -42.05
CA GLY I 11 44.51 -50.74 -43.42
C GLY I 11 45.48 -51.87 -43.69
N LYS I 12 46.09 -52.43 -42.65
CA LYS I 12 47.04 -53.52 -42.76
C LYS I 12 46.35 -54.81 -42.35
N VAL I 13 46.48 -55.84 -43.17
CA VAL I 13 45.85 -57.12 -42.88
C VAL I 13 46.53 -57.76 -41.68
N THR I 14 45.73 -58.33 -40.79
CA THR I 14 46.24 -58.97 -39.59
C THR I 14 45.71 -60.38 -39.37
N GLY I 15 44.49 -60.66 -39.83
CA GLY I 15 43.91 -61.97 -39.59
C GLY I 15 42.81 -62.24 -40.60
N TYR I 16 42.38 -63.50 -40.61
CA TYR I 16 41.39 -63.97 -41.58
C TYR I 16 40.21 -64.58 -40.87
N ALA I 17 39.01 -64.18 -41.26
CA ALA I 17 37.80 -64.83 -40.79
C ALA I 17 37.59 -66.13 -41.55
N CYS I 18 36.46 -66.78 -41.29
CA CYS I 18 36.13 -68.01 -41.97
C CYS I 18 34.67 -68.34 -41.72
N LEU I 19 33.96 -68.78 -42.75
CA LEU I 19 32.55 -69.15 -42.64
C LEU I 19 32.47 -70.67 -42.62
N VAL I 20 32.25 -71.22 -41.42
CA VAL I 20 32.20 -72.66 -41.21
C VAL I 20 30.80 -73.02 -40.75
N GLY I 21 30.17 -73.97 -41.43
CA GLY I 21 28.83 -74.35 -41.05
C GLY I 21 27.87 -73.19 -41.18
N ASP I 22 27.50 -72.60 -40.05
CA ASP I 22 26.66 -71.41 -40.03
C ASP I 22 27.20 -70.37 -39.06
N LYS I 23 28.52 -70.29 -38.90
CA LYS I 23 29.14 -69.40 -37.93
C LYS I 23 30.31 -68.67 -38.56
N VAL I 24 30.24 -67.35 -38.62
CA VAL I 24 31.39 -66.54 -38.99
C VAL I 24 32.39 -66.56 -37.86
N MET I 25 33.47 -67.32 -38.01
CA MET I 25 34.44 -67.51 -36.95
C MET I 25 35.71 -66.72 -37.27
N LYS I 26 36.17 -65.93 -36.30
CA LYS I 26 37.49 -65.35 -36.45
C LYS I 26 38.18 -65.34 -35.09
N PRO I 27 39.50 -65.48 -35.07
CA PRO I 27 40.21 -65.51 -33.79
C PRO I 27 40.05 -64.20 -33.03
N ALA I 28 40.08 -64.31 -31.70
CA ALA I 28 39.87 -63.14 -30.86
C ALA I 28 41.04 -62.16 -30.98
N HIS I 29 42.27 -62.67 -31.08
CA HIS I 29 43.44 -61.80 -31.01
C HIS I 29 43.67 -61.01 -32.29
N VAL I 30 42.90 -61.27 -33.36
CA VAL I 30 43.02 -60.44 -34.55
C VAL I 30 42.44 -59.06 -34.24
N LYS I 31 43.09 -58.02 -34.75
CA LYS I 31 42.75 -56.64 -34.42
C LYS I 31 41.95 -56.02 -35.55
N GLY I 32 40.77 -55.50 -35.22
CA GLY I 32 39.96 -54.76 -36.17
C GLY I 32 38.78 -55.58 -36.68
N THR I 33 37.90 -54.89 -37.38
CA THR I 33 36.70 -55.51 -37.90
C THR I 33 36.98 -56.23 -39.22
N ILE I 34 36.01 -57.03 -39.65
CA ILE I 34 36.13 -57.77 -40.89
C ILE I 34 36.03 -56.81 -42.07
N ASP I 35 36.66 -57.17 -43.19
CA ASP I 35 36.67 -56.31 -44.36
C ASP I 35 35.34 -56.31 -45.12
N ASN I 36 34.46 -57.27 -44.85
CA ASN I 36 33.15 -57.31 -45.49
C ASN I 36 32.19 -56.45 -44.67
N ALA I 37 31.57 -55.48 -45.32
CA ALA I 37 30.70 -54.54 -44.61
C ALA I 37 29.50 -55.26 -43.99
N ASP I 38 28.89 -56.17 -44.74
CA ASP I 38 27.68 -56.84 -44.25
C ASP I 38 27.97 -57.76 -43.07
N LEU I 39 29.12 -58.42 -43.03
CA LEU I 39 29.49 -59.21 -41.87
C LEU I 39 29.80 -58.34 -40.65
N ALA I 40 30.37 -57.16 -40.86
CA ALA I 40 30.84 -56.33 -39.76
C ALA I 40 29.72 -55.65 -39.00
N LYS I 41 28.48 -55.69 -39.49
CA LYS I 41 27.39 -55.01 -38.79
C LYS I 41 26.89 -55.78 -37.58
N LEU I 42 26.93 -57.11 -37.62
CA LEU I 42 26.31 -57.89 -36.57
C LEU I 42 27.25 -58.07 -35.38
N ALA I 43 26.66 -58.37 -34.23
CA ALA I 43 27.40 -58.47 -32.97
C ALA I 43 28.19 -59.77 -32.90
N PHE I 44 29.31 -59.71 -32.20
CA PHE I 44 30.24 -60.82 -32.07
C PHE I 44 30.35 -61.26 -30.61
N LYS I 45 30.24 -62.56 -30.39
CA LYS I 45 30.56 -63.14 -29.08
C LYS I 45 32.07 -63.28 -28.94
N ARG I 46 32.51 -63.69 -27.76
CA ARG I 46 33.94 -63.83 -27.53
C ARG I 46 34.19 -64.81 -26.40
N SER I 47 35.28 -65.55 -26.53
CA SER I 47 35.74 -66.44 -25.46
C SER I 47 37.26 -66.41 -25.46
N SER I 48 37.84 -65.61 -24.56
CA SER I 48 39.29 -65.55 -24.45
C SER I 48 39.88 -66.90 -24.07
N LYS I 49 39.09 -67.76 -23.44
CA LYS I 49 39.54 -69.11 -23.16
C LYS I 49 39.86 -69.86 -24.45
N TYR I 50 39.08 -69.64 -25.50
CA TYR I 50 39.31 -70.29 -26.78
C TYR I 50 39.91 -69.36 -27.84
N ASP I 51 40.13 -68.09 -27.51
CA ASP I 51 40.63 -67.10 -28.47
C ASP I 51 39.75 -67.04 -29.72
N LEU I 52 38.44 -67.16 -29.52
CA LEU I 52 37.50 -67.26 -30.62
C LEU I 52 36.44 -66.18 -30.54
N GLU I 53 35.89 -65.85 -31.71
CA GLU I 53 34.74 -64.96 -31.83
C GLU I 53 33.84 -65.53 -32.91
N CYS I 54 32.54 -65.49 -32.67
CA CYS I 54 31.61 -66.11 -33.61
C CYS I 54 30.33 -65.31 -33.67
N ALA I 55 29.55 -65.56 -34.72
CA ALA I 55 28.23 -64.98 -34.88
C ALA I 55 27.47 -65.80 -35.89
N GLN I 56 26.15 -65.75 -35.80
CA GLN I 56 25.32 -66.49 -36.75
C GLN I 56 25.34 -65.82 -38.11
N ILE I 57 25.64 -66.60 -39.14
CA ILE I 57 25.73 -66.08 -40.51
C ILE I 57 24.35 -65.60 -40.95
N PRO I 58 24.24 -64.47 -41.65
CA PRO I 58 22.93 -64.06 -42.19
C PRO I 58 22.40 -65.12 -43.15
N VAL I 59 21.08 -65.21 -43.23
CA VAL I 59 20.43 -66.29 -43.93
C VAL I 59 20.77 -66.34 -45.42
N HIS I 60 21.17 -65.21 -46.01
CA HIS I 60 21.43 -65.19 -47.44
C HIS I 60 22.89 -65.49 -47.80
N MET I 61 23.76 -65.67 -46.81
CA MET I 61 25.13 -66.11 -47.05
C MET I 61 25.36 -67.56 -46.63
N LYS I 62 24.31 -68.38 -46.62
CA LYS I 62 24.46 -69.76 -46.19
C LYS I 62 25.37 -70.54 -47.13
N SER I 63 25.27 -70.26 -48.44
CA SER I 63 25.96 -71.10 -49.42
C SER I 63 27.47 -70.97 -49.32
N ASP I 64 27.97 -69.75 -49.12
CA ASP I 64 29.42 -69.53 -49.10
C ASP I 64 30.11 -70.27 -47.97
N ALA I 65 29.38 -70.60 -46.90
CA ALA I 65 30.00 -71.23 -45.75
C ALA I 65 30.47 -72.64 -46.09
N SER I 66 31.68 -72.97 -45.64
CA SER I 66 32.27 -74.26 -45.92
C SER I 66 31.59 -75.36 -45.13
N LYS I 67 31.75 -76.59 -45.61
CA LYS I 67 31.28 -77.72 -44.83
C LYS I 67 32.28 -78.02 -43.71
N PHE I 68 31.79 -78.73 -42.70
CA PHE I 68 32.61 -79.03 -41.54
C PHE I 68 32.29 -80.44 -41.07
N THR I 69 33.24 -81.06 -40.39
CA THR I 69 33.10 -82.45 -40.02
C THR I 69 33.87 -82.72 -38.74
N HIS I 70 33.30 -83.59 -37.90
CA HIS I 70 33.84 -83.77 -36.55
C HIS I 70 34.87 -84.88 -36.42
N GLU I 71 35.03 -85.77 -37.41
CA GLU I 71 36.02 -86.84 -37.29
C GLU I 71 37.34 -86.39 -37.90
N LYS I 72 38.44 -86.69 -37.21
CA LYS I 72 39.78 -86.31 -37.63
C LYS I 72 40.69 -87.52 -37.66
N PRO I 73 40.47 -88.44 -38.59
CA PRO I 73 41.37 -89.59 -38.70
C PRO I 73 42.79 -89.15 -39.00
N GLU I 74 43.75 -89.90 -38.48
CA GLU I 74 45.16 -89.57 -38.69
C GLU I 74 45.48 -89.60 -40.18
N GLY I 75 46.01 -88.49 -40.68
CA GLY I 75 46.28 -88.38 -42.10
C GLY I 75 46.90 -87.06 -42.52
N TYR I 76 46.49 -86.56 -43.67
CA TYR I 76 47.05 -85.34 -44.24
C TYR I 76 45.95 -84.35 -44.54
N TYR I 77 46.21 -83.07 -44.26
CA TYR I 77 45.22 -82.02 -44.41
C TYR I 77 45.88 -80.79 -45.02
N ASN I 78 45.14 -80.05 -45.83
CA ASN I 78 45.66 -78.93 -46.60
C ASN I 78 44.91 -77.66 -46.23
N TRP I 79 45.64 -76.56 -46.02
CA TRP I 79 44.97 -75.29 -45.71
C TRP I 79 45.22 -74.21 -46.76
N HIS I 80 46.44 -73.67 -46.85
CA HIS I 80 46.81 -72.80 -47.95
C HIS I 80 48.13 -73.27 -48.53
N HIS I 81 49.11 -73.46 -47.65
CA HIS I 81 50.49 -73.71 -48.02
C HIS I 81 50.79 -75.21 -47.96
N GLY I 82 50.09 -75.95 -48.81
CA GLY I 82 50.34 -77.37 -48.93
C GLY I 82 49.64 -78.20 -47.88
N ALA I 83 50.27 -79.31 -47.49
CA ALA I 83 49.64 -80.32 -46.65
C ALA I 83 50.13 -80.22 -45.22
N VAL I 84 49.25 -80.59 -44.29
CA VAL I 84 49.53 -80.61 -42.86
C VAL I 84 49.32 -82.03 -42.37
N GLN I 85 50.29 -82.55 -41.63
CA GLN I 85 50.20 -83.90 -41.08
C GLN I 85 49.61 -83.85 -39.68
N TYR I 86 48.49 -84.52 -39.48
CA TYR I 86 47.86 -84.64 -38.16
C TYR I 86 48.29 -85.98 -37.60
N SER I 87 49.36 -85.96 -36.81
CA SER I 87 49.92 -87.16 -36.22
C SER I 87 50.01 -87.03 -34.70
N GLY I 88 49.43 -88.00 -34.01
CA GLY I 88 49.52 -88.03 -32.55
C GLY I 88 48.86 -86.86 -31.86
N GLY I 89 47.67 -86.49 -32.28
CA GLY I 89 46.96 -85.41 -31.62
C GLY I 89 47.52 -84.02 -31.86
N ARG I 90 48.25 -83.81 -32.95
CA ARG I 90 48.85 -82.52 -33.23
C ARG I 90 48.99 -82.32 -34.74
N PHE I 91 48.72 -81.11 -35.18
CA PHE I 91 48.91 -80.73 -36.58
C PHE I 91 50.28 -80.10 -36.73
N THR I 92 51.05 -80.56 -37.72
CA THR I 92 52.40 -80.08 -37.92
C THR I 92 52.62 -79.74 -39.40
N ILE I 93 53.37 -78.66 -39.62
CA ILE I 93 53.80 -78.22 -40.94
C ILE I 93 55.31 -78.01 -40.87
N PRO I 94 56.00 -78.02 -42.01
CA PRO I 94 57.43 -77.76 -41.97
C PRO I 94 57.84 -76.30 -41.82
N THR I 95 58.98 -76.10 -41.16
CA THR I 95 59.28 -74.79 -40.57
C THR I 95 59.31 -73.70 -41.63
N GLY I 96 58.73 -72.55 -41.28
CA GLY I 96 58.66 -71.42 -42.17
C GLY I 96 57.51 -71.45 -43.16
N ALA I 97 56.74 -72.54 -43.21
CA ALA I 97 55.59 -72.57 -44.12
C ALA I 97 54.56 -71.53 -43.70
N GLY I 98 54.35 -71.36 -42.40
CA GLY I 98 53.43 -70.38 -41.88
C GLY I 98 54.13 -69.11 -41.43
N LYS I 99 53.46 -67.99 -41.62
CA LYS I 99 54.01 -66.68 -41.32
C LYS I 99 52.94 -65.86 -40.64
N PRO I 100 53.33 -64.82 -39.88
CA PRO I 100 52.33 -64.00 -39.19
C PRO I 100 51.33 -63.40 -40.17
N GLY I 101 50.10 -63.26 -39.72
CA GLY I 101 48.99 -62.95 -40.59
C GLY I 101 48.21 -64.17 -41.04
N ASP I 102 48.62 -65.37 -40.62
CA ASP I 102 47.94 -66.61 -40.98
C ASP I 102 46.91 -67.04 -39.94
N SER I 103 46.66 -66.24 -38.92
CA SER I 103 45.63 -66.58 -37.94
C SER I 103 44.26 -66.61 -38.61
N GLY I 104 43.47 -67.63 -38.27
CA GLY I 104 42.14 -67.76 -38.81
C GLY I 104 42.04 -68.50 -40.12
N ARG I 105 43.13 -69.09 -40.59
CA ARG I 105 43.09 -69.86 -41.82
C ARG I 105 42.56 -71.26 -41.53
N PRO I 106 41.47 -71.69 -42.15
CA PRO I 106 40.94 -73.02 -41.89
C PRO I 106 41.81 -74.09 -42.51
N ILE I 107 41.56 -75.34 -42.12
CA ILE I 107 42.16 -76.49 -42.78
C ILE I 107 41.04 -77.44 -43.16
N PHE I 108 41.34 -78.31 -44.13
CA PHE I 108 40.33 -79.18 -44.71
C PHE I 108 40.83 -80.62 -44.70
N ASP I 109 39.89 -81.55 -44.75
CA ASP I 109 40.21 -82.95 -44.96
C ASP I 109 40.35 -83.23 -46.45
N ASN I 110 40.59 -84.50 -46.79
CA ASN I 110 40.72 -84.87 -48.19
C ASN I 110 39.42 -84.63 -48.94
N LYS I 111 38.29 -84.66 -48.24
CA LYS I 111 37.00 -84.37 -48.86
C LYS I 111 36.68 -82.88 -48.88
N GLY I 112 37.45 -82.06 -48.16
CA GLY I 112 37.27 -80.63 -48.19
C GLY I 112 36.23 -80.12 -47.20
N ARG I 113 36.36 -80.50 -45.94
CA ARG I 113 35.44 -80.06 -44.89
C ARG I 113 36.25 -79.57 -43.70
N VAL I 114 35.95 -78.37 -43.22
CA VAL I 114 36.79 -77.74 -42.21
C VAL I 114 36.79 -78.55 -40.93
N VAL I 115 37.97 -78.71 -40.34
CA VAL I 115 38.10 -79.45 -39.09
C VAL I 115 38.82 -78.63 -38.04
N ALA I 116 39.46 -77.53 -38.44
CA ALA I 116 40.26 -76.75 -37.50
C ALA I 116 40.46 -75.35 -38.07
N ILE I 117 40.87 -74.44 -37.20
CA ILE I 117 41.23 -73.08 -37.58
C ILE I 117 42.54 -72.72 -36.90
N VAL I 118 43.53 -72.29 -37.69
CA VAL I 118 44.87 -72.07 -37.17
C VAL I 118 44.95 -70.72 -36.48
N LEU I 119 45.81 -70.65 -35.45
CA LEU I 119 46.00 -69.42 -34.69
C LEU I 119 47.47 -69.03 -34.62
N GLY I 120 48.36 -70.02 -34.59
CA GLY I 120 49.77 -69.72 -34.45
C GLY I 120 50.60 -70.97 -34.59
N GLY I 121 51.84 -70.91 -34.13
CA GLY I 121 52.72 -72.05 -34.24
C GLY I 121 53.99 -71.83 -33.44
N ALA I 122 54.79 -72.89 -33.37
CA ALA I 122 56.08 -72.84 -32.68
C ALA I 122 57.01 -73.88 -33.28
N ASN I 123 58.31 -73.56 -33.28
CA ASN I 123 59.30 -74.39 -33.95
C ASN I 123 59.60 -75.66 -33.18
N GLU I 124 59.88 -76.74 -33.92
CA GLU I 124 60.43 -77.97 -33.34
C GLU I 124 61.19 -78.67 -34.47
N GLY I 125 62.51 -78.56 -34.44
CA GLY I 125 63.31 -79.12 -35.52
C GLY I 125 62.98 -78.46 -36.85
N ALA I 126 62.77 -79.29 -37.88
CA ALA I 126 62.44 -78.79 -39.20
C ALA I 126 60.94 -78.58 -39.39
N ARG I 127 60.12 -78.89 -38.40
CA ARG I 127 58.69 -78.70 -38.48
C ARG I 127 58.25 -77.74 -37.39
N THR I 128 57.00 -77.30 -37.47
CA THR I 128 56.41 -76.44 -36.45
C THR I 128 55.06 -77.00 -36.05
N ALA I 129 54.82 -77.08 -34.75
CA ALA I 129 53.51 -77.43 -34.23
C ALA I 129 52.56 -76.26 -34.42
N LEU I 130 51.26 -76.56 -34.47
CA LEU I 130 50.25 -75.56 -34.74
C LEU I 130 49.38 -75.33 -33.52
N SER I 131 49.30 -74.08 -33.09
CA SER I 131 48.29 -73.66 -32.12
C SER I 131 46.99 -73.50 -32.88
N VAL I 132 46.10 -74.49 -32.76
CA VAL I 132 44.92 -74.58 -33.59
C VAL I 132 43.71 -74.80 -32.70
N VAL I 133 42.55 -74.39 -33.19
CA VAL I 133 41.30 -74.53 -32.45
C VAL I 133 40.39 -75.46 -33.26
N THR I 134 39.85 -76.47 -32.60
CA THR I 134 39.01 -77.47 -33.26
C THR I 134 37.83 -77.86 -32.40
N TRP I 135 37.03 -78.82 -32.85
CA TRP I 135 35.87 -79.25 -32.09
C TRP I 135 35.70 -80.76 -32.21
N ASN I 136 35.03 -81.33 -31.21
CA ASN I 136 34.84 -82.76 -31.08
C ASN I 136 33.37 -83.15 -31.10
N LYS I 137 32.60 -82.48 -31.96
CA LYS I 137 31.17 -82.64 -32.21
C LYS I 137 30.32 -82.02 -31.09
N ASP I 138 30.91 -81.62 -29.98
CA ASP I 138 30.13 -80.99 -28.94
C ASP I 138 30.68 -79.64 -28.51
N ILE I 139 31.99 -79.53 -28.33
CA ILE I 139 32.62 -78.33 -27.80
C ILE I 139 33.84 -78.00 -28.63
N VAL I 140 34.14 -76.71 -28.75
CA VAL I 140 35.39 -76.29 -29.36
C VAL I 140 36.54 -76.63 -28.43
N THR I 141 37.74 -76.71 -28.99
CA THR I 141 38.92 -77.09 -28.25
C THR I 141 40.12 -76.32 -28.78
N LYS I 142 41.00 -75.88 -27.87
CA LYS I 142 42.22 -75.19 -28.25
C LYS I 142 43.43 -76.01 -27.84
N ILE I 143 44.33 -76.24 -28.79
CA ILE I 143 45.58 -76.93 -28.52
C ILE I 143 46.72 -75.98 -28.82
N THR I 144 47.79 -76.10 -28.04
CA THR I 144 48.97 -75.29 -28.25
C THR I 144 50.17 -76.08 -27.74
N PRO I 145 50.92 -76.74 -28.62
CA PRO I 145 52.01 -77.60 -28.16
C PRO I 145 53.29 -76.82 -27.89
N GLU I 146 53.86 -77.03 -26.72
CA GLU I 146 55.13 -76.40 -26.32
C GLU I 146 55.08 -74.89 -26.42
N GLY I 147 53.88 -74.32 -26.26
CA GLY I 147 53.70 -72.89 -26.46
C GLY I 147 53.63 -72.57 -27.94
N ALA I 148 53.31 -71.31 -28.23
CA ALA I 148 53.19 -70.87 -29.60
C ALA I 148 53.19 -69.34 -29.63
N GLU I 149 53.40 -68.80 -30.82
CA GLU I 149 53.28 -67.36 -31.07
C GLU I 149 52.15 -67.15 -32.06
N GLU I 150 51.20 -66.29 -31.71
CA GLU I 150 50.03 -66.09 -32.54
C GLU I 150 50.39 -65.35 -33.80
N TRP I 151 49.95 -65.86 -34.95
CA TRP I 151 50.26 -65.22 -36.22
C TRP I 151 49.55 -63.87 -36.32
N ASN J 1 12.44 -55.17 -74.91
CA ASN J 1 13.02 -55.91 -76.01
C ASN J 1 14.07 -55.07 -76.72
N ASP J 2 13.64 -54.27 -77.69
CA ASP J 2 14.52 -53.41 -78.46
C ASP J 2 14.70 -52.04 -77.84
N CYS J 3 14.11 -51.80 -76.67
CA CYS J 3 14.27 -50.53 -75.97
C CYS J 3 14.21 -50.78 -74.47
N ILE J 4 15.20 -50.25 -73.75
CA ILE J 4 15.30 -50.41 -72.30
C ILE J 4 15.01 -49.08 -71.64
N PHE J 5 13.96 -49.04 -70.83
CA PHE J 5 13.64 -47.87 -70.02
C PHE J 5 13.15 -48.28 -68.63
N GLU J 6 13.15 -49.55 -68.31
CA GLU J 6 12.67 -50.05 -67.03
C GLU J 6 13.77 -50.02 -65.98
N VAL J 7 13.36 -49.88 -64.73
CA VAL J 7 14.27 -49.93 -63.60
C VAL J 7 13.60 -50.68 -62.48
N LYS J 8 14.37 -51.53 -61.79
CA LYS J 8 13.87 -52.20 -60.61
C LYS J 8 13.89 -51.22 -59.43
N HIS J 9 13.38 -51.66 -58.29
CA HIS J 9 13.29 -50.76 -57.15
C HIS J 9 13.58 -51.42 -55.80
N GLU J 10 14.12 -52.63 -55.77
CA GLU J 10 14.38 -53.29 -54.50
C GLU J 10 15.55 -54.26 -54.65
N GLY J 11 16.27 -54.47 -53.55
CA GLY J 11 17.34 -55.45 -53.55
C GLY J 11 16.84 -56.85 -53.87
N LYS J 12 15.73 -57.25 -53.25
CA LYS J 12 14.98 -58.43 -53.67
C LYS J 12 14.05 -57.98 -54.78
N VAL J 13 14.34 -58.38 -56.01
CA VAL J 13 13.63 -57.86 -57.17
C VAL J 13 12.17 -58.28 -57.09
N THR J 14 11.28 -57.30 -56.95
CA THR J 14 9.84 -57.53 -56.92
C THR J 14 9.18 -56.26 -57.43
N GLY J 15 8.77 -56.25 -58.68
CA GLY J 15 8.17 -55.08 -59.28
C GLY J 15 9.20 -54.18 -59.93
N TYR J 16 8.74 -53.43 -60.93
CA TYR J 16 9.62 -52.57 -61.71
C TYR J 16 8.86 -51.33 -62.14
N ALA J 17 9.61 -50.26 -62.38
CA ALA J 17 9.06 -48.99 -62.82
C ALA J 17 9.33 -48.78 -64.30
N CYS J 18 8.55 -47.91 -64.93
CA CYS J 18 8.66 -47.66 -66.36
C CYS J 18 8.67 -46.17 -66.64
N LEU J 19 9.32 -45.79 -67.74
CA LEU J 19 9.33 -44.40 -68.19
C LEU J 19 8.37 -44.29 -69.36
N VAL J 20 7.09 -44.13 -69.05
CA VAL J 20 6.03 -44.09 -70.06
C VAL J 20 5.61 -42.63 -70.23
N GLY J 21 5.64 -42.16 -71.47
CA GLY J 21 5.22 -40.80 -71.77
C GLY J 21 6.00 -39.75 -70.99
N ASP J 22 5.32 -39.10 -70.04
CA ASP J 22 5.95 -38.11 -69.17
C ASP J 22 5.85 -38.48 -67.71
N LYS J 23 5.56 -39.74 -67.40
CA LYS J 23 5.40 -40.20 -66.03
C LYS J 23 6.28 -41.42 -65.79
N VAL J 24 6.87 -41.52 -64.61
CA VAL J 24 7.50 -42.75 -64.16
C VAL J 24 6.43 -43.49 -63.37
N MET J 25 6.07 -44.67 -63.85
CA MET J 25 4.92 -45.40 -63.33
C MET J 25 5.35 -46.70 -62.68
N LYS J 26 4.84 -46.95 -61.48
CA LYS J 26 5.14 -48.15 -60.72
C LYS J 26 3.89 -48.53 -59.94
N PRO J 27 3.52 -49.81 -59.96
CA PRO J 27 2.32 -50.23 -59.23
C PRO J 27 2.53 -50.15 -57.73
N ALA J 28 1.41 -49.97 -57.03
CA ALA J 28 1.43 -49.58 -55.62
C ALA J 28 1.77 -50.73 -54.68
N HIS J 29 1.27 -51.93 -54.97
CA HIS J 29 1.43 -53.03 -54.02
C HIS J 29 2.89 -53.39 -53.80
N VAL J 30 3.73 -53.20 -54.82
CA VAL J 30 5.16 -53.45 -54.66
C VAL J 30 5.78 -52.33 -53.85
N LYS J 31 6.84 -52.65 -53.11
CA LYS J 31 7.52 -51.69 -52.25
C LYS J 31 9.01 -51.72 -52.52
N GLY J 32 9.66 -50.59 -52.35
CA GLY J 32 11.10 -50.54 -52.52
C GLY J 32 11.56 -49.14 -52.90
N THR J 33 12.85 -49.05 -53.21
CA THR J 33 13.50 -47.80 -53.55
C THR J 33 13.98 -47.87 -54.99
N ILE J 34 13.38 -47.05 -55.86
CA ILE J 34 13.72 -47.06 -57.27
C ILE J 34 15.19 -46.71 -57.45
N ASP J 35 15.88 -47.45 -58.30
CA ASP J 35 17.33 -47.33 -58.44
C ASP J 35 17.68 -46.04 -59.17
N ASN J 36 18.98 -45.90 -59.47
CA ASN J 36 19.65 -44.78 -60.11
C ASN J 36 19.73 -43.68 -59.05
N ALA J 37 19.03 -43.82 -57.92
CA ALA J 37 19.19 -43.01 -56.73
C ALA J 37 18.80 -41.56 -56.94
N ASP J 38 18.05 -41.28 -57.99
CA ASP J 38 17.41 -39.97 -58.07
C ASP J 38 15.90 -40.09 -58.26
N LEU J 39 15.44 -41.10 -59.00
CA LEU J 39 14.01 -41.24 -59.25
C LEU J 39 13.25 -41.52 -57.95
N ALA J 40 13.84 -42.32 -57.06
CA ALA J 40 13.20 -42.58 -55.77
C ALA J 40 13.06 -41.33 -54.93
N LYS J 41 13.86 -40.30 -55.21
CA LYS J 41 13.76 -39.03 -54.50
C LYS J 41 12.63 -38.15 -55.03
N LEU J 42 12.01 -38.52 -56.15
CA LEU J 42 10.93 -37.73 -56.70
C LEU J 42 9.68 -37.84 -55.83
N ALA J 43 8.80 -36.85 -55.96
CA ALA J 43 7.54 -36.85 -55.23
C ALA J 43 6.53 -37.71 -56.00
N PHE J 44 6.01 -38.74 -55.33
CA PHE J 44 5.17 -39.74 -55.96
C PHE J 44 3.74 -39.63 -55.45
N LYS J 45 2.79 -39.54 -56.36
CA LYS J 45 1.37 -39.54 -56.05
C LYS J 45 0.82 -40.93 -56.29
N ARG J 46 0.03 -41.43 -55.34
CA ARG J 46 -0.45 -42.81 -55.39
C ARG J 46 -1.96 -42.84 -55.24
N SER J 47 -2.55 -43.94 -55.70
CA SER J 47 -4.00 -44.14 -55.63
C SER J 47 -4.26 -45.62 -55.43
N SER J 48 -4.68 -46.00 -54.22
CA SER J 48 -4.92 -47.41 -53.92
C SER J 48 -6.08 -47.98 -54.73
N LYS J 49 -6.93 -47.13 -55.30
CA LYS J 49 -8.01 -47.64 -56.15
C LYS J 49 -7.44 -48.29 -57.41
N TYR J 50 -6.47 -47.64 -58.04
CA TYR J 50 -5.89 -48.12 -59.30
C TYR J 50 -4.59 -48.88 -59.10
N ASP J 51 -4.10 -49.00 -57.86
CA ASP J 51 -2.83 -49.66 -57.57
C ASP J 51 -1.70 -49.07 -58.40
N LEU J 52 -1.71 -47.75 -58.53
CA LEU J 52 -0.76 -47.06 -59.39
C LEU J 52 -0.09 -45.95 -58.59
N GLU J 53 1.07 -45.51 -59.09
CA GLU J 53 1.84 -44.45 -58.47
C GLU J 53 2.67 -43.80 -59.56
N CYS J 54 2.76 -42.48 -59.55
CA CYS J 54 3.36 -41.77 -60.67
C CYS J 54 4.22 -40.63 -60.14
N ALA J 55 5.01 -40.06 -61.06
CA ALA J 55 5.86 -38.91 -60.78
C ALA J 55 6.31 -38.32 -62.10
N GLN J 56 6.62 -37.03 -62.07
CA GLN J 56 7.11 -36.35 -63.28
C GLN J 56 8.52 -36.82 -63.63
N ILE J 57 8.72 -37.13 -64.90
CA ILE J 57 10.03 -37.59 -65.38
C ILE J 57 11.01 -36.44 -65.42
N PRO J 58 12.17 -36.55 -64.79
CA PRO J 58 13.16 -35.47 -64.86
C PRO J 58 13.63 -35.24 -66.29
N VAL J 59 14.00 -33.99 -66.57
CA VAL J 59 14.37 -33.61 -67.94
C VAL J 59 15.58 -34.38 -68.43
N HIS J 60 16.35 -34.95 -67.49
CA HIS J 60 17.57 -35.68 -67.88
C HIS J 60 17.24 -36.87 -68.77
N MET J 61 16.16 -37.58 -68.46
CA MET J 61 15.82 -38.82 -69.15
C MET J 61 14.52 -38.71 -69.95
N LYS J 62 14.18 -37.49 -70.39
CA LYS J 62 13.09 -37.35 -71.36
C LYS J 62 13.39 -38.07 -72.66
N SER J 63 14.67 -38.18 -73.03
CA SER J 63 15.03 -38.93 -74.23
C SER J 63 14.74 -40.41 -74.06
N ASP J 64 14.83 -40.92 -72.84
CA ASP J 64 14.57 -42.32 -72.56
C ASP J 64 13.10 -42.63 -72.41
N ALA J 65 12.24 -41.64 -72.50
CA ALA J 65 10.81 -41.86 -72.36
C ALA J 65 10.31 -42.80 -73.46
N SER J 66 9.51 -43.78 -73.05
CA SER J 66 8.93 -44.72 -74.00
C SER J 66 7.66 -44.16 -74.61
N LYS J 67 7.50 -44.36 -75.91
CA LYS J 67 6.26 -43.95 -76.55
C LYS J 67 5.10 -44.79 -76.05
N PHE J 68 3.90 -44.21 -76.10
CA PHE J 68 2.71 -44.86 -75.59
C PHE J 68 1.52 -44.48 -76.45
N THR J 69 0.46 -45.28 -76.35
CA THR J 69 -0.76 -45.02 -77.09
C THR J 69 -1.92 -45.66 -76.35
N HIS J 70 -3.14 -45.28 -76.74
CA HIS J 70 -4.33 -45.68 -76.02
C HIS J 70 -5.19 -46.71 -76.74
N GLU J 71 -5.05 -46.86 -78.06
CA GLU J 71 -5.87 -47.84 -78.77
C GLU J 71 -5.39 -49.24 -78.48
N LYS J 72 -6.34 -50.16 -78.29
CA LYS J 72 -6.05 -51.56 -77.99
C LYS J 72 -6.87 -52.45 -78.91
N PRO J 73 -6.54 -52.51 -80.20
CA PRO J 73 -7.26 -53.41 -81.10
C PRO J 73 -7.01 -54.86 -80.71
N GLU J 74 -7.99 -55.71 -81.00
CA GLU J 74 -7.84 -57.13 -80.75
C GLU J 74 -6.63 -57.66 -81.51
N GLY J 75 -5.81 -58.45 -80.82
CA GLY J 75 -4.60 -58.95 -81.45
C GLY J 75 -3.66 -59.55 -80.44
N TYR J 76 -2.37 -59.53 -80.79
CA TYR J 76 -1.33 -60.11 -79.96
C TYR J 76 -0.33 -59.04 -79.57
N TYR J 77 0.06 -59.03 -78.30
CA TYR J 77 1.04 -58.08 -77.79
C TYR J 77 2.12 -58.85 -77.05
N ASN J 78 3.30 -58.23 -76.93
CA ASN J 78 4.48 -58.91 -76.43
C ASN J 78 5.00 -58.23 -75.18
N TRP J 79 5.45 -59.05 -74.22
CA TRP J 79 6.10 -58.56 -73.02
C TRP J 79 7.32 -59.45 -72.75
N HIS J 80 7.94 -59.28 -71.59
CA HIS J 80 9.27 -59.82 -71.41
C HIS J 80 9.24 -61.30 -71.05
N HIS J 81 8.07 -61.87 -70.80
CA HIS J 81 7.90 -63.31 -70.68
C HIS J 81 7.20 -63.90 -71.90
N GLY J 82 7.48 -63.34 -73.07
CA GLY J 82 6.87 -63.85 -74.28
C GLY J 82 5.83 -62.94 -74.89
N ALA J 83 4.68 -63.49 -75.26
CA ALA J 83 3.63 -62.74 -75.92
C ALA J 83 2.30 -62.90 -75.20
N VAL J 84 1.44 -61.89 -75.36
CA VAL J 84 0.09 -61.89 -74.83
C VAL J 84 -0.88 -61.65 -75.97
N GLN J 85 -2.14 -62.00 -75.75
CA GLN J 85 -3.22 -61.71 -76.69
C GLN J 85 -4.35 -61.00 -75.97
N TYR J 86 -4.74 -59.84 -76.50
CA TYR J 86 -5.88 -59.10 -75.96
C TYR J 86 -7.15 -59.63 -76.62
N SER J 87 -7.61 -60.77 -76.12
CA SER J 87 -8.73 -61.48 -76.72
C SER J 87 -9.97 -61.33 -75.85
N GLY J 88 -11.05 -60.82 -76.44
CA GLY J 88 -12.32 -60.74 -75.74
C GLY J 88 -12.32 -59.83 -74.54
N GLY J 89 -11.71 -58.66 -74.66
CA GLY J 89 -11.72 -57.72 -73.55
C GLY J 89 -10.83 -58.08 -72.39
N ARG J 90 -9.94 -59.06 -72.56
CA ARG J 90 -9.05 -59.49 -71.50
C ARG J 90 -7.65 -59.68 -72.05
N PHE J 91 -6.66 -59.48 -71.19
CA PHE J 91 -5.28 -59.84 -71.49
C PHE J 91 -5.03 -61.22 -70.90
N THR J 92 -4.59 -62.16 -71.72
CA THR J 92 -4.39 -63.53 -71.27
C THR J 92 -3.03 -64.05 -71.71
N ILE J 93 -2.39 -64.81 -70.83
CA ILE J 93 -1.09 -65.41 -71.09
C ILE J 93 -1.19 -66.91 -70.80
N PRO J 94 -0.35 -67.72 -71.41
CA PRO J 94 -0.40 -69.15 -71.12
C PRO J 94 0.04 -69.43 -69.69
N THR J 95 -0.60 -70.42 -69.08
CA THR J 95 -0.42 -70.67 -67.67
C THR J 95 1.03 -70.97 -67.34
N GLY J 96 1.52 -70.38 -66.25
CA GLY J 96 2.89 -70.52 -65.84
C GLY J 96 3.83 -69.46 -66.39
N ALA J 97 3.39 -68.69 -67.39
CA ALA J 97 4.26 -67.66 -67.94
C ALA J 97 4.58 -66.60 -66.90
N GLY J 98 3.57 -66.16 -66.15
CA GLY J 98 3.76 -65.17 -65.11
C GLY J 98 3.89 -65.80 -63.74
N LYS J 99 4.51 -65.06 -62.83
CA LYS J 99 4.68 -65.52 -61.46
C LYS J 99 4.86 -64.29 -60.58
N PRO J 100 4.76 -64.46 -59.26
CA PRO J 100 5.04 -63.36 -58.34
C PRO J 100 6.34 -62.63 -58.70
N GLY J 101 6.33 -61.31 -58.50
CA GLY J 101 7.47 -60.49 -58.81
C GLY J 101 7.48 -59.90 -60.21
N ASP J 102 6.42 -60.12 -60.99
CA ASP J 102 6.40 -59.68 -62.38
C ASP J 102 5.55 -58.44 -62.61
N SER J 103 5.05 -57.80 -61.56
CA SER J 103 4.32 -56.55 -61.77
C SER J 103 5.26 -55.46 -62.28
N GLY J 104 4.68 -54.53 -63.03
CA GLY J 104 5.47 -53.46 -63.62
C GLY J 104 6.05 -53.76 -64.98
N ARG J 105 5.88 -54.97 -65.49
CA ARG J 105 6.24 -55.24 -66.87
C ARG J 105 5.26 -54.52 -67.80
N PRO J 106 5.73 -53.64 -68.68
CA PRO J 106 4.82 -53.05 -69.67
C PRO J 106 4.36 -54.10 -70.67
N ILE J 107 3.40 -53.70 -71.49
CA ILE J 107 2.91 -54.53 -72.59
C ILE J 107 2.91 -53.66 -73.83
N PHE J 108 3.53 -54.15 -74.90
CA PHE J 108 3.80 -53.34 -76.07
C PHE J 108 2.93 -53.74 -77.25
N ASP J 109 2.57 -52.74 -78.06
CA ASP J 109 2.03 -53.01 -79.37
C ASP J 109 3.17 -53.28 -80.35
N ASN J 110 2.82 -53.67 -81.57
CA ASN J 110 3.85 -54.05 -82.54
C ASN J 110 4.74 -52.88 -82.92
N LYS J 111 4.30 -51.64 -82.72
CA LYS J 111 5.10 -50.49 -83.08
C LYS J 111 6.02 -50.02 -81.96
N GLY J 112 6.01 -50.68 -80.81
CA GLY J 112 6.89 -50.33 -79.72
C GLY J 112 6.29 -49.41 -78.68
N ARG J 113 5.04 -48.98 -78.84
CA ARG J 113 4.40 -48.13 -77.85
C ARG J 113 3.90 -48.99 -76.68
N VAL J 114 3.60 -48.33 -75.57
CA VAL J 114 3.09 -49.01 -74.38
C VAL J 114 1.59 -48.85 -74.31
N VAL J 115 0.89 -49.93 -74.00
CA VAL J 115 -0.56 -49.93 -73.90
C VAL J 115 -1.07 -50.52 -72.59
N ALA J 116 -0.19 -50.97 -71.70
CA ALA J 116 -0.65 -51.69 -70.52
C ALA J 116 0.49 -51.76 -69.51
N ILE J 117 0.13 -52.08 -68.27
CA ILE J 117 1.09 -52.35 -67.20
C ILE J 117 0.51 -53.44 -66.32
N VAL J 118 1.24 -54.53 -66.17
CA VAL J 118 0.71 -55.73 -65.52
C VAL J 118 0.89 -55.62 -64.01
N LEU J 119 -0.16 -56.01 -63.28
CA LEU J 119 -0.11 -56.15 -61.84
C LEU J 119 -0.18 -57.58 -61.35
N GLY J 120 -0.82 -58.46 -62.11
CA GLY J 120 -0.99 -59.84 -61.70
C GLY J 120 -2.04 -60.49 -62.58
N GLY J 121 -2.52 -61.65 -62.12
CA GLY J 121 -3.59 -62.30 -62.85
C GLY J 121 -3.91 -63.65 -62.25
N ALA J 122 -4.98 -64.25 -62.78
CA ALA J 122 -5.45 -65.54 -62.34
C ALA J 122 -5.49 -66.50 -63.52
N ASN J 123 -5.54 -67.79 -63.22
CA ASN J 123 -5.46 -68.84 -64.22
C ASN J 123 -6.76 -69.63 -64.28
N GLU J 124 -7.15 -70.04 -65.48
CA GLU J 124 -8.20 -71.02 -65.69
C GLU J 124 -7.60 -72.12 -66.56
N GLY J 125 -6.97 -73.10 -65.90
CA GLY J 125 -6.38 -74.20 -66.62
C GLY J 125 -5.21 -73.75 -67.47
N ALA J 126 -5.26 -74.09 -68.77
CA ALA J 126 -4.14 -73.85 -69.66
C ALA J 126 -3.85 -72.37 -69.86
N ARG J 127 -4.83 -71.49 -69.62
CA ARG J 127 -4.68 -70.07 -69.86
C ARG J 127 -4.61 -69.33 -68.52
N THR J 128 -4.28 -68.05 -68.61
CA THR J 128 -4.19 -67.20 -67.44
C THR J 128 -4.63 -65.80 -67.80
N ALA J 129 -5.63 -65.28 -67.08
CA ALA J 129 -6.09 -63.91 -67.25
C ALA J 129 -5.17 -62.97 -66.47
N LEU J 130 -5.13 -61.72 -66.90
CA LEU J 130 -4.22 -60.73 -66.35
C LEU J 130 -4.99 -59.60 -65.67
N SER J 131 -4.42 -59.07 -64.60
CA SER J 131 -4.90 -57.85 -63.97
C SER J 131 -3.97 -56.72 -64.39
N VAL J 132 -4.50 -55.75 -65.12
CA VAL J 132 -3.68 -54.76 -65.80
C VAL J 132 -4.35 -53.39 -65.71
N VAL J 133 -3.52 -52.36 -65.69
CA VAL J 133 -3.97 -50.97 -65.77
C VAL J 133 -3.73 -50.49 -67.19
N THR J 134 -4.63 -49.66 -67.69
CA THR J 134 -4.52 -49.11 -69.03
C THR J 134 -5.21 -47.76 -69.08
N TRP J 135 -4.86 -46.98 -70.10
CA TRP J 135 -5.39 -45.63 -70.24
C TRP J 135 -6.09 -45.51 -71.58
N ASN J 136 -7.38 -45.20 -71.53
CA ASN J 136 -8.11 -44.77 -72.70
C ASN J 136 -7.78 -43.31 -72.94
N LYS J 137 -8.58 -42.64 -73.77
CA LYS J 137 -8.36 -41.22 -74.01
C LYS J 137 -8.52 -40.43 -72.71
N ASP J 138 -7.43 -39.86 -72.22
CA ASP J 138 -7.32 -38.90 -71.12
C ASP J 138 -7.47 -39.51 -69.73
N ILE J 139 -7.88 -40.78 -69.59
CA ILE J 139 -8.15 -41.33 -68.27
C ILE J 139 -7.64 -42.75 -68.20
N VAL J 140 -6.95 -43.08 -67.11
CA VAL J 140 -6.48 -44.44 -66.89
C VAL J 140 -7.60 -45.28 -66.30
N THR J 141 -7.51 -46.59 -66.52
CA THR J 141 -8.47 -47.54 -65.97
C THR J 141 -7.71 -48.76 -65.48
N LYS J 142 -8.40 -49.59 -64.71
CA LYS J 142 -7.85 -50.85 -64.23
C LYS J 142 -8.86 -51.96 -64.49
N ILE J 143 -8.37 -53.08 -65.04
CA ILE J 143 -9.20 -54.23 -65.36
C ILE J 143 -8.65 -55.43 -64.61
N THR J 144 -9.53 -56.14 -63.90
CA THR J 144 -9.11 -57.27 -63.09
C THR J 144 -10.07 -58.44 -63.30
N PRO J 145 -9.56 -59.66 -63.36
CA PRO J 145 -10.45 -60.82 -63.41
C PRO J 145 -10.78 -61.40 -62.05
N GLU J 146 -11.52 -62.50 -62.03
CA GLU J 146 -11.93 -63.11 -60.78
C GLU J 146 -10.80 -63.95 -60.19
N GLY J 147 -10.60 -63.80 -58.89
CA GLY J 147 -9.63 -64.61 -58.18
C GLY J 147 -8.19 -64.36 -58.57
N ALA J 148 -7.84 -63.12 -58.89
CA ALA J 148 -6.46 -62.79 -59.20
C ALA J 148 -5.69 -62.46 -57.92
N GLU J 149 -4.37 -62.39 -58.05
CA GLU J 149 -3.51 -62.02 -56.94
C GLU J 149 -2.35 -61.16 -57.46
N GLU J 150 -1.76 -60.40 -56.56
CA GLU J 150 -0.67 -59.50 -56.92
C GLU J 150 0.57 -60.28 -57.31
N TRP J 151 1.31 -59.75 -58.28
CA TRP J 151 2.58 -60.33 -58.69
C TRP J 151 3.72 -59.39 -58.38
N ASN K 1 45.53 -44.58 -64.70
CA ASN K 1 45.02 -44.59 -63.34
C ASN K 1 46.16 -44.41 -62.34
N ASP K 2 47.05 -45.40 -62.28
CA ASP K 2 48.21 -45.44 -61.39
C ASP K 2 47.92 -44.86 -60.01
N CYS K 3 48.43 -43.67 -59.72
CA CYS K 3 48.43 -43.11 -58.38
C CYS K 3 47.59 -41.84 -58.28
N ILE K 4 46.42 -41.81 -58.89
CA ILE K 4 45.47 -40.72 -58.72
C ILE K 4 44.11 -41.32 -58.39
N PHE K 5 43.42 -40.72 -57.42
CA PHE K 5 42.17 -41.24 -56.91
C PHE K 5 41.05 -40.29 -57.23
N GLU K 6 39.97 -40.82 -57.78
CA GLU K 6 38.82 -40.00 -58.14
C GLU K 6 38.10 -39.52 -56.88
N VAL K 7 37.57 -38.30 -56.96
CA VAL K 7 36.80 -37.69 -55.88
C VAL K 7 35.42 -37.39 -56.41
N LYS K 8 34.39 -37.85 -55.72
CA LYS K 8 33.02 -37.72 -56.19
C LYS K 8 32.10 -37.24 -55.07
N HIS K 9 31.09 -36.47 -55.47
CA HIS K 9 29.98 -36.09 -54.60
C HIS K 9 28.78 -36.93 -55.04
N GLU K 10 28.28 -37.77 -54.13
CA GLU K 10 27.28 -38.78 -54.46
C GLU K 10 27.84 -39.63 -55.59
N GLY K 11 27.10 -39.88 -56.65
CA GLY K 11 27.65 -40.59 -57.79
C GLY K 11 28.36 -39.72 -58.80
N LYS K 12 28.31 -38.41 -58.63
CA LYS K 12 28.89 -37.48 -59.59
C LYS K 12 30.35 -37.24 -59.25
N VAL K 13 31.25 -37.67 -60.16
CA VAL K 13 32.67 -37.43 -59.97
C VAL K 13 32.99 -35.97 -60.22
N THR K 14 33.69 -35.34 -59.28
CA THR K 14 34.02 -33.94 -59.37
C THR K 14 35.49 -33.65 -59.64
N GLY K 15 36.39 -34.44 -59.07
CA GLY K 15 37.80 -34.18 -59.26
C GLY K 15 38.62 -35.40 -58.89
N TYR K 16 39.94 -35.21 -58.94
CA TYR K 16 40.87 -36.29 -58.64
C TYR K 16 41.96 -35.77 -57.72
N ALA K 17 42.38 -36.60 -56.77
CA ALA K 17 43.43 -36.27 -55.83
C ALA K 17 44.68 -37.06 -56.18
N CYS K 18 45.80 -36.36 -56.30
CA CYS K 18 47.06 -36.98 -56.67
C CYS K 18 47.90 -37.24 -55.43
N LEU K 19 48.75 -38.26 -55.51
CA LEU K 19 49.68 -38.59 -54.43
C LEU K 19 51.08 -38.18 -54.90
N VAL K 20 51.43 -36.94 -54.63
CA VAL K 20 52.74 -36.41 -54.98
C VAL K 20 53.65 -36.54 -53.78
N GLY K 21 54.71 -37.33 -53.93
CA GLY K 21 55.70 -37.47 -52.88
C GLY K 21 55.11 -37.95 -51.57
N ASP K 22 54.97 -37.04 -50.60
CA ASP K 22 54.48 -37.37 -49.28
C ASP K 22 53.17 -36.69 -48.94
N LYS K 23 52.48 -36.10 -49.91
CA LYS K 23 51.26 -35.35 -49.68
C LYS K 23 50.14 -35.83 -50.57
N VAL K 24 48.92 -35.83 -50.04
CA VAL K 24 47.73 -36.18 -50.84
C VAL K 24 47.19 -34.85 -51.35
N MET K 25 47.74 -34.39 -52.47
CA MET K 25 47.29 -33.16 -53.07
C MET K 25 45.86 -33.30 -53.58
N LYS K 26 45.09 -32.22 -53.43
CA LYS K 26 43.69 -32.20 -53.79
C LYS K 26 43.25 -30.74 -53.80
N PRO K 27 42.55 -30.28 -54.83
CA PRO K 27 42.11 -28.90 -54.83
C PRO K 27 40.82 -28.58 -54.06
N ALA K 28 40.87 -27.45 -53.36
CA ALA K 28 39.83 -27.17 -52.39
C ALA K 28 38.46 -26.97 -53.04
N HIS K 29 38.41 -26.32 -54.19
CA HIS K 29 37.11 -25.97 -54.76
C HIS K 29 36.29 -27.18 -55.20
N VAL K 30 36.86 -28.38 -55.31
CA VAL K 30 36.09 -29.58 -55.63
C VAL K 30 35.39 -30.04 -54.37
N LYS K 31 34.25 -30.68 -54.53
CA LYS K 31 33.52 -31.26 -53.40
C LYS K 31 33.49 -32.77 -53.57
N GLY K 32 33.88 -33.49 -52.52
CA GLY K 32 33.90 -34.94 -52.58
C GLY K 32 34.53 -35.52 -51.34
N THR K 33 34.41 -36.84 -51.23
CA THR K 33 34.94 -37.57 -50.09
C THR K 33 35.99 -38.60 -50.49
N ILE K 34 36.45 -38.56 -51.75
CA ILE K 34 37.44 -39.49 -52.30
C ILE K 34 36.88 -40.91 -52.35
N ASP K 35 37.18 -41.63 -53.42
CA ASP K 35 36.65 -42.99 -53.58
C ASP K 35 37.13 -43.91 -52.48
N ASN K 36 38.42 -43.84 -52.14
CA ASN K 36 38.97 -44.68 -51.09
C ASN K 36 38.43 -44.25 -49.74
N ALA K 37 38.04 -45.23 -48.92
CA ALA K 37 37.52 -44.91 -47.60
C ALA K 37 38.63 -44.51 -46.63
N ASP K 38 39.79 -45.14 -46.74
CA ASP K 38 40.89 -44.84 -45.82
C ASP K 38 41.40 -43.42 -45.99
N LEU K 39 41.53 -42.96 -47.24
CA LEU K 39 42.00 -41.60 -47.48
C LEU K 39 41.02 -40.57 -46.93
N ALA K 40 39.72 -40.86 -46.99
CA ALA K 40 38.73 -39.94 -46.45
C ALA K 40 38.93 -39.70 -44.97
N LYS K 41 39.50 -40.68 -44.25
CA LYS K 41 39.74 -40.52 -42.83
C LYS K 41 40.80 -39.48 -42.52
N LEU K 42 41.67 -39.17 -43.47
CA LEU K 42 42.77 -38.24 -43.20
C LEU K 42 42.23 -36.83 -42.96
N ALA K 43 43.03 -36.05 -42.25
CA ALA K 43 42.70 -34.65 -41.97
C ALA K 43 43.51 -33.76 -42.88
N PHE K 44 42.83 -32.88 -43.62
CA PHE K 44 43.45 -32.04 -44.63
C PHE K 44 43.60 -30.62 -44.13
N LYS K 45 44.82 -30.09 -44.20
CA LYS K 45 45.09 -28.70 -43.85
C LYS K 45 44.83 -27.84 -45.09
N ARG K 46 43.56 -27.55 -45.34
CA ARG K 46 43.15 -26.85 -46.54
C ARG K 46 43.48 -25.36 -46.41
N SER K 47 43.77 -24.73 -47.54
CA SER K 47 44.06 -23.31 -47.62
C SER K 47 43.29 -22.73 -48.79
N SER K 48 42.57 -21.64 -48.54
CA SER K 48 41.84 -20.95 -49.60
C SER K 48 42.72 -20.12 -50.49
N LYS K 49 43.93 -19.76 -50.03
CA LYS K 49 44.82 -18.95 -50.85
C LYS K 49 45.29 -19.71 -52.08
N TYR K 50 45.62 -20.99 -51.91
CA TYR K 50 46.14 -21.81 -53.00
C TYR K 50 45.12 -22.81 -53.54
N ASP K 51 43.91 -22.83 -53.00
CA ASP K 51 42.88 -23.75 -53.45
C ASP K 51 43.38 -25.19 -53.36
N LEU K 52 43.97 -25.54 -52.22
CA LEU K 52 44.57 -26.85 -52.02
C LEU K 52 44.15 -27.45 -50.69
N GLU K 53 44.06 -28.78 -50.67
CA GLU K 53 43.93 -29.55 -49.44
C GLU K 53 44.95 -30.67 -49.48
N CYS K 54 45.79 -30.75 -48.46
CA CYS K 54 46.86 -31.74 -48.46
C CYS K 54 46.94 -32.39 -47.08
N ALA K 55 47.47 -33.63 -47.07
CA ALA K 55 47.66 -34.36 -45.83
C ALA K 55 48.80 -35.33 -46.02
N GLN K 56 49.36 -35.80 -44.91
CA GLN K 56 50.39 -36.82 -44.97
C GLN K 56 49.80 -38.13 -45.50
N ILE K 57 50.46 -38.70 -46.49
CA ILE K 57 49.98 -39.97 -47.04
C ILE K 57 50.28 -41.09 -46.05
N PRO K 58 49.48 -42.14 -46.01
CA PRO K 58 49.83 -43.28 -45.15
C PRO K 58 50.97 -44.08 -45.75
N VAL K 59 52.21 -43.59 -45.57
CA VAL K 59 53.40 -44.18 -46.16
C VAL K 59 53.53 -45.63 -45.75
N HIS K 60 52.91 -46.00 -44.63
CA HIS K 60 52.94 -47.39 -44.19
C HIS K 60 52.21 -48.31 -45.17
N MET K 61 51.34 -47.77 -46.01
CA MET K 61 50.61 -48.60 -46.96
C MET K 61 50.63 -48.03 -48.37
N LYS K 62 50.87 -46.74 -48.53
CA LYS K 62 50.88 -46.10 -49.85
C LYS K 62 52.14 -45.28 -50.09
N SER K 63 53.30 -45.87 -49.82
CA SER K 63 54.56 -45.18 -50.07
C SER K 63 54.81 -44.96 -51.56
N ASP K 64 54.11 -45.69 -52.43
CA ASP K 64 54.29 -45.55 -53.87
C ASP K 64 53.54 -44.31 -54.34
N ALA K 65 54.29 -43.32 -54.83
CA ALA K 65 53.73 -42.04 -55.22
C ALA K 65 54.53 -41.43 -56.36
N SER K 66 53.89 -40.51 -57.07
CA SER K 66 54.53 -39.86 -58.20
C SER K 66 55.70 -39.00 -57.74
N LYS K 67 56.80 -39.07 -58.48
CA LYS K 67 57.92 -38.20 -58.22
C LYS K 67 57.61 -36.79 -58.68
N PHE K 68 58.26 -35.81 -58.07
CA PHE K 68 57.99 -34.40 -58.34
C PHE K 68 59.31 -33.70 -58.65
N THR K 69 59.19 -32.57 -59.35
CA THR K 69 60.36 -31.73 -59.59
C THR K 69 59.93 -30.28 -59.60
N HIS K 70 60.90 -29.39 -59.37
CA HIS K 70 60.61 -27.98 -59.19
C HIS K 70 60.89 -27.14 -60.42
N GLU K 71 61.85 -27.51 -61.27
CA GLU K 71 62.19 -26.71 -62.43
C GLU K 71 61.28 -27.06 -63.59
N LYS K 72 60.88 -26.02 -64.34
CA LYS K 72 60.00 -26.17 -65.50
C LYS K 72 60.62 -25.45 -66.68
N PRO K 73 61.62 -26.05 -67.32
CA PRO K 73 62.12 -25.48 -68.57
C PRO K 73 61.02 -25.46 -69.62
N GLU K 74 60.97 -24.38 -70.38
CA GLU K 74 59.90 -24.24 -71.36
C GLU K 74 60.02 -25.31 -72.44
N GLY K 75 58.87 -25.86 -72.82
CA GLY K 75 58.84 -26.95 -73.76
C GLY K 75 57.49 -27.62 -73.80
N TYR K 76 57.48 -28.95 -73.72
CA TYR K 76 56.23 -29.71 -73.78
C TYR K 76 56.09 -30.59 -72.56
N TYR K 77 54.86 -30.73 -72.09
CA TYR K 77 54.55 -31.57 -70.95
C TYR K 77 53.28 -32.35 -71.27
N ASN K 78 53.12 -33.50 -70.62
CA ASN K 78 52.06 -34.44 -70.96
C ASN K 78 51.13 -34.66 -69.77
N TRP K 79 49.83 -34.71 -70.04
CA TRP K 79 48.83 -35.11 -69.06
C TRP K 79 47.83 -36.03 -69.75
N HIS K 80 46.73 -36.33 -69.06
CA HIS K 80 45.80 -37.34 -69.55
C HIS K 80 45.22 -36.97 -70.91
N HIS K 81 44.79 -35.73 -71.08
CA HIS K 81 44.14 -35.30 -72.31
C HIS K 81 45.13 -34.50 -73.13
N GLY K 82 45.75 -35.15 -74.10
CA GLY K 82 46.69 -34.47 -74.95
C GLY K 82 47.99 -34.14 -74.24
N ALA K 83 48.76 -33.26 -74.88
CA ALA K 83 50.00 -32.74 -74.33
C ALA K 83 49.90 -31.23 -74.22
N VAL K 84 50.66 -30.67 -73.28
CA VAL K 84 50.58 -29.26 -72.94
C VAL K 84 51.94 -28.64 -73.15
N GLN K 85 51.96 -27.33 -73.40
CA GLN K 85 53.19 -26.62 -73.71
C GLN K 85 53.38 -25.46 -72.74
N TYR K 86 54.57 -25.39 -72.12
CA TYR K 86 54.92 -24.29 -71.23
C TYR K 86 55.26 -23.08 -72.08
N SER K 87 54.27 -22.22 -72.32
CA SER K 87 54.41 -21.09 -73.23
C SER K 87 55.17 -19.95 -72.57
N GLY K 88 56.41 -20.25 -72.17
CA GLY K 88 57.26 -19.25 -71.55
C GLY K 88 56.70 -18.67 -70.26
N GLY K 89 55.86 -19.43 -69.55
CA GLY K 89 55.29 -18.96 -68.31
C GLY K 89 53.85 -19.32 -68.12
N ARG K 90 53.21 -19.87 -69.14
CA ARG K 90 51.80 -20.23 -69.09
C ARG K 90 51.59 -21.65 -69.61
N PHE K 91 50.67 -22.36 -68.97
CA PHE K 91 50.30 -23.70 -69.40
C PHE K 91 49.15 -23.59 -70.40
N THR K 92 49.36 -24.08 -71.61
CA THR K 92 48.39 -23.92 -72.68
C THR K 92 47.97 -25.28 -73.23
N ILE K 93 46.68 -25.42 -73.51
CA ILE K 93 46.13 -26.65 -74.09
C ILE K 93 45.19 -26.27 -75.23
N PRO K 94 44.94 -27.22 -76.14
CA PRO K 94 43.83 -27.04 -77.07
C PRO K 94 42.51 -26.93 -76.32
N THR K 95 41.60 -26.12 -76.85
CA THR K 95 40.38 -25.77 -76.12
C THR K 95 39.55 -27.00 -75.76
N GLY K 96 39.54 -28.02 -76.63
CA GLY K 96 38.77 -29.21 -76.33
C GLY K 96 39.31 -29.99 -75.15
N ALA K 97 40.63 -30.06 -75.00
CA ALA K 97 41.24 -30.93 -74.01
C ALA K 97 40.90 -30.52 -72.58
N GLY K 98 40.40 -29.31 -72.38
CA GLY K 98 39.99 -28.84 -71.07
C GLY K 98 38.47 -28.89 -70.93
N LYS K 99 38.01 -29.32 -69.77
CA LYS K 99 36.58 -29.46 -69.51
C LYS K 99 36.40 -29.60 -68.01
N PRO K 100 35.31 -29.03 -67.46
CA PRO K 100 35.07 -29.18 -66.02
C PRO K 100 34.97 -30.64 -65.61
N GLY K 101 35.52 -30.93 -64.44
CA GLY K 101 35.71 -32.28 -63.97
C GLY K 101 37.16 -32.75 -64.02
N ASP K 102 37.99 -32.11 -64.83
CA ASP K 102 39.40 -32.47 -64.89
C ASP K 102 40.22 -31.85 -63.77
N SER K 103 39.61 -31.01 -62.93
CA SER K 103 40.35 -30.35 -61.85
C SER K 103 40.93 -31.39 -60.91
N GLY K 104 42.20 -31.20 -60.55
CA GLY K 104 42.90 -32.13 -59.70
C GLY K 104 43.78 -33.11 -60.44
N ARG K 105 43.61 -33.25 -61.75
CA ARG K 105 44.51 -34.09 -62.52
C ARG K 105 45.92 -33.47 -62.50
N PRO K 106 46.94 -34.28 -62.34
CA PRO K 106 48.32 -33.76 -62.37
C PRO K 106 48.78 -33.59 -63.81
N ILE K 107 50.04 -33.17 -63.94
CA ILE K 107 50.70 -33.08 -65.24
C ILE K 107 52.15 -33.50 -65.04
N PHE K 108 52.71 -34.20 -66.03
CA PHE K 108 54.05 -34.76 -65.93
C PHE K 108 54.99 -34.09 -66.93
N ASP K 109 56.28 -34.33 -66.74
CA ASP K 109 57.28 -33.82 -67.67
C ASP K 109 57.65 -34.93 -68.65
N ASN K 110 58.73 -34.73 -69.39
CA ASN K 110 59.29 -35.80 -70.21
C ASN K 110 59.77 -36.96 -69.36
N LYS K 111 60.35 -36.67 -68.20
CA LYS K 111 60.93 -37.71 -67.36
C LYS K 111 59.90 -38.42 -66.49
N GLY K 112 58.66 -37.96 -66.46
CA GLY K 112 57.60 -38.66 -65.74
C GLY K 112 57.29 -38.17 -64.34
N ARG K 113 57.65 -36.93 -64.00
CA ARG K 113 57.41 -36.39 -62.67
C ARG K 113 56.37 -35.27 -62.73
N VAL K 114 55.60 -35.15 -61.67
CA VAL K 114 54.60 -34.08 -61.62
C VAL K 114 55.29 -32.74 -61.51
N VAL K 115 54.68 -31.70 -62.09
CA VAL K 115 55.22 -30.35 -62.00
C VAL K 115 54.12 -29.39 -61.58
N ALA K 116 52.87 -29.84 -61.65
CA ALA K 116 51.74 -28.97 -61.36
C ALA K 116 50.51 -29.83 -61.14
N ILE K 117 49.41 -29.18 -60.82
CA ILE K 117 48.10 -29.82 -60.77
C ILE K 117 47.07 -28.79 -61.20
N VAL K 118 46.17 -29.20 -62.09
CA VAL K 118 45.32 -28.24 -62.80
C VAL K 118 44.06 -27.95 -61.99
N LEU K 119 43.56 -26.73 -62.12
CA LEU K 119 42.32 -26.31 -61.47
C LEU K 119 41.27 -25.87 -62.48
N GLY K 120 41.63 -25.02 -63.42
CA GLY K 120 40.70 -24.56 -64.43
C GLY K 120 41.46 -23.94 -65.58
N GLY K 121 40.72 -23.24 -66.43
CA GLY K 121 41.35 -22.67 -67.62
C GLY K 121 40.55 -21.54 -68.20
N ALA K 122 41.24 -20.76 -69.03
CA ALA K 122 40.64 -19.71 -69.85
C ALA K 122 41.24 -19.78 -71.24
N ASN K 123 40.45 -19.42 -72.24
CA ASN K 123 40.85 -19.57 -73.63
C ASN K 123 40.92 -18.22 -74.33
N GLU K 124 42.03 -17.98 -75.02
CA GLU K 124 42.18 -16.86 -75.96
C GLU K 124 42.41 -17.48 -77.33
N GLY K 125 41.33 -17.77 -78.02
CA GLY K 125 41.41 -18.40 -79.33
C GLY K 125 41.31 -19.91 -79.27
N ALA K 126 42.14 -20.59 -80.06
CA ALA K 126 42.13 -22.04 -80.08
C ALA K 126 42.76 -22.66 -78.83
N ARG K 127 43.81 -22.04 -78.31
CA ARG K 127 44.49 -22.58 -77.14
C ARG K 127 43.85 -22.06 -75.87
N THR K 128 43.95 -22.87 -74.80
CA THR K 128 43.38 -22.54 -73.50
C THR K 128 44.49 -22.49 -72.48
N ALA K 129 44.63 -21.35 -71.80
CA ALA K 129 45.58 -21.22 -70.71
C ALA K 129 45.06 -21.94 -69.48
N LEU K 130 45.99 -22.47 -68.68
CA LEU K 130 45.67 -23.31 -67.55
C LEU K 130 45.95 -22.61 -66.23
N SER K 131 45.08 -22.82 -65.25
CA SER K 131 45.31 -22.38 -63.88
C SER K 131 45.79 -23.58 -63.08
N VAL K 132 47.06 -23.56 -62.68
CA VAL K 132 47.69 -24.70 -62.03
C VAL K 132 48.25 -24.27 -60.69
N VAL K 133 48.69 -25.26 -59.92
CA VAL K 133 49.36 -25.02 -58.64
C VAL K 133 50.75 -25.62 -58.78
N THR K 134 51.69 -24.82 -59.26
CA THR K 134 53.06 -25.29 -59.42
C THR K 134 53.79 -25.11 -58.10
N TRP K 135 55.12 -25.29 -58.11
CA TRP K 135 55.87 -25.07 -56.89
C TRP K 135 57.34 -24.88 -57.21
N ASN K 136 57.97 -23.95 -56.52
CA ASN K 136 59.41 -23.79 -56.51
C ASN K 136 59.96 -24.62 -55.35
N LYS K 137 61.21 -24.39 -54.97
CA LYS K 137 61.81 -25.14 -53.87
C LYS K 137 61.12 -24.80 -52.54
N ASP K 138 60.49 -25.81 -51.94
CA ASP K 138 59.88 -25.72 -50.61
C ASP K 138 58.77 -24.68 -50.54
N ILE K 139 58.13 -24.38 -51.66
CA ILE K 139 57.05 -23.39 -51.65
C ILE K 139 56.21 -23.52 -52.92
N VAL K 140 54.89 -23.44 -52.77
CA VAL K 140 54.00 -23.54 -53.91
C VAL K 140 53.58 -22.14 -54.34
N THR K 141 53.31 -21.98 -55.63
CA THR K 141 52.93 -20.69 -56.20
C THR K 141 51.75 -20.93 -57.13
N LYS K 142 50.55 -20.60 -56.68
CA LYS K 142 49.38 -20.71 -57.54
C LYS K 142 49.49 -19.71 -58.69
N ILE K 143 49.10 -20.17 -59.88
CA ILE K 143 49.13 -19.37 -61.10
C ILE K 143 47.75 -19.37 -61.72
N THR K 144 47.27 -18.19 -62.10
CA THR K 144 45.92 -18.08 -62.61
C THR K 144 45.84 -17.07 -63.75
N PRO K 145 45.36 -17.46 -64.92
CA PRO K 145 45.18 -16.50 -66.02
C PRO K 145 43.90 -15.69 -65.84
N GLU K 146 43.71 -14.69 -66.70
CA GLU K 146 42.55 -13.81 -66.60
C GLU K 146 41.30 -14.54 -67.06
N GLY K 147 40.22 -14.37 -66.29
CA GLY K 147 38.95 -14.95 -66.65
C GLY K 147 38.95 -16.46 -66.74
N ALA K 148 39.62 -17.12 -65.80
CA ALA K 148 39.72 -18.57 -65.79
C ALA K 148 38.63 -19.14 -64.89
N GLU K 149 37.77 -19.97 -65.45
CA GLU K 149 36.76 -20.66 -64.65
C GLU K 149 37.38 -21.85 -63.94
N GLU K 150 36.66 -22.36 -62.94
CA GLU K 150 37.13 -23.48 -62.14
C GLU K 150 36.48 -24.76 -62.67
N TRP K 151 37.31 -25.74 -63.01
CA TRP K 151 36.81 -27.01 -63.49
C TRP K 151 36.38 -27.91 -62.34
N ASN L 1 13.35 -22.10 -99.95
CA ASN L 1 14.46 -21.79 -99.08
C ASN L 1 15.14 -20.48 -99.49
N ASP L 2 16.18 -20.10 -98.74
CA ASP L 2 16.97 -18.89 -98.99
C ASP L 2 16.13 -17.61 -98.89
N CYS L 3 14.93 -17.71 -98.35
CA CYS L 3 14.05 -16.56 -98.14
C CYS L 3 14.22 -15.95 -96.77
N ILE L 4 15.10 -16.49 -95.93
CA ILE L 4 15.25 -16.03 -94.57
C ILE L 4 16.32 -14.94 -94.53
N PHE L 5 16.31 -14.17 -93.45
CA PHE L 5 17.30 -13.12 -93.25
C PHE L 5 17.84 -13.21 -91.84
N GLU L 6 19.15 -13.03 -91.71
CA GLU L 6 19.77 -12.99 -90.40
C GLU L 6 19.60 -11.61 -89.80
N VAL L 7 19.19 -11.57 -88.53
CA VAL L 7 19.11 -10.31 -87.79
C VAL L 7 20.51 -10.07 -87.23
N LYS L 8 21.15 -9.01 -87.71
CA LYS L 8 22.55 -8.79 -87.39
C LYS L 8 22.69 -7.92 -86.15
N HIS L 9 23.79 -8.15 -85.44
CA HIS L 9 24.20 -7.34 -84.30
C HIS L 9 25.55 -6.71 -84.62
N GLU L 10 26.17 -6.11 -83.59
CA GLU L 10 27.42 -5.38 -83.80
C GLU L 10 28.48 -6.25 -84.46
N GLY L 11 28.63 -7.49 -84.02
CA GLY L 11 29.71 -8.31 -84.52
C GLY L 11 29.33 -9.73 -84.89
N LYS L 12 28.08 -10.12 -84.64
CA LYS L 12 27.66 -11.48 -84.94
C LYS L 12 26.15 -11.52 -85.14
N VAL L 13 25.70 -12.60 -85.75
CA VAL L 13 24.27 -12.87 -85.91
C VAL L 13 23.76 -13.56 -84.66
N THR L 14 22.64 -13.08 -84.15
CA THR L 14 22.03 -13.66 -82.96
C THR L 14 20.75 -14.43 -83.24
N GLY L 15 20.13 -14.22 -84.39
CA GLY L 15 18.91 -14.94 -84.72
C GLY L 15 18.63 -14.84 -86.20
N TYR L 16 17.52 -15.44 -86.60
CA TYR L 16 17.11 -15.47 -88.00
C TYR L 16 15.66 -15.07 -88.13
N ALA L 17 15.39 -14.10 -88.99
CA ALA L 17 14.04 -13.68 -89.31
C ALA L 17 13.60 -14.36 -90.60
N CYS L 18 12.43 -14.98 -90.57
CA CYS L 18 11.92 -15.75 -91.69
C CYS L 18 10.73 -15.04 -92.33
N LEU L 19 10.62 -15.17 -93.65
CA LEU L 19 9.48 -14.64 -94.37
C LEU L 19 8.47 -15.75 -94.59
N VAL L 20 7.28 -15.60 -94.01
CA VAL L 20 6.20 -16.58 -94.16
C VAL L 20 4.96 -15.85 -94.65
N GLY L 21 4.37 -16.34 -95.74
CA GLY L 21 3.15 -15.77 -96.25
C GLY L 21 3.28 -14.30 -96.58
N ASP L 22 2.66 -13.46 -95.75
CA ASP L 22 2.78 -12.01 -95.90
C ASP L 22 3.33 -11.35 -94.66
N LYS L 23 3.93 -12.10 -93.75
CA LYS L 23 4.44 -11.57 -92.49
C LYS L 23 5.94 -11.84 -92.37
N VAL L 24 6.66 -10.87 -91.82
CA VAL L 24 8.10 -11.01 -91.57
C VAL L 24 8.24 -11.53 -90.14
N MET L 25 8.25 -12.85 -90.00
CA MET L 25 8.43 -13.44 -88.69
C MET L 25 9.80 -13.08 -88.13
N LYS L 26 9.85 -12.90 -86.82
CA LYS L 26 11.09 -12.65 -86.11
C LYS L 26 10.86 -12.89 -84.62
N PRO L 27 11.65 -13.73 -83.98
CA PRO L 27 11.47 -13.94 -82.54
C PRO L 27 11.81 -12.67 -81.78
N ALA L 28 11.15 -12.50 -80.64
CA ALA L 28 11.24 -11.24 -79.92
C ALA L 28 12.42 -11.20 -78.96
N HIS L 29 12.81 -12.36 -78.42
CA HIS L 29 13.90 -12.39 -77.45
C HIS L 29 15.22 -11.98 -78.10
N VAL L 30 15.43 -12.40 -79.36
CA VAL L 30 16.63 -12.00 -80.06
C VAL L 30 16.54 -10.52 -80.43
N LYS L 31 17.68 -9.83 -80.36
CA LYS L 31 17.73 -8.41 -80.64
C LYS L 31 18.74 -8.13 -81.74
N GLY L 32 18.47 -7.08 -82.52
CA GLY L 32 19.33 -6.75 -83.64
C GLY L 32 18.66 -5.70 -84.51
N THR L 33 19.11 -5.63 -85.76
CA THR L 33 18.59 -4.64 -86.70
C THR L 33 18.14 -5.23 -88.02
N ILE L 34 18.38 -6.52 -88.27
CA ILE L 34 18.09 -7.20 -89.53
C ILE L 34 19.00 -6.68 -90.63
N ASP L 35 19.48 -7.60 -91.48
CA ASP L 35 20.49 -7.25 -92.47
C ASP L 35 19.92 -6.33 -93.55
N ASN L 36 18.79 -6.72 -94.14
CA ASN L 36 18.30 -5.99 -95.31
C ASN L 36 17.75 -4.63 -94.89
N ALA L 37 18.09 -3.60 -95.67
CA ALA L 37 17.82 -2.23 -95.25
C ALA L 37 16.33 -1.96 -95.15
N ASP L 38 15.56 -2.34 -96.17
CA ASP L 38 14.14 -2.03 -96.17
C ASP L 38 13.42 -2.73 -95.03
N LEU L 39 13.74 -4.01 -94.80
CA LEU L 39 13.07 -4.78 -93.75
C LEU L 39 13.32 -4.18 -92.38
N ALA L 40 14.48 -3.54 -92.19
CA ALA L 40 14.78 -2.91 -90.91
C ALA L 40 13.85 -1.74 -90.62
N LYS L 41 13.20 -1.17 -91.64
CA LYS L 41 12.39 0.03 -91.49
C LYS L 41 10.92 -0.27 -91.22
N LEU L 42 10.51 -1.53 -91.27
CA LEU L 42 9.11 -1.84 -91.02
C LEU L 42 8.80 -1.78 -89.53
N ALA L 43 7.53 -1.52 -89.23
CA ALA L 43 7.07 -1.45 -87.85
C ALA L 43 6.78 -2.85 -87.33
N PHE L 44 7.57 -3.30 -86.36
CA PHE L 44 7.49 -4.68 -85.86
C PHE L 44 6.64 -4.72 -84.60
N LYS L 45 5.40 -5.21 -84.74
CA LYS L 45 4.56 -5.42 -83.58
C LYS L 45 5.02 -6.66 -82.82
N ARG L 46 5.11 -6.53 -81.50
CA ARG L 46 5.71 -7.54 -80.65
C ARG L 46 4.65 -8.22 -79.80
N SER L 47 5.04 -9.31 -79.14
CA SER L 47 4.17 -9.99 -78.20
C SER L 47 5.03 -10.87 -77.30
N SER L 48 5.14 -10.49 -76.02
CA SER L 48 5.90 -11.30 -75.08
C SER L 48 5.25 -12.65 -74.86
N LYS L 49 3.95 -12.76 -75.11
CA LYS L 49 3.26 -14.03 -74.92
C LYS L 49 3.76 -15.09 -75.87
N TYR L 50 3.93 -14.74 -77.15
CA TYR L 50 4.39 -15.68 -78.16
C TYR L 50 5.84 -15.46 -78.56
N ASP L 51 6.52 -14.48 -77.97
CA ASP L 51 7.92 -14.20 -78.25
C ASP L 51 8.13 -14.02 -79.76
N LEU L 52 7.35 -13.12 -80.34
CA LEU L 52 7.35 -12.91 -81.78
C LEU L 52 7.40 -11.43 -82.10
N GLU L 53 7.96 -11.12 -83.27
CA GLU L 53 7.89 -9.79 -83.86
C GLU L 53 7.60 -9.98 -85.35
N CYS L 54 6.46 -9.47 -85.80
CA CYS L 54 6.06 -9.65 -87.19
C CYS L 54 5.59 -8.33 -87.77
N ALA L 55 5.73 -8.20 -89.08
CA ALA L 55 5.31 -7.00 -89.79
C ALA L 55 4.85 -7.41 -91.18
N GLN L 56 3.99 -6.59 -91.78
CA GLN L 56 3.52 -6.89 -93.13
C GLN L 56 4.67 -6.82 -94.11
N ILE L 57 4.82 -7.88 -94.91
CA ILE L 57 5.86 -7.95 -95.92
C ILE L 57 5.58 -6.90 -96.98
N PRO L 58 6.58 -6.21 -97.50
CA PRO L 58 6.36 -5.35 -98.67
C PRO L 58 6.06 -6.19 -99.90
N VAL L 59 4.88 -6.84 -99.89
CA VAL L 59 4.55 -7.86 -100.88
C VAL L 59 4.52 -7.30 -102.30
N HIS L 60 4.44 -5.97 -102.43
CA HIS L 60 4.52 -5.37 -103.75
C HIS L 60 5.86 -5.63 -104.41
N MET L 61 6.90 -5.90 -103.60
CA MET L 61 8.24 -6.15 -104.11
C MET L 61 8.77 -7.51 -103.65
N LYS L 62 8.31 -8.00 -102.50
CA LYS L 62 8.69 -9.33 -102.01
C LYS L 62 7.60 -10.32 -102.35
N SER L 63 7.78 -11.01 -103.48
CA SER L 63 6.86 -12.06 -103.92
C SER L 63 7.50 -13.44 -103.83
N ASP L 64 8.41 -13.63 -102.87
CA ASP L 64 9.17 -14.86 -102.73
C ASP L 64 9.03 -15.49 -101.35
N ALA L 65 8.06 -15.05 -100.56
CA ALA L 65 7.91 -15.56 -99.20
C ALA L 65 7.53 -17.04 -99.21
N SER L 66 8.03 -17.76 -98.20
CA SER L 66 7.81 -19.19 -98.12
C SER L 66 6.34 -19.52 -97.95
N LYS L 67 5.92 -20.65 -98.48
CA LYS L 67 4.58 -21.16 -98.23
C LYS L 67 4.50 -21.72 -96.82
N PHE L 68 3.28 -21.78 -96.31
CA PHE L 68 3.03 -22.22 -94.94
C PHE L 68 1.89 -23.23 -94.94
N THR L 69 1.70 -23.87 -93.79
CA THR L 69 0.59 -24.78 -93.62
C THR L 69 0.29 -24.93 -92.13
N HIS L 70 -0.89 -25.44 -91.83
CA HIS L 70 -1.33 -25.56 -90.44
C HIS L 70 -1.33 -26.99 -89.92
N GLU L 71 -1.41 -27.99 -90.79
CA GLU L 71 -1.43 -29.37 -90.34
C GLU L 71 -0.02 -29.84 -90.01
N LYS L 72 0.10 -30.62 -88.95
CA LYS L 72 1.37 -31.18 -88.50
C LYS L 72 1.24 -32.68 -88.25
N PRO L 73 1.06 -33.48 -89.30
CA PRO L 73 1.05 -34.93 -89.12
C PRO L 73 2.39 -35.39 -88.55
N GLU L 74 2.33 -36.39 -87.68
CA GLU L 74 3.55 -36.92 -87.10
C GLU L 74 4.41 -37.56 -88.17
N GLY L 75 5.71 -37.26 -88.14
CA GLY L 75 6.61 -37.76 -89.15
C GLY L 75 8.01 -37.18 -89.02
N TYR L 76 8.62 -36.81 -90.14
CA TYR L 76 9.96 -36.26 -90.14
C TYR L 76 9.99 -34.96 -90.93
N TYR L 77 10.70 -33.98 -90.39
CA TYR L 77 10.87 -32.69 -91.05
C TYR L 77 12.34 -32.31 -90.99
N ASN L 78 12.69 -31.25 -91.71
CA ASN L 78 14.07 -30.80 -91.83
C ASN L 78 14.16 -29.32 -91.48
N TRP L 79 15.29 -28.92 -90.89
CA TRP L 79 15.47 -27.54 -90.47
C TRP L 79 16.88 -27.05 -90.75
N HIS L 80 17.48 -27.54 -91.84
CA HIS L 80 18.72 -26.98 -92.39
C HIS L 80 19.89 -27.24 -91.45
N HIS L 81 19.62 -27.84 -90.29
CA HIS L 81 20.66 -28.36 -89.40
C HIS L 81 20.48 -29.84 -89.14
N GLY L 82 19.74 -30.53 -90.00
CA GLY L 82 19.42 -31.92 -89.82
C GLY L 82 17.96 -32.15 -90.07
N ALA L 83 17.42 -33.21 -89.47
CA ALA L 83 16.03 -33.58 -89.63
C ALA L 83 15.35 -33.61 -88.26
N VAL L 84 14.23 -32.91 -88.14
CA VAL L 84 13.43 -32.87 -86.92
C VAL L 84 12.35 -33.92 -87.02
N GLN L 85 12.20 -34.71 -85.96
CA GLN L 85 11.18 -35.75 -85.90
C GLN L 85 10.05 -35.31 -84.97
N TYR L 86 8.81 -35.60 -85.37
CA TYR L 86 7.64 -35.25 -84.59
C TYR L 86 7.25 -36.42 -83.71
N SER L 87 6.79 -36.10 -82.49
CA SER L 87 6.21 -37.10 -81.62
C SER L 87 5.33 -36.42 -80.60
N GLY L 88 4.09 -36.90 -80.46
CA GLY L 88 3.17 -36.34 -79.50
C GLY L 88 2.95 -34.85 -79.72
N GLY L 89 3.51 -34.04 -78.83
CA GLY L 89 3.46 -32.60 -79.00
C GLY L 89 4.82 -31.96 -78.83
N ARG L 90 5.88 -32.68 -79.23
CA ARG L 90 7.23 -32.19 -79.10
C ARG L 90 7.99 -32.37 -80.41
N PHE L 91 9.01 -31.55 -80.58
CA PHE L 91 9.98 -31.70 -81.65
C PHE L 91 11.31 -32.10 -81.02
N THR L 92 11.93 -33.14 -81.54
CA THR L 92 13.17 -33.66 -80.98
C THR L 92 14.26 -33.68 -82.04
N ILE L 93 15.49 -33.47 -81.59
CA ILE L 93 16.67 -33.50 -82.46
C ILE L 93 17.82 -34.18 -81.74
N PRO L 94 18.85 -34.62 -82.46
CA PRO L 94 20.09 -35.02 -81.79
C PRO L 94 20.63 -33.88 -80.94
N THR L 95 21.21 -34.24 -79.80
CA THR L 95 21.51 -33.27 -78.75
C THR L 95 22.41 -32.16 -79.27
N GLY L 96 23.42 -32.51 -80.05
CA GLY L 96 24.32 -31.49 -80.55
C GLY L 96 23.85 -30.76 -81.78
N ALA L 97 22.73 -31.16 -82.37
CA ALA L 97 22.28 -30.54 -83.62
C ALA L 97 21.94 -29.08 -83.42
N GLY L 98 21.25 -28.76 -82.32
CA GLY L 98 20.85 -27.39 -82.05
C GLY L 98 21.93 -26.59 -81.34
N LYS L 99 22.02 -25.31 -81.67
CA LYS L 99 23.02 -24.43 -81.12
C LYS L 99 22.44 -23.05 -80.87
N PRO L 100 22.96 -22.32 -79.89
CA PRO L 100 22.55 -20.93 -79.70
C PRO L 100 23.02 -20.07 -80.84
N GLY L 101 22.29 -18.96 -81.06
CA GLY L 101 22.61 -18.05 -82.12
C GLY L 101 21.90 -18.34 -83.43
N ASP L 102 21.24 -19.49 -83.55
CA ASP L 102 20.49 -19.84 -84.75
C ASP L 102 19.00 -20.00 -84.44
N SER L 103 18.49 -19.21 -83.52
CA SER L 103 17.05 -19.22 -83.24
C SER L 103 16.30 -18.49 -84.34
N GLY L 104 15.03 -18.86 -84.51
CA GLY L 104 14.23 -18.34 -85.58
C GLY L 104 14.38 -19.06 -86.90
N ARG L 105 15.09 -20.18 -86.92
CA ARG L 105 15.25 -20.93 -88.16
C ARG L 105 13.94 -21.62 -88.52
N PRO L 106 13.37 -21.34 -89.69
CA PRO L 106 12.13 -22.02 -90.08
C PRO L 106 12.37 -23.50 -90.30
N ILE L 107 11.35 -24.30 -90.04
CA ILE L 107 11.41 -25.74 -90.28
C ILE L 107 10.26 -26.11 -91.20
N PHE L 108 10.58 -26.91 -92.21
CA PHE L 108 9.67 -27.18 -93.32
C PHE L 108 9.11 -28.58 -93.24
N ASP L 109 8.10 -28.84 -94.07
CA ASP L 109 7.62 -30.21 -94.25
C ASP L 109 8.17 -30.75 -95.57
N ASN L 110 7.71 -31.93 -95.95
CA ASN L 110 8.22 -32.60 -97.14
C ASN L 110 7.87 -31.86 -98.42
N LYS L 111 6.89 -30.96 -98.39
CA LYS L 111 6.48 -30.23 -99.57
C LYS L 111 7.05 -28.81 -99.62
N GLY L 112 7.99 -28.48 -98.74
CA GLY L 112 8.64 -27.19 -98.79
C GLY L 112 7.87 -26.03 -98.19
N ARG L 113 7.02 -26.29 -97.20
CA ARG L 113 6.25 -25.25 -96.52
C ARG L 113 6.57 -25.25 -95.04
N VAL L 114 6.71 -24.04 -94.46
CA VAL L 114 7.06 -23.96 -93.05
C VAL L 114 5.89 -24.39 -92.19
N VAL L 115 6.19 -24.97 -91.03
CA VAL L 115 5.17 -25.27 -90.04
C VAL L 115 5.46 -24.67 -88.67
N ALA L 116 6.71 -24.39 -88.33
CA ALA L 116 7.02 -23.84 -87.02
C ALA L 116 8.35 -23.11 -87.12
N ILE L 117 8.57 -22.21 -86.16
CA ILE L 117 9.83 -21.48 -86.06
C ILE L 117 10.40 -21.75 -84.68
N VAL L 118 11.63 -22.24 -84.63
CA VAL L 118 12.23 -22.67 -83.38
C VAL L 118 12.65 -21.45 -82.56
N LEU L 119 12.31 -21.45 -81.27
CA LEU L 119 12.78 -20.44 -80.34
C LEU L 119 13.93 -20.91 -79.47
N GLY L 120 13.94 -22.17 -79.08
CA GLY L 120 15.01 -22.68 -78.24
C GLY L 120 14.79 -24.16 -77.99
N GLY L 121 15.69 -24.73 -77.21
CA GLY L 121 15.65 -26.17 -77.00
C GLY L 121 16.11 -26.55 -75.62
N ALA L 122 15.62 -27.70 -75.17
CA ALA L 122 16.00 -28.29 -73.90
C ALA L 122 16.66 -29.64 -74.15
N ASN L 123 17.88 -29.81 -73.66
CA ASN L 123 18.63 -31.03 -73.88
C ASN L 123 18.11 -32.12 -72.95
N GLU L 124 17.49 -33.13 -73.52
CA GLU L 124 16.89 -34.22 -72.77
C GLU L 124 17.79 -35.43 -72.68
N GLY L 125 19.10 -35.25 -72.87
CA GLY L 125 20.00 -36.37 -72.98
C GLY L 125 20.29 -36.71 -74.43
N ALA L 126 19.66 -37.76 -74.95
CA ALA L 126 19.88 -38.13 -76.34
C ALA L 126 19.19 -37.16 -77.29
N ARG L 127 18.01 -36.67 -76.91
CA ARG L 127 17.22 -35.81 -77.78
C ARG L 127 17.11 -34.42 -77.16
N THR L 128 16.76 -33.45 -78.01
CA THR L 128 16.58 -32.06 -77.59
C THR L 128 15.17 -31.63 -77.96
N ALA L 129 14.38 -31.27 -76.96
CA ALA L 129 13.01 -30.82 -77.18
C ALA L 129 13.02 -29.36 -77.62
N LEU L 130 12.33 -29.09 -78.73
CA LEU L 130 12.36 -27.77 -79.33
C LEU L 130 11.16 -26.95 -78.88
N SER L 131 11.41 -25.70 -78.50
CA SER L 131 10.35 -24.75 -78.20
C SER L 131 10.09 -23.93 -79.46
N VAL L 132 8.92 -24.11 -80.05
CA VAL L 132 8.63 -23.58 -81.38
C VAL L 132 7.38 -22.72 -81.35
N VAL L 133 7.28 -21.82 -82.31
CA VAL L 133 6.09 -21.01 -82.51
C VAL L 133 5.38 -21.53 -83.75
N THR L 134 4.36 -22.34 -83.55
CA THR L 134 3.58 -22.89 -84.64
C THR L 134 2.21 -22.23 -84.66
N TRP L 135 1.35 -22.71 -85.56
CA TRP L 135 -0.02 -22.21 -85.64
C TRP L 135 -0.96 -23.34 -85.99
N ASN L 136 -2.13 -23.33 -85.38
CA ASN L 136 -3.19 -24.26 -85.70
C ASN L 136 -4.05 -23.64 -86.80
N LYS L 137 -5.27 -24.16 -86.98
CA LYS L 137 -6.16 -23.69 -88.03
C LYS L 137 -6.32 -22.17 -88.03
N ASP L 138 -6.43 -21.56 -86.85
CA ASP L 138 -6.77 -20.15 -86.73
C ASP L 138 -5.61 -19.29 -86.25
N ILE L 139 -4.95 -19.67 -85.16
CA ILE L 139 -4.12 -18.75 -84.41
C ILE L 139 -2.80 -19.41 -84.04
N VAL L 140 -1.80 -18.58 -83.77
CA VAL L 140 -0.47 -19.08 -83.42
C VAL L 140 -0.51 -19.75 -82.06
N THR L 141 0.54 -20.50 -81.75
CA THR L 141 0.68 -21.16 -80.46
C THR L 141 2.16 -21.30 -80.16
N LYS L 142 2.50 -21.31 -78.88
CA LYS L 142 3.90 -21.42 -78.45
C LYS L 142 4.03 -22.69 -77.60
N ILE L 143 4.54 -23.75 -78.21
CA ILE L 143 4.83 -24.98 -77.47
C ILE L 143 6.20 -24.85 -76.83
N THR L 144 6.23 -24.85 -75.50
CA THR L 144 7.47 -24.67 -74.74
C THR L 144 7.67 -25.88 -73.84
N PRO L 145 8.54 -26.80 -74.23
CA PRO L 145 8.84 -27.93 -73.35
C PRO L 145 9.64 -27.49 -72.14
N GLU L 146 9.61 -28.33 -71.10
CA GLU L 146 10.23 -27.97 -69.84
C GLU L 146 11.72 -27.75 -69.99
N GLY L 147 12.22 -26.68 -69.38
CA GLY L 147 13.65 -26.42 -69.34
C GLY L 147 14.25 -25.95 -70.64
N ALA L 148 13.43 -25.39 -71.53
CA ALA L 148 13.94 -24.93 -72.82
C ALA L 148 14.62 -23.58 -72.67
N GLU L 149 15.84 -23.47 -73.18
CA GLU L 149 16.60 -22.24 -73.14
C GLU L 149 16.53 -21.54 -74.49
N GLU L 150 16.66 -20.21 -74.47
CA GLU L 150 16.63 -19.45 -75.70
C GLU L 150 17.91 -19.69 -76.50
N TRP L 151 17.81 -19.41 -77.80
CA TRP L 151 18.96 -19.51 -78.68
C TRP L 151 19.18 -18.21 -79.43
#